data_2Y2W
#
_entry.id   2Y2W
#
_cell.length_a   108.469
_cell.length_b   165.811
_cell.length_c   184.297
_cell.angle_alpha   90.00
_cell.angle_beta   90.00
_cell.angle_gamma   90.00
#
_symmetry.space_group_name_H-M   'P 21 21 21'
#
loop_
_entity.id
_entity.type
_entity.pdbx_description
1 polymer ARABINOFURANOSIDASE
2 water water
#
_entity_poly.entity_id   1
_entity_poly.type   'polypeptide(L)'
_entity_poly.pdbx_seq_one_letter_code
;MTTHNSQYSAETTHPDKQESSPAPTAAGTTASNVSTTGNATTPDASIALNADATPVADVPPRLFGSFVEHLGRCVYGGIY
EPSHPTADENGFRQDVLDLVKELGVTCVRYPGGNFVSNYNWEDGIGPRENRPMRRDLAWHCTETNEMGIDDFYRWSQKAG
TEIMLAVNMGTRGLKAALDELEYVNGAPGTAWADQRVANGIEEPMDIKMWCIGNEMDGPWQVGHMSPEEYAGAVDKVAHA
MKLAESGLELVACGSSGAYMPTFGTWEKTVLTKAYENLDFVSCHAYYFDRGHKTRAAASMQDFLASSEDMTKFIATVSDA
ADQAREANNGTKDIALSFDEWGVWYSDKWNEQEDQWKAEAAQGLHHEPWPKSPHLLEDIYTAADAVVEGSLMITLLKHCD
RVRSASRAQLVNVIAPIMAEEHGPAWRQTTFYPFAEAALHARGQAYAPAISSPTIHTEAYGDVPAIDAVVTWDEQARTGL
LLAVNRDANTPHTLTIDLSGLPGLPGLGTLALGKAQLLHEDDPYRTNTAEAPEAVTPQPLDIAMNATGTCTATLPAISWI
SVEFHGKGHHHHHH
;
_entity_poly.pdbx_strand_id   A,B,C,D,E,F
#
# COMPACT_ATOMS: atom_id res chain seq x y z
CA THR A 41 38.63 35.45 -38.69
C THR A 41 37.37 35.53 -39.55
N THR A 42 36.99 34.40 -40.15
CA THR A 42 35.78 34.28 -40.96
C THR A 42 34.73 33.40 -40.26
N PRO A 43 33.43 33.70 -40.46
CA PRO A 43 32.31 32.97 -39.84
C PRO A 43 32.50 31.46 -39.75
N ASP A 44 32.53 30.94 -38.52
CA ASP A 44 32.62 29.50 -38.27
C ASP A 44 31.54 29.02 -37.28
N ALA A 45 30.72 29.96 -36.82
CA ALA A 45 29.57 29.68 -35.95
C ALA A 45 28.47 30.69 -36.22
N SER A 46 27.22 30.31 -36.00
CA SER A 46 26.09 31.20 -36.25
C SER A 46 24.97 31.12 -35.22
N ILE A 47 24.34 32.27 -34.98
CA ILE A 47 23.17 32.40 -34.12
C ILE A 47 22.04 33.02 -34.93
N ALA A 48 20.95 32.27 -35.09
CA ALA A 48 19.81 32.73 -35.88
C ALA A 48 18.51 32.52 -35.12
N LEU A 49 17.56 33.44 -35.34
CA LEU A 49 16.24 33.33 -34.73
C LEU A 49 15.18 33.08 -35.79
N ASN A 50 15.44 32.07 -36.61
CA ASN A 50 14.54 31.67 -37.69
C ASN A 50 13.63 30.55 -37.19
N ALA A 51 13.01 29.83 -38.13
CA ALA A 51 12.14 28.71 -37.79
C ALA A 51 12.66 27.77 -36.70
N ASP A 52 13.95 27.45 -36.77
CA ASP A 52 14.57 26.53 -35.82
C ASP A 52 14.72 27.12 -34.41
N ALA A 53 14.53 28.43 -34.28
CA ALA A 53 14.52 29.08 -32.98
C ALA A 53 13.19 28.88 -32.28
N THR A 54 13.23 28.47 -31.02
CA THR A 54 12.04 28.16 -30.24
C THR A 54 11.82 29.18 -29.12
N PRO A 55 10.56 29.62 -28.93
CA PRO A 55 10.25 30.49 -27.80
C PRO A 55 10.24 29.70 -26.49
N VAL A 56 10.70 30.34 -25.41
CA VAL A 56 10.76 29.70 -24.10
C VAL A 56 9.54 30.09 -23.27
N ALA A 57 9.51 31.34 -22.83
CA ALA A 57 8.42 31.89 -22.01
C ALA A 57 8.67 33.36 -21.74
N ASP A 58 7.68 34.03 -21.16
CA ASP A 58 7.86 35.39 -20.65
C ASP A 58 8.93 35.38 -19.56
N VAL A 59 9.80 36.39 -19.57
CA VAL A 59 10.88 36.49 -18.58
C VAL A 59 10.33 36.86 -17.20
N PRO A 60 10.48 35.95 -16.23
CA PRO A 60 10.01 36.23 -14.88
C PRO A 60 11.00 37.12 -14.12
N PRO A 61 10.51 38.21 -13.51
CA PRO A 61 11.38 39.12 -12.75
C PRO A 61 12.10 38.43 -11.61
N ARG A 62 11.49 37.38 -11.05
CA ARG A 62 12.07 36.61 -9.94
C ARG A 62 13.33 35.82 -10.33
N LEU A 63 13.59 35.73 -11.63
CA LEU A 63 14.77 35.02 -12.14
C LEU A 63 16.06 35.76 -11.82
N PHE A 64 15.94 37.05 -11.49
CA PHE A 64 17.09 37.87 -11.10
C PHE A 64 17.07 38.15 -9.59
N GLY A 65 16.83 37.09 -8.82
CA GLY A 65 16.82 37.19 -7.36
C GLY A 65 18.14 36.80 -6.74
N SER A 66 18.27 37.06 -5.44
CA SER A 66 19.47 36.71 -4.71
C SER A 66 19.13 36.16 -3.33
N PHE A 67 20.13 36.09 -2.45
CA PHE A 67 20.04 35.31 -1.21
C PHE A 67 20.89 35.95 -0.12
N VAL A 68 20.25 36.36 0.98
CA VAL A 68 20.96 36.92 2.12
C VAL A 68 20.81 36.01 3.34
N GLU A 69 21.91 35.42 3.76
CA GLU A 69 21.94 34.51 4.90
C GLU A 69 22.74 35.13 6.06
N HIS A 70 22.41 34.76 7.28
CA HIS A 70 23.21 35.14 8.44
C HIS A 70 24.46 34.26 8.49
N LEU A 71 25.28 34.40 7.44
CA LEU A 71 26.49 33.62 7.26
C LEU A 71 27.67 34.56 7.06
N GLY A 72 28.68 34.40 7.91
CA GLY A 72 29.89 35.23 7.86
C GLY A 72 29.58 36.72 7.83
N ARG A 73 29.90 37.35 6.70
CA ARG A 73 29.77 38.80 6.54
C ARG A 73 28.77 39.22 5.45
N CYS A 74 27.79 38.37 5.18
CA CYS A 74 26.71 38.71 4.25
C CYS A 74 25.77 39.76 4.84
N VAL A 75 25.52 39.66 6.13
CA VAL A 75 24.64 40.60 6.83
C VAL A 75 25.36 41.60 7.72
N TYR A 76 26.29 41.11 8.53
CA TYR A 76 27.01 41.95 9.48
C TYR A 76 28.34 42.29 8.80
N GLY A 77 28.42 43.53 8.34
CA GLY A 77 29.55 43.96 7.52
C GLY A 77 29.26 43.76 6.05
N GLY A 78 28.02 43.37 5.75
CA GLY A 78 27.54 43.26 4.37
C GLY A 78 26.50 44.32 4.10
N ILE A 79 25.22 43.96 4.29
CA ILE A 79 24.13 44.91 4.15
C ILE A 79 23.96 45.78 5.40
N TYR A 80 24.50 45.31 6.53
CA TYR A 80 24.35 45.99 7.82
C TYR A 80 25.70 46.24 8.49
N GLU A 81 26.03 47.53 8.65
CA GLU A 81 27.25 47.95 9.33
C GLU A 81 27.05 49.37 9.87
N PRO A 82 26.49 49.48 11.10
CA PRO A 82 26.13 50.75 11.73
C PRO A 82 27.25 51.80 11.76
N SER A 83 28.48 51.35 11.93
CA SER A 83 29.64 52.25 12.07
C SER A 83 30.22 52.73 10.74
N HIS A 84 29.83 52.10 9.64
CA HIS A 84 30.32 52.50 8.32
C HIS A 84 29.85 53.91 7.95
N PRO A 85 30.73 54.71 7.30
CA PRO A 85 30.40 56.10 6.92
C PRO A 85 29.18 56.29 6.02
N THR A 86 28.74 55.25 5.31
CA THR A 86 27.57 55.35 4.43
C THR A 86 26.27 54.87 5.10
N ALA A 87 26.39 54.35 6.33
CA ALA A 87 25.23 53.83 7.07
C ALA A 87 24.07 54.81 7.12
N ASP A 88 22.86 54.30 6.97
CA ASP A 88 21.64 55.12 7.05
C ASP A 88 21.12 55.16 8.49
N GLU A 89 19.85 55.58 8.65
CA GLU A 89 19.24 55.69 9.96
C GLU A 89 19.03 54.33 10.65
N ASN A 90 19.00 53.27 9.86
CA ASN A 90 18.76 51.92 10.37
C ASN A 90 20.04 51.08 10.52
N GLY A 91 21.16 51.61 10.02
CA GLY A 91 22.44 50.92 10.11
C GLY A 91 22.88 50.23 8.82
N PHE A 92 22.07 50.36 7.77
CA PHE A 92 22.35 49.72 6.48
C PHE A 92 23.40 50.49 5.68
N ARG A 93 24.34 49.77 5.10
CA ARG A 93 25.34 50.37 4.21
C ARG A 93 24.71 50.87 2.91
N GLN A 94 24.77 52.18 2.70
CA GLN A 94 24.17 52.82 1.52
C GLN A 94 24.95 52.51 0.25
N ASP A 95 26.26 52.33 0.37
CA ASP A 95 27.10 52.01 -0.79
C ASP A 95 26.81 50.62 -1.33
N VAL A 96 26.45 49.70 -0.44
CA VAL A 96 26.04 48.35 -0.81
C VAL A 96 24.67 48.39 -1.47
N LEU A 97 23.76 49.16 -0.86
CA LEU A 97 22.40 49.34 -1.40
C LEU A 97 22.39 49.86 -2.83
N ASP A 98 23.30 50.79 -3.13
CA ASP A 98 23.43 51.35 -4.48
C ASP A 98 23.89 50.31 -5.51
N LEU A 99 24.78 49.41 -5.08
CA LEU A 99 25.26 48.35 -5.94
C LEU A 99 24.19 47.29 -6.17
N VAL A 100 23.40 47.02 -5.13
CA VAL A 100 22.26 46.09 -5.23
C VAL A 100 21.23 46.62 -6.22
N LYS A 101 21.03 47.94 -6.23
CA LYS A 101 20.18 48.57 -7.24
C LYS A 101 20.82 48.49 -8.63
N GLU A 102 22.15 48.62 -8.69
CA GLU A 102 22.89 48.48 -9.95
C GLU A 102 22.90 47.03 -10.45
N LEU A 103 22.94 46.08 -9.52
CA LEU A 103 22.96 44.66 -9.86
C LEU A 103 21.63 44.17 -10.43
N GLY A 104 20.53 44.81 -10.02
CA GLY A 104 19.21 44.53 -10.56
C GLY A 104 18.42 43.46 -9.82
N VAL A 105 18.83 43.18 -8.58
CA VAL A 105 18.16 42.19 -7.74
C VAL A 105 16.72 42.61 -7.50
N THR A 106 15.81 41.64 -7.61
CA THR A 106 14.38 41.90 -7.54
C THR A 106 13.75 41.23 -6.30
N CYS A 107 14.35 40.13 -5.87
CA CYS A 107 13.84 39.31 -4.78
C CYS A 107 15.00 38.73 -3.97
N VAL A 108 14.91 38.78 -2.64
CA VAL A 108 15.96 38.22 -1.79
C VAL A 108 15.44 37.14 -0.84
N ARG A 109 16.02 35.95 -0.95
CA ARG A 109 15.78 34.86 -0.01
C ARG A 109 16.43 35.20 1.33
N TYR A 110 15.69 34.99 2.42
CA TYR A 110 16.09 35.38 3.76
C TYR A 110 15.34 34.52 4.79
N PRO A 111 16.01 34.12 5.90
CA PRO A 111 17.38 34.40 6.31
C PRO A 111 18.34 33.22 6.15
N GLY A 112 17.95 32.21 5.39
CA GLY A 112 18.78 31.03 5.17
C GLY A 112 18.17 30.01 4.24
N GLY A 113 18.92 28.95 3.91
CA GLY A 113 20.28 28.75 4.42
C GLY A 113 20.31 27.91 5.67
N ASN A 114 21.43 27.23 5.91
CA ASN A 114 21.61 26.36 7.07
C ASN A 114 21.27 27.04 8.39
N PHE A 115 21.53 28.35 8.44
CA PHE A 115 21.28 29.18 9.61
C PHE A 115 19.86 29.06 10.17
N VAL A 116 18.86 29.00 9.30
CA VAL A 116 17.45 29.05 9.70
C VAL A 116 16.98 27.82 10.49
N SER A 117 17.68 26.70 10.32
CA SER A 117 17.29 25.44 10.94
C SER A 117 17.43 25.40 12.46
N ASN A 118 18.18 26.35 13.02
CA ASN A 118 18.25 26.52 14.48
C ASN A 118 18.00 27.98 14.89
N TYR A 119 17.02 28.60 14.23
CA TYR A 119 16.70 30.01 14.39
C TYR A 119 15.29 30.19 14.96
N ASN A 120 15.16 31.11 15.91
CA ASN A 120 13.86 31.48 16.45
C ASN A 120 13.52 32.89 15.97
N TRP A 121 12.55 32.98 15.05
CA TRP A 121 12.23 34.23 14.36
C TRP A 121 11.86 35.37 15.31
N GLU A 122 11.24 35.04 16.44
CA GLU A 122 10.91 36.03 17.48
C GLU A 122 12.14 36.72 18.06
N ASP A 123 13.31 36.11 17.92
CA ASP A 123 14.57 36.72 18.37
C ASP A 123 14.96 37.91 17.49
N GLY A 124 14.27 38.07 16.35
CA GLY A 124 14.59 39.13 15.40
C GLY A 124 13.48 40.15 15.18
N ILE A 125 12.72 40.43 16.25
CA ILE A 125 11.66 41.44 16.21
C ILE A 125 11.75 42.36 17.43
N GLY A 126 11.22 43.57 17.30
CA GLY A 126 11.21 44.53 18.39
C GLY A 126 12.47 45.37 18.43
N PRO A 127 12.63 46.18 19.51
CA PRO A 127 13.85 46.97 19.69
C PRO A 127 15.07 46.07 19.82
N ARG A 128 16.17 46.47 19.18
CA ARG A 128 17.40 45.67 19.14
C ARG A 128 18.04 45.44 20.52
N GLU A 129 17.82 46.37 21.44
CA GLU A 129 18.35 46.27 22.80
C GLU A 129 17.68 45.17 23.61
N ASN A 130 16.43 44.85 23.25
CA ASN A 130 15.65 43.81 23.91
C ASN A 130 15.86 42.42 23.34
N ARG A 131 16.56 42.33 22.21
CA ARG A 131 16.75 41.06 21.51
C ARG A 131 17.85 40.23 22.16
N PRO A 132 17.63 38.90 22.24
CA PRO A 132 18.63 38.03 22.86
C PRO A 132 19.79 37.73 21.92
N MET A 133 20.98 37.53 22.50
CA MET A 133 22.13 37.10 21.73
C MET A 133 22.14 35.58 21.72
N ARG A 134 22.33 35.00 20.55
CA ARG A 134 22.20 33.56 20.35
C ARG A 134 23.45 32.95 19.74
N ARG A 135 23.50 31.63 19.68
CA ARG A 135 24.53 30.94 18.91
C ARG A 135 23.90 30.27 17.69
N ASP A 136 24.60 30.30 16.56
CA ASP A 136 24.18 29.59 15.37
C ASP A 136 25.07 28.37 15.15
N LEU A 137 24.49 27.19 15.30
CA LEU A 137 25.19 25.93 15.14
C LEU A 137 25.72 25.71 13.72
N ALA A 138 24.98 26.19 12.74
CA ALA A 138 25.31 25.99 11.32
C ALA A 138 26.71 26.47 10.96
N TRP A 139 27.02 27.73 11.28
CA TRP A 139 28.29 28.33 10.89
C TRP A 139 29.21 28.60 12.08
N HIS A 140 28.82 28.05 13.23
CA HIS A 140 29.55 28.16 14.49
C HIS A 140 29.85 29.60 14.89
N CYS A 141 28.79 30.39 15.03
CA CYS A 141 28.90 31.80 15.36
C CYS A 141 27.93 32.24 16.46
N THR A 142 28.26 33.32 17.14
CA THR A 142 27.31 33.98 18.04
C THR A 142 26.59 35.09 17.28
N GLU A 143 25.27 35.13 17.45
CA GLU A 143 24.37 35.97 16.64
C GLU A 143 23.72 37.06 17.50
N THR A 144 24.04 38.31 17.19
CA THR A 144 23.51 39.47 17.93
C THR A 144 22.02 39.70 17.69
N ASN A 145 21.52 39.19 16.57
CA ASN A 145 20.12 39.37 16.16
C ASN A 145 19.71 40.81 15.89
N GLU A 146 20.69 41.70 15.76
CA GLU A 146 20.46 43.11 15.41
C GLU A 146 19.63 43.20 14.13
N MET A 147 19.92 42.30 13.19
CA MET A 147 19.13 42.16 11.98
C MET A 147 18.11 41.03 12.14
N GLY A 148 16.85 41.38 12.03
CA GLY A 148 15.76 40.40 12.03
C GLY A 148 14.84 40.64 10.86
N ILE A 149 13.69 39.97 10.86
CA ILE A 149 12.69 40.14 9.81
C ILE A 149 12.14 41.58 9.79
N ASP A 150 12.06 42.20 10.97
CA ASP A 150 11.73 43.62 11.12
C ASP A 150 12.63 44.49 10.24
N ASP A 151 13.94 44.30 10.40
CA ASP A 151 14.95 45.14 9.77
C ASP A 151 15.11 44.81 8.30
N PHE A 152 14.97 43.53 7.97
CA PHE A 152 15.10 43.10 6.58
C PHE A 152 13.95 43.61 5.73
N TYR A 153 12.78 43.74 6.34
CA TYR A 153 11.65 44.42 5.71
C TYR A 153 12.04 45.85 5.34
N ARG A 154 12.54 46.58 6.33
CA ARG A 154 12.97 47.97 6.15
C ARG A 154 14.05 48.08 5.09
N TRP A 155 14.99 47.12 5.09
CA TRP A 155 16.05 47.06 4.09
C TRP A 155 15.47 46.77 2.70
N SER A 156 14.49 45.87 2.65
CA SER A 156 13.86 45.48 1.38
C SER A 156 12.95 46.56 0.81
N GLN A 157 12.33 47.34 1.70
CA GLN A 157 11.53 48.50 1.28
C GLN A 157 12.43 49.53 0.57
N LYS A 158 13.60 49.79 1.16
CA LYS A 158 14.56 50.73 0.60
C LYS A 158 15.19 50.22 -0.69
N ALA A 159 15.43 48.91 -0.76
CA ALA A 159 16.07 48.29 -1.91
C ALA A 159 15.08 48.02 -3.04
N GLY A 160 13.79 48.07 -2.71
CA GLY A 160 12.72 47.79 -3.68
C GLY A 160 12.64 46.32 -4.06
N THR A 161 13.03 45.45 -3.13
CA THR A 161 13.07 44.01 -3.38
C THR A 161 12.00 43.24 -2.61
N GLU A 162 11.52 42.16 -3.23
CA GLU A 162 10.62 41.22 -2.59
C GLU A 162 11.39 40.40 -1.56
N ILE A 163 10.69 39.94 -0.52
CA ILE A 163 11.27 39.03 0.46
C ILE A 163 10.71 37.62 0.28
N MET A 164 11.60 36.68 0.03
CA MET A 164 11.28 35.26 0.02
C MET A 164 11.67 34.74 1.40
N LEU A 165 10.68 34.53 2.28
CA LEU A 165 10.97 34.21 3.67
C LEU A 165 11.03 32.71 3.96
N ALA A 166 12.14 32.29 4.55
CA ALA A 166 12.32 30.90 4.96
C ALA A 166 11.95 30.74 6.43
N VAL A 167 11.22 29.67 6.74
CA VAL A 167 10.86 29.35 8.12
C VAL A 167 11.65 28.16 8.64
N ASN A 168 11.80 28.09 9.96
CA ASN A 168 12.50 27.00 10.61
C ASN A 168 11.73 25.68 10.51
N MET A 169 12.40 24.64 10.05
CA MET A 169 11.84 23.29 10.02
C MET A 169 12.79 22.28 10.67
N GLY A 170 13.89 22.76 11.23
CA GLY A 170 14.85 21.94 11.95
C GLY A 170 14.48 21.78 13.42
N THR A 171 14.73 22.83 14.21
CA THR A 171 14.39 22.83 15.63
C THR A 171 12.93 23.16 15.91
N ARG A 172 12.25 23.74 14.92
CA ARG A 172 10.84 24.14 15.03
C ARG A 172 10.04 23.62 13.83
N GLY A 173 8.78 23.99 13.75
CA GLY A 173 7.93 23.57 12.63
C GLY A 173 6.67 24.39 12.44
N LEU A 174 5.54 23.69 12.45
CA LEU A 174 4.23 24.22 12.08
C LEU A 174 3.74 25.44 12.88
N LYS A 175 3.77 25.34 14.21
CA LYS A 175 3.26 26.42 15.06
C LYS A 175 4.02 27.73 14.81
N ALA A 176 5.35 27.65 14.82
CA ALA A 176 6.22 28.80 14.61
C ALA A 176 6.00 29.45 13.24
N ALA A 177 5.78 28.62 12.22
CA ALA A 177 5.53 29.09 10.86
C ALA A 177 4.25 29.90 10.78
N LEU A 178 3.19 29.39 11.40
CA LEU A 178 1.89 30.07 11.45
C LEU A 178 1.94 31.37 12.26
N ASP A 179 2.69 31.34 13.37
CA ASP A 179 2.92 32.53 14.18
C ASP A 179 3.58 33.65 13.37
N GLU A 180 4.67 33.31 12.67
CA GLU A 180 5.38 34.30 11.85
C GLU A 180 4.51 34.81 10.69
N LEU A 181 3.77 33.90 10.06
CA LEU A 181 2.84 34.26 8.99
C LEU A 181 1.82 35.30 9.44
N GLU A 182 1.32 35.13 10.66
CA GLU A 182 0.37 36.05 11.26
C GLU A 182 1.03 37.39 11.61
N TYR A 183 2.17 37.32 12.31
CA TYR A 183 2.94 38.52 12.69
C TYR A 183 3.28 39.38 11.49
N VAL A 184 3.71 38.73 10.42
CA VAL A 184 4.17 39.42 9.22
C VAL A 184 3.02 40.03 8.39
N ASN A 185 2.01 39.21 8.06
CA ASN A 185 1.01 39.56 7.06
C ASN A 185 -0.39 39.83 7.58
N GLY A 186 -0.59 39.65 8.88
CA GLY A 186 -1.92 39.79 9.48
C GLY A 186 -2.36 41.22 9.65
N ALA A 187 -3.67 41.46 9.53
CA ALA A 187 -4.25 42.77 9.78
C ALA A 187 -4.25 43.04 11.27
N PRO A 188 -4.17 44.33 11.67
CA PRO A 188 -4.27 44.70 13.08
C PRO A 188 -5.54 44.14 13.73
N GLY A 189 -5.46 43.86 15.02
CA GLY A 189 -6.60 43.27 15.74
C GLY A 189 -6.21 42.00 16.48
N THR A 190 -5.36 41.18 15.85
CA THR A 190 -4.85 39.96 16.48
C THR A 190 -3.56 40.24 17.25
N ALA A 191 -3.27 39.41 18.25
CA ALA A 191 -2.13 39.62 19.15
C ALA A 191 -0.77 39.70 18.42
N TRP A 192 -0.52 38.75 17.52
CA TRP A 192 0.75 38.73 16.76
C TRP A 192 0.93 39.94 15.84
N ALA A 193 -0.13 40.29 15.12
CA ALA A 193 -0.10 41.44 14.21
C ALA A 193 0.01 42.77 14.95
N ASP A 194 -0.60 42.84 16.14
CA ASP A 194 -0.49 44.01 17.01
C ASP A 194 0.92 44.16 17.61
N GLN A 195 1.68 43.06 17.64
CA GLN A 195 3.09 43.13 18.04
C GLN A 195 3.92 43.80 16.96
N ARG A 196 3.58 43.50 15.70
CA ARG A 196 4.25 44.08 14.54
C ARG A 196 4.02 45.60 14.46
N VAL A 197 2.82 46.04 14.84
CA VAL A 197 2.48 47.45 14.87
C VAL A 197 3.20 48.14 16.04
N ALA A 198 3.26 47.46 17.19
CA ALA A 198 3.98 47.96 18.35
C ALA A 198 5.48 48.07 18.08
N ASN A 199 5.98 47.28 17.13
CA ASN A 199 7.38 47.26 16.75
C ASN A 199 7.77 48.32 15.71
N GLY A 200 6.79 49.05 15.21
CA GLY A 200 7.04 50.17 14.31
C GLY A 200 6.76 49.91 12.84
N ILE A 201 6.00 48.86 12.56
CA ILE A 201 5.54 48.54 11.20
C ILE A 201 4.02 48.34 11.26
N GLU A 202 3.27 49.36 10.85
CA GLU A 202 1.81 49.31 10.90
C GLU A 202 1.22 48.43 9.80
N GLU A 203 1.77 48.57 8.59
CA GLU A 203 1.25 47.87 7.42
C GLU A 203 1.71 46.41 7.38
N PRO A 204 0.87 45.51 6.84
CA PRO A 204 1.32 44.14 6.61
C PRO A 204 2.48 44.14 5.63
N MET A 205 3.47 43.29 5.89
CA MET A 205 4.71 43.27 5.10
C MET A 205 4.50 42.66 3.70
N ASP A 206 3.38 41.97 3.53
CA ASP A 206 2.99 41.33 2.26
C ASP A 206 4.05 40.38 1.69
N ILE A 207 4.56 39.51 2.54
CA ILE A 207 5.47 38.46 2.08
C ILE A 207 4.63 37.36 1.44
N LYS A 208 4.84 37.16 0.15
CA LYS A 208 4.02 36.27 -0.66
C LYS A 208 4.68 34.90 -0.83
N MET A 209 5.99 34.90 -1.05
CA MET A 209 6.75 33.67 -1.33
C MET A 209 7.47 33.16 -0.08
N TRP A 210 7.20 31.91 0.29
CA TRP A 210 7.76 31.32 1.51
C TRP A 210 8.49 30.00 1.26
N CYS A 211 9.63 29.83 1.91
CA CYS A 211 10.35 28.56 1.90
C CYS A 211 10.05 27.76 3.16
N ILE A 212 9.59 26.53 2.98
CA ILE A 212 9.36 25.64 4.11
C ILE A 212 10.67 24.96 4.50
N GLY A 213 11.44 25.66 5.34
CA GLY A 213 12.72 25.17 5.82
C GLY A 213 13.86 25.40 4.86
N ASN A 214 14.91 24.61 5.03
CA ASN A 214 16.08 24.65 4.18
C ASN A 214 16.33 23.27 3.59
N GLU A 215 17.55 23.02 3.11
CA GLU A 215 17.95 21.71 2.62
C GLU A 215 17.94 20.69 3.76
N MET A 216 16.79 20.07 3.99
CA MET A 216 16.62 19.12 5.10
C MET A 216 17.16 17.72 4.78
N ASP A 217 17.64 17.53 3.56
CA ASP A 217 18.13 16.22 3.10
C ASP A 217 19.56 15.91 3.52
N GLY A 218 20.41 16.94 3.57
CA GLY A 218 21.82 16.76 3.91
C GLY A 218 22.04 16.45 5.38
N PRO A 219 22.97 15.51 5.68
CA PRO A 219 23.24 15.10 7.06
C PRO A 219 24.02 16.15 7.86
N TRP A 220 24.31 17.28 7.24
CA TRP A 220 24.97 18.41 7.91
C TRP A 220 23.95 19.41 8.47
N GLN A 221 22.71 19.31 7.98
CA GLN A 221 21.64 20.22 8.36
C GLN A 221 21.06 19.87 9.73
N VAL A 222 20.80 20.90 10.53
CA VAL A 222 20.18 20.71 11.84
C VAL A 222 18.73 20.26 11.67
N GLY A 223 18.39 19.14 12.30
CA GLY A 223 17.07 18.55 12.22
C GLY A 223 16.80 17.82 10.91
N HIS A 224 17.85 17.39 10.23
CA HIS A 224 17.74 16.75 8.91
C HIS A 224 16.77 15.58 8.87
N MET A 225 15.99 15.50 7.79
CA MET A 225 14.87 14.57 7.70
C MET A 225 15.01 13.56 6.57
N SER A 226 14.40 12.40 6.77
CA SER A 226 14.21 11.42 5.72
C SER A 226 13.19 11.96 4.72
N PRO A 227 13.19 11.41 3.47
CA PRO A 227 12.19 11.80 2.49
C PRO A 227 10.75 11.69 3.01
N GLU A 228 10.48 10.67 3.81
CA GLU A 228 9.14 10.43 4.39
C GLU A 228 8.77 11.50 5.42
N GLU A 229 9.73 11.85 6.28
CA GLU A 229 9.50 12.83 7.36
C GLU A 229 9.23 14.22 6.81
N TYR A 230 10.08 14.68 5.89
CA TYR A 230 9.95 16.02 5.32
C TYR A 230 8.67 16.15 4.50
N ALA A 231 8.34 15.11 3.74
CA ALA A 231 7.11 15.08 2.96
C ALA A 231 5.89 15.29 3.86
N GLY A 232 5.84 14.53 4.96
CA GLY A 232 4.77 14.63 5.95
C GLY A 232 4.75 15.99 6.66
N ALA A 233 5.93 16.57 6.85
CA ALA A 233 6.06 17.87 7.50
C ALA A 233 5.62 19.02 6.59
N VAL A 234 6.06 18.98 5.32
CA VAL A 234 5.67 19.98 4.33
C VAL A 234 4.17 19.92 4.02
N ASP A 235 3.62 18.72 3.95
CA ASP A 235 2.20 18.54 3.73
C ASP A 235 1.38 19.32 4.76
N LYS A 236 1.74 19.17 6.04
CA LYS A 236 1.08 19.86 7.14
C LYS A 236 1.24 21.37 7.05
N VAL A 237 2.48 21.84 6.89
CA VAL A 237 2.81 23.26 6.87
C VAL A 237 2.18 23.98 5.68
N ALA A 238 2.40 23.45 4.48
CA ALA A 238 1.86 24.04 3.26
C ALA A 238 0.33 24.14 3.26
N HIS A 239 -0.34 23.13 3.80
CA HIS A 239 -1.80 23.14 3.93
C HIS A 239 -2.27 24.23 4.88
N ALA A 240 -1.65 24.28 6.06
CA ALA A 240 -2.07 25.21 7.11
C ALA A 240 -1.83 26.68 6.72
N MET A 241 -0.78 26.92 5.93
CA MET A 241 -0.47 28.27 5.49
C MET A 241 -1.40 28.72 4.35
N LYS A 242 -1.65 27.83 3.39
CA LYS A 242 -2.59 28.12 2.31
C LYS A 242 -4.02 28.30 2.83
N LEU A 243 -4.35 27.57 3.89
CA LEU A 243 -5.65 27.69 4.55
C LEU A 243 -5.79 29.08 5.16
N ALA A 244 -4.69 29.58 5.73
CA ALA A 244 -4.63 30.92 6.30
C ALA A 244 -4.67 32.00 5.21
N GLU A 245 -3.85 31.82 4.18
CA GLU A 245 -3.73 32.79 3.10
C GLU A 245 -3.54 32.09 1.75
N SER A 246 -4.62 32.00 0.98
CA SER A 246 -4.61 31.31 -0.32
C SER A 246 -3.73 31.98 -1.38
N GLY A 247 -3.31 33.21 -1.11
CA GLY A 247 -2.46 33.96 -2.03
C GLY A 247 -0.96 33.70 -1.90
N LEU A 248 -0.58 32.76 -1.03
CA LEU A 248 0.83 32.45 -0.81
C LEU A 248 1.42 31.61 -1.95
N GLU A 249 2.72 31.78 -2.18
CA GLU A 249 3.45 30.98 -3.15
C GLU A 249 4.50 30.16 -2.38
N LEU A 250 4.18 28.90 -2.11
CA LEU A 250 4.97 28.10 -1.18
C LEU A 250 5.98 27.21 -1.88
N VAL A 251 7.19 27.18 -1.32
CA VAL A 251 8.32 26.45 -1.89
C VAL A 251 8.69 25.28 -1.01
N ALA A 252 8.65 24.08 -1.59
CA ALA A 252 9.21 22.91 -0.93
C ALA A 252 10.66 22.76 -1.37
N CYS A 253 11.53 22.48 -0.41
CA CYS A 253 12.95 22.35 -0.68
C CYS A 253 13.29 20.98 -1.26
N GLY A 254 14.12 20.98 -2.30
CA GLY A 254 14.56 19.74 -2.93
C GLY A 254 15.87 19.26 -2.36
N SER A 255 16.62 18.53 -3.16
CA SER A 255 17.93 18.03 -2.76
C SER A 255 18.94 19.17 -2.64
N SER A 256 19.96 18.96 -1.81
CA SER A 256 21.05 19.91 -1.65
C SER A 256 21.85 20.07 -2.94
N GLY A 257 21.82 19.02 -3.77
CA GLY A 257 22.48 19.01 -5.07
C GLY A 257 22.23 17.71 -5.81
N ALA A 258 22.79 17.61 -7.02
CA ALA A 258 22.65 16.41 -7.86
C ALA A 258 23.47 15.23 -7.31
N TYR A 259 24.47 15.56 -6.49
CA TYR A 259 25.37 14.57 -5.91
C TYR A 259 24.71 13.71 -4.82
N MET A 260 23.66 14.23 -4.20
CA MET A 260 22.97 13.55 -3.10
C MET A 260 22.45 12.16 -3.51
N PRO A 261 22.54 11.17 -2.58
CA PRO A 261 22.02 9.83 -2.84
C PRO A 261 20.50 9.81 -3.05
N THR A 262 19.78 10.63 -2.28
CA THR A 262 18.32 10.66 -2.32
C THR A 262 17.75 11.58 -3.42
N PHE A 263 18.63 12.12 -4.26
CA PHE A 263 18.24 12.99 -5.38
C PHE A 263 17.25 12.30 -6.31
N GLY A 264 16.26 13.06 -6.77
CA GLY A 264 15.19 12.53 -7.61
C GLY A 264 14.05 11.99 -6.75
N THR A 265 14.35 10.96 -5.96
CA THR A 265 13.37 10.32 -5.09
C THR A 265 12.84 11.28 -4.01
N TRP A 266 13.70 12.19 -3.57
CA TRP A 266 13.34 13.21 -2.59
C TRP A 266 12.20 14.10 -3.09
N GLU A 267 12.42 14.73 -4.25
CA GLU A 267 11.43 15.61 -4.85
C GLU A 267 10.16 14.84 -5.22
N LYS A 268 10.32 13.64 -5.76
CA LYS A 268 9.19 12.77 -6.09
C LYS A 268 8.29 12.56 -4.86
N THR A 269 8.89 12.05 -3.78
CA THR A 269 8.16 11.76 -2.54
C THR A 269 7.49 13.00 -1.96
N VAL A 270 8.26 14.08 -1.80
CA VAL A 270 7.78 15.30 -1.17
C VAL A 270 6.69 16.01 -1.96
N LEU A 271 6.91 16.20 -3.26
CA LEU A 271 5.96 16.92 -4.11
C LEU A 271 4.67 16.15 -4.36
N THR A 272 4.77 14.84 -4.49
CA THR A 272 3.59 13.99 -4.70
C THR A 272 2.63 14.11 -3.52
N LYS A 273 3.20 14.15 -2.32
CA LYS A 273 2.43 14.18 -1.07
C LYS A 273 1.79 15.55 -0.83
N ALA A 274 2.52 16.63 -1.15
CA ALA A 274 2.09 17.98 -0.81
C ALA A 274 1.59 18.83 -1.99
N TYR A 275 1.56 18.23 -3.18
CA TYR A 275 1.23 18.91 -4.43
C TYR A 275 0.22 20.06 -4.36
N GLU A 276 -0.94 19.79 -3.75
CA GLU A 276 -2.10 20.69 -3.84
C GLU A 276 -1.87 22.06 -3.19
N ASN A 277 -0.91 22.13 -2.27
CA ASN A 277 -0.63 23.37 -1.56
C ASN A 277 0.74 23.97 -1.91
N LEU A 278 1.40 23.36 -2.89
CA LEU A 278 2.73 23.79 -3.31
C LEU A 278 2.71 24.55 -4.64
N ASP A 279 3.63 25.50 -4.76
CA ASP A 279 3.76 26.30 -5.98
C ASP A 279 5.15 26.14 -6.59
N PHE A 280 6.15 25.84 -5.76
CA PHE A 280 7.53 25.71 -6.19
C PHE A 280 8.22 24.47 -5.62
N VAL A 281 9.24 24.01 -6.35
CA VAL A 281 10.23 23.07 -5.83
C VAL A 281 11.61 23.72 -5.97
N SER A 282 12.40 23.68 -4.90
CA SER A 282 13.71 24.31 -4.93
C SER A 282 14.81 23.33 -5.38
N CYS A 283 15.76 23.84 -6.14
CA CYS A 283 16.92 23.06 -6.55
C CYS A 283 18.19 23.91 -6.45
N HIS A 284 19.33 23.24 -6.24
CA HIS A 284 20.59 23.91 -5.95
C HIS A 284 21.74 23.32 -6.77
N ALA A 285 22.52 24.20 -7.38
CA ALA A 285 23.68 23.79 -8.18
C ALA A 285 24.84 24.80 -8.11
N TYR A 286 25.91 24.39 -7.44
CA TYR A 286 27.15 25.15 -7.39
C TYR A 286 28.19 24.53 -8.33
N TYR A 287 29.06 25.37 -8.88
CA TYR A 287 30.09 24.92 -9.83
C TYR A 287 31.45 25.57 -9.54
N PHE A 288 32.53 24.84 -9.83
CA PHE A 288 33.88 25.39 -9.71
C PHE A 288 34.93 24.64 -10.53
N ASP A 289 36.06 25.31 -10.78
CA ASP A 289 37.22 24.71 -11.45
C ASP A 289 37.95 23.80 -10.46
N ARG A 290 37.80 22.49 -10.66
CA ARG A 290 38.31 21.48 -9.72
C ARG A 290 39.84 21.45 -9.58
N GLY A 291 40.55 21.72 -10.67
CA GLY A 291 42.00 21.73 -10.67
C GLY A 291 42.56 23.15 -10.73
N HIS A 292 41.97 24.04 -9.94
CA HIS A 292 42.36 25.46 -9.92
C HIS A 292 43.73 25.70 -9.28
N LYS A 293 44.12 24.82 -8.36
CA LYS A 293 45.41 24.91 -7.67
C LYS A 293 46.56 24.67 -8.65
N THR A 294 46.43 23.61 -9.44
CA THR A 294 47.44 23.22 -10.42
C THR A 294 47.21 23.89 -11.78
N ARG A 295 46.16 24.72 -11.86
CA ARG A 295 45.73 25.36 -13.11
C ARG A 295 45.56 24.35 -14.25
N ALA A 296 44.87 23.25 -13.95
CA ALA A 296 44.67 22.16 -14.92
C ALA A 296 43.79 22.59 -16.08
N ALA A 297 44.25 22.28 -17.30
CA ALA A 297 43.54 22.63 -18.52
C ALA A 297 42.26 21.81 -18.70
N ALA A 298 42.31 20.56 -18.25
CA ALA A 298 41.19 19.63 -18.35
C ALA A 298 40.00 20.05 -17.46
N SER A 299 40.31 20.40 -16.21
CA SER A 299 39.30 20.88 -15.25
C SER A 299 38.64 22.17 -15.72
N MET A 300 39.46 23.08 -16.26
CA MET A 300 38.99 24.36 -16.79
C MET A 300 37.99 24.16 -17.94
N GLN A 301 38.20 23.12 -18.73
CA GLN A 301 37.30 22.82 -19.85
C GLN A 301 35.97 22.22 -19.38
N ASP A 302 36.02 21.43 -18.31
CA ASP A 302 34.82 20.88 -17.69
C ASP A 302 33.99 22.00 -17.07
N PHE A 303 34.67 22.83 -16.29
CA PHE A 303 34.06 23.97 -15.60
C PHE A 303 33.41 24.94 -16.56
N LEU A 304 34.03 25.17 -17.72
CA LEU A 304 33.49 26.05 -18.74
C LEU A 304 32.18 25.51 -19.35
N ALA A 305 32.01 24.19 -19.31
CA ALA A 305 30.81 23.55 -19.84
C ALA A 305 29.79 23.19 -18.75
N SER A 306 29.96 23.79 -17.56
CA SER A 306 29.10 23.53 -16.39
C SER A 306 27.60 23.72 -16.64
N SER A 307 27.26 24.55 -17.62
CA SER A 307 25.86 24.80 -17.97
C SER A 307 25.17 23.53 -18.51
N GLU A 308 25.95 22.66 -19.15
CA GLU A 308 25.42 21.39 -19.68
C GLU A 308 24.96 20.47 -18.56
N ASP A 309 25.63 20.55 -17.41
CA ASP A 309 25.18 19.84 -16.22
C ASP A 309 23.89 20.45 -15.70
N MET A 310 23.81 21.79 -15.70
CA MET A 310 22.63 22.51 -15.25
C MET A 310 21.40 22.21 -16.10
N THR A 311 21.60 22.09 -17.41
CA THR A 311 20.53 21.74 -18.34
C THR A 311 19.94 20.37 -17.99
N LYS A 312 20.81 19.37 -17.83
CA LYS A 312 20.41 18.03 -17.43
C LYS A 312 19.75 18.04 -16.05
N PHE A 313 20.33 18.84 -15.14
CA PHE A 313 19.86 18.98 -13.77
C PHE A 313 18.43 19.52 -13.68
N ILE A 314 18.14 20.54 -14.48
CA ILE A 314 16.79 21.13 -14.52
C ILE A 314 15.77 20.13 -15.05
N ALA A 315 16.13 19.40 -16.11
CA ALA A 315 15.25 18.39 -16.71
C ALA A 315 14.87 17.30 -15.71
N THR A 316 15.83 16.86 -14.90
CA THR A 316 15.60 15.82 -13.90
C THR A 316 14.63 16.29 -12.81
N VAL A 317 14.80 17.53 -12.37
CA VAL A 317 13.91 18.12 -11.35
C VAL A 317 12.53 18.42 -11.94
N SER A 318 12.49 18.80 -13.22
CA SER A 318 11.25 19.02 -13.94
C SER A 318 10.44 17.73 -14.07
N ASP A 319 11.14 16.61 -14.24
CA ASP A 319 10.52 15.29 -14.30
C ASP A 319 9.84 14.95 -12.98
N ALA A 320 10.56 15.16 -11.87
CA ALA A 320 10.02 14.94 -10.54
C ALA A 320 8.80 15.83 -10.25
N ALA A 321 8.83 17.04 -10.79
CA ALA A 321 7.72 17.97 -10.66
C ALA A 321 6.51 17.55 -11.50
N ASP A 322 6.78 16.96 -12.66
CA ASP A 322 5.72 16.43 -13.54
C ASP A 322 5.03 15.22 -12.94
N GLN A 323 5.81 14.32 -12.34
CA GLN A 323 5.28 13.14 -11.66
C GLN A 323 4.26 13.48 -10.58
N ALA A 324 4.57 14.49 -9.78
CA ALA A 324 3.70 14.92 -8.69
C ALA A 324 2.35 15.40 -9.20
N ARG A 325 2.36 16.17 -10.28
CA ARG A 325 1.14 16.65 -10.92
C ARG A 325 0.33 15.50 -11.53
N GLU A 326 1.01 14.60 -12.23
N GLU A 326 1.01 14.61 -12.25
CA GLU A 326 0.40 13.46 -12.92
CA GLU A 326 0.36 13.47 -12.90
C GLU A 326 -0.17 12.42 -11.95
C GLU A 326 -0.23 12.47 -11.90
N ALA A 327 0.47 12.26 -10.79
CA ALA A 327 0.03 11.31 -9.76
C ALA A 327 -1.18 11.81 -8.99
N ASN A 328 -1.34 13.14 -8.94
CA ASN A 328 -2.45 13.76 -8.23
C ASN A 328 -3.56 14.23 -9.16
N ASN A 329 -3.47 13.84 -10.43
CA ASN A 329 -4.41 14.24 -11.49
C ASN A 329 -4.67 15.75 -11.50
N GLY A 330 -3.59 16.52 -11.55
CA GLY A 330 -3.66 17.97 -11.50
C GLY A 330 -3.36 18.66 -12.82
N THR A 331 -3.65 19.96 -12.87
CA THR A 331 -3.37 20.77 -14.05
C THR A 331 -2.37 21.90 -13.76
N LYS A 332 -2.22 22.24 -12.49
CA LYS A 332 -1.24 23.23 -12.04
C LYS A 332 0.15 22.61 -12.02
N ASP A 333 1.11 23.29 -12.64
CA ASP A 333 2.48 22.81 -12.70
C ASP A 333 3.34 23.37 -11.55
N ILE A 334 4.08 22.49 -10.88
CA ILE A 334 5.03 22.91 -9.85
C ILE A 334 6.24 23.56 -10.51
N ALA A 335 6.42 24.85 -10.26
CA ALA A 335 7.52 25.61 -10.87
C ALA A 335 8.84 25.33 -10.15
N LEU A 336 9.95 25.55 -10.84
CA LEU A 336 11.27 25.38 -10.26
C LEU A 336 11.80 26.70 -9.70
N SER A 337 12.20 26.67 -8.44
CA SER A 337 12.80 27.82 -7.79
C SER A 337 14.27 27.56 -7.52
N PHE A 338 15.12 27.96 -8.48
CA PHE A 338 16.56 27.76 -8.38
C PHE A 338 17.14 28.71 -7.33
N ASP A 339 16.82 28.45 -6.07
CA ASP A 339 17.11 29.40 -4.99
C ASP A 339 18.57 29.40 -4.51
N GLU A 340 19.38 28.53 -5.11
CA GLU A 340 20.83 28.53 -4.91
C GLU A 340 21.54 28.14 -6.19
N TRP A 341 22.20 29.12 -6.81
CA TRP A 341 23.07 28.87 -7.95
C TRP A 341 24.24 29.86 -7.94
N GLY A 342 25.32 29.49 -8.63
CA GLY A 342 26.51 30.32 -8.71
C GLY A 342 27.79 29.52 -8.59
N VAL A 343 28.92 30.19 -8.84
CA VAL A 343 30.22 29.57 -8.71
C VAL A 343 30.64 29.58 -7.24
N TRP A 344 30.99 28.40 -6.73
CA TRP A 344 31.50 28.28 -5.36
C TRP A 344 32.58 27.20 -5.30
N TYR A 345 33.76 27.59 -4.85
CA TYR A 345 34.87 26.68 -4.69
C TYR A 345 34.75 25.94 -3.37
N SER A 346 33.99 24.84 -3.40
CA SER A 346 33.63 24.07 -2.21
C SER A 346 34.76 23.19 -1.68
N ASP A 347 35.73 22.87 -2.54
CA ASP A 347 36.89 22.07 -2.16
C ASP A 347 37.79 22.83 -1.17
N LYS A 348 37.54 24.10 -1.01
CA LYS A 348 38.33 24.90 -0.12
C LYS A 348 37.70 24.94 1.24
N TRP A 349 36.42 24.62 1.33
CA TRP A 349 35.63 24.85 2.54
C TRP A 349 36.05 24.13 3.81
N ASN A 350 37.24 24.49 4.29
CA ASN A 350 37.59 24.20 5.64
C ASN A 350 37.20 25.38 6.50
N GLU A 351 36.54 25.10 7.61
CA GLU A 351 36.57 23.76 8.12
C GLU A 351 35.26 23.01 8.10
N GLN A 352 35.40 21.71 8.28
CA GLN A 352 34.29 20.80 8.40
C GLN A 352 34.55 19.86 9.56
N HIS A 365 35.97 26.21 31.10
CA HIS A 365 36.82 26.96 30.19
C HIS A 365 36.46 26.64 28.75
N HIS A 366 36.29 27.65 27.91
CA HIS A 366 35.95 27.51 26.50
C HIS A 366 36.39 28.73 25.74
N GLU A 367 35.46 29.36 25.04
CA GLU A 367 35.76 30.41 24.10
C GLU A 367 34.44 30.80 23.54
N PRO A 368 34.33 32.04 23.13
CA PRO A 368 33.08 32.56 22.62
C PRO A 368 33.16 32.35 21.14
N TRP A 369 32.06 31.98 20.57
CA TRP A 369 31.99 31.79 19.12
C TRP A 369 32.23 33.12 18.40
N PRO A 370 32.88 33.08 17.22
CA PRO A 370 33.17 34.32 16.49
C PRO A 370 31.93 35.08 16.02
N LYS A 371 32.04 36.40 15.96
CA LYS A 371 31.01 37.26 15.37
C LYS A 371 31.42 37.64 13.96
N SER A 372 30.48 37.52 13.02
CA SER A 372 30.71 37.84 11.60
C SER A 372 32.10 37.64 10.96
N PRO A 373 32.71 36.45 11.17
CA PRO A 373 34.01 36.19 10.56
C PRO A 373 34.04 36.10 9.04
N HIS A 374 35.24 36.00 8.47
CA HIS A 374 35.41 35.94 7.03
C HIS A 374 35.20 34.51 6.52
N LEU A 375 33.98 34.25 6.05
CA LEU A 375 33.60 32.91 5.58
C LEU A 375 33.11 32.92 4.14
N LEU A 376 33.51 31.90 3.39
CA LEU A 376 33.08 31.70 1.99
C LEU A 376 33.33 32.91 1.08
N GLU A 377 34.36 33.69 1.41
CA GLU A 377 34.69 34.90 0.66
C GLU A 377 35.56 34.57 -0.56
N ASP A 378 34.89 34.19 -1.64
CA ASP A 378 35.57 33.82 -2.88
C ASP A 378 35.87 35.03 -3.77
N ILE A 379 37.12 35.13 -4.21
CA ILE A 379 37.55 36.12 -5.19
C ILE A 379 37.41 35.48 -6.56
N TYR A 380 36.63 36.10 -7.43
CA TYR A 380 36.26 35.49 -8.71
C TYR A 380 37.17 35.83 -9.88
N THR A 381 37.53 34.81 -10.65
CA THR A 381 38.30 34.96 -11.88
C THR A 381 37.41 35.46 -13.01
N ALA A 382 38.02 35.78 -14.15
CA ALA A 382 37.28 36.12 -15.36
C ALA A 382 36.50 34.90 -15.87
N ALA A 383 37.14 33.73 -15.76
CA ALA A 383 36.53 32.46 -16.15
C ALA A 383 35.28 32.15 -15.33
N ASP A 384 35.34 32.38 -14.01
CA ASP A 384 34.19 32.23 -13.12
C ASP A 384 33.01 33.08 -13.60
N ALA A 385 33.31 34.27 -14.11
CA ALA A 385 32.29 35.21 -14.58
C ALA A 385 31.60 34.78 -15.86
N VAL A 386 32.34 34.20 -16.81
CA VAL A 386 31.74 33.72 -18.05
C VAL A 386 30.92 32.44 -17.83
N VAL A 387 31.33 31.64 -16.84
CA VAL A 387 30.58 30.44 -16.44
C VAL A 387 29.21 30.82 -15.90
N GLU A 388 29.18 31.75 -14.93
CA GLU A 388 27.93 32.27 -14.39
C GLU A 388 27.10 32.97 -15.45
N GLY A 389 27.78 33.56 -16.44
CA GLY A 389 27.12 34.15 -17.60
C GLY A 389 26.40 33.10 -18.43
N SER A 390 27.03 31.95 -18.58
CA SER A 390 26.43 30.82 -19.30
C SER A 390 25.32 30.15 -18.47
N LEU A 391 25.48 30.12 -17.15
CA LEU A 391 24.45 29.58 -16.25
C LEU A 391 23.14 30.37 -16.36
N MET A 392 23.24 31.69 -16.31
CA MET A 392 22.09 32.58 -16.51
C MET A 392 21.53 32.42 -17.93
N ILE A 393 22.41 32.08 -18.88
CA ILE A 393 22.00 31.71 -20.23
C ILE A 393 21.11 30.46 -20.19
N THR A 394 21.51 29.47 -19.40
CA THR A 394 20.75 28.24 -19.23
C THR A 394 19.42 28.49 -18.51
N LEU A 395 19.47 29.29 -17.44
CA LEU A 395 18.27 29.65 -16.68
C LEU A 395 17.20 30.31 -17.54
N LEU A 396 17.62 31.30 -18.33
CA LEU A 396 16.72 32.02 -19.24
C LEU A 396 16.18 31.13 -20.36
N LYS A 397 16.98 30.18 -20.82
CA LYS A 397 16.55 29.21 -21.83
C LYS A 397 15.52 28.22 -21.27
N HIS A 398 15.46 28.12 -19.95
CA HIS A 398 14.54 27.20 -19.28
C HIS A 398 13.65 27.93 -18.27
N CYS A 399 13.36 29.21 -18.54
CA CYS A 399 12.51 30.01 -17.67
C CYS A 399 11.01 29.76 -17.91
N ASP A 400 10.70 28.73 -18.68
CA ASP A 400 9.33 28.24 -18.80
C ASP A 400 8.95 27.46 -17.53
N ARG A 401 9.88 26.66 -17.02
CA ARG A 401 9.67 25.89 -15.79
C ARG A 401 10.30 26.57 -14.59
N VAL A 402 11.47 27.18 -14.80
CA VAL A 402 12.19 27.88 -13.74
C VAL A 402 11.66 29.32 -13.64
N ARG A 403 10.79 29.56 -12.67
CA ARG A 403 10.10 30.84 -12.53
C ARG A 403 10.68 31.69 -11.40
N SER A 404 11.75 31.18 -10.79
CA SER A 404 12.46 31.88 -9.75
C SER A 404 13.88 31.33 -9.68
N ALA A 405 14.84 32.24 -9.58
CA ALA A 405 16.24 31.87 -9.42
C ALA A 405 16.88 32.83 -8.43
N SER A 406 17.83 32.32 -7.64
CA SER A 406 18.53 33.13 -6.66
C SER A 406 20.03 32.83 -6.65
N ARG A 407 20.81 33.80 -7.09
CA ARG A 407 22.27 33.67 -7.05
C ARG A 407 22.76 33.76 -5.62
N ALA A 408 23.38 32.69 -5.15
CA ALA A 408 23.89 32.62 -3.78
C ALA A 408 25.37 32.97 -3.74
N GLN A 409 25.75 34.04 -3.03
CA GLN A 409 24.82 34.91 -2.30
C GLN A 409 25.03 36.38 -2.72
N LEU A 410 24.35 37.31 -2.05
CA LEU A 410 24.35 38.72 -2.47
C LEU A 410 25.60 39.54 -2.14
N VAL A 411 25.97 39.60 -0.85
CA VAL A 411 27.11 40.41 -0.40
C VAL A 411 28.14 39.56 0.33
N ASN A 412 29.42 39.79 0.01
CA ASN A 412 30.58 39.15 0.66
C ASN A 412 30.65 37.62 0.74
N VAL A 413 30.03 36.79 0.37
CA VAL A 413 29.60 35.45 0.78
C VAL A 413 29.31 34.99 -0.63
N ILE A 414 30.27 34.26 -1.22
CA ILE A 414 30.21 33.85 -2.63
C ILE A 414 29.49 34.83 -3.58
N ALA A 415 29.86 36.11 -3.45
CA ALA A 415 29.05 37.21 -3.97
C ALA A 415 29.62 38.00 -5.16
N PRO A 416 28.73 38.64 -5.94
CA PRO A 416 29.15 39.60 -6.95
C PRO A 416 29.47 40.97 -6.34
N ILE A 417 28.99 41.21 -5.13
CA ILE A 417 29.22 42.47 -4.41
C ILE A 417 30.08 42.19 -3.19
N MET A 418 31.17 42.93 -3.06
CA MET A 418 32.05 42.81 -1.90
C MET A 418 32.09 44.10 -1.10
N ALA A 419 32.14 43.97 0.22
CA ALA A 419 32.12 45.12 1.12
C ALA A 419 33.14 44.95 2.23
N GLU A 420 34.12 45.85 2.27
CA GLU A 420 35.21 45.80 3.27
C GLU A 420 34.84 46.62 4.50
N GLU A 421 35.26 46.17 5.67
CA GLU A 421 34.90 46.84 6.93
C GLU A 421 35.52 48.23 7.05
N HIS A 422 34.65 49.23 7.24
CA HIS A 422 34.99 50.64 7.20
C HIS A 422 35.74 51.00 5.89
N GLY A 423 35.40 50.26 4.83
CA GLY A 423 36.01 50.45 3.51
C GLY A 423 34.98 50.54 2.40
N PRO A 424 35.43 50.55 1.13
CA PRO A 424 34.53 50.71 -0.01
C PRO A 424 33.89 49.40 -0.48
N ALA A 425 32.83 49.51 -1.27
CA ALA A 425 32.16 48.37 -1.85
C ALA A 425 32.46 48.29 -3.35
N TRP A 426 32.77 47.09 -3.84
CA TRP A 426 33.24 46.93 -5.21
C TRP A 426 32.68 45.70 -5.90
N ARG A 427 32.72 45.71 -7.23
CA ARG A 427 32.12 44.69 -8.07
C ARG A 427 33.13 43.59 -8.42
N GLN A 428 32.72 42.34 -8.21
CA GLN A 428 33.50 41.20 -8.67
C GLN A 428 33.22 41.01 -10.16
N THR A 429 34.04 40.19 -10.82
CA THR A 429 33.84 39.87 -12.23
C THR A 429 32.41 39.38 -12.50
N THR A 430 31.87 38.61 -11.55
CA THR A 430 30.55 38.00 -11.67
C THR A 430 29.38 39.00 -11.62
N PHE A 431 29.66 40.21 -11.15
CA PHE A 431 28.67 41.29 -11.06
C PHE A 431 28.12 41.67 -12.44
N TYR A 432 29.02 41.76 -13.42
CA TYR A 432 28.70 42.35 -14.72
C TYR A 432 27.77 41.54 -15.63
N PRO A 433 27.98 40.20 -15.74
CA PRO A 433 27.02 39.45 -16.54
C PRO A 433 25.63 39.49 -15.92
N PHE A 434 25.54 39.28 -14.61
CA PHE A 434 24.26 39.30 -13.89
C PHE A 434 23.52 40.62 -14.09
N ALA A 435 24.22 41.73 -13.89
CA ALA A 435 23.63 43.07 -13.98
C ALA A 435 23.09 43.42 -15.37
N GLU A 436 23.76 42.90 -16.39
CA GLU A 436 23.31 43.10 -17.77
C GLU A 436 22.04 42.33 -18.06
N ALA A 437 21.99 41.08 -17.61
CA ALA A 437 20.82 40.22 -17.77
C ALA A 437 19.64 40.72 -16.94
N ALA A 438 19.92 41.17 -15.72
CA ALA A 438 18.87 41.62 -14.80
C ALA A 438 18.16 42.90 -15.24
N LEU A 439 18.87 43.74 -15.97
CA LEU A 439 18.32 45.04 -16.39
C LEU A 439 17.78 45.06 -17.83
N HIS A 440 18.22 44.11 -18.66
CA HIS A 440 17.88 44.16 -20.08
C HIS A 440 17.15 42.94 -20.65
N ALA A 441 17.12 41.83 -19.91
CA ALA A 441 16.36 40.65 -20.33
C ALA A 441 14.88 40.76 -19.98
N ARG A 442 14.09 41.22 -20.94
CA ARG A 442 12.66 41.48 -20.74
C ARG A 442 11.82 40.88 -21.87
N GLY A 443 10.54 40.62 -21.57
CA GLY A 443 9.60 40.12 -22.57
C GLY A 443 9.72 38.62 -22.78
N GLN A 444 9.81 38.22 -24.04
CA GLN A 444 9.92 36.80 -24.41
C GLN A 444 11.38 36.35 -24.47
N ALA A 445 11.64 35.17 -23.92
CA ALA A 445 12.94 34.52 -24.08
C ALA A 445 12.89 33.53 -25.24
N TYR A 446 13.95 33.53 -26.06
CA TYR A 446 14.05 32.62 -27.19
C TYR A 446 15.32 31.80 -27.10
N ALA A 447 15.21 30.52 -27.47
CA ALA A 447 16.37 29.65 -27.65
C ALA A 447 16.70 29.61 -29.14
N PRO A 448 17.72 30.36 -29.56
CA PRO A 448 18.03 30.52 -30.98
C PRO A 448 18.73 29.31 -31.58
N ALA A 449 18.68 29.20 -32.91
CA ALA A 449 19.33 28.11 -33.63
C ALA A 449 20.84 28.30 -33.64
N ILE A 450 21.55 27.39 -32.97
CA ILE A 450 23.00 27.48 -32.85
C ILE A 450 23.69 26.38 -33.64
N SER A 451 24.51 26.79 -34.60
CA SER A 451 25.45 25.88 -35.25
C SER A 451 26.84 26.30 -34.79
N SER A 452 27.54 25.37 -34.15
CA SER A 452 28.81 25.68 -33.51
C SER A 452 29.78 24.50 -33.60
N PRO A 453 31.09 24.79 -33.70
CA PRO A 453 32.11 23.75 -33.58
C PRO A 453 32.01 23.03 -32.23
N THR A 454 32.41 21.76 -32.21
CA THR A 454 32.27 20.93 -31.01
C THR A 454 33.55 20.93 -30.17
N ILE A 455 33.43 21.41 -28.94
CA ILE A 455 34.53 21.38 -27.98
C ILE A 455 34.48 20.11 -27.14
N HIS A 456 35.64 19.51 -26.90
CA HIS A 456 35.70 18.25 -26.16
C HIS A 456 35.93 18.46 -24.67
N THR A 457 35.04 17.89 -23.87
CA THR A 457 35.13 17.93 -22.41
C THR A 457 35.39 16.54 -21.87
N GLU A 458 35.55 16.44 -20.54
CA GLU A 458 35.81 15.16 -19.90
C GLU A 458 34.58 14.66 -19.15
N ALA A 459 34.01 15.51 -18.30
CA ALA A 459 32.84 15.16 -17.49
C ALA A 459 31.57 15.01 -18.33
N TYR A 460 31.56 15.63 -19.51
CA TYR A 460 30.43 15.57 -20.44
C TYR A 460 30.93 15.13 -21.82
N GLY A 461 30.01 14.97 -22.78
CA GLY A 461 30.38 14.54 -24.13
C GLY A 461 31.01 15.66 -24.96
N ASP A 462 30.80 15.60 -26.28
CA ASP A 462 31.20 16.70 -27.14
C ASP A 462 30.13 17.81 -27.11
N VAL A 463 30.56 18.99 -26.68
CA VAL A 463 29.66 20.08 -26.34
C VAL A 463 29.79 21.21 -27.37
N PRO A 464 28.67 21.91 -27.68
CA PRO A 464 28.76 23.11 -28.51
C PRO A 464 29.62 24.18 -27.84
N ALA A 465 30.46 24.84 -28.63
CA ALA A 465 31.35 25.88 -28.12
C ALA A 465 30.59 27.15 -27.72
N ILE A 466 29.53 27.44 -28.46
CA ILE A 466 28.73 28.65 -28.25
C ILE A 466 27.34 28.32 -27.68
N ASP A 467 26.96 29.04 -26.64
CA ASP A 467 25.62 28.96 -26.07
C ASP A 467 25.04 30.37 -25.97
N ALA A 468 23.76 30.51 -26.30
CA ALA A 468 23.14 31.84 -26.36
C ALA A 468 21.65 31.86 -26.03
N VAL A 469 21.18 33.00 -25.52
CA VAL A 469 19.75 33.29 -25.36
C VAL A 469 19.46 34.63 -25.98
N VAL A 470 18.23 34.80 -26.47
CA VAL A 470 17.79 36.10 -26.98
C VAL A 470 16.51 36.55 -26.28
N THR A 471 16.62 37.68 -25.60
CA THR A 471 15.45 38.38 -25.06
C THR A 471 14.84 39.28 -26.14
N TRP A 472 13.52 39.48 -26.05
CA TRP A 472 12.80 40.34 -27.00
C TRP A 472 11.49 40.85 -26.40
N ASP A 473 11.40 42.17 -26.27
CA ASP A 473 10.16 42.84 -25.87
C ASP A 473 9.53 43.43 -27.12
N GLU A 474 8.63 42.67 -27.73
CA GLU A 474 8.03 43.00 -29.04
C GLU A 474 7.28 44.33 -29.06
N GLN A 475 6.51 44.61 -28.01
N GLN A 475 6.53 44.62 -28.00
CA GLN A 475 5.72 45.85 -27.91
CA GLN A 475 5.72 45.85 -27.91
C GLN A 475 6.62 47.08 -27.73
C GLN A 475 6.61 47.09 -27.72
N ALA A 476 7.71 46.91 -26.98
CA ALA A 476 8.66 48.00 -26.74
C ALA A 476 9.76 48.06 -27.82
N ARG A 477 9.73 47.09 -28.73
CA ARG A 477 10.68 46.99 -29.85
C ARG A 477 12.16 46.96 -29.39
N THR A 478 12.43 46.29 -28.28
CA THR A 478 13.79 46.22 -27.72
C THR A 478 14.13 44.82 -27.24
N GLY A 479 15.35 44.37 -27.51
CA GLY A 479 15.80 43.02 -27.14
C GLY A 479 17.23 42.95 -26.63
N LEU A 480 17.69 41.73 -26.36
CA LEU A 480 19.03 41.48 -25.84
C LEU A 480 19.54 40.08 -26.20
N LEU A 481 20.79 40.01 -26.66
CA LEU A 481 21.47 38.72 -26.83
C LEU A 481 22.51 38.53 -25.72
N LEU A 482 22.51 37.34 -25.14
CA LEU A 482 23.55 36.93 -24.19
C LEU A 482 24.15 35.64 -24.71
N ALA A 483 25.44 35.70 -25.05
CA ALA A 483 26.15 34.56 -25.60
C ALA A 483 27.48 34.35 -24.89
N VAL A 484 28.05 33.15 -25.05
CA VAL A 484 29.28 32.78 -24.35
C VAL A 484 30.17 31.92 -25.24
N ASN A 485 31.49 32.02 -25.05
CA ASN A 485 32.44 31.12 -25.70
C ASN A 485 33.07 30.20 -24.66
N ARG A 486 32.68 28.94 -24.70
CA ARG A 486 33.10 27.95 -23.71
C ARG A 486 34.43 27.27 -24.05
N ASP A 487 34.98 27.60 -25.21
CA ASP A 487 36.27 27.06 -25.66
C ASP A 487 37.41 27.62 -24.79
N ALA A 488 38.27 26.73 -24.31
CA ALA A 488 39.37 27.11 -23.43
C ALA A 488 40.63 27.53 -24.20
N ASN A 489 40.67 27.22 -25.49
CA ASN A 489 41.90 27.41 -26.28
C ASN A 489 41.75 28.23 -27.57
N THR A 490 40.80 27.86 -28.42
CA THR A 490 40.65 28.50 -29.72
C THR A 490 39.51 29.53 -29.76
N PRO A 491 39.75 30.69 -30.41
CA PRO A 491 38.72 31.71 -30.60
C PRO A 491 37.71 31.31 -31.67
N HIS A 492 36.53 31.93 -31.63
CA HIS A 492 35.45 31.65 -32.59
C HIS A 492 34.75 32.92 -33.02
N THR A 493 34.29 32.93 -34.27
CA THR A 493 33.59 34.08 -34.85
C THR A 493 32.12 33.75 -35.11
N LEU A 494 31.23 34.65 -34.70
CA LEU A 494 29.78 34.43 -34.79
C LEU A 494 29.11 35.26 -35.87
N THR A 495 28.02 34.72 -36.41
CA THR A 495 27.10 35.48 -37.27
C THR A 495 25.79 35.62 -36.50
N ILE A 496 25.37 36.86 -36.24
CA ILE A 496 24.17 37.12 -35.45
C ILE A 496 23.01 37.60 -36.33
N ASP A 497 22.27 36.64 -36.88
CA ASP A 497 21.09 36.94 -37.69
C ASP A 497 19.85 37.06 -36.81
N LEU A 498 19.53 38.30 -36.43
CA LEU A 498 18.40 38.58 -35.54
C LEU A 498 17.07 38.70 -36.28
N SER A 499 17.13 38.64 -37.61
CA SER A 499 15.94 38.64 -38.46
C SER A 499 15.08 37.40 -38.19
N GLY A 500 13.85 37.63 -37.77
CA GLY A 500 12.95 36.55 -37.37
C GLY A 500 12.07 36.93 -36.19
N LEU A 501 12.60 37.80 -35.33
CA LEU A 501 11.83 38.35 -34.22
C LEU A 501 10.61 39.13 -34.73
N PRO A 502 9.45 38.93 -34.08
CA PRO A 502 8.23 39.63 -34.48
C PRO A 502 8.16 41.04 -33.91
N THR A 509 15.14 46.22 -38.40
CA THR A 509 16.26 45.55 -39.06
C THR A 509 17.51 46.40 -39.07
N LEU A 510 17.82 47.00 -37.93
CA LEU A 510 18.97 47.87 -37.91
C LEU A 510 19.75 48.03 -36.62
N ALA A 511 19.17 48.62 -35.60
CA ALA A 511 19.93 49.25 -34.55
C ALA A 511 20.70 48.31 -33.71
N LEU A 512 21.83 48.74 -33.16
CA LEU A 512 22.58 48.00 -32.15
C LEU A 512 22.96 48.96 -31.07
N GLY A 513 22.89 48.52 -29.83
CA GLY A 513 23.18 49.35 -28.69
C GLY A 513 24.39 48.88 -27.95
N LYS A 514 24.44 49.06 -26.65
CA LYS A 514 25.66 48.70 -25.92
C LYS A 514 26.07 47.26 -26.18
N ALA A 515 27.30 47.08 -26.65
CA ALA A 515 27.85 45.75 -26.91
C ALA A 515 29.08 45.52 -26.03
N GLN A 516 28.97 44.54 -25.14
CA GLN A 516 30.01 44.27 -24.13
C GLN A 516 30.71 42.95 -24.38
N LEU A 517 31.99 42.89 -24.00
CA LEU A 517 32.79 41.69 -24.08
C LEU A 517 33.62 41.52 -22.81
N LEU A 518 33.35 40.46 -22.06
CA LEU A 518 34.11 40.13 -20.87
C LEU A 518 35.06 38.98 -21.18
N HIS A 519 36.32 39.33 -21.41
CA HIS A 519 37.37 38.36 -21.70
C HIS A 519 38.71 38.85 -21.18
N GLU A 520 39.53 37.91 -20.71
CA GLU A 520 40.88 38.22 -20.28
C GLU A 520 41.83 37.13 -20.77
N ASP A 521 42.91 37.55 -21.43
CA ASP A 521 43.91 36.65 -21.99
C ASP A 521 44.37 35.62 -20.96
N ASP A 522 44.67 36.12 -19.75
CA ASP A 522 44.81 35.27 -18.58
C ASP A 522 43.43 35.14 -17.94
N PRO A 523 42.80 33.95 -18.04
CA PRO A 523 41.44 33.76 -17.54
C PRO A 523 41.36 33.66 -16.01
N TYR A 524 42.53 33.61 -15.36
CA TYR A 524 42.60 33.50 -13.90
C TYR A 524 42.70 34.87 -13.23
N ARG A 525 42.61 35.93 -14.03
CA ARG A 525 42.69 37.31 -13.55
C ARG A 525 41.45 37.68 -12.74
N THR A 526 41.67 38.35 -11.62
CA THR A 526 40.61 38.65 -10.66
C THR A 526 40.51 40.15 -10.32
N ASN A 527 39.31 40.57 -9.90
CA ASN A 527 39.12 41.86 -9.25
C ASN A 527 39.29 41.70 -7.75
N THR A 528 40.04 42.61 -7.14
CA THR A 528 40.29 42.57 -5.70
C THR A 528 40.03 43.94 -5.07
N ALA A 529 40.17 44.03 -3.75
CA ALA A 529 39.91 45.27 -3.02
C ALA A 529 40.81 46.42 -3.46
N GLU A 530 42.10 46.14 -3.63
CA GLU A 530 43.06 47.16 -4.04
C GLU A 530 42.94 47.56 -5.51
N ALA A 531 42.48 46.62 -6.35
CA ALA A 531 42.26 46.86 -7.77
C ALA A 531 40.87 46.38 -8.21
N PRO A 532 39.83 47.17 -7.89
CA PRO A 532 38.44 46.77 -8.09
C PRO A 532 38.02 46.62 -9.55
N GLU A 533 38.77 47.25 -10.45
CA GLU A 533 38.38 47.32 -11.85
C GLU A 533 39.44 46.76 -12.82
N ALA A 534 40.15 45.73 -12.37
CA ALA A 534 41.15 45.05 -13.21
C ALA A 534 40.50 44.29 -14.36
N VAL A 535 39.35 43.69 -14.09
CA VAL A 535 38.57 42.97 -15.10
C VAL A 535 37.18 43.57 -15.21
N THR A 536 36.92 44.22 -16.34
CA THR A 536 35.62 44.85 -16.61
C THR A 536 35.22 44.63 -18.07
N PRO A 537 33.90 44.66 -18.36
CA PRO A 537 33.44 44.49 -19.74
C PRO A 537 33.90 45.63 -20.66
N GLN A 538 34.46 45.26 -21.80
CA GLN A 538 34.96 46.21 -22.79
C GLN A 538 33.98 46.30 -23.96
N PRO A 539 34.04 47.39 -24.76
CA PRO A 539 33.20 47.48 -25.95
C PRO A 539 33.49 46.36 -26.95
N LEU A 540 32.45 45.78 -27.51
CA LEU A 540 32.57 44.65 -28.42
C LEU A 540 32.62 45.11 -29.87
N ASP A 541 33.55 44.54 -30.63
CA ASP A 541 33.71 44.85 -32.04
C ASP A 541 32.66 44.11 -32.88
N ILE A 542 31.57 44.80 -33.17
CA ILE A 542 30.49 44.26 -34.02
C ILE A 542 30.41 45.01 -35.35
N ALA A 543 30.25 44.26 -36.43
CA ALA A 543 30.21 44.85 -37.77
C ALA A 543 28.98 44.38 -38.56
N MET A 544 27.90 45.14 -38.46
CA MET A 544 26.67 44.86 -39.21
C MET A 544 26.88 45.11 -40.70
N ASN A 545 26.53 44.12 -41.52
CA ASN A 545 26.67 44.22 -42.97
C ASN A 545 25.35 44.06 -43.71
N GLY A 548 21.63 42.76 -43.65
CA GLY A 548 22.36 42.52 -42.40
C GLY A 548 21.42 42.41 -41.20
N THR A 549 21.69 41.52 -40.24
CA THR A 549 22.83 40.56 -40.19
C THR A 549 24.13 41.14 -39.63
N CYS A 550 24.48 40.69 -38.42
CA CYS A 550 25.70 41.13 -37.74
C CYS A 550 26.72 40.01 -37.58
N THR A 551 27.96 40.39 -37.32
CA THR A 551 29.05 39.43 -37.10
C THR A 551 30.01 39.94 -36.01
N ALA A 552 30.53 39.01 -35.21
CA ALA A 552 31.43 39.35 -34.10
C ALA A 552 32.35 38.19 -33.74
N THR A 553 33.56 38.51 -33.31
CA THR A 553 34.55 37.52 -32.89
C THR A 553 34.62 37.40 -31.38
N LEU A 554 34.61 36.16 -30.89
CA LEU A 554 34.75 35.87 -29.47
C LEU A 554 36.01 35.05 -29.20
N PRO A 555 36.99 35.65 -28.49
CA PRO A 555 38.20 34.92 -28.08
C PRO A 555 37.89 33.84 -27.05
N ALA A 556 38.79 32.86 -26.92
CA ALA A 556 38.61 31.76 -25.97
C ALA A 556 38.28 32.26 -24.57
N ILE A 557 37.28 31.64 -23.94
CA ILE A 557 36.81 31.99 -22.59
C ILE A 557 36.14 33.35 -22.35
N SER A 558 35.19 33.69 -23.20
CA SER A 558 34.54 35.00 -23.15
C SER A 558 33.02 35.03 -23.07
N TRP A 559 32.50 36.11 -22.50
CA TRP A 559 31.06 36.37 -22.43
C TRP A 559 30.76 37.66 -23.18
N ILE A 560 29.65 37.66 -23.93
CA ILE A 560 29.21 38.87 -24.61
C ILE A 560 27.74 39.21 -24.33
N SER A 561 27.41 40.49 -24.47
CA SER A 561 26.04 40.97 -24.41
C SER A 561 25.86 42.09 -25.40
N VAL A 562 24.86 41.98 -26.27
CA VAL A 562 24.56 43.02 -27.23
C VAL A 562 23.10 43.45 -27.14
N GLU A 563 22.89 44.71 -26.77
CA GLU A 563 21.56 45.30 -26.76
C GLU A 563 21.21 45.70 -28.20
N PHE A 564 19.93 45.58 -28.54
CA PHE A 564 19.43 45.97 -29.86
C PHE A 564 17.97 46.39 -29.80
N HIS A 565 17.52 47.13 -30.80
CA HIS A 565 16.12 47.52 -30.92
C HIS A 565 15.65 47.60 -32.38
N GLY A 566 16.42 47.88 -33.29
N THR B 41 51.47 -28.86 18.59
CA THR B 41 50.47 -27.78 18.83
C THR B 41 49.34 -28.24 19.76
N THR B 42 48.92 -27.34 20.64
CA THR B 42 47.86 -27.62 21.62
C THR B 42 46.48 -27.14 21.13
N PRO B 43 45.40 -27.86 21.49
CA PRO B 43 44.04 -27.53 21.04
C PRO B 43 43.54 -26.16 21.48
N ASP B 44 42.99 -25.41 20.53
CA ASP B 44 42.44 -24.07 20.78
C ASP B 44 40.92 -24.01 20.52
N ALA B 45 40.36 -25.14 20.08
CA ALA B 45 38.94 -25.24 19.76
C ALA B 45 38.41 -26.64 20.08
N SER B 46 37.13 -26.72 20.36
CA SER B 46 36.52 -28.00 20.70
C SER B 46 35.13 -28.20 20.17
N ILE B 47 34.77 -29.46 19.98
CA ILE B 47 33.47 -29.85 19.49
C ILE B 47 32.90 -30.97 20.34
N ALA B 48 31.63 -30.89 20.73
CA ALA B 48 31.05 -31.92 21.58
C ALA B 48 29.56 -32.00 21.59
N LEU B 49 29.05 -33.17 21.87
CA LEU B 49 27.63 -33.27 22.12
C LEU B 49 27.41 -33.48 23.60
N ASN B 50 28.44 -33.25 24.39
CA ASN B 50 28.35 -33.42 25.83
C ASN B 50 26.98 -33.04 26.40
N ALA B 51 26.03 -33.97 26.31
CA ALA B 51 24.61 -33.76 26.61
C ALA B 51 24.31 -32.58 27.51
N ASP B 52 23.50 -31.63 27.04
CA ASP B 52 23.09 -31.53 25.66
C ASP B 52 22.26 -32.71 25.14
N ALA B 53 22.73 -33.32 24.07
CA ALA B 53 22.16 -34.52 23.47
C ALA B 53 20.78 -34.40 22.81
N THR B 54 20.44 -33.22 22.36
CA THR B 54 19.18 -33.04 21.69
C THR B 54 19.52 -32.94 20.26
N PRO B 55 18.65 -33.44 19.42
CA PRO B 55 18.91 -33.52 18.00
C PRO B 55 18.14 -32.47 17.28
N VAL B 56 18.65 -32.04 16.16
CA VAL B 56 17.94 -31.08 15.40
C VAL B 56 16.67 -31.77 15.01
N ALA B 57 16.79 -32.71 14.10
CA ALA B 57 15.71 -33.55 13.61
C ALA B 57 16.31 -34.73 12.87
N ASP B 58 15.46 -35.48 12.18
CA ASP B 58 15.89 -36.56 11.31
C ASP B 58 16.34 -36.05 9.95
N VAL B 59 17.48 -36.53 9.48
CA VAL B 59 18.02 -36.15 8.19
C VAL B 59 17.13 -36.65 7.07
N PRO B 60 16.51 -35.72 6.32
CA PRO B 60 15.69 -36.13 5.18
C PRO B 60 16.54 -36.35 3.93
N PRO B 61 16.33 -37.47 3.22
CA PRO B 61 17.07 -37.74 1.98
C PRO B 61 16.96 -36.61 0.96
N ARG B 62 15.79 -35.95 0.90
CA ARG B 62 15.55 -34.88 -0.08
C ARG B 62 16.42 -33.64 0.10
N LEU B 63 17.10 -33.55 1.25
CA LEU B 63 18.08 -32.49 1.49
C LEU B 63 19.29 -32.63 0.55
N PHE B 64 19.54 -33.86 0.10
CA PHE B 64 20.58 -34.13 -0.88
C PHE B 64 20.11 -34.17 -2.33
N GLY B 65 19.06 -33.42 -2.59
CA GLY B 65 18.52 -33.29 -3.94
C GLY B 65 19.26 -32.36 -4.87
N SER B 66 18.91 -32.41 -6.15
CA SER B 66 19.47 -31.50 -7.13
C SER B 66 18.43 -31.09 -8.18
N PHE B 67 18.86 -30.30 -9.15
CA PHE B 67 17.96 -29.60 -10.07
C PHE B 67 18.51 -29.63 -11.49
N VAL B 68 17.76 -30.24 -12.40
CA VAL B 68 18.06 -30.13 -13.84
C VAL B 68 17.03 -29.26 -14.56
N GLU B 69 17.55 -28.31 -15.34
CA GLU B 69 16.74 -27.43 -16.15
C GLU B 69 17.17 -27.58 -17.60
N HIS B 70 16.24 -27.36 -18.53
CA HIS B 70 16.59 -27.23 -19.94
C HIS B 70 17.26 -25.87 -20.16
N LEU B 71 18.43 -25.71 -19.54
CA LEU B 71 19.20 -24.49 -19.53
C LEU B 71 20.58 -24.80 -20.07
N GLY B 72 20.93 -24.18 -21.20
CA GLY B 72 22.22 -24.39 -21.84
C GLY B 72 22.55 -25.85 -22.07
N ARG B 73 23.57 -26.35 -21.37
CA ARG B 73 24.04 -27.73 -21.53
C ARG B 73 23.87 -28.59 -20.27
N CYS B 74 22.82 -28.32 -19.50
CA CYS B 74 22.52 -29.14 -18.32
C CYS B 74 21.86 -30.45 -18.74
N VAL B 75 20.90 -30.36 -19.64
CA VAL B 75 20.22 -31.52 -20.19
C VAL B 75 20.85 -31.99 -21.50
N TYR B 76 21.00 -31.06 -22.45
CA TYR B 76 21.57 -31.37 -23.77
C TYR B 76 23.09 -31.11 -23.73
N GLY B 77 23.85 -32.19 -23.69
CA GLY B 77 25.30 -32.11 -23.50
C GLY B 77 25.67 -32.39 -22.06
N GLY B 78 24.66 -32.73 -21.26
CA GLY B 78 24.83 -33.09 -19.86
C GLY B 78 24.39 -34.52 -19.63
N ILE B 79 23.11 -34.72 -19.35
CA ILE B 79 22.55 -36.06 -19.14
C ILE B 79 22.14 -36.75 -20.45
N TYR B 80 21.82 -35.95 -21.46
CA TYR B 80 21.39 -36.48 -22.76
C TYR B 80 22.35 -36.10 -23.88
N GLU B 81 22.79 -37.11 -24.64
CA GLU B 81 23.70 -36.96 -25.77
C GLU B 81 23.85 -38.31 -26.48
N PRO B 82 22.93 -38.63 -27.40
CA PRO B 82 22.90 -39.96 -28.03
C PRO B 82 24.06 -40.24 -29.00
N SER B 83 24.94 -39.26 -29.20
CA SER B 83 26.12 -39.43 -30.06
C SER B 83 27.40 -39.62 -29.25
N HIS B 84 27.29 -39.57 -27.92
CA HIS B 84 28.41 -39.82 -27.02
C HIS B 84 28.63 -41.32 -26.87
N PRO B 85 29.90 -41.76 -26.86
CA PRO B 85 30.25 -43.19 -26.77
C PRO B 85 29.57 -43.96 -25.63
N THR B 86 29.35 -43.30 -24.49
CA THR B 86 28.74 -43.94 -23.33
C THR B 86 27.21 -43.77 -23.27
N ALA B 87 26.60 -43.42 -24.39
CA ALA B 87 25.14 -43.29 -24.46
C ALA B 87 24.47 -44.65 -24.66
N ASP B 88 23.35 -44.85 -23.97
CA ASP B 88 22.63 -46.11 -24.01
C ASP B 88 21.56 -46.13 -25.11
N GLU B 89 20.72 -47.16 -25.09
CA GLU B 89 19.62 -47.31 -26.03
C GLU B 89 18.65 -46.12 -26.00
N ASN B 90 18.37 -45.62 -24.78
CA ASN B 90 17.52 -44.43 -24.61
C ASN B 90 18.25 -43.11 -24.89
N GLY B 91 19.58 -43.15 -24.87
CA GLY B 91 20.40 -42.00 -25.25
C GLY B 91 21.05 -41.22 -24.11
N PHE B 92 21.08 -41.80 -22.92
CA PHE B 92 21.67 -41.15 -21.75
C PHE B 92 23.15 -41.51 -21.57
N ARG B 93 23.96 -40.50 -21.26
CA ARG B 93 25.37 -40.69 -20.97
C ARG B 93 25.55 -41.46 -19.65
N GLN B 94 26.00 -42.69 -19.77
CA GLN B 94 26.14 -43.60 -18.63
C GLN B 94 27.20 -43.18 -17.62
N ASP B 95 28.20 -42.43 -18.07
CA ASP B 95 29.25 -41.90 -17.20
C ASP B 95 28.71 -40.80 -16.29
N VAL B 96 27.77 -40.03 -16.81
CA VAL B 96 27.08 -38.99 -16.03
C VAL B 96 26.12 -39.68 -15.05
N LEU B 97 25.40 -40.70 -15.54
CA LEU B 97 24.51 -41.49 -14.69
C LEU B 97 25.24 -42.07 -13.48
N ASP B 98 26.39 -42.69 -13.72
CA ASP B 98 27.24 -43.23 -12.65
C ASP B 98 27.62 -42.15 -11.64
N LEU B 99 27.99 -40.98 -12.15
CA LEU B 99 28.37 -39.83 -11.31
C LEU B 99 27.18 -39.29 -10.52
N VAL B 100 26.01 -39.23 -11.16
CA VAL B 100 24.77 -38.86 -10.49
C VAL B 100 24.52 -39.82 -9.32
N LYS B 101 24.59 -41.12 -9.60
CA LYS B 101 24.46 -42.16 -8.57
C LYS B 101 25.49 -42.01 -7.46
N GLU B 102 26.72 -41.69 -7.84
CA GLU B 102 27.81 -41.60 -6.87
C GLU B 102 27.78 -40.33 -6.03
N LEU B 103 27.27 -39.24 -6.60
CA LEU B 103 27.07 -37.98 -5.87
C LEU B 103 26.03 -38.15 -4.77
N GLY B 104 25.18 -39.16 -4.92
CA GLY B 104 24.20 -39.51 -3.90
C GLY B 104 22.97 -38.62 -3.94
N VAL B 105 22.62 -38.13 -5.12
CA VAL B 105 21.44 -37.29 -5.29
C VAL B 105 20.19 -38.14 -5.16
N THR B 106 19.21 -37.63 -4.43
CA THR B 106 18.01 -38.38 -4.09
C THR B 106 16.79 -37.93 -4.89
N CYS B 107 16.64 -36.63 -5.05
CA CYS B 107 15.53 -36.03 -5.79
C CYS B 107 16.06 -34.98 -6.76
N VAL B 108 15.42 -34.86 -7.92
CA VAL B 108 15.83 -33.86 -8.91
C VAL B 108 14.64 -33.06 -9.43
N ARG B 109 14.68 -31.73 -9.23
CA ARG B 109 13.66 -30.83 -9.75
C ARG B 109 13.77 -30.69 -11.27
N TYR B 110 12.64 -30.82 -11.96
CA TYR B 110 12.61 -30.86 -13.41
C TYR B 110 11.25 -30.35 -13.92
N PRO B 111 11.24 -29.61 -15.07
CA PRO B 111 12.35 -29.15 -15.90
C PRO B 111 12.65 -27.65 -15.79
N GLY B 112 12.11 -26.98 -14.77
CA GLY B 112 12.35 -25.55 -14.60
C GLY B 112 12.17 -25.05 -13.17
N GLY B 113 12.77 -23.90 -12.85
CA GLY B 113 13.60 -23.14 -13.79
C GLY B 113 12.80 -22.18 -14.66
N ASN B 114 13.50 -21.18 -15.22
CA ASN B 114 12.87 -20.19 -16.08
C ASN B 114 12.29 -20.79 -17.37
N PHE B 115 12.80 -21.96 -17.75
CA PHE B 115 12.39 -22.66 -18.97
C PHE B 115 10.93 -23.13 -18.97
N VAL B 116 10.44 -23.51 -17.80
CA VAL B 116 9.11 -24.13 -17.68
C VAL B 116 7.96 -23.13 -17.94
N SER B 117 8.24 -21.84 -17.80
CA SER B 117 7.23 -20.77 -17.90
C SER B 117 6.56 -20.60 -19.27
N ASN B 118 7.25 -21.05 -20.33
CA ASN B 118 6.62 -21.12 -21.65
C ASN B 118 6.71 -22.52 -22.27
N TYR B 119 6.78 -23.52 -21.40
CA TYR B 119 6.87 -24.92 -21.81
C TYR B 119 5.50 -25.59 -21.80
N ASN B 120 5.20 -26.32 -22.87
CA ASN B 120 4.00 -27.15 -22.93
C ASN B 120 4.39 -28.61 -22.67
N TRP B 121 3.88 -29.17 -21.58
CA TRP B 121 4.29 -30.52 -21.17
C TRP B 121 3.95 -31.62 -22.21
N GLU B 122 2.90 -31.40 -23.00
CA GLU B 122 2.48 -32.35 -24.03
C GLU B 122 3.45 -32.43 -25.21
N ASP B 123 4.29 -31.41 -25.37
CA ASP B 123 5.28 -31.37 -26.45
C ASP B 123 6.32 -32.48 -26.32
N GLY B 124 6.81 -32.70 -25.10
CA GLY B 124 7.79 -33.76 -24.83
C GLY B 124 7.14 -35.06 -24.42
N ILE B 125 6.20 -35.54 -25.24
CA ILE B 125 5.42 -36.73 -24.92
C ILE B 125 5.37 -37.70 -26.10
N GLY B 126 5.35 -39.00 -25.78
CA GLY B 126 5.27 -40.06 -26.78
C GLY B 126 6.49 -40.18 -27.65
N PRO B 127 6.29 -40.61 -28.92
CA PRO B 127 7.36 -40.81 -29.90
C PRO B 127 8.11 -39.53 -30.29
N ARG B 128 9.43 -39.56 -30.13
CA ARG B 128 10.30 -38.41 -30.41
C ARG B 128 10.19 -37.87 -31.84
N GLU B 129 9.87 -38.76 -32.77
CA GLU B 129 9.74 -38.42 -34.19
C GLU B 129 8.55 -37.50 -34.52
N ASN B 130 7.51 -37.55 -33.69
CA ASN B 130 6.34 -36.70 -33.89
C ASN B 130 6.23 -35.54 -32.89
N ARG B 131 7.18 -35.48 -31.96
CA ARG B 131 7.28 -34.36 -31.02
C ARG B 131 7.68 -33.08 -31.77
N PRO B 132 6.92 -31.98 -31.56
CA PRO B 132 7.19 -30.73 -32.27
C PRO B 132 8.45 -30.02 -31.76
N MET B 133 9.11 -29.29 -32.66
CA MET B 133 10.25 -28.45 -32.27
C MET B 133 9.77 -27.05 -31.91
N ARG B 134 10.09 -26.61 -30.71
CA ARG B 134 9.68 -25.29 -30.21
C ARG B 134 10.91 -24.49 -29.81
N ARG B 135 10.68 -23.28 -29.30
CA ARG B 135 11.75 -22.45 -28.77
C ARG B 135 11.54 -22.00 -27.33
N ASP B 136 12.64 -21.80 -26.62
CA ASP B 136 12.61 -21.35 -25.23
C ASP B 136 12.98 -19.88 -25.14
N LEU B 137 12.04 -19.07 -24.67
CA LEU B 137 12.26 -17.63 -24.48
C LEU B 137 13.23 -17.33 -23.35
N ALA B 138 13.22 -18.20 -22.34
CA ALA B 138 14.05 -18.01 -21.15
C ALA B 138 15.54 -17.91 -21.46
N TRP B 139 16.03 -18.80 -22.31
CA TRP B 139 17.46 -18.86 -22.63
C TRP B 139 17.73 -18.69 -24.12
N HIS B 140 16.68 -18.33 -24.85
CA HIS B 140 16.73 -18.04 -26.29
C HIS B 140 17.38 -19.18 -27.08
N CYS B 141 16.78 -20.37 -26.96
CA CYS B 141 17.28 -21.57 -27.63
C CYS B 141 16.17 -22.33 -28.32
N THR B 142 16.54 -23.15 -29.31
CA THR B 142 15.61 -24.08 -29.91
C THR B 142 15.58 -25.34 -29.04
N GLU B 143 14.38 -25.80 -28.71
CA GLU B 143 14.18 -27.02 -27.93
C GLU B 143 13.66 -28.11 -28.86
N THR B 144 14.36 -29.25 -28.85
CA THR B 144 14.00 -30.40 -29.69
C THR B 144 12.92 -31.26 -29.03
N ASN B 145 12.72 -31.05 -27.73
CA ASN B 145 11.78 -31.80 -26.90
C ASN B 145 12.11 -33.29 -26.76
N GLU B 146 13.27 -33.69 -27.27
CA GLU B 146 13.73 -35.09 -27.22
C GLU B 146 13.77 -35.58 -25.77
N MET B 147 14.10 -34.67 -24.85
CA MET B 147 13.92 -34.91 -23.43
C MET B 147 12.60 -34.28 -22.96
N GLY B 148 11.71 -35.11 -22.42
CA GLY B 148 10.45 -34.66 -21.86
C GLY B 148 10.26 -35.26 -20.47
N ILE B 149 9.01 -35.42 -20.04
CA ILE B 149 8.72 -36.09 -18.78
C ILE B 149 8.82 -37.62 -18.93
N ASP B 150 8.39 -38.13 -20.09
CA ASP B 150 8.49 -39.55 -20.39
C ASP B 150 9.91 -40.06 -20.19
N ASP B 151 10.86 -39.44 -20.90
CA ASP B 151 12.25 -39.87 -20.90
C ASP B 151 12.98 -39.50 -19.61
N PHE B 152 12.53 -38.44 -18.93
CA PHE B 152 13.10 -38.08 -17.64
C PHE B 152 12.65 -39.04 -16.53
N TYR B 153 11.50 -39.66 -16.74
CA TYR B 153 11.06 -40.73 -15.85
C TYR B 153 12.01 -41.93 -15.99
N ARG B 154 12.25 -42.34 -17.24
CA ARG B 154 13.17 -43.44 -17.53
C ARG B 154 14.59 -43.14 -17.05
N TRP B 155 15.00 -41.88 -17.16
CA TRP B 155 16.30 -41.44 -16.67
C TRP B 155 16.38 -41.57 -15.15
N SER B 156 15.33 -41.13 -14.46
CA SER B 156 15.27 -41.18 -13.00
C SER B 156 15.14 -42.60 -12.46
N GLN B 157 14.48 -43.47 -13.24
CA GLN B 157 14.39 -44.88 -12.90
C GLN B 157 15.77 -45.53 -12.93
N LYS B 158 16.58 -45.14 -13.90
CA LYS B 158 17.95 -45.63 -14.03
C LYS B 158 18.88 -44.95 -13.02
N ALA B 159 18.67 -43.66 -12.80
CA ALA B 159 19.47 -42.90 -11.84
C ALA B 159 19.09 -43.20 -10.39
N GLY B 160 17.93 -43.82 -10.19
CA GLY B 160 17.41 -44.13 -8.86
C GLY B 160 17.07 -42.87 -8.08
N THR B 161 16.41 -41.93 -8.76
CA THR B 161 16.05 -40.64 -8.17
C THR B 161 14.56 -40.32 -8.28
N GLU B 162 14.08 -39.50 -7.35
CA GLU B 162 12.71 -39.01 -7.36
C GLU B 162 12.59 -37.82 -8.32
N ILE B 163 11.40 -37.62 -8.87
CA ILE B 163 11.13 -36.48 -9.74
C ILE B 163 10.29 -35.42 -9.03
N MET B 164 10.86 -34.22 -8.90
CA MET B 164 10.15 -33.05 -8.40
C MET B 164 9.71 -32.25 -9.63
N LEU B 165 8.50 -32.56 -10.11
CA LEU B 165 8.00 -31.96 -11.34
C LEU B 165 7.45 -30.56 -11.11
N ALA B 166 7.77 -29.67 -12.04
CA ALA B 166 7.31 -28.29 -12.00
C ALA B 166 6.39 -28.05 -13.19
N VAL B 167 5.26 -27.40 -12.95
CA VAL B 167 4.30 -27.11 -13.99
C VAL B 167 4.41 -25.68 -14.50
N ASN B 168 4.02 -25.48 -15.76
CA ASN B 168 3.96 -24.16 -16.35
C ASN B 168 2.88 -23.30 -15.69
N MET B 169 3.28 -22.19 -15.09
CA MET B 169 2.35 -21.24 -14.51
C MET B 169 2.44 -19.86 -15.16
N GLY B 170 3.17 -19.78 -16.27
CA GLY B 170 3.35 -18.51 -16.98
C GLY B 170 2.40 -18.37 -18.15
N THR B 171 2.59 -19.21 -19.16
CA THR B 171 1.79 -19.20 -20.38
C THR B 171 0.56 -20.12 -20.27
N ARG B 172 0.52 -20.91 -19.20
CA ARG B 172 -0.60 -21.79 -18.90
C ARG B 172 -0.93 -21.72 -17.41
N GLY B 173 -1.79 -22.61 -16.93
CA GLY B 173 -2.16 -22.62 -15.52
C GLY B 173 -2.82 -23.89 -14.99
N LEU B 174 -3.97 -23.70 -14.35
CA LEU B 174 -4.67 -24.75 -13.62
C LEU B 174 -4.98 -26.00 -14.45
N LYS B 175 -5.64 -25.81 -15.59
CA LYS B 175 -6.07 -26.92 -16.43
C LYS B 175 -4.90 -27.79 -16.89
N ALA B 176 -3.79 -27.15 -17.24
CA ALA B 176 -2.61 -27.86 -17.72
C ALA B 176 -1.96 -28.71 -16.63
N ALA B 177 -2.00 -28.24 -15.39
CA ALA B 177 -1.45 -28.96 -14.26
C ALA B 177 -2.24 -30.23 -13.96
N LEU B 178 -3.58 -30.12 -14.05
CA LEU B 178 -4.47 -31.24 -13.75
C LEU B 178 -4.41 -32.33 -14.83
N ASP B 179 -4.20 -31.92 -16.08
CA ASP B 179 -3.98 -32.86 -17.17
C ASP B 179 -2.70 -33.67 -16.96
N GLU B 180 -1.61 -32.97 -16.64
CA GLU B 180 -0.31 -33.63 -16.42
C GLU B 180 -0.36 -34.59 -15.23
N LEU B 181 -0.91 -34.12 -14.12
CA LEU B 181 -1.09 -34.95 -12.91
C LEU B 181 -1.83 -36.26 -13.25
N GLU B 182 -2.89 -36.14 -14.03
CA GLU B 182 -3.67 -37.30 -14.47
C GLU B 182 -2.81 -38.22 -15.35
N TYR B 183 -2.11 -37.64 -16.31
CA TYR B 183 -1.21 -38.38 -17.20
C TYR B 183 -0.11 -39.12 -16.43
N VAL B 184 0.52 -38.40 -15.52
CA VAL B 184 1.70 -38.88 -14.80
C VAL B 184 1.38 -39.90 -13.69
N ASN B 185 0.32 -39.64 -12.92
CA ASN B 185 0.00 -40.43 -11.73
C ASN B 185 -1.29 -41.25 -11.78
N GLY B 186 -2.14 -40.97 -12.77
CA GLY B 186 -3.48 -41.56 -12.83
C GLY B 186 -3.54 -43.02 -13.23
N ALA B 187 -4.54 -43.72 -12.71
CA ALA B 187 -4.76 -45.13 -13.02
C ALA B 187 -5.34 -45.30 -14.42
N PRO B 188 -4.99 -46.41 -15.11
CA PRO B 188 -5.55 -46.72 -16.44
C PRO B 188 -7.07 -46.75 -16.40
N GLY B 189 -7.71 -46.25 -17.47
CA GLY B 189 -9.17 -46.15 -17.51
C GLY B 189 -9.70 -44.75 -17.80
N THR B 190 -8.78 -43.79 -17.90
CA THR B 190 -9.10 -42.43 -18.35
C THR B 190 -8.22 -42.08 -19.54
N ALA B 191 -8.69 -41.16 -20.39
CA ALA B 191 -8.01 -40.84 -21.64
C ALA B 191 -6.56 -40.36 -21.47
N TRP B 192 -6.30 -39.63 -20.40
CA TRP B 192 -4.96 -39.11 -20.11
C TRP B 192 -3.99 -40.19 -19.63
N ALA B 193 -4.46 -41.05 -18.73
CA ALA B 193 -3.65 -42.17 -18.23
C ALA B 193 -3.38 -43.20 -19.32
N ASP B 194 -4.38 -43.46 -20.16
CA ASP B 194 -4.24 -44.37 -21.30
C ASP B 194 -3.14 -43.92 -22.25
N GLN B 195 -2.94 -42.61 -22.35
CA GLN B 195 -1.87 -42.04 -23.16
C GLN B 195 -0.49 -42.34 -22.59
N ARG B 196 -0.38 -42.37 -21.27
CA ARG B 196 0.87 -42.75 -20.61
C ARG B 196 1.18 -44.22 -20.89
N VAL B 197 0.15 -45.06 -20.82
CA VAL B 197 0.28 -46.50 -21.08
C VAL B 197 0.70 -46.76 -22.52
N ALA B 198 0.00 -46.13 -23.46
CA ALA B 198 0.30 -46.25 -24.89
C ALA B 198 1.71 -45.78 -25.25
N ASN B 199 2.18 -44.72 -24.58
CA ASN B 199 3.51 -44.18 -24.81
C ASN B 199 4.65 -45.05 -24.28
N GLY B 200 4.32 -46.11 -23.54
CA GLY B 200 5.30 -47.09 -23.10
C GLY B 200 5.56 -47.14 -21.60
N ILE B 201 4.71 -46.47 -20.82
CA ILE B 201 4.81 -46.51 -19.37
C ILE B 201 3.44 -46.82 -18.79
N GLU B 202 3.20 -48.10 -18.46
CA GLU B 202 1.87 -48.51 -17.99
C GLU B 202 1.65 -48.21 -16.50
N GLU B 203 2.71 -48.31 -15.71
CA GLU B 203 2.63 -47.99 -14.28
C GLU B 203 2.74 -46.47 -14.05
N PRO B 204 2.08 -45.95 -13.01
CA PRO B 204 2.19 -44.52 -12.71
C PRO B 204 3.61 -44.11 -12.33
N MET B 205 3.98 -42.88 -12.66
CA MET B 205 5.33 -42.37 -12.41
C MET B 205 5.58 -42.10 -10.93
N ASP B 206 4.50 -42.08 -10.15
CA ASP B 206 4.54 -41.84 -8.70
C ASP B 206 5.28 -40.54 -8.32
N ILE B 207 4.90 -39.46 -8.99
CA ILE B 207 5.47 -38.14 -8.71
C ILE B 207 4.71 -37.50 -7.54
N LYS B 208 5.42 -37.32 -6.44
CA LYS B 208 4.83 -36.89 -5.17
C LYS B 208 5.03 -35.39 -4.93
N MET B 209 6.21 -34.89 -5.27
CA MET B 209 6.55 -33.48 -5.08
C MET B 209 6.31 -32.68 -6.36
N TRP B 210 5.60 -31.56 -6.22
CA TRP B 210 5.28 -30.68 -7.34
C TRP B 210 5.59 -29.22 -7.02
N CYS B 211 6.11 -28.51 -8.03
CA CYS B 211 6.31 -27.07 -7.93
C CYS B 211 5.22 -26.34 -8.69
N ILE B 212 4.62 -25.33 -8.07
CA ILE B 212 3.57 -24.53 -8.71
C ILE B 212 4.21 -23.40 -9.50
N GLY B 213 4.75 -23.75 -10.67
CA GLY B 213 5.46 -22.81 -11.52
C GLY B 213 6.91 -22.63 -11.12
N ASN B 214 7.50 -21.54 -11.59
CA ASN B 214 8.85 -21.14 -11.19
C ASN B 214 8.77 -19.92 -10.28
N GLU B 215 9.91 -19.33 -9.95
CA GLU B 215 9.91 -18.03 -9.27
C GLU B 215 9.28 -17.01 -10.22
N MET B 216 8.08 -16.56 -9.87
CA MET B 216 7.28 -15.69 -10.72
C MET B 216 7.43 -14.23 -10.31
N ASP B 217 8.34 -13.97 -9.37
CA ASP B 217 8.50 -12.64 -8.78
C ASP B 217 9.43 -11.72 -9.57
N GLY B 218 10.35 -12.30 -10.34
CA GLY B 218 11.32 -11.53 -11.11
C GLY B 218 10.78 -11.04 -12.45
N PRO B 219 11.09 -9.77 -12.81
CA PRO B 219 10.65 -9.16 -14.08
C PRO B 219 11.24 -9.81 -15.33
N TRP B 220 12.21 -10.71 -15.16
CA TRP B 220 12.80 -11.45 -16.27
C TRP B 220 11.98 -12.69 -16.65
N GLN B 221 11.04 -13.05 -15.79
CA GLN B 221 10.25 -14.28 -15.95
C GLN B 221 9.11 -14.10 -16.94
N VAL B 222 8.89 -15.12 -17.77
CA VAL B 222 7.78 -15.14 -18.71
C VAL B 222 6.48 -15.32 -17.95
N GLY B 223 5.58 -14.36 -18.09
CA GLY B 223 4.30 -14.38 -17.40
C GLY B 223 4.41 -14.02 -15.94
N HIS B 224 5.43 -13.23 -15.60
CA HIS B 224 5.72 -12.84 -14.21
C HIS B 224 4.54 -12.17 -13.53
N MET B 225 4.42 -12.41 -12.22
CA MET B 225 3.25 -12.01 -11.45
C MET B 225 3.57 -11.14 -10.24
N SER B 226 2.56 -10.42 -9.78
CA SER B 226 2.64 -9.70 -8.51
C SER B 226 2.34 -10.66 -7.36
N PRO B 227 2.68 -10.28 -6.11
CA PRO B 227 2.41 -11.14 -4.96
C PRO B 227 0.95 -11.57 -4.82
N GLU B 228 0.03 -10.72 -5.27
CA GLU B 228 -1.41 -10.96 -5.12
C GLU B 228 -1.95 -11.97 -6.13
N GLU B 229 -1.59 -11.77 -7.41
CA GLU B 229 -2.10 -12.63 -8.48
C GLU B 229 -1.41 -14.00 -8.53
N TYR B 230 -0.25 -14.11 -7.89
CA TYR B 230 0.39 -15.41 -7.71
C TYR B 230 -0.21 -16.14 -6.52
N ALA B 231 -0.48 -15.41 -5.45
CA ALA B 231 -1.16 -15.96 -4.27
C ALA B 231 -2.49 -16.61 -4.67
N GLY B 232 -3.22 -15.93 -5.56
CA GLY B 232 -4.50 -16.43 -6.06
C GLY B 232 -4.37 -17.58 -7.03
N ALA B 233 -3.28 -17.58 -7.81
CA ALA B 233 -3.05 -18.62 -8.81
C ALA B 233 -2.65 -19.95 -8.18
N VAL B 234 -1.81 -19.89 -7.15
CA VAL B 234 -1.40 -21.11 -6.41
C VAL B 234 -2.52 -21.67 -5.56
N ASP B 235 -3.40 -20.78 -5.09
CA ASP B 235 -4.59 -21.17 -4.34
C ASP B 235 -5.41 -22.14 -5.17
N LYS B 236 -5.68 -21.75 -6.43
CA LYS B 236 -6.45 -22.57 -7.35
C LYS B 236 -5.76 -23.90 -7.64
N VAL B 237 -4.46 -23.84 -7.91
CA VAL B 237 -3.68 -25.03 -8.28
C VAL B 237 -3.46 -25.98 -7.10
N ALA B 238 -2.96 -25.45 -5.98
CA ALA B 238 -2.70 -26.27 -4.79
C ALA B 238 -3.95 -26.99 -4.31
N HIS B 239 -5.08 -26.28 -4.29
CA HIS B 239 -6.37 -26.85 -3.91
C HIS B 239 -6.80 -27.98 -4.84
N ALA B 240 -6.81 -27.70 -6.14
CA ALA B 240 -7.30 -28.65 -7.14
C ALA B 240 -6.45 -29.92 -7.22
N MET B 241 -5.15 -29.78 -7.08
CA MET B 241 -4.23 -30.93 -7.11
C MET B 241 -4.35 -31.78 -5.84
N LYS B 242 -4.44 -31.11 -4.69
CA LYS B 242 -4.64 -31.79 -3.40
C LYS B 242 -6.00 -32.47 -3.30
N LEU B 243 -6.99 -31.92 -4.00
CA LEU B 243 -8.32 -32.52 -4.07
C LEU B 243 -8.31 -33.77 -4.94
N ALA B 244 -7.48 -33.75 -5.99
CA ALA B 244 -7.31 -34.90 -6.86
C ALA B 244 -6.43 -35.96 -6.19
N GLU B 245 -5.46 -35.51 -5.40
CA GLU B 245 -4.52 -36.41 -4.76
C GLU B 245 -3.99 -35.83 -3.44
N SER B 246 -4.51 -36.35 -2.33
CA SER B 246 -4.16 -35.84 -1.00
C SER B 246 -2.74 -36.19 -0.60
N GLY B 247 -2.18 -37.24 -1.20
CA GLY B 247 -0.82 -37.69 -0.90
C GLY B 247 0.28 -36.77 -1.40
N LEU B 248 -0.06 -35.84 -2.27
CA LEU B 248 0.91 -34.90 -2.85
C LEU B 248 1.53 -33.96 -1.80
N GLU B 249 2.75 -33.52 -2.10
CA GLU B 249 3.43 -32.49 -1.33
C GLU B 249 3.78 -31.37 -2.29
N LEU B 250 3.13 -30.22 -2.10
CA LEU B 250 3.24 -29.12 -3.07
C LEU B 250 4.13 -27.99 -2.58
N VAL B 251 4.83 -27.36 -3.53
CA VAL B 251 5.78 -26.31 -3.24
C VAL B 251 5.33 -24.97 -3.82
N ALA B 252 5.25 -23.96 -2.95
CA ALA B 252 5.02 -22.59 -3.38
C ALA B 252 6.36 -21.94 -3.72
N CYS B 253 6.45 -21.35 -4.90
CA CYS B 253 7.68 -20.66 -5.32
C CYS B 253 7.79 -19.29 -4.67
N GLY B 254 8.74 -19.16 -3.75
CA GLY B 254 9.01 -17.90 -3.06
C GLY B 254 9.84 -16.95 -3.90
N SER B 255 10.56 -16.06 -3.22
CA SER B 255 11.40 -15.07 -3.89
C SER B 255 12.63 -15.71 -4.52
N SER B 256 13.01 -15.22 -5.70
CA SER B 256 14.17 -15.73 -6.43
C SER B 256 15.48 -15.50 -5.69
N GLY B 257 15.50 -14.49 -4.81
CA GLY B 257 16.64 -14.20 -3.96
C GLY B 257 16.32 -13.24 -2.83
N ALA B 258 17.26 -13.06 -1.91
CA ALA B 258 17.11 -12.14 -0.79
C ALA B 258 17.24 -10.67 -1.21
N TYR B 259 17.77 -10.46 -2.41
CA TYR B 259 18.00 -9.12 -2.96
C TYR B 259 16.71 -8.45 -3.45
N MET B 260 15.73 -9.27 -3.84
CA MET B 260 14.45 -8.80 -4.35
C MET B 260 13.74 -7.85 -3.37
N PRO B 261 13.05 -6.82 -3.88
CA PRO B 261 12.37 -5.85 -3.01
C PRO B 261 11.15 -6.46 -2.31
N THR B 262 10.51 -7.42 -2.97
CA THR B 262 9.31 -8.06 -2.47
C THR B 262 9.59 -9.25 -1.55
N PHE B 263 10.86 -9.43 -1.19
CA PHE B 263 11.28 -10.52 -0.30
C PHE B 263 10.64 -10.40 1.08
N GLY B 264 10.16 -11.53 1.60
CA GLY B 264 9.43 -11.55 2.86
C GLY B 264 7.95 -11.38 2.63
N THR B 265 7.57 -10.25 2.04
CA THR B 265 6.18 -9.92 1.72
C THR B 265 5.55 -10.89 0.72
N TRP B 266 6.32 -11.26 -0.31
CA TRP B 266 5.87 -12.23 -1.32
C TRP B 266 5.45 -13.54 -0.65
N GLU B 267 6.34 -14.07 0.20
CA GLU B 267 6.07 -15.29 0.94
C GLU B 267 4.89 -15.13 1.90
N LYS B 268 4.82 -13.97 2.55
CA LYS B 268 3.74 -13.67 3.50
C LYS B 268 2.37 -13.66 2.83
N THR B 269 2.28 -13.11 1.62
CA THR B 269 1.03 -13.03 0.86
C THR B 269 0.59 -14.40 0.35
N VAL B 270 1.52 -15.10 -0.30
CA VAL B 270 1.23 -16.39 -0.95
C VAL B 270 0.89 -17.48 0.07
N LEU B 271 1.68 -17.56 1.14
CA LEU B 271 1.50 -18.60 2.15
C LEU B 271 0.27 -18.43 3.05
N THR B 272 -0.16 -17.18 3.25
CA THR B 272 -1.35 -16.91 4.05
C THR B 272 -2.62 -17.34 3.30
N LYS B 273 -2.62 -17.15 1.98
CA LYS B 273 -3.75 -17.50 1.13
C LYS B 273 -3.91 -19.01 0.98
N ALA B 274 -2.93 -19.66 0.36
CA ALA B 274 -3.02 -21.07 0.01
C ALA B 274 -2.44 -22.03 1.07
N TYR B 275 -2.48 -21.59 2.33
CA TYR B 275 -1.87 -22.32 3.45
C TYR B 275 -2.27 -23.79 3.55
N GLU B 276 -3.58 -24.05 3.43
CA GLU B 276 -4.16 -25.38 3.69
C GLU B 276 -3.68 -26.47 2.73
N ASN B 277 -3.29 -26.07 1.52
CA ASN B 277 -2.98 -27.03 0.47
C ASN B 277 -1.50 -27.06 0.06
N LEU B 278 -0.66 -26.41 0.87
CA LEU B 278 0.78 -26.41 0.62
C LEU B 278 1.54 -27.04 1.77
N ASP B 279 2.69 -27.65 1.45
CA ASP B 279 3.57 -28.23 2.46
C ASP B 279 4.93 -27.55 2.42
N PHE B 280 5.31 -27.06 1.24
CA PHE B 280 6.61 -26.42 1.04
C PHE B 280 6.54 -24.99 0.51
N VAL B 281 7.52 -24.19 0.91
CA VAL B 281 7.82 -22.91 0.29
C VAL B 281 9.31 -22.85 -0.08
N SER B 282 9.61 -22.42 -1.30
CA SER B 282 10.97 -22.42 -1.81
C SER B 282 11.74 -21.14 -1.47
N CYS B 283 12.94 -21.31 -0.93
CA CYS B 283 13.87 -20.19 -0.75
C CYS B 283 15.16 -20.45 -1.55
N HIS B 284 15.80 -19.37 -2.01
CA HIS B 284 16.98 -19.48 -2.86
C HIS B 284 18.11 -18.54 -2.43
N ALA B 285 19.33 -19.05 -2.46
CA ALA B 285 20.53 -18.28 -2.09
C ALA B 285 21.76 -18.74 -2.87
N TYR B 286 22.54 -17.77 -3.31
CA TYR B 286 23.81 -18.02 -3.99
C TYR B 286 24.93 -17.26 -3.32
N TYR B 287 26.15 -17.80 -3.41
CA TYR B 287 27.32 -17.19 -2.77
C TYR B 287 28.53 -17.25 -3.69
N PHE B 288 29.39 -16.23 -3.60
CA PHE B 288 30.65 -16.18 -4.34
C PHE B 288 31.63 -15.21 -3.70
N ASP B 289 32.90 -15.30 -4.10
CA ASP B 289 33.92 -14.37 -3.64
C ASP B 289 33.82 -13.07 -4.44
N ARG B 290 33.38 -12.01 -3.77
CA ARG B 290 33.09 -10.74 -4.44
C ARG B 290 34.33 -10.05 -4.99
N GLY B 291 35.45 -10.20 -4.28
CA GLY B 291 36.72 -9.66 -4.73
C GLY B 291 37.66 -10.73 -5.24
N HIS B 292 37.14 -11.62 -6.08
CA HIS B 292 37.91 -12.76 -6.60
C HIS B 292 38.97 -12.37 -7.62
N LYS B 293 38.67 -11.36 -8.45
CA LYS B 293 39.58 -10.92 -9.51
C LYS B 293 40.84 -10.25 -8.97
N THR B 294 40.74 -9.70 -7.76
CA THR B 294 41.86 -9.04 -7.10
C THR B 294 42.64 -10.01 -6.19
N ARG B 295 41.95 -11.06 -5.73
CA ARG B 295 42.46 -12.00 -4.72
C ARG B 295 42.57 -11.34 -3.34
N ALA B 296 41.61 -10.47 -3.02
CA ALA B 296 41.60 -9.74 -1.76
C ALA B 296 41.41 -10.64 -0.54
N ALA B 297 42.10 -10.29 0.55
CA ALA B 297 42.02 -11.05 1.80
C ALA B 297 40.68 -10.83 2.52
N ALA B 298 40.20 -9.59 2.49
CA ALA B 298 38.96 -9.21 3.15
C ALA B 298 37.72 -9.84 2.52
N SER B 299 37.75 -9.99 1.19
CA SER B 299 36.61 -10.56 0.45
C SER B 299 36.53 -12.09 0.56
N MET B 300 37.68 -12.74 0.76
CA MET B 300 37.74 -14.19 0.94
C MET B 300 37.23 -14.58 2.33
N GLN B 301 37.59 -13.79 3.33
CA GLN B 301 37.17 -14.04 4.71
C GLN B 301 35.67 -13.84 4.92
N ASP B 302 35.09 -12.90 4.17
CA ASP B 302 33.64 -12.70 4.18
C ASP B 302 32.92 -13.86 3.50
N PHE B 303 33.51 -14.34 2.41
CA PHE B 303 32.97 -15.44 1.61
C PHE B 303 32.96 -16.77 2.36
N LEU B 304 33.94 -16.98 3.23
CA LEU B 304 34.03 -18.18 4.06
C LEU B 304 32.95 -18.20 5.15
N ALA B 305 32.50 -17.01 5.54
CA ALA B 305 31.43 -16.85 6.53
C ALA B 305 30.06 -16.65 5.87
N SER B 306 29.90 -17.18 4.66
CA SER B 306 28.63 -17.11 3.92
C SER B 306 27.55 -18.02 4.52
N SER B 307 27.96 -18.98 5.35
CA SER B 307 27.03 -19.88 6.02
C SER B 307 26.25 -19.17 7.13
N GLU B 308 26.83 -18.08 7.65
CA GLU B 308 26.15 -17.22 8.63
C GLU B 308 25.10 -16.34 7.95
N ASP B 309 25.29 -16.08 6.66
CA ASP B 309 24.27 -15.44 5.84
C ASP B 309 23.07 -16.38 5.70
N MET B 310 23.37 -17.65 5.40
CA MET B 310 22.35 -18.68 5.22
C MET B 310 21.50 -18.88 6.46
N THR B 311 22.17 -19.01 7.61
CA THR B 311 21.52 -19.16 8.92
C THR B 311 20.51 -18.04 9.18
N LYS B 312 20.94 -16.79 8.97
CA LYS B 312 20.09 -15.62 9.13
C LYS B 312 18.97 -15.59 8.09
N PHE B 313 19.26 -16.06 6.88
CA PHE B 313 18.32 -16.06 5.77
C PHE B 313 17.19 -17.07 5.95
N ILE B 314 17.54 -18.29 6.39
CA ILE B 314 16.54 -19.33 6.69
C ILE B 314 15.60 -18.86 7.79
N ALA B 315 16.17 -18.21 8.81
CA ALA B 315 15.43 -17.70 9.97
C ALA B 315 14.35 -16.68 9.61
N THR B 316 14.52 -15.98 8.49
CA THR B 316 13.53 -14.99 8.04
C THR B 316 12.43 -15.59 7.17
N VAL B 317 12.75 -16.66 6.44
CA VAL B 317 11.74 -17.36 5.62
C VAL B 317 10.91 -18.31 6.50
N SER B 318 11.52 -18.82 7.56
CA SER B 318 10.83 -19.63 8.57
C SER B 318 9.77 -18.78 9.29
N ASP B 319 10.13 -17.55 9.62
CA ASP B 319 9.23 -16.62 10.29
C ASP B 319 8.02 -16.27 9.42
N ALA B 320 8.28 -16.05 8.13
CA ALA B 320 7.22 -15.76 7.16
C ALA B 320 6.21 -16.90 7.08
N ALA B 321 6.71 -18.13 7.14
CA ALA B 321 5.86 -19.31 7.12
C ALA B 321 5.06 -19.45 8.42
N ASP B 322 5.70 -19.10 9.53
CA ASP B 322 5.04 -19.08 10.85
C ASP B 322 3.93 -18.04 10.93
N GLN B 323 4.17 -16.87 10.33
CA GLN B 323 3.19 -15.79 10.28
C GLN B 323 1.96 -16.17 9.46
N ALA B 324 2.16 -16.99 8.44
CA ALA B 324 1.08 -17.51 7.62
C ALA B 324 0.28 -18.56 8.39
N ARG B 325 0.93 -19.25 9.31
CA ARG B 325 0.28 -20.27 10.13
C ARG B 325 -0.70 -19.64 11.11
N GLU B 326 -0.21 -18.67 11.89
CA GLU B 326 -1.03 -17.97 12.88
C GLU B 326 -2.24 -17.26 12.26
N ALA B 327 -2.02 -16.64 11.11
CA ALA B 327 -3.08 -15.93 10.37
C ALA B 327 -4.23 -16.85 9.97
N ASN B 328 -3.94 -18.15 9.86
CA ASN B 328 -4.95 -19.16 9.56
C ASN B 328 -5.30 -20.03 10.77
N ASN B 329 -4.64 -19.76 11.90
CA ASN B 329 -4.69 -20.63 13.08
C ASN B 329 -4.45 -22.09 12.67
N GLY B 330 -3.23 -22.37 12.24
CA GLY B 330 -2.89 -23.62 11.57
C GLY B 330 -2.22 -24.68 12.40
N THR B 331 -2.06 -25.86 11.79
CA THR B 331 -1.59 -27.06 12.47
C THR B 331 -0.19 -27.48 11.99
N LYS B 332 0.00 -27.55 10.68
CA LYS B 332 1.28 -27.99 10.13
C LYS B 332 2.18 -26.82 9.78
N ASP B 333 3.47 -26.94 10.13
CA ASP B 333 4.47 -25.96 9.74
C ASP B 333 4.82 -26.17 8.29
N ILE B 334 4.78 -25.11 7.50
CA ILE B 334 5.20 -25.15 6.10
C ILE B 334 6.72 -25.28 6.07
N ALA B 335 7.19 -26.45 5.62
CA ALA B 335 8.62 -26.72 5.53
C ALA B 335 9.27 -25.94 4.40
N LEU B 336 10.58 -25.76 4.49
CA LEU B 336 11.34 -25.01 3.49
C LEU B 336 12.00 -25.91 2.45
N SER B 337 11.69 -25.68 1.19
CA SER B 337 12.36 -26.36 0.08
C SER B 337 13.43 -25.45 -0.50
N PHE B 338 14.67 -25.66 -0.06
CA PHE B 338 15.81 -24.86 -0.49
C PHE B 338 16.28 -25.30 -1.88
N ASP B 339 15.39 -25.21 -2.86
CA ASP B 339 15.61 -25.85 -4.17
C ASP B 339 16.55 -25.13 -5.15
N GLU B 340 17.25 -24.11 -4.66
CA GLU B 340 18.37 -23.50 -5.38
C GLU B 340 19.40 -23.02 -4.36
N TRP B 341 20.51 -23.75 -4.25
CA TRP B 341 21.63 -23.32 -3.40
C TRP B 341 22.97 -23.70 -4.02
N GLY B 342 24.02 -22.99 -3.60
CA GLY B 342 25.38 -23.26 -4.07
C GLY B 342 26.13 -22.03 -4.52
N VAL B 343 27.40 -22.24 -4.87
CA VAL B 343 28.28 -21.15 -5.31
C VAL B 343 28.01 -20.77 -6.76
N TRP B 344 27.72 -19.48 -6.98
CA TRP B 344 27.57 -18.92 -8.32
C TRP B 344 28.15 -17.51 -8.40
N TYR B 345 29.10 -17.33 -9.31
CA TYR B 345 29.68 -16.02 -9.59
C TYR B 345 28.77 -15.25 -10.53
N SER B 346 27.93 -14.40 -9.95
CA SER B 346 26.93 -13.64 -10.70
C SER B 346 27.51 -12.40 -11.40
N ASP B 347 28.73 -12.03 -11.03
CA ASP B 347 29.42 -10.88 -11.64
C ASP B 347 29.97 -11.13 -13.06
N LYS B 348 29.39 -12.08 -13.76
CA LYS B 348 29.69 -12.39 -15.16
C LYS B 348 28.36 -12.44 -15.94
N TRP B 349 27.46 -13.31 -15.50
CA TRP B 349 26.14 -13.47 -16.12
C TRP B 349 25.26 -12.22 -16.09
N GLN B 362 20.51 -3.73 -34.93
CA GLN B 362 19.11 -3.32 -34.89
C GLN B 362 18.23 -4.12 -35.83
N GLY B 363 16.95 -3.75 -35.89
CA GLY B 363 15.96 -4.46 -36.70
C GLY B 363 15.57 -5.79 -36.09
N LEU B 364 14.98 -6.66 -36.91
CA LEU B 364 14.58 -7.99 -36.48
C LEU B 364 15.71 -9.00 -36.68
N HIS B 365 15.66 -10.10 -35.94
CA HIS B 365 16.62 -11.19 -36.10
C HIS B 365 15.99 -12.33 -36.91
N HIS B 366 16.70 -12.77 -37.94
CA HIS B 366 16.20 -13.78 -38.87
C HIS B 366 16.77 -15.19 -38.62
N GLU B 367 17.80 -15.25 -37.79
CA GLU B 367 18.55 -16.49 -37.59
C GLU B 367 17.84 -17.46 -36.64
N PRO B 368 17.90 -18.78 -36.95
CA PRO B 368 17.43 -19.81 -36.02
C PRO B 368 18.10 -19.71 -34.67
N TRP B 369 17.40 -20.15 -33.63
CA TRP B 369 17.88 -20.01 -32.26
C TRP B 369 18.91 -21.10 -31.91
N PRO B 370 19.96 -20.75 -31.14
CA PRO B 370 21.07 -21.65 -30.84
C PRO B 370 20.68 -22.91 -30.05
N LYS B 371 21.54 -23.92 -30.10
CA LYS B 371 21.31 -25.17 -29.38
C LYS B 371 22.44 -25.47 -28.41
N SER B 372 22.07 -25.76 -27.17
CA SER B 372 23.01 -26.06 -26.08
C SER B 372 24.28 -25.23 -25.90
N PRO B 373 24.15 -23.90 -25.82
CA PRO B 373 25.31 -23.06 -25.53
C PRO B 373 25.94 -23.27 -24.17
N HIS B 374 27.27 -23.13 -24.10
CA HIS B 374 28.00 -23.24 -22.84
C HIS B 374 27.47 -22.04 -22.06
N LEU B 375 26.75 -22.34 -20.97
CA LEU B 375 26.08 -21.30 -20.19
C LEU B 375 26.35 -21.57 -18.71
N LEU B 376 26.71 -20.52 -17.99
CA LEU B 376 26.95 -20.52 -16.53
C LEU B 376 27.95 -21.59 -16.04
N GLU B 377 28.84 -22.01 -16.93
CA GLU B 377 29.75 -23.13 -16.66
C GLU B 377 30.95 -22.74 -15.79
N ASP B 378 30.67 -22.30 -14.57
CA ASP B 378 31.70 -21.88 -13.63
C ASP B 378 32.63 -23.01 -13.22
N ILE B 379 33.93 -22.73 -13.21
CA ILE B 379 34.93 -23.66 -12.73
C ILE B 379 35.24 -23.33 -11.28
N TYR B 380 35.10 -24.32 -10.40
CA TYR B 380 35.16 -24.09 -8.96
C TYR B 380 36.56 -24.24 -8.36
N THR B 381 36.85 -23.36 -7.40
CA THR B 381 38.09 -23.40 -6.64
C THR B 381 37.94 -24.23 -5.37
N ALA B 382 39.06 -24.45 -4.68
CA ALA B 382 39.08 -25.14 -3.39
C ALA B 382 38.29 -24.38 -2.31
N ALA B 383 38.30 -23.05 -2.40
CA ALA B 383 37.56 -22.19 -1.47
C ALA B 383 36.04 -22.31 -1.65
N ASP B 384 35.61 -22.46 -2.91
CA ASP B 384 34.21 -22.67 -3.24
C ASP B 384 33.68 -23.96 -2.59
N ALA B 385 34.46 -25.02 -2.70
CA ALA B 385 34.10 -26.31 -2.13
C ALA B 385 33.93 -26.22 -0.62
N VAL B 386 34.89 -25.58 0.05
CA VAL B 386 34.90 -25.48 1.51
C VAL B 386 33.65 -24.77 2.06
N VAL B 387 33.21 -23.73 1.36
CA VAL B 387 32.00 -22.99 1.78
C VAL B 387 30.71 -23.78 1.54
N GLU B 388 30.65 -24.54 0.44
CA GLU B 388 29.49 -25.39 0.16
C GLU B 388 29.37 -26.51 1.20
N GLY B 389 30.51 -27.02 1.64
CA GLY B 389 30.56 -27.96 2.75
C GLY B 389 30.04 -27.35 4.03
N SER B 390 30.34 -26.06 4.24
CA SER B 390 29.85 -25.32 5.39
C SER B 390 28.38 -24.92 5.22
N LEU B 391 27.92 -24.87 3.97
CA LEU B 391 26.51 -24.61 3.66
C LEU B 391 25.67 -25.84 3.98
N MET B 392 26.16 -27.02 3.60
CA MET B 392 25.48 -28.27 3.89
C MET B 392 25.46 -28.50 5.40
N ILE B 393 26.54 -28.09 6.06
CA ILE B 393 26.60 -28.11 7.53
C ILE B 393 25.44 -27.29 8.10
N THR B 394 25.18 -26.13 7.49
CA THR B 394 24.08 -25.26 7.89
C THR B 394 22.72 -25.85 7.49
N LEU B 395 22.63 -26.42 6.29
CA LEU B 395 21.41 -27.11 5.86
C LEU B 395 21.04 -28.23 6.82
N LEU B 396 22.02 -29.06 7.19
CA LEU B 396 21.82 -30.16 8.13
C LEU B 396 21.52 -29.67 9.56
N LYS B 397 22.03 -28.48 9.89
CA LYS B 397 21.75 -27.83 11.17
C LYS B 397 20.32 -27.33 11.26
N HIS B 398 19.71 -27.05 10.12
CA HIS B 398 18.34 -26.53 10.07
C HIS B 398 17.40 -27.43 9.28
N CYS B 399 17.73 -28.73 9.18
CA CYS B 399 16.91 -29.67 8.43
C CYS B 399 15.57 -30.00 9.10
N ASP B 400 15.39 -29.52 10.33
CA ASP B 400 14.11 -29.61 11.04
C ASP B 400 13.02 -28.83 10.30
N ARG B 401 13.42 -27.73 9.67
CA ARG B 401 12.52 -26.87 8.92
C ARG B 401 12.79 -26.99 7.43
N VAL B 402 14.04 -27.26 7.08
CA VAL B 402 14.43 -27.47 5.69
C VAL B 402 14.36 -28.96 5.37
N ARG B 403 13.22 -29.39 4.86
CA ARG B 403 12.98 -30.80 4.58
C ARG B 403 13.42 -31.19 3.18
N SER B 404 13.74 -30.19 2.36
CA SER B 404 14.20 -30.41 1.00
C SER B 404 15.21 -29.34 0.60
N ALA B 405 16.27 -29.77 -0.08
CA ALA B 405 17.28 -28.85 -0.60
C ALA B 405 17.79 -29.35 -1.95
N SER B 406 17.95 -28.44 -2.90
CA SER B 406 18.44 -28.79 -4.21
C SER B 406 19.67 -27.98 -4.58
N ARG B 407 20.81 -28.67 -4.68
CA ARG B 407 22.05 -28.06 -5.14
C ARG B 407 21.94 -27.76 -6.62
N ALA B 408 21.93 -26.47 -6.94
CA ALA B 408 21.73 -26.00 -8.29
C ALA B 408 23.06 -25.65 -8.96
N GLN B 409 23.36 -26.31 -10.09
CA GLN B 409 22.54 -27.40 -10.63
C GLN B 409 23.38 -28.68 -10.79
N LEU B 410 22.79 -29.73 -11.34
CA LEU B 410 23.44 -31.05 -11.38
C LEU B 410 24.61 -31.22 -12.35
N VAL B 411 24.35 -31.00 -13.65
CA VAL B 411 25.36 -31.22 -14.68
C VAL B 411 25.69 -29.94 -15.45
N ASN B 412 26.99 -29.75 -15.70
CA ASN B 412 27.53 -28.61 -16.48
C ASN B 412 27.22 -27.21 -15.95
N VAL B 413 25.94 -26.85 -15.96
CA VAL B 413 25.48 -25.54 -15.51
C VAL B 413 25.67 -25.39 -14.00
N ILE B 414 26.57 -24.48 -13.63
CA ILE B 414 26.85 -24.14 -12.23
C ILE B 414 26.90 -25.38 -11.31
N ALA B 415 27.59 -26.42 -11.79
CA ALA B 415 27.41 -27.78 -11.30
C ALA B 415 28.68 -28.43 -10.70
N PRO B 416 28.49 -29.48 -9.87
CA PRO B 416 29.60 -30.29 -9.37
C PRO B 416 30.00 -31.40 -10.35
N ILE B 417 29.19 -31.61 -11.37
CA ILE B 417 29.46 -32.60 -12.41
C ILE B 417 29.58 -31.89 -13.75
N MET B 418 30.73 -32.05 -14.41
CA MET B 418 30.97 -31.46 -15.73
C MET B 418 31.01 -32.53 -16.82
N ALA B 419 30.25 -32.31 -17.88
CA ALA B 419 30.20 -33.23 -19.01
C ALA B 419 30.71 -32.54 -20.26
N GLU B 420 31.83 -33.05 -20.78
CA GLU B 420 32.51 -32.44 -21.92
C GLU B 420 31.99 -33.00 -23.25
N GLU B 421 31.89 -32.12 -24.25
CA GLU B 421 31.33 -32.48 -25.55
C GLU B 421 32.09 -33.65 -26.18
N HIS B 422 31.39 -34.78 -26.31
CA HIS B 422 31.93 -36.03 -26.87
C HIS B 422 33.21 -36.50 -26.15
N GLY B 423 33.44 -35.98 -24.95
CA GLY B 423 34.63 -36.29 -24.17
C GLY B 423 34.34 -36.91 -22.82
N PRO B 424 35.26 -36.74 -21.85
CA PRO B 424 35.10 -37.37 -20.54
C PRO B 424 34.15 -36.59 -19.62
N ALA B 425 33.72 -37.24 -18.53
CA ALA B 425 32.93 -36.60 -17.50
C ALA B 425 33.76 -36.50 -16.22
N TRP B 426 33.90 -35.30 -15.70
CA TRP B 426 34.77 -35.05 -14.55
C TRP B 426 34.07 -34.30 -13.41
N ARG B 427 34.74 -34.28 -12.25
CA ARG B 427 34.15 -33.75 -11.02
C ARG B 427 34.81 -32.44 -10.59
N GLN B 428 34.00 -31.42 -10.34
CA GLN B 428 34.49 -30.14 -9.81
C GLN B 428 34.77 -30.28 -8.31
N THR B 429 35.46 -29.29 -7.74
CA THR B 429 35.80 -29.31 -6.31
C THR B 429 34.58 -29.46 -5.40
N THR B 430 33.43 -28.99 -5.87
CA THR B 430 32.18 -28.97 -5.11
C THR B 430 31.46 -30.32 -5.06
N PHE B 431 31.91 -31.26 -5.90
CA PHE B 431 31.40 -32.63 -5.92
C PHE B 431 31.66 -33.33 -4.60
N TYR B 432 32.90 -33.24 -4.12
CA TYR B 432 33.39 -34.05 -3.02
C TYR B 432 32.69 -33.87 -1.66
N PRO B 433 32.44 -32.61 -1.24
CA PRO B 433 31.73 -32.44 0.04
C PRO B 433 30.28 -32.89 -0.01
N PHE B 434 29.65 -32.75 -1.16
CA PHE B 434 28.26 -33.17 -1.36
C PHE B 434 28.13 -34.69 -1.31
N ALA B 435 28.91 -35.36 -2.16
CA ALA B 435 28.87 -36.82 -2.30
C ALA B 435 29.12 -37.52 -0.98
N GLU B 436 30.08 -37.02 -0.21
CA GLU B 436 30.44 -37.58 1.09
C GLU B 436 29.27 -37.49 2.07
N ALA B 437 28.64 -36.33 2.13
CA ALA B 437 27.51 -36.09 3.03
C ALA B 437 26.28 -36.88 2.61
N ALA B 438 25.98 -36.88 1.32
CA ALA B 438 24.83 -37.58 0.77
C ALA B 438 24.83 -39.07 1.13
N LEU B 439 26.00 -39.71 1.05
CA LEU B 439 26.13 -41.12 1.35
C LEU B 439 26.19 -41.40 2.85
N HIS B 440 26.82 -40.52 3.61
CA HIS B 440 27.14 -40.81 5.01
C HIS B 440 26.32 -40.06 6.09
N ALA B 441 25.68 -38.97 5.72
CA ALA B 441 24.81 -38.25 6.64
C ALA B 441 23.43 -38.88 6.70
N ARG B 442 23.25 -39.78 7.66
CA ARG B 442 22.02 -40.53 7.83
C ARG B 442 21.57 -40.50 9.29
N GLY B 443 20.26 -40.63 9.49
CA GLY B 443 19.69 -40.71 10.83
C GLY B 443 19.36 -39.35 11.43
N GLN B 444 20.00 -39.05 12.55
CA GLN B 444 19.71 -37.84 13.32
C GLN B 444 20.84 -36.82 13.18
N ALA B 445 20.49 -35.59 12.79
CA ALA B 445 21.44 -34.48 12.77
C ALA B 445 21.57 -33.86 14.16
N TYR B 446 22.78 -33.42 14.51
CA TYR B 446 23.04 -32.80 15.80
C TYR B 446 23.76 -31.46 15.65
N ALA B 447 23.35 -30.49 16.45
CA ALA B 447 24.02 -29.20 16.51
C ALA B 447 25.00 -29.20 17.69
N PRO B 448 26.30 -29.33 17.38
CA PRO B 448 27.32 -29.55 18.40
C PRO B 448 27.66 -28.29 19.21
N ALA B 449 28.00 -28.49 20.48
CA ALA B 449 28.48 -27.42 21.34
C ALA B 449 29.91 -27.08 20.92
N ILE B 450 30.12 -25.85 20.46
CA ILE B 450 31.41 -25.43 19.92
C ILE B 450 32.05 -24.30 20.74
N SER B 451 33.28 -24.53 21.19
CA SER B 451 34.15 -23.47 21.71
C SER B 451 35.16 -23.10 20.62
N SER B 452 34.89 -22.00 19.92
CA SER B 452 35.67 -21.61 18.76
C SER B 452 36.30 -20.22 18.92
N PRO B 453 37.52 -20.03 18.38
CA PRO B 453 38.10 -18.69 18.26
C PRO B 453 37.28 -17.83 17.29
N THR B 454 37.13 -16.55 17.63
CA THR B 454 36.27 -15.65 16.86
C THR B 454 37.00 -15.04 15.67
N ILE B 455 36.33 -15.04 14.52
CA ILE B 455 36.81 -14.32 13.34
C ILE B 455 36.11 -12.97 13.26
N HIS B 456 36.90 -11.93 13.02
CA HIS B 456 36.35 -10.59 12.80
C HIS B 456 36.26 -10.33 11.29
N THR B 457 35.05 -10.45 10.75
CA THR B 457 34.81 -10.21 9.33
C THR B 457 34.23 -8.81 9.10
N GLU B 458 34.08 -8.44 7.82
CA GLU B 458 33.57 -7.13 7.43
C GLU B 458 32.11 -7.15 6.99
N ALA B 459 31.72 -8.23 6.32
CA ALA B 459 30.36 -8.37 5.79
C ALA B 459 29.39 -9.02 6.77
N TYR B 460 29.91 -9.82 7.69
CA TYR B 460 29.06 -10.58 8.62
C TYR B 460 29.52 -10.53 10.08
N GLY B 461 30.40 -9.59 10.41
CA GLY B 461 30.80 -9.31 11.78
C GLY B 461 31.58 -10.40 12.49
N ASP B 462 31.18 -10.70 13.73
CA ASP B 462 31.83 -11.74 14.53
C ASP B 462 31.28 -13.14 14.21
N VAL B 463 32.17 -14.00 13.71
CA VAL B 463 31.82 -15.35 13.28
C VAL B 463 32.76 -16.36 13.96
N PRO B 464 32.21 -17.41 14.60
CA PRO B 464 33.04 -18.50 15.11
C PRO B 464 33.76 -19.22 13.98
N ALA B 465 35.05 -19.55 14.19
CA ALA B 465 35.88 -20.15 13.15
C ALA B 465 35.45 -21.55 12.74
N ILE B 466 35.14 -22.39 13.73
CA ILE B 466 34.75 -23.77 13.48
C ILE B 466 33.23 -23.91 13.38
N ASP B 467 32.77 -24.35 12.22
CA ASP B 467 31.35 -24.63 11.97
C ASP B 467 31.19 -26.14 11.80
N ALA B 468 30.39 -26.76 12.67
CA ALA B 468 30.31 -28.21 12.72
C ALA B 468 28.89 -28.77 12.71
N VAL B 469 28.77 -30.02 12.23
CA VAL B 469 27.53 -30.78 12.32
C VAL B 469 27.86 -32.28 12.49
N VAL B 470 27.12 -32.95 13.36
CA VAL B 470 27.28 -34.37 13.59
C VAL B 470 25.98 -35.09 13.26
N THR B 471 26.05 -36.06 12.34
CA THR B 471 24.92 -36.92 12.05
C THR B 471 25.19 -38.30 12.63
N TRP B 472 24.19 -38.87 13.30
CA TRP B 472 24.35 -40.14 13.98
C TRP B 472 23.21 -41.10 13.66
N ASP B 473 23.56 -42.27 13.12
CA ASP B 473 22.60 -43.31 12.82
C ASP B 473 22.63 -44.34 13.94
N GLU B 474 21.67 -44.24 14.86
CA GLU B 474 21.64 -45.03 16.09
C GLU B 474 21.67 -46.54 15.87
N GLN B 475 20.80 -47.03 14.99
CA GLN B 475 20.68 -48.47 14.72
C GLN B 475 21.93 -49.05 14.03
N ALA B 476 22.43 -48.33 13.02
CA ALA B 476 23.60 -48.76 12.26
C ALA B 476 24.90 -48.50 13.04
N ARG B 477 24.78 -47.72 14.12
CA ARG B 477 25.90 -47.35 15.00
C ARG B 477 27.00 -46.58 14.26
N THR B 478 26.63 -45.93 13.16
CA THR B 478 27.56 -45.16 12.34
C THR B 478 27.26 -43.66 12.44
N GLY B 479 28.27 -42.84 12.16
CA GLY B 479 28.15 -41.40 12.25
C GLY B 479 29.02 -40.65 11.28
N LEU B 480 28.72 -39.36 11.08
CA LEU B 480 29.50 -38.49 10.22
C LEU B 480 29.69 -37.12 10.84
N LEU B 481 30.94 -36.70 10.95
CA LEU B 481 31.28 -35.36 11.40
C LEU B 481 31.68 -34.51 10.20
N LEU B 482 31.02 -33.37 10.05
CA LEU B 482 31.39 -32.40 9.03
C LEU B 482 31.77 -31.09 9.71
N ALA B 483 32.98 -30.63 9.45
CA ALA B 483 33.46 -29.37 10.01
C ALA B 483 34.22 -28.56 8.97
N VAL B 484 34.23 -27.25 9.17
CA VAL B 484 34.91 -26.32 8.27
C VAL B 484 35.66 -25.25 9.07
N ASN B 485 36.93 -25.07 8.73
CA ASN B 485 37.74 -23.96 9.27
C ASN B 485 37.54 -22.71 8.40
N ARG B 486 36.70 -21.80 8.91
CA ARG B 486 36.32 -20.59 8.17
C ARG B 486 37.37 -19.49 8.24
N ASP B 487 38.39 -19.70 9.07
CA ASP B 487 39.50 -18.77 9.22
C ASP B 487 40.35 -18.78 7.95
N ALA B 488 40.53 -17.62 7.33
CA ALA B 488 41.28 -17.50 6.07
C ALA B 488 42.79 -17.47 6.33
N ASN B 489 43.19 -17.04 7.52
CA ASN B 489 44.61 -16.92 7.87
C ASN B 489 45.20 -18.00 8.77
N THR B 490 44.50 -18.29 9.87
CA THR B 490 45.04 -19.12 10.94
C THR B 490 44.47 -20.55 10.93
N PRO B 491 45.36 -21.56 11.01
CA PRO B 491 44.91 -22.93 11.25
C PRO B 491 44.44 -23.09 12.69
N HIS B 492 43.58 -24.08 12.95
CA HIS B 492 43.07 -24.29 14.29
C HIS B 492 43.08 -25.77 14.68
N THR B 493 43.72 -26.07 15.81
CA THR B 493 43.76 -27.42 16.37
C THR B 493 42.48 -27.68 17.15
N LEU B 494 41.81 -28.78 16.82
CA LEU B 494 40.45 -29.05 17.26
C LEU B 494 40.33 -30.32 18.10
N THR B 495 39.64 -30.20 19.24
CA THR B 495 39.33 -31.33 20.10
C THR B 495 37.91 -31.85 19.78
N ILE B 496 37.82 -33.13 19.47
CA ILE B 496 36.55 -33.75 19.12
C ILE B 496 36.14 -34.77 20.18
N ASP B 497 35.06 -34.49 20.88
CA ASP B 497 34.49 -35.40 21.87
C ASP B 497 33.06 -35.75 21.49
N LEU B 498 32.91 -36.80 20.68
CA LEU B 498 31.60 -37.29 20.26
C LEU B 498 30.95 -38.05 21.42
N SER B 499 30.75 -37.35 22.52
CA SER B 499 30.25 -37.93 23.76
C SER B 499 28.84 -38.49 23.60
N GLY B 500 27.88 -37.62 23.30
CA GLY B 500 26.46 -38.00 23.15
C GLY B 500 26.09 -39.13 24.08
N LEU B 501 25.65 -40.29 23.55
CA LEU B 501 25.26 -40.50 22.16
C LEU B 501 24.37 -41.74 22.14
N PRO B 502 23.17 -41.63 21.52
CA PRO B 502 22.25 -42.76 21.48
C PRO B 502 22.76 -43.92 20.62
N LEU B 510 34.15 -47.00 20.06
CA LEU B 510 34.15 -45.84 19.19
C LEU B 510 35.49 -45.70 18.46
N ALA B 511 35.43 -45.65 17.12
CA ALA B 511 36.63 -45.57 16.28
C ALA B 511 36.34 -44.99 14.89
N LEU B 512 37.41 -44.64 14.18
CA LEU B 512 37.34 -44.11 12.81
C LEU B 512 37.65 -45.23 11.80
N GLY B 513 37.27 -45.09 10.53
CA GLY B 513 36.55 -43.93 9.99
C GLY B 513 37.41 -43.15 9.00
N LYS B 514 36.91 -42.99 7.78
CA LYS B 514 37.62 -42.21 6.77
C LYS B 514 37.66 -40.73 7.14
N ALA B 515 38.82 -40.28 7.61
CA ALA B 515 39.04 -38.88 7.95
C ALA B 515 39.66 -38.17 6.75
N GLN B 516 38.89 -37.27 6.15
CA GLN B 516 39.31 -36.55 4.96
C GLN B 516 39.66 -35.09 5.27
N LEU B 517 40.33 -34.45 4.31
CA LEU B 517 40.68 -33.04 4.38
C LEU B 517 40.77 -32.49 2.96
N LEU B 518 39.92 -31.52 2.65
CA LEU B 518 39.97 -30.85 1.36
C LEU B 518 40.45 -29.42 1.55
N HIS B 519 41.77 -29.27 1.63
CA HIS B 519 42.42 -27.98 1.76
C HIS B 519 43.56 -27.85 0.76
N GLU B 520 43.57 -26.74 0.03
CA GLU B 520 44.66 -26.42 -0.88
C GLU B 520 45.41 -25.20 -0.37
N ASP B 521 46.73 -25.22 -0.51
CA ASP B 521 47.61 -24.12 -0.10
C ASP B 521 47.42 -22.91 -1.01
N ASP B 522 47.12 -23.17 -2.28
CA ASP B 522 46.61 -22.17 -3.19
C ASP B 522 45.08 -22.30 -3.18
N PRO B 523 44.39 -21.44 -2.41
CA PRO B 523 42.95 -21.54 -2.25
C PRO B 523 42.16 -21.08 -3.49
N TYR B 524 42.89 -20.75 -4.56
CA TYR B 524 42.27 -20.35 -5.82
C TYR B 524 42.43 -21.44 -6.89
N ARG B 525 43.00 -22.57 -6.48
CA ARG B 525 43.29 -23.70 -7.36
C ARG B 525 42.01 -24.44 -7.76
N THR B 526 41.89 -24.75 -9.05
CA THR B 526 40.66 -25.33 -9.60
C THR B 526 40.91 -26.68 -10.26
N ASN B 527 39.88 -27.53 -10.25
CA ASN B 527 39.85 -28.72 -11.10
C ASN B 527 39.50 -28.34 -12.53
N THR B 528 39.97 -29.14 -13.49
CA THR B 528 39.74 -28.85 -14.91
C THR B 528 39.58 -30.14 -15.72
N ALA B 529 39.18 -29.99 -16.98
CA ALA B 529 39.11 -31.11 -17.92
C ALA B 529 40.50 -31.57 -18.32
N GLU B 530 41.45 -30.64 -18.31
CA GLU B 530 42.85 -30.92 -18.64
C GLU B 530 43.56 -31.65 -17.50
N ALA B 531 43.06 -31.46 -16.27
CA ALA B 531 43.59 -32.12 -15.07
C ALA B 531 42.48 -32.35 -14.06
N PRO B 532 41.78 -33.50 -14.17
CA PRO B 532 40.60 -33.81 -13.33
C PRO B 532 40.95 -34.05 -11.86
N GLU B 533 42.14 -34.56 -11.60
CA GLU B 533 42.54 -34.91 -10.23
C GLU B 533 43.38 -33.81 -9.55
N ALA B 534 43.36 -32.61 -10.14
CA ALA B 534 44.15 -31.48 -9.64
C ALA B 534 43.90 -31.17 -8.16
N VAL B 535 42.64 -31.26 -7.73
CA VAL B 535 42.29 -31.09 -6.32
C VAL B 535 41.26 -32.12 -5.87
N THR B 536 41.67 -32.95 -4.92
CA THR B 536 40.84 -34.01 -4.35
C THR B 536 41.06 -34.00 -2.83
N PRO B 537 40.15 -34.65 -2.07
CA PRO B 537 40.38 -34.76 -0.63
C PRO B 537 41.59 -35.62 -0.28
N GLN B 538 42.31 -35.22 0.76
CA GLN B 538 43.49 -35.95 1.24
C GLN B 538 43.31 -36.37 2.69
N PRO B 539 43.95 -37.47 3.12
CA PRO B 539 43.84 -37.95 4.50
C PRO B 539 44.15 -36.88 5.55
N LEU B 540 43.36 -36.87 6.62
CA LEU B 540 43.52 -35.92 7.72
C LEU B 540 44.23 -36.57 8.91
N ASP B 541 45.27 -35.92 9.41
CA ASP B 541 46.00 -36.42 10.57
C ASP B 541 45.22 -36.21 11.86
N ILE B 542 44.67 -37.30 12.39
CA ILE B 542 43.81 -37.24 13.56
C ILE B 542 44.27 -38.22 14.66
N ALA B 543 44.50 -37.69 15.86
CA ALA B 543 44.95 -38.48 17.00
C ALA B 543 43.77 -38.90 17.89
N MET B 544 44.06 -39.77 18.86
CA MET B 544 43.06 -40.25 19.80
C MET B 544 43.74 -40.69 21.10
N ASN B 545 43.19 -40.29 22.24
CA ASN B 545 43.76 -40.65 23.54
C ASN B 545 42.94 -41.67 24.34
N ALA B 546 41.62 -41.51 24.30
CA ALA B 546 40.71 -42.38 25.03
C ALA B 546 39.40 -41.68 25.35
N THR B 549 38.34 -39.42 23.16
CA THR B 549 38.52 -38.05 22.70
C THR B 549 39.56 -37.96 21.59
N CYS B 550 39.15 -37.39 20.45
CA CYS B 550 40.02 -37.25 19.28
C CYS B 550 40.53 -35.83 19.12
N THR B 551 41.78 -35.69 18.69
CA THR B 551 42.38 -34.39 18.39
C THR B 551 42.92 -34.37 16.96
N ALA B 552 42.53 -33.34 16.21
CA ALA B 552 43.02 -33.15 14.85
C ALA B 552 43.30 -31.67 14.62
N THR B 553 44.18 -31.36 13.68
CA THR B 553 44.53 -29.98 13.35
C THR B 553 44.07 -29.58 11.94
N LEU B 554 43.18 -28.59 11.88
CA LEU B 554 42.59 -28.13 10.63
C LEU B 554 43.26 -26.86 10.12
N PRO B 555 43.92 -26.95 8.95
CA PRO B 555 44.55 -25.78 8.32
C PRO B 555 43.53 -24.74 7.89
N ALA B 556 43.95 -23.48 7.80
CA ALA B 556 43.08 -22.39 7.37
C ALA B 556 42.45 -22.69 6.00
N ILE B 557 41.16 -22.34 5.86
CA ILE B 557 40.37 -22.63 4.66
C ILE B 557 40.38 -24.13 4.35
N SER B 558 39.72 -24.90 5.21
CA SER B 558 39.66 -26.35 5.06
C SER B 558 38.29 -26.90 5.41
N TRP B 559 37.99 -28.08 4.85
CA TRP B 559 36.79 -28.82 5.23
C TRP B 559 37.22 -30.24 5.61
N ILE B 560 36.53 -30.82 6.59
CA ILE B 560 36.80 -32.21 6.97
C ILE B 560 35.52 -33.04 7.05
N SER B 561 35.66 -34.32 6.70
CA SER B 561 34.61 -35.30 6.93
C SER B 561 35.21 -36.42 7.75
N VAL B 562 34.62 -36.68 8.91
CA VAL B 562 35.10 -37.75 9.77
C VAL B 562 34.00 -38.77 9.99
N GLU B 563 34.24 -39.98 9.49
CA GLU B 563 33.34 -41.10 9.72
C GLU B 563 33.73 -41.79 11.01
N PHE B 564 32.73 -42.36 11.69
CA PHE B 564 32.97 -43.10 12.92
C PHE B 564 31.88 -44.13 13.19
N HIS B 565 32.19 -45.10 14.05
CA HIS B 565 31.28 -46.17 14.40
C HIS B 565 31.65 -46.78 15.76
N GLY B 566 30.82 -47.69 16.25
CA GLY B 566 31.09 -48.39 17.51
C GLY B 566 31.86 -49.67 17.28
N THR C 41 -60.46 0.51 11.64
CA THR C 41 -59.03 0.72 11.25
C THR C 41 -58.18 -0.45 11.74
N THR C 42 -58.06 -1.48 10.90
CA THR C 42 -57.39 -2.72 11.27
C THR C 42 -55.87 -2.51 11.42
N PRO C 43 -55.30 -3.03 12.54
CA PRO C 43 -53.85 -2.95 12.76
C PRO C 43 -53.06 -3.78 11.75
N ASP C 44 -52.01 -3.19 11.19
CA ASP C 44 -51.14 -3.86 10.23
C ASP C 44 -49.67 -3.87 10.68
N ALA C 45 -49.45 -3.44 11.91
CA ALA C 45 -48.11 -3.43 12.52
C ALA C 45 -48.22 -3.64 14.03
N SER C 46 -47.22 -4.30 14.60
CA SER C 46 -47.24 -4.60 16.04
C SER C 46 -45.87 -4.41 16.69
N ILE C 47 -45.88 -3.79 17.86
CA ILE C 47 -44.70 -3.68 18.72
C ILE C 47 -44.94 -4.50 19.97
N ALA C 48 -44.16 -5.56 20.14
CA ALA C 48 -44.34 -6.47 21.26
C ALA C 48 -43.02 -6.83 21.91
N LEU C 49 -43.08 -7.12 23.21
CA LEU C 49 -41.93 -7.65 23.94
C LEU C 49 -42.19 -9.10 24.30
N ASN C 50 -41.41 -9.99 23.69
CA ASN C 50 -41.45 -11.42 23.98
C ASN C 50 -41.28 -11.70 25.48
N ALA C 51 -41.92 -12.77 25.96
CA ALA C 51 -41.70 -13.25 27.32
C ALA C 51 -40.29 -13.82 27.44
N ASP C 52 -39.59 -13.44 28.52
CA ASP C 52 -38.16 -13.70 28.69
C ASP C 52 -37.22 -12.79 27.87
N ALA C 53 -37.67 -11.55 27.65
CA ALA C 53 -36.89 -10.58 26.91
C ALA C 53 -35.68 -10.02 27.65
N THR C 54 -34.50 -10.28 27.09
CA THR C 54 -33.24 -9.79 27.65
C THR C 54 -32.96 -8.36 27.18
N PRO C 55 -32.67 -7.44 28.11
CA PRO C 55 -32.35 -6.06 27.75
C PRO C 55 -31.07 -5.94 26.92
N VAL C 56 -31.01 -4.92 26.07
CA VAL C 56 -29.82 -4.64 25.28
C VAL C 56 -28.68 -4.25 26.22
N ALA C 57 -28.94 -3.25 27.06
CA ALA C 57 -28.01 -2.81 28.11
C ALA C 57 -28.67 -1.73 28.96
N ASP C 58 -27.98 -1.33 30.03
CA ASP C 58 -28.38 -0.17 30.80
C ASP C 58 -28.17 1.08 29.95
N VAL C 59 -29.11 2.01 30.03
CA VAL C 59 -29.03 3.26 29.27
C VAL C 59 -27.96 4.16 29.89
N PRO C 60 -26.91 4.47 29.11
CA PRO C 60 -25.92 5.41 29.61
C PRO C 60 -26.40 6.85 29.45
N PRO C 61 -26.31 7.65 30.53
CA PRO C 61 -26.74 9.05 30.43
C PRO C 61 -25.95 9.83 29.38
N ARG C 62 -24.73 9.34 29.09
CA ARG C 62 -23.85 9.96 28.10
C ARG C 62 -24.34 9.83 26.66
N LEU C 63 -25.39 9.04 26.46
CA LEU C 63 -26.00 8.91 25.14
C LEU C 63 -26.68 10.20 24.72
N PHE C 64 -27.07 11.01 25.71
CA PHE C 64 -27.77 12.27 25.47
C PHE C 64 -26.92 13.54 25.41
N GLY C 65 -25.63 13.34 25.13
CA GLY C 65 -24.70 14.43 24.97
C GLY C 65 -24.81 15.29 23.72
N SER C 66 -24.16 16.44 23.78
CA SER C 66 -24.07 17.33 22.63
C SER C 66 -22.62 17.79 22.43
N PHE C 67 -22.44 18.85 21.66
CA PHE C 67 -21.12 19.26 21.19
C PHE C 67 -21.17 20.72 20.80
N VAL C 68 -20.45 21.57 21.53
CA VAL C 68 -20.28 22.96 21.13
C VAL C 68 -18.84 23.22 20.67
N GLU C 69 -18.71 23.91 19.55
CA GLU C 69 -17.41 24.23 18.98
C GLU C 69 -17.31 25.75 18.84
N HIS C 70 -16.08 26.26 18.86
CA HIS C 70 -15.85 27.66 18.53
C HIS C 70 -15.96 27.81 17.01
N LEU C 71 -17.20 27.64 16.54
CA LEU C 71 -17.55 27.61 15.14
C LEU C 71 -18.76 28.52 14.99
N GLY C 72 -18.71 29.41 14.01
CA GLY C 72 -19.84 30.29 13.69
C GLY C 72 -20.38 30.98 14.92
N ARG C 73 -21.67 30.82 15.16
CA ARG C 73 -22.32 31.42 16.32
C ARG C 73 -22.81 30.39 17.34
N CYS C 74 -22.06 29.30 17.50
CA CYS C 74 -22.39 28.29 18.51
C CYS C 74 -22.00 28.79 19.90
N VAL C 75 -20.88 29.48 19.97
CA VAL C 75 -20.40 30.05 21.21
C VAL C 75 -20.74 31.54 21.26
N TYR C 76 -20.28 32.28 20.25
CA TYR C 76 -20.48 33.73 20.20
C TYR C 76 -21.75 34.07 19.43
N GLY C 77 -22.78 34.44 20.19
CA GLY C 77 -24.13 34.57 19.65
C GLY C 77 -24.99 33.37 19.99
N GLY C 78 -24.36 32.38 20.62
CA GLY C 78 -25.03 31.15 21.05
C GLY C 78 -25.12 31.07 22.56
N ILE C 79 -24.18 30.36 23.17
CA ILE C 79 -24.15 30.23 24.64
C ILE C 79 -23.65 31.50 25.33
N TYR C 80 -22.97 32.37 24.56
CA TYR C 80 -22.36 33.57 25.09
C TYR C 80 -22.69 34.79 24.21
N GLU C 81 -23.31 35.80 24.83
CA GLU C 81 -23.62 37.08 24.18
C GLU C 81 -23.98 38.13 25.25
N PRO C 82 -22.97 38.86 25.76
CA PRO C 82 -23.13 39.79 26.88
C PRO C 82 -24.10 40.95 26.64
N SER C 83 -24.25 41.36 25.38
CA SER C 83 -25.14 42.46 25.02
C SER C 83 -26.61 42.08 25.18
N HIS C 84 -26.90 40.80 24.99
CA HIS C 84 -28.26 40.26 25.07
C HIS C 84 -28.84 40.45 26.48
N PRO C 85 -30.13 40.86 26.56
CA PRO C 85 -30.80 41.10 27.84
C PRO C 85 -30.88 39.87 28.76
N THR C 86 -30.93 38.68 28.18
CA THR C 86 -31.04 37.44 28.98
C THR C 86 -29.72 37.04 29.63
N ALA C 87 -28.61 37.51 29.06
CA ALA C 87 -27.27 37.19 29.56
C ALA C 87 -27.14 37.35 31.07
N ASP C 88 -26.36 36.48 31.69
CA ASP C 88 -26.10 36.57 33.13
C ASP C 88 -24.80 37.34 33.41
N GLU C 89 -24.33 37.27 34.66
CA GLU C 89 -23.11 37.97 35.11
C GLU C 89 -21.84 37.55 34.35
N ASN C 90 -21.84 36.32 33.84
CA ASN C 90 -20.72 35.80 33.06
C ASN C 90 -20.90 36.06 31.57
N GLY C 91 -22.12 36.45 31.18
CA GLY C 91 -22.44 36.74 29.79
C GLY C 91 -23.14 35.61 29.06
N PHE C 92 -23.48 34.55 29.78
CA PHE C 92 -24.18 33.40 29.20
C PHE C 92 -25.66 33.72 28.98
N ARG C 93 -26.15 33.41 27.78
CA ARG C 93 -27.57 33.57 27.46
C ARG C 93 -28.41 32.61 28.28
N GLN C 94 -29.22 33.18 29.18
CA GLN C 94 -30.05 32.40 30.10
C GLN C 94 -31.17 31.64 29.39
N ASP C 95 -31.70 32.23 28.32
CA ASP C 95 -32.75 31.58 27.54
C ASP C 95 -32.26 30.29 26.88
N VAL C 96 -30.99 30.28 26.49
CA VAL C 96 -30.31 29.08 25.97
C VAL C 96 -30.10 28.06 27.09
N LEU C 97 -29.61 28.55 28.23
CA LEU C 97 -29.45 27.71 29.43
C LEU C 97 -30.75 27.04 29.88
N ASP C 98 -31.87 27.75 29.70
CA ASP C 98 -33.19 27.21 30.00
C ASP C 98 -33.55 26.06 29.05
N LEU C 99 -33.29 26.27 27.76
CA LEU C 99 -33.60 25.28 26.72
C LEU C 99 -32.66 24.07 26.74
N VAL C 100 -31.41 24.29 27.15
CA VAL C 100 -30.44 23.19 27.28
C VAL C 100 -30.84 22.27 28.44
N LYS C 101 -31.26 22.89 29.55
CA LYS C 101 -31.80 22.17 30.70
C LYS C 101 -33.08 21.42 30.31
N GLU C 102 -33.92 22.04 29.48
CA GLU C 102 -35.15 21.43 28.96
C GLU C 102 -34.84 20.32 27.95
N LEU C 103 -33.76 20.49 27.19
CA LEU C 103 -33.31 19.52 26.18
C LEU C 103 -32.83 18.22 26.81
N GLY C 104 -32.30 18.31 28.03
CA GLY C 104 -31.89 17.14 28.80
C GLY C 104 -30.45 16.69 28.60
N VAL C 105 -29.64 17.53 27.94
CA VAL C 105 -28.24 17.21 27.66
C VAL C 105 -27.43 16.97 28.93
N THR C 106 -26.65 15.90 28.94
CA THR C 106 -25.87 15.50 30.11
C THR C 106 -24.38 15.83 30.00
N CYS C 107 -23.86 15.80 28.78
CA CYS C 107 -22.42 15.93 28.55
C CYS C 107 -22.16 16.67 27.25
N VAL C 108 -21.24 17.64 27.27
CA VAL C 108 -20.92 18.43 26.09
C VAL C 108 -19.45 18.33 25.68
N ARG C 109 -19.23 18.03 24.40
CA ARG C 109 -17.90 18.02 23.80
C ARG C 109 -17.43 19.46 23.51
N TYR C 110 -16.19 19.77 23.88
CA TYR C 110 -15.65 21.13 23.83
C TYR C 110 -14.12 21.08 23.76
N PRO C 111 -13.47 22.04 23.06
CA PRO C 111 -14.01 23.15 22.27
C PRO C 111 -14.06 22.91 20.75
N GLY C 112 -13.85 21.65 20.34
CA GLY C 112 -13.87 21.28 18.92
C GLY C 112 -13.58 19.81 18.70
N GLY C 113 -13.69 19.33 17.45
CA GLY C 113 -13.98 20.16 16.29
C GLY C 113 -12.70 20.61 15.60
N ASN C 114 -12.82 20.98 14.32
CA ASN C 114 -11.68 21.49 13.55
C ASN C 114 -10.94 22.64 14.23
N PHE C 115 -11.68 23.43 15.01
CA PHE C 115 -11.13 24.56 15.75
C PHE C 115 -9.98 24.20 16.68
N VAL C 116 -10.09 23.05 17.35
CA VAL C 116 -9.12 22.67 18.37
C VAL C 116 -7.71 22.37 17.80
N SER C 117 -7.64 22.01 16.53
CA SER C 117 -6.37 21.62 15.89
C SER C 117 -5.36 22.74 15.69
N ASN C 118 -5.76 23.99 15.94
CA ASN C 118 -4.84 25.13 15.98
C ASN C 118 -5.14 26.05 17.17
N TYR C 119 -5.58 25.45 18.26
CA TYR C 119 -6.02 26.17 19.44
C TYR C 119 -5.02 26.00 20.59
N ASN C 120 -4.74 27.10 21.28
CA ASN C 120 -3.90 27.08 22.46
C ASN C 120 -4.76 27.32 23.70
N TRP C 121 -4.91 26.27 24.52
CA TRP C 121 -5.84 26.30 25.65
C TRP C 121 -5.55 27.40 26.69
N GLU C 122 -4.30 27.84 26.75
CA GLU C 122 -3.90 28.92 27.68
C GLU C 122 -4.45 30.28 27.28
N ASP C 123 -4.84 30.42 26.01
CA ASP C 123 -5.42 31.67 25.51
C ASP C 123 -6.84 31.92 26.03
N GLY C 124 -7.45 30.87 26.57
CA GLY C 124 -8.80 30.95 27.10
C GLY C 124 -8.88 30.76 28.61
N ILE C 125 -7.81 31.11 29.31
CA ILE C 125 -7.79 31.04 30.78
C ILE C 125 -7.40 32.39 31.40
N GLY C 126 -7.82 32.60 32.64
CA GLY C 126 -7.50 33.83 33.36
C GLY C 126 -8.44 34.96 33.01
N PRO C 127 -8.22 36.16 33.59
CA PRO C 127 -9.06 37.33 33.31
C PRO C 127 -9.17 37.63 31.82
N ARG C 128 -10.37 37.99 31.38
CA ARG C 128 -10.67 38.20 29.95
C ARG C 128 -9.94 39.37 29.32
N GLU C 129 -9.63 40.39 30.12
CA GLU C 129 -8.88 41.56 29.62
C GLU C 129 -7.43 41.22 29.23
N ASN C 130 -6.88 40.15 29.81
CA ASN C 130 -5.50 39.74 29.55
C ASN C 130 -5.37 38.58 28.55
N ARG C 131 -6.48 38.24 27.88
CA ARG C 131 -6.50 37.16 26.90
C ARG C 131 -6.23 37.69 25.50
N PRO C 132 -5.41 36.96 24.72
CA PRO C 132 -5.00 37.44 23.41
C PRO C 132 -6.05 37.22 22.32
N MET C 133 -6.13 38.16 21.39
CA MET C 133 -6.96 38.01 20.20
C MET C 133 -6.19 37.12 19.21
N ARG C 134 -6.82 36.03 18.78
CA ARG C 134 -6.14 35.04 17.96
C ARG C 134 -6.88 34.75 16.65
N ARG C 135 -6.24 33.98 15.77
CA ARG C 135 -6.85 33.49 14.54
C ARG C 135 -7.43 32.09 14.75
N ASP C 136 -8.47 31.77 13.99
CA ASP C 136 -8.84 30.38 13.77
C ASP C 136 -8.74 30.05 12.29
N LEU C 137 -7.82 29.16 11.95
CA LEU C 137 -7.60 28.74 10.57
C LEU C 137 -8.72 27.84 10.07
N ALA C 138 -9.30 27.07 10.98
CA ALA C 138 -10.36 26.12 10.64
C ALA C 138 -11.52 26.78 9.91
N TRP C 139 -11.96 27.93 10.44
CA TRP C 139 -13.16 28.58 9.95
C TRP C 139 -12.92 30.02 9.48
N HIS C 140 -11.64 30.39 9.37
CA HIS C 140 -11.22 31.73 8.95
C HIS C 140 -11.93 32.82 9.76
N CYS C 141 -11.69 32.82 11.06
CA CYS C 141 -12.33 33.76 11.97
C CYS C 141 -11.34 34.37 12.95
N THR C 142 -11.70 35.52 13.49
CA THR C 142 -10.98 36.11 14.61
C THR C 142 -11.60 35.59 15.91
N GLU C 143 -10.75 35.07 16.78
CA GLU C 143 -11.16 34.50 18.06
C GLU C 143 -10.79 35.45 19.19
N THR C 144 -11.79 35.90 19.93
CA THR C 144 -11.61 36.87 21.01
C THR C 144 -11.08 36.21 22.28
N ASN C 145 -11.30 34.90 22.37
CA ASN C 145 -10.95 34.10 23.54
C ASN C 145 -11.73 34.48 24.81
N GLU C 146 -12.82 35.22 24.64
CA GLU C 146 -13.69 35.58 25.76
C GLU C 146 -14.24 34.32 26.43
N MET C 147 -14.49 33.29 25.61
CA MET C 147 -14.85 31.98 26.12
C MET C 147 -13.65 31.02 25.99
N GLY C 148 -13.40 30.29 27.07
CA GLY C 148 -12.36 29.27 27.12
C GLY C 148 -12.78 28.18 28.09
N ILE C 149 -11.82 27.38 28.55
CA ILE C 149 -12.13 26.28 29.46
C ILE C 149 -12.62 26.79 30.83
N ASP C 150 -12.05 27.90 31.29
CA ASP C 150 -12.48 28.57 32.52
C ASP C 150 -13.98 28.86 32.52
N ASP C 151 -14.43 29.53 31.46
CA ASP C 151 -15.81 30.01 31.35
C ASP C 151 -16.77 28.90 30.95
N PHE C 152 -16.28 27.92 30.19
CA PHE C 152 -17.12 26.79 29.81
C PHE C 152 -17.41 25.87 30.99
N TYR C 153 -16.44 25.75 31.91
CA TYR C 153 -16.67 25.05 33.17
C TYR C 153 -17.76 25.75 33.98
N ARG C 154 -17.68 27.08 34.07
CA ARG C 154 -18.68 27.90 34.75
C ARG C 154 -20.04 27.79 34.10
N TRP C 155 -20.05 27.69 32.76
CA TRP C 155 -21.27 27.46 32.01
C TRP C 155 -21.83 26.07 32.31
N SER C 156 -20.94 25.07 32.33
CA SER C 156 -21.34 23.68 32.57
C SER C 156 -21.84 23.43 34.00
N GLN C 157 -21.34 24.21 34.95
CA GLN C 157 -21.84 24.17 36.33
C GLN C 157 -23.30 24.62 36.42
N LYS C 158 -23.62 25.74 35.77
CA LYS C 158 -25.00 26.24 35.73
C LYS C 158 -25.93 25.32 34.94
N ALA C 159 -25.45 24.82 33.80
CA ALA C 159 -26.25 23.94 32.92
C ALA C 159 -26.46 22.54 33.52
N GLY C 160 -25.57 22.14 34.42
CA GLY C 160 -25.62 20.82 35.03
C GLY C 160 -25.11 19.73 34.09
N THR C 161 -24.08 20.06 33.31
CA THR C 161 -23.56 19.14 32.31
C THR C 161 -22.07 18.81 32.49
N GLU C 162 -21.73 17.57 32.15
CA GLU C 162 -20.36 17.08 32.13
C GLU C 162 -19.60 17.70 30.95
N ILE C 163 -18.29 17.86 31.08
CA ILE C 163 -17.47 18.33 29.96
C ILE C 163 -16.66 17.17 29.39
N MET C 164 -16.73 17.02 28.06
CA MET C 164 -15.86 16.12 27.32
C MET C 164 -14.83 16.97 26.59
N LEU C 165 -13.65 17.12 27.18
CA LEU C 165 -12.65 18.07 26.70
C LEU C 165 -11.74 17.48 25.61
N ALA C 166 -11.55 18.26 24.54
CA ALA C 166 -10.72 17.84 23.41
C ALA C 166 -9.37 18.57 23.43
N VAL C 167 -8.29 17.80 23.27
CA VAL C 167 -6.95 18.37 23.24
C VAL C 167 -6.45 18.59 21.81
N ASN C 168 -5.60 19.59 21.63
CA ASN C 168 -4.99 19.91 20.33
C ASN C 168 -3.93 18.87 19.93
N MET C 169 -4.20 18.16 18.85
CA MET C 169 -3.22 17.22 18.27
C MET C 169 -2.75 17.68 16.90
N GLY C 170 -3.21 18.85 16.46
CA GLY C 170 -2.81 19.43 15.18
C GLY C 170 -1.50 20.18 15.27
N THR C 171 -1.51 21.28 16.02
CA THR C 171 -0.34 22.15 16.14
C THR C 171 0.44 21.94 17.45
N ARG C 172 -0.15 21.16 18.36
CA ARG C 172 0.48 20.81 19.63
C ARG C 172 0.30 19.31 19.88
N GLY C 173 0.74 18.83 21.03
CA GLY C 173 0.58 17.42 21.35
C GLY C 173 0.67 17.05 22.82
N LEU C 174 1.60 16.14 23.10
CA LEU C 174 1.71 15.49 24.41
C LEU C 174 1.87 16.46 25.58
N LYS C 175 2.84 17.37 25.47
CA LYS C 175 3.16 18.31 26.53
C LYS C 175 1.98 19.21 26.92
N ALA C 176 1.32 19.77 25.91
CA ALA C 176 0.20 20.68 26.13
C ALA C 176 -1.01 19.96 26.76
N ALA C 177 -1.23 18.72 26.37
CA ALA C 177 -2.34 17.92 26.88
C ALA C 177 -2.15 17.63 28.37
N LEU C 178 -0.95 17.19 28.74
CA LEU C 178 -0.60 16.94 30.14
C LEU C 178 -0.65 18.21 30.98
N ASP C 179 -0.27 19.34 30.37
CA ASP C 179 -0.36 20.64 31.02
C ASP C 179 -1.81 21.02 31.34
N GLU C 180 -2.71 20.80 30.38
CA GLU C 180 -4.12 21.11 30.54
C GLU C 180 -4.79 20.18 31.54
N LEU C 181 -4.42 18.90 31.50
CA LEU C 181 -4.93 17.91 32.44
C LEU C 181 -4.62 18.31 33.88
N GLU C 182 -3.39 18.72 34.13
CA GLU C 182 -2.94 19.16 35.45
C GLU C 182 -3.67 20.42 35.92
N TYR C 183 -3.81 21.39 35.02
CA TYR C 183 -4.48 22.65 35.31
C TYR C 183 -5.95 22.42 35.66
N VAL C 184 -6.59 21.56 34.87
CA VAL C 184 -8.02 21.29 34.95
C VAL C 184 -8.39 20.43 36.17
N ASN C 185 -7.62 19.38 36.42
CA ASN C 185 -7.97 18.40 37.45
C ASN C 185 -7.08 18.40 38.70
N GLY C 186 -5.98 19.13 38.65
CA GLY C 186 -4.94 19.06 39.69
C GLY C 186 -5.28 19.62 41.05
N ALA C 187 -4.82 18.93 42.10
CA ALA C 187 -4.97 19.42 43.46
C ALA C 187 -4.11 20.67 43.66
N PRO C 188 -4.61 21.66 44.43
CA PRO C 188 -3.80 22.84 44.74
C PRO C 188 -2.44 22.46 45.32
N GLY C 189 -1.39 23.13 44.87
CA GLY C 189 -0.03 22.83 45.30
C GLY C 189 0.95 22.78 44.14
N THR C 190 0.50 22.24 43.02
CA THR C 190 1.28 22.26 41.79
C THR C 190 1.07 23.62 41.10
N ALA C 191 2.05 24.04 40.29
CA ALA C 191 2.01 25.36 39.65
C ALA C 191 0.85 25.57 38.67
N TRP C 192 0.47 24.52 37.93
CA TRP C 192 -0.64 24.62 36.99
C TRP C 192 -2.00 24.72 37.70
N ALA C 193 -2.16 23.95 38.78
CA ALA C 193 -3.41 23.95 39.54
C ALA C 193 -3.60 25.24 40.34
N ASP C 194 -2.49 25.81 40.81
CA ASP C 194 -2.52 27.10 41.51
C ASP C 194 -3.01 28.23 40.62
N GLN C 195 -2.70 28.13 39.32
CA GLN C 195 -3.21 29.10 38.34
C GLN C 195 -4.73 29.05 38.27
N ARG C 196 -5.29 27.85 38.27
CA ARG C 196 -6.75 27.67 38.27
C ARG C 196 -7.40 28.30 39.49
N VAL C 197 -6.84 28.04 40.66
CA VAL C 197 -7.30 28.63 41.92
C VAL C 197 -7.29 30.16 41.81
N ALA C 198 -6.15 30.70 41.38
CA ALA C 198 -5.99 32.13 41.13
C ALA C 198 -6.99 32.66 40.09
N ASN C 199 -7.38 31.82 39.14
CA ASN C 199 -8.31 32.21 38.08
C ASN C 199 -9.78 32.25 38.52
N GLY C 200 -10.05 31.76 39.73
CA GLY C 200 -11.39 31.84 40.32
C GLY C 200 -12.04 30.49 40.60
N ILE C 201 -11.37 29.41 40.22
CA ILE C 201 -11.90 28.06 40.37
C ILE C 201 -10.99 27.24 41.28
N GLU C 202 -11.41 27.05 42.52
CA GLU C 202 -10.59 26.37 43.53
C GLU C 202 -10.62 24.85 43.35
N GLU C 203 -11.82 24.31 43.23
CA GLU C 203 -12.05 22.87 43.10
C GLU C 203 -11.61 22.36 41.73
N PRO C 204 -11.16 21.08 41.66
CA PRO C 204 -10.87 20.47 40.37
C PRO C 204 -12.11 20.48 39.48
N MET C 205 -11.91 20.54 38.17
CA MET C 205 -13.02 20.58 37.23
C MET C 205 -13.67 19.21 37.06
N ASP C 206 -12.96 18.16 37.47
CA ASP C 206 -13.42 16.77 37.37
C ASP C 206 -13.77 16.35 35.93
N ILE C 207 -12.93 16.76 35.00
CA ILE C 207 -13.06 16.35 33.61
C ILE C 207 -12.48 14.94 33.47
N LYS C 208 -13.38 13.99 33.22
CA LYS C 208 -13.07 12.57 33.22
C LYS C 208 -12.92 12.03 31.80
N MET C 209 -13.73 12.56 30.87
CA MET C 209 -13.70 12.10 29.48
C MET C 209 -12.95 13.08 28.58
N TRP C 210 -11.98 12.55 27.84
CA TRP C 210 -11.11 13.36 26.98
C TRP C 210 -11.04 12.85 25.54
N CYS C 211 -11.05 13.79 24.60
CA CYS C 211 -10.86 13.49 23.18
C CYS C 211 -9.42 13.79 22.77
N ILE C 212 -8.71 12.76 22.32
CA ILE C 212 -7.32 12.93 21.91
C ILE C 212 -7.27 13.51 20.49
N GLY C 213 -7.38 14.83 20.41
CA GLY C 213 -7.42 15.55 19.15
C GLY C 213 -8.82 15.70 18.59
N ASN C 214 -8.88 16.18 17.35
CA ASN C 214 -10.09 16.13 16.54
C ASN C 214 -9.86 15.04 15.50
N GLU C 215 -10.76 14.89 14.53
CA GLU C 215 -10.54 13.96 13.42
C GLU C 215 -9.31 14.36 12.64
N MET C 216 -8.26 13.56 12.74
CA MET C 216 -6.97 13.87 12.14
C MET C 216 -6.79 13.28 10.74
N ASP C 217 -7.84 12.64 10.23
CA ASP C 217 -7.78 11.92 8.96
C ASP C 217 -8.04 12.81 7.74
N GLY C 218 -8.82 13.86 7.92
CA GLY C 218 -9.21 14.74 6.81
C GLY C 218 -8.09 15.64 6.33
N PRO C 219 -7.93 15.78 5.00
CA PRO C 219 -6.99 16.71 4.37
C PRO C 219 -7.18 18.17 4.79
N TRP C 220 -8.39 18.52 5.19
CA TRP C 220 -8.74 19.89 5.60
C TRP C 220 -8.24 20.21 7.02
N GLN C 221 -7.96 19.18 7.81
CA GLN C 221 -7.55 19.36 9.19
C GLN C 221 -6.13 19.91 9.30
N VAL C 222 -5.96 20.93 10.13
CA VAL C 222 -4.64 21.47 10.44
C VAL C 222 -3.82 20.39 11.14
N GLY C 223 -2.69 20.04 10.54
CA GLY C 223 -1.80 19.01 11.07
C GLY C 223 -2.28 17.59 10.83
N HIS C 224 -3.04 17.41 9.74
CA HIS C 224 -3.59 16.09 9.38
C HIS C 224 -2.52 15.01 9.29
N MET C 225 -2.90 13.80 9.71
CA MET C 225 -1.97 12.69 9.87
C MET C 225 -2.35 11.49 9.01
N SER C 226 -1.37 10.61 8.81
CA SER C 226 -1.62 9.29 8.25
C SER C 226 -2.13 8.38 9.37
N PRO C 227 -2.82 7.28 9.02
CA PRO C 227 -3.29 6.30 10.01
C PRO C 227 -2.24 5.96 11.07
N GLU C 228 -1.02 5.68 10.63
CA GLU C 228 0.08 5.29 11.51
C GLU C 228 0.62 6.45 12.39
N GLU C 229 0.64 7.66 11.83
CA GLU C 229 1.07 8.85 12.58
C GLU C 229 0.15 9.10 13.77
N TYR C 230 -1.16 9.01 13.55
CA TYR C 230 -2.13 9.22 14.60
C TYR C 230 -2.11 8.06 15.60
N ALA C 231 -1.89 6.85 15.12
CA ALA C 231 -1.82 5.66 15.96
C ALA C 231 -0.74 5.82 17.03
N GLY C 232 0.46 6.23 16.62
CA GLY C 232 1.57 6.41 17.53
C GLY C 232 1.43 7.62 18.43
N ALA C 233 0.68 8.63 17.96
CA ALA C 233 0.46 9.85 18.71
C ALA C 233 -0.54 9.68 19.86
N VAL C 234 -1.61 8.90 19.63
CA VAL C 234 -2.56 8.60 20.70
C VAL C 234 -1.97 7.60 21.67
N ASP C 235 -1.08 6.73 21.16
CA ASP C 235 -0.36 5.77 21.97
C ASP C 235 0.40 6.53 23.07
N LYS C 236 1.14 7.56 22.66
CA LYS C 236 1.90 8.41 23.59
C LYS C 236 0.97 9.19 24.53
N VAL C 237 -0.04 9.83 23.98
CA VAL C 237 -0.96 10.66 24.77
C VAL C 237 -1.82 9.83 25.74
N ALA C 238 -2.41 8.75 25.23
CA ALA C 238 -3.25 7.86 26.04
C ALA C 238 -2.48 7.25 27.22
N HIS C 239 -1.29 6.71 26.96
CA HIS C 239 -0.46 6.14 28.01
C HIS C 239 -0.13 7.17 29.10
N ALA C 240 0.33 8.35 28.67
CA ALA C 240 0.72 9.41 29.60
C ALA C 240 -0.43 9.87 30.49
N MET C 241 -1.58 10.14 29.88
CA MET C 241 -2.75 10.64 30.62
C MET C 241 -3.34 9.61 31.60
N LYS C 242 -3.24 8.34 31.24
CA LYS C 242 -3.69 7.25 32.11
C LYS C 242 -2.72 7.04 33.27
N LEU C 243 -1.44 7.32 33.03
CA LEU C 243 -0.41 7.22 34.05
C LEU C 243 -0.61 8.29 35.13
N ALA C 244 -0.98 9.50 34.70
CA ALA C 244 -1.26 10.60 35.62
C ALA C 244 -2.59 10.42 36.34
N GLU C 245 -3.56 9.82 35.65
CA GLU C 245 -4.89 9.62 36.19
C GLU C 245 -5.54 8.40 35.54
N SER C 246 -5.60 7.31 36.29
CA SER C 246 -6.15 6.05 35.78
C SER C 246 -7.67 6.07 35.64
N GLY C 247 -8.32 7.02 36.32
CA GLY C 247 -9.78 7.15 36.28
C GLY C 247 -10.34 7.84 35.06
N LEU C 248 -9.47 8.21 34.12
CA LEU C 248 -9.90 8.90 32.91
C LEU C 248 -10.56 7.96 31.89
N GLU C 249 -11.43 8.54 31.08
CA GLU C 249 -12.05 7.81 29.97
C GLU C 249 -11.63 8.48 28.67
N LEU C 250 -10.80 7.77 27.90
CA LEU C 250 -10.15 8.38 26.74
C LEU C 250 -10.73 7.94 25.40
N VAL C 251 -10.86 8.91 24.49
CA VAL C 251 -11.41 8.66 23.17
C VAL C 251 -10.35 8.88 22.09
N ALA C 252 -10.10 7.84 21.31
CA ALA C 252 -9.35 7.99 20.08
C ALA C 252 -10.34 8.39 18.99
N CYS C 253 -9.98 9.40 18.21
CA CYS C 253 -10.87 9.90 17.18
C CYS C 253 -10.79 9.04 15.93
N GLY C 254 -11.91 8.43 15.57
CA GLY C 254 -12.00 7.62 14.36
C GLY C 254 -12.08 8.47 13.11
N SER C 255 -12.60 7.88 12.03
CA SER C 255 -12.70 8.55 10.74
C SER C 255 -13.66 9.73 10.76
N SER C 256 -13.45 10.68 9.85
CA SER C 256 -14.31 11.85 9.71
C SER C 256 -15.73 11.44 9.30
N GLY C 257 -15.85 10.26 8.72
CA GLY C 257 -17.12 9.71 8.27
C GLY C 257 -16.88 8.42 7.50
N ALA C 258 -17.96 7.74 7.16
CA ALA C 258 -17.88 6.49 6.39
C ALA C 258 -17.41 6.72 4.94
N TYR C 259 -17.32 7.98 4.54
CA TYR C 259 -16.96 8.35 3.17
C TYR C 259 -15.45 8.38 2.93
N MET C 260 -14.67 8.28 4.00
CA MET C 260 -13.21 8.35 3.93
C MET C 260 -12.61 7.06 3.34
N PRO C 261 -11.56 7.20 2.50
CA PRO C 261 -10.86 6.03 1.97
C PRO C 261 -10.18 5.20 3.07
N THR C 262 -9.69 5.87 4.11
CA THR C 262 -9.01 5.19 5.22
C THR C 262 -9.98 4.61 6.26
N PHE C 263 -11.28 4.85 6.08
CA PHE C 263 -12.30 4.33 7.00
C PHE C 263 -12.18 2.82 7.19
N GLY C 264 -12.27 2.39 8.44
CA GLY C 264 -12.07 0.98 8.79
C GLY C 264 -10.61 0.71 9.13
N THR C 265 -9.72 0.98 8.18
CA THR C 265 -8.28 0.78 8.36
C THR C 265 -7.68 1.78 9.34
N TRP C 266 -8.28 2.97 9.41
CA TRP C 266 -7.92 3.99 10.39
C TRP C 266 -8.15 3.48 11.81
N GLU C 267 -9.39 3.08 12.09
CA GLU C 267 -9.80 2.58 13.40
C GLU C 267 -8.91 1.42 13.87
N LYS C 268 -8.79 0.40 13.02
CA LYS C 268 -8.01 -0.80 13.34
C LYS C 268 -6.58 -0.49 13.80
N THR C 269 -5.84 0.26 12.98
CA THR C 269 -4.46 0.63 13.28
C THR C 269 -4.32 1.36 14.62
N VAL C 270 -5.18 2.36 14.83
CA VAL C 270 -5.15 3.20 16.02
C VAL C 270 -5.53 2.41 17.28
N LEU C 271 -6.62 1.67 17.21
CA LEU C 271 -7.11 0.91 18.37
C LEU C 271 -6.22 -0.28 18.72
N THR C 272 -5.63 -0.93 17.71
CA THR C 272 -4.69 -2.03 17.93
C THR C 272 -3.46 -1.53 18.68
N LYS C 273 -2.96 -0.36 18.26
CA LYS C 273 -1.74 0.24 18.80
C LYS C 273 -1.89 0.68 20.26
N ALA C 274 -2.98 1.38 20.57
CA ALA C 274 -3.16 2.01 21.88
C ALA C 274 -4.27 1.39 22.74
N TYR C 275 -4.73 0.20 22.35
CA TYR C 275 -5.81 -0.53 23.03
C TYR C 275 -5.82 -0.38 24.55
N GLU C 276 -4.66 -0.64 25.17
CA GLU C 276 -4.53 -0.72 26.62
C GLU C 276 -5.05 0.51 27.36
N ASN C 277 -4.81 1.69 26.81
CA ASN C 277 -5.12 2.94 27.51
C ASN C 277 -6.34 3.69 26.97
N LEU C 278 -7.03 3.08 26.00
CA LEU C 278 -8.22 3.67 25.41
C LEU C 278 -9.49 3.10 26.04
N ASP C 279 -10.59 3.83 25.91
CA ASP C 279 -11.90 3.37 26.40
C ASP C 279 -12.98 3.62 25.35
N PHE C 280 -12.71 4.52 24.43
CA PHE C 280 -13.66 4.88 23.38
C PHE C 280 -12.99 5.06 22.02
N VAL C 281 -13.69 4.60 20.98
CA VAL C 281 -13.42 5.06 19.62
C VAL C 281 -14.58 5.96 19.22
N SER C 282 -14.28 7.06 18.54
CA SER C 282 -15.33 7.95 18.07
C SER C 282 -15.73 7.62 16.64
N CYS C 283 -17.02 7.77 16.34
CA CYS C 283 -17.54 7.63 14.99
C CYS C 283 -18.52 8.75 14.68
N HIS C 284 -18.58 9.13 13.41
CA HIS C 284 -19.34 10.30 12.98
C HIS C 284 -20.21 9.98 11.79
N ALA C 285 -21.43 10.50 11.81
CA ALA C 285 -22.38 10.32 10.70
C ALA C 285 -23.36 11.50 10.64
N TYR C 286 -23.45 12.10 9.46
CA TYR C 286 -24.44 13.13 9.18
C TYR C 286 -25.37 12.65 8.07
N TYR C 287 -26.62 13.11 8.11
CA TYR C 287 -27.64 12.68 7.14
C TYR C 287 -28.45 13.87 6.64
N PHE C 288 -28.87 13.81 5.38
CA PHE C 288 -29.75 14.83 4.80
C PHE C 288 -30.47 14.35 3.55
N ASP C 289 -31.59 15.02 3.23
CA ASP C 289 -32.34 14.77 2.02
C ASP C 289 -31.56 15.35 0.84
N ARG C 290 -31.06 14.47 -0.02
CA ARG C 290 -30.23 14.88 -1.16
C ARG C 290 -30.97 15.70 -2.21
N GLY C 291 -32.26 15.41 -2.39
CA GLY C 291 -33.08 16.12 -3.36
C GLY C 291 -34.05 17.09 -2.71
N HIS C 292 -33.57 17.85 -1.72
CA HIS C 292 -34.42 18.76 -0.96
C HIS C 292 -34.81 20.01 -1.75
N LYS C 293 -33.93 20.45 -2.65
CA LYS C 293 -34.19 21.64 -3.46
C LYS C 293 -35.23 21.37 -4.55
N THR C 294 -35.28 20.13 -5.00
CA THR C 294 -36.28 19.67 -5.97
C THR C 294 -37.47 18.98 -5.27
N ARG C 295 -37.33 18.76 -3.96
CA ARG C 295 -38.33 18.06 -3.14
C ARG C 295 -38.71 16.68 -3.70
N ALA C 296 -37.71 15.93 -4.14
CA ALA C 296 -37.91 14.61 -4.73
C ALA C 296 -38.44 13.62 -3.70
N ALA C 297 -39.38 12.78 -4.14
CA ALA C 297 -40.00 11.78 -3.29
C ALA C 297 -39.04 10.63 -2.96
N ALA C 298 -38.25 10.23 -3.95
CA ALA C 298 -37.33 9.11 -3.82
C ALA C 298 -36.23 9.37 -2.79
N SER C 299 -35.61 10.55 -2.87
CA SER C 299 -34.54 10.94 -1.95
C SER C 299 -35.07 11.17 -0.54
N MET C 300 -36.32 11.59 -0.45
CA MET C 300 -37.02 11.76 0.82
C MET C 300 -37.19 10.42 1.53
N GLN C 301 -37.59 9.39 0.78
CA GLN C 301 -37.76 8.05 1.35
C GLN C 301 -36.42 7.41 1.73
N ASP C 302 -35.37 7.70 0.96
CA ASP C 302 -34.01 7.29 1.32
C ASP C 302 -33.63 7.91 2.65
N PHE C 303 -33.80 9.22 2.75
CA PHE C 303 -33.48 10.01 3.93
C PHE C 303 -34.21 9.52 5.19
N LEU C 304 -35.45 9.08 5.00
CA LEU C 304 -36.25 8.56 6.11
C LEU C 304 -35.74 7.21 6.63
N ALA C 305 -34.91 6.55 5.83
CA ALA C 305 -34.37 5.23 6.16
C ALA C 305 -32.90 5.30 6.60
N SER C 306 -32.48 6.48 7.08
CA SER C 306 -31.09 6.71 7.47
C SER C 306 -30.61 5.81 8.64
N SER C 307 -31.56 5.34 9.45
CA SER C 307 -31.25 4.49 10.60
C SER C 307 -30.59 3.18 10.22
N GLU C 308 -31.01 2.60 9.10
CA GLU C 308 -30.42 1.35 8.61
C GLU C 308 -29.00 1.54 8.09
N ASP C 309 -28.66 2.77 7.73
CA ASP C 309 -27.29 3.14 7.42
C ASP C 309 -26.47 3.21 8.71
N MET C 310 -27.04 3.84 9.73
CA MET C 310 -26.39 3.98 11.03
C MET C 310 -26.17 2.63 11.73
N THR C 311 -27.16 1.74 11.63
CA THR C 311 -27.07 0.38 12.18
C THR C 311 -25.90 -0.39 11.57
N LYS C 312 -25.78 -0.30 10.25
CA LYS C 312 -24.67 -0.90 9.50
C LYS C 312 -23.35 -0.21 9.82
N PHE C 313 -23.40 1.10 10.03
CA PHE C 313 -22.23 1.90 10.38
C PHE C 313 -21.69 1.56 11.78
N ILE C 314 -22.61 1.34 12.72
CA ILE C 314 -22.25 0.96 14.09
C ILE C 314 -21.59 -0.42 14.11
N ALA C 315 -22.14 -1.36 13.33
CA ALA C 315 -21.66 -2.73 13.29
C ALA C 315 -20.21 -2.84 12.83
N THR C 316 -19.86 -2.05 11.81
CA THR C 316 -18.52 -2.09 11.21
C THR C 316 -17.46 -1.35 12.02
N VAL C 317 -17.85 -0.29 12.73
CA VAL C 317 -16.96 0.39 13.67
C VAL C 317 -16.73 -0.51 14.89
N SER C 318 -17.80 -1.17 15.33
CA SER C 318 -17.73 -2.16 16.42
C SER C 318 -16.84 -3.33 16.06
N ASP C 319 -16.92 -3.74 14.78
CA ASP C 319 -16.13 -4.85 14.26
C ASP C 319 -14.63 -4.51 14.26
N ALA C 320 -14.32 -3.27 13.89
CA ALA C 320 -12.94 -2.77 13.89
C ALA C 320 -12.36 -2.75 15.30
N ALA C 321 -13.20 -2.38 16.26
CA ALA C 321 -12.83 -2.35 17.67
C ALA C 321 -12.66 -3.76 18.24
N ASP C 322 -13.40 -4.71 17.68
CA ASP C 322 -13.31 -6.11 18.08
C ASP C 322 -12.02 -6.75 17.61
N GLN C 323 -11.60 -6.42 16.39
CA GLN C 323 -10.37 -6.94 15.80
C GLN C 323 -9.14 -6.46 16.55
N ALA C 324 -9.23 -5.24 17.09
CA ALA C 324 -8.17 -4.66 17.90
C ALA C 324 -8.05 -5.31 19.27
N ARG C 325 -9.18 -5.72 19.85
CA ARG C 325 -9.20 -6.47 21.10
C ARG C 325 -8.59 -7.87 20.88
N GLU C 326 -9.02 -8.51 19.80
CA GLU C 326 -8.58 -9.86 19.43
C GLU C 326 -7.06 -9.91 19.25
N ALA C 327 -6.52 -8.92 18.53
CA ALA C 327 -5.09 -8.82 18.26
C ALA C 327 -4.26 -8.52 19.52
N ASN C 328 -4.91 -8.00 20.56
CA ASN C 328 -4.24 -7.68 21.82
C ASN C 328 -4.48 -8.72 22.93
N ASN C 329 -5.31 -9.71 22.62
CA ASN C 329 -5.76 -10.73 23.59
C ASN C 329 -6.33 -10.11 24.86
N GLY C 330 -7.17 -9.09 24.66
CA GLY C 330 -7.73 -8.31 25.76
C GLY C 330 -9.07 -8.81 26.27
N THR C 331 -9.52 -8.23 27.38
CA THR C 331 -10.74 -8.64 28.04
C THR C 331 -11.87 -7.62 27.83
N LYS C 332 -11.51 -6.37 27.63
CA LYS C 332 -12.49 -5.29 27.54
C LYS C 332 -12.84 -4.89 26.11
N ASP C 333 -14.09 -4.50 25.91
CA ASP C 333 -14.56 -3.97 24.64
C ASP C 333 -14.35 -2.45 24.63
N ILE C 334 -13.71 -1.95 23.58
CA ILE C 334 -13.64 -0.51 23.37
C ILE C 334 -15.04 -0.02 22.99
N ALA C 335 -15.60 0.81 23.85
CA ALA C 335 -16.93 1.37 23.63
C ALA C 335 -16.91 2.36 22.48
N LEU C 336 -18.08 2.58 21.88
CA LEU C 336 -18.21 3.57 20.82
C LEU C 336 -18.69 4.90 21.37
N SER C 337 -18.14 5.98 20.84
CA SER C 337 -18.60 7.34 21.15
C SER C 337 -19.06 8.01 19.86
N PHE C 338 -20.38 8.09 19.68
CA PHE C 338 -20.95 8.71 18.49
C PHE C 338 -20.94 10.23 18.66
N ASP C 339 -19.75 10.82 18.67
CA ASP C 339 -19.61 12.23 19.06
C ASP C 339 -19.93 13.27 17.98
N GLU C 340 -20.38 12.80 16.82
CA GLU C 340 -21.00 13.66 15.82
C GLU C 340 -22.13 12.90 15.11
N TRP C 341 -23.36 13.27 15.44
CA TRP C 341 -24.53 12.72 14.75
C TRP C 341 -25.62 13.77 14.55
N GLY C 342 -26.47 13.55 13.56
CA GLY C 342 -27.59 14.44 13.30
C GLY C 342 -27.82 14.72 11.82
N VAL C 343 -28.61 15.76 11.57
CA VAL C 343 -28.96 16.16 10.21
C VAL C 343 -28.18 17.40 9.82
N TRP C 344 -27.50 17.33 8.68
CA TRP C 344 -26.73 18.45 8.17
C TRP C 344 -26.79 18.49 6.65
N TYR C 345 -27.34 19.58 6.12
CA TYR C 345 -27.39 19.79 4.68
C TYR C 345 -26.03 20.28 4.20
N SER C 346 -25.17 19.31 3.88
CA SER C 346 -23.77 19.57 3.54
C SER C 346 -23.58 20.01 2.09
N ASP C 347 -24.63 19.90 1.28
CA ASP C 347 -24.61 20.33 -0.13
C ASP C 347 -24.43 21.85 -0.26
N LYS C 348 -24.47 22.54 0.88
CA LYS C 348 -24.16 23.97 0.95
C LYS C 348 -22.68 24.21 1.23
N TRP C 349 -21.88 23.13 1.15
CA TRP C 349 -20.43 23.16 1.41
C TRP C 349 -20.09 23.67 2.81
N GLY C 363 1.21 38.61 0.11
CA GLY C 363 0.08 38.15 0.91
C GLY C 363 -1.15 37.91 0.07
N LEU C 364 -1.85 38.99 -0.26
CA LEU C 364 -3.06 39.03 -1.11
C LEU C 364 -4.42 39.23 -0.43
N HIS C 365 -4.48 39.00 0.89
CA HIS C 365 -5.67 39.35 1.68
C HIS C 365 -5.30 40.19 2.89
N HIS C 366 -5.81 41.41 2.92
CA HIS C 366 -5.45 42.41 3.92
C HIS C 366 -6.53 42.61 4.98
N GLU C 367 -7.74 42.14 4.68
CA GLU C 367 -8.89 42.31 5.55
C GLU C 367 -8.76 41.51 6.85
N PRO C 368 -9.25 42.07 7.97
CA PRO C 368 -9.36 41.30 9.21
C PRO C 368 -10.35 40.16 9.03
N TRP C 369 -10.10 39.04 9.71
CA TRP C 369 -10.98 37.88 9.64
C TRP C 369 -12.25 38.17 10.43
N PRO C 370 -13.42 37.72 9.91
CA PRO C 370 -14.71 38.04 10.54
C PRO C 370 -14.88 37.42 11.93
N LYS C 371 -15.69 38.06 12.76
CA LYS C 371 -16.06 37.52 14.07
C LYS C 371 -17.52 37.07 14.04
N SER C 372 -17.77 35.88 14.60
CA SER C 372 -19.11 35.31 14.73
C SER C 372 -19.95 35.34 13.43
N PRO C 373 -19.47 34.68 12.36
CA PRO C 373 -20.28 34.64 11.14
C PRO C 373 -21.43 33.65 11.27
N HIS C 374 -22.44 33.79 10.42
CA HIS C 374 -23.56 32.87 10.41
C HIS C 374 -23.21 31.63 9.59
N LEU C 375 -22.75 30.59 10.29
CA LEU C 375 -22.31 29.37 9.64
C LEU C 375 -23.16 28.16 10.01
N LEU C 376 -23.38 27.30 9.02
CA LEU C 376 -24.11 26.03 9.17
C LEU C 376 -25.42 26.13 9.95
N GLU C 377 -26.08 27.28 9.83
CA GLU C 377 -27.35 27.54 10.50
C GLU C 377 -28.51 26.99 9.66
N ASP C 378 -28.68 25.67 9.70
CA ASP C 378 -29.77 25.01 9.02
C ASP C 378 -31.08 25.15 9.79
N ILE C 379 -32.17 25.26 9.05
CA ILE C 379 -33.50 25.24 9.64
C ILE C 379 -34.13 23.89 9.30
N TYR C 380 -34.56 23.18 10.34
CA TYR C 380 -35.00 21.78 10.21
C TYR C 380 -36.49 21.61 9.94
N THR C 381 -36.81 20.58 9.17
CA THR C 381 -38.18 20.20 8.87
C THR C 381 -38.71 19.18 9.90
N ALA C 382 -40.01 18.92 9.84
CA ALA C 382 -40.62 17.84 10.61
C ALA C 382 -40.04 16.49 10.18
N ALA C 383 -39.77 16.36 8.89
CA ALA C 383 -39.10 15.18 8.34
C ALA C 383 -37.72 14.98 8.95
N ASP C 384 -36.97 16.08 9.05
CA ASP C 384 -35.65 16.06 9.69
C ASP C 384 -35.76 15.54 11.13
N ALA C 385 -36.76 16.02 11.84
CA ALA C 385 -36.98 15.64 13.24
C ALA C 385 -37.37 14.18 13.38
N VAL C 386 -38.07 13.65 12.38
CA VAL C 386 -38.50 12.25 12.38
C VAL C 386 -37.33 11.29 12.19
N VAL C 387 -36.37 11.69 11.35
CA VAL C 387 -35.17 10.85 11.15
C VAL C 387 -34.24 10.93 12.34
N GLU C 388 -34.16 12.09 12.99
CA GLU C 388 -33.41 12.23 14.23
C GLU C 388 -34.09 11.48 15.36
N GLY C 389 -35.42 11.31 15.24
CA GLY C 389 -36.17 10.46 16.14
C GLY C 389 -35.80 9.00 15.92
N SER C 390 -35.66 8.63 14.65
CA SER C 390 -35.28 7.27 14.28
C SER C 390 -33.81 6.98 14.58
N LEU C 391 -32.96 8.01 14.52
CA LEU C 391 -31.54 7.86 14.85
C LEU C 391 -31.33 7.55 16.33
N MET C 392 -32.02 8.28 17.20
CA MET C 392 -31.95 8.03 18.65
C MET C 392 -32.50 6.64 18.99
N ILE C 393 -33.50 6.19 18.25
CA ILE C 393 -34.03 4.83 18.37
C ILE C 393 -32.94 3.80 18.08
N THR C 394 -32.14 4.04 17.05
CA THR C 394 -31.03 3.16 16.69
C THR C 394 -29.91 3.21 17.74
N LEU C 395 -29.66 4.39 18.29
CA LEU C 395 -28.65 4.55 19.33
C LEU C 395 -29.00 3.77 20.59
N LEU C 396 -30.27 3.84 20.99
CA LEU C 396 -30.76 3.12 22.17
C LEU C 396 -30.76 1.60 21.97
N LYS C 397 -31.18 1.14 20.79
CA LYS C 397 -31.15 -0.29 20.45
C LYS C 397 -29.74 -0.85 20.44
N HIS C 398 -28.76 0.04 20.38
CA HIS C 398 -27.34 -0.35 20.32
C HIS C 398 -26.51 0.30 21.43
N CYS C 399 -27.16 0.66 22.52
CA CYS C 399 -26.48 1.30 23.65
C CYS C 399 -25.66 0.32 24.49
N ASP C 400 -25.67 -0.95 24.09
CA ASP C 400 -24.75 -1.95 24.63
C ASP C 400 -23.32 -1.68 24.16
N ARG C 401 -23.19 -1.24 22.91
CA ARG C 401 -21.89 -0.84 22.37
C ARG C 401 -21.67 0.67 22.40
N VAL C 402 -22.69 1.42 22.00
CA VAL C 402 -22.60 2.87 22.03
C VAL C 402 -22.88 3.36 23.45
N ARG C 403 -21.85 3.87 24.11
CA ARG C 403 -21.95 4.32 25.50
C ARG C 403 -21.89 5.84 25.62
N SER C 404 -21.78 6.50 24.47
CA SER C 404 -21.76 7.96 24.39
C SER C 404 -22.18 8.43 23.00
N ALA C 405 -22.92 9.52 22.96
CA ALA C 405 -23.32 10.14 21.70
C ALA C 405 -23.42 11.65 21.88
N SER C 406 -22.98 12.40 20.87
CA SER C 406 -23.05 13.85 20.92
C SER C 406 -23.81 14.41 19.72
N ARG C 407 -24.98 14.97 19.98
CA ARG C 407 -25.77 15.65 18.96
C ARG C 407 -25.06 16.94 18.57
N ALA C 408 -24.55 16.98 17.34
CA ALA C 408 -23.75 18.11 16.87
C ALA C 408 -24.57 19.02 15.94
N GLN C 409 -24.69 20.29 16.29
CA GLN C 409 -24.14 20.85 17.53
C GLN C 409 -25.27 21.37 18.44
N LEU C 410 -24.92 21.97 19.57
CA LEU C 410 -25.93 22.37 20.55
C LEU C 410 -26.74 23.61 20.17
N VAL C 411 -26.05 24.68 19.75
CA VAL C 411 -26.71 25.96 19.49
C VAL C 411 -26.33 26.54 18.14
N ASN C 412 -27.33 26.96 17.37
CA ASN C 412 -27.16 27.66 16.08
C ASN C 412 -26.60 26.78 14.97
N VAL C 413 -25.40 26.25 15.19
CA VAL C 413 -24.73 25.39 14.22
C VAL C 413 -25.39 24.01 14.15
N ILE C 414 -26.05 23.74 13.03
CA ILE C 414 -26.85 22.51 12.83
C ILE C 414 -27.50 21.93 14.08
N ALA C 415 -28.24 22.79 14.78
CA ALA C 415 -28.63 22.54 16.16
C ALA C 415 -30.13 22.41 16.43
N PRO C 416 -30.49 21.71 17.52
CA PRO C 416 -31.88 21.67 17.98
C PRO C 416 -32.32 22.99 18.61
N ILE C 417 -31.35 23.84 18.95
CA ILE C 417 -31.63 25.15 19.53
C ILE C 417 -31.09 26.25 18.62
N MET C 418 -31.94 27.22 18.29
CA MET C 418 -31.53 28.38 17.53
C MET C 418 -31.62 29.65 18.36
N ALA C 419 -30.52 30.40 18.40
CA ALA C 419 -30.46 31.68 19.07
C ALA C 419 -30.16 32.78 18.05
N GLU C 420 -31.16 33.61 17.79
CA GLU C 420 -31.06 34.69 16.81
C GLU C 420 -30.05 35.75 17.23
N GLU C 421 -29.46 36.42 16.24
CA GLU C 421 -28.60 37.58 16.48
C GLU C 421 -29.35 38.66 17.28
N HIS C 422 -28.98 38.79 18.56
CA HIS C 422 -29.71 39.63 19.54
C HIS C 422 -31.24 39.54 19.53
N GLY C 423 -31.75 38.32 19.32
CA GLY C 423 -33.18 38.05 19.27
C GLY C 423 -33.54 36.93 20.24
N PRO C 424 -34.71 36.32 20.06
CA PRO C 424 -35.14 35.26 20.98
C PRO C 424 -34.53 33.90 20.67
N ALA C 425 -34.48 33.03 21.67
CA ALA C 425 -34.06 31.64 21.48
C ALA C 425 -35.30 30.78 21.30
N TRP C 426 -35.23 29.82 20.39
CA TRP C 426 -36.37 28.98 20.06
C TRP C 426 -36.01 27.53 19.73
N ARG C 427 -36.98 26.65 19.90
CA ARG C 427 -36.79 25.21 19.69
C ARG C 427 -36.98 24.86 18.23
N GLN C 428 -35.98 24.23 17.64
CA GLN C 428 -36.10 23.65 16.30
C GLN C 428 -37.01 22.42 16.42
N THR C 429 -37.38 21.83 15.29
CA THR C 429 -38.22 20.63 15.30
C THR C 429 -37.48 19.45 15.93
N THR C 430 -36.18 19.35 15.65
CA THR C 430 -35.34 18.27 16.15
C THR C 430 -35.17 18.28 17.67
N PHE C 431 -35.58 19.38 18.29
CA PHE C 431 -35.51 19.56 19.75
C PHE C 431 -36.36 18.55 20.49
N TYR C 432 -37.56 18.29 19.96
CA TYR C 432 -38.61 17.58 20.70
C TYR C 432 -38.40 16.07 20.88
N PRO C 433 -37.98 15.34 19.82
CA PRO C 433 -37.69 13.92 20.03
C PRO C 433 -36.51 13.68 20.98
N PHE C 434 -35.46 14.47 20.85
CA PHE C 434 -34.29 14.38 21.72
C PHE C 434 -34.69 14.64 23.17
N ALA C 435 -35.41 15.73 23.39
CA ALA C 435 -35.84 16.15 24.74
C ALA C 435 -36.66 15.07 25.45
N GLU C 436 -37.56 14.43 24.71
CA GLU C 436 -38.38 13.35 25.25
C GLU C 436 -37.53 12.15 25.68
N ALA C 437 -36.56 11.77 24.84
CA ALA C 437 -35.69 10.64 25.13
C ALA C 437 -34.72 10.92 26.27
N ALA C 438 -34.11 12.11 26.25
CA ALA C 438 -33.14 12.52 27.26
C ALA C 438 -33.75 12.58 28.67
N LEU C 439 -35.04 12.88 28.72
CA LEU C 439 -35.76 12.99 29.98
C LEU C 439 -36.39 11.67 30.44
N HIS C 440 -36.78 10.82 29.49
CA HIS C 440 -37.57 9.62 29.82
C HIS C 440 -37.01 8.26 29.40
N ALA C 441 -35.85 8.25 28.73
CA ALA C 441 -35.20 6.97 28.38
C ALA C 441 -34.24 6.55 29.48
N ARG C 442 -34.76 5.85 30.48
CA ARG C 442 -34.02 5.51 31.69
C ARG C 442 -34.16 4.03 32.05
N GLY C 443 -33.10 3.48 32.64
CA GLY C 443 -33.09 2.08 33.07
C GLY C 443 -32.41 1.19 32.05
N GLN C 444 -33.15 0.22 31.54
CA GLN C 444 -32.64 -0.71 30.55
C GLN C 444 -33.33 -0.50 29.21
N ALA C 445 -32.56 -0.57 28.13
CA ALA C 445 -33.09 -0.49 26.78
C ALA C 445 -33.48 -1.88 26.29
N TYR C 446 -34.57 -1.95 25.54
CA TYR C 446 -35.07 -3.21 25.00
C TYR C 446 -35.28 -3.09 23.49
N ALA C 447 -34.79 -4.08 22.74
CA ALA C 447 -35.04 -4.16 21.31
C ALA C 447 -36.33 -4.96 21.08
N PRO C 448 -37.44 -4.27 20.77
CA PRO C 448 -38.74 -4.90 20.69
C PRO C 448 -38.91 -5.74 19.42
N ALA C 449 -39.68 -6.81 19.54
CA ALA C 449 -40.09 -7.59 18.39
C ALA C 449 -41.05 -6.74 17.57
N ILE C 450 -40.67 -6.49 16.31
CA ILE C 450 -41.47 -5.64 15.43
C ILE C 450 -41.83 -6.40 14.16
N SER C 451 -43.14 -6.55 13.93
CA SER C 451 -43.64 -6.98 12.63
C SER C 451 -44.16 -5.75 11.92
N SER C 452 -43.56 -5.42 10.79
CA SER C 452 -43.89 -4.22 10.05
C SER C 452 -43.86 -4.50 8.55
N PRO C 453 -44.77 -3.85 7.79
CA PRO C 453 -44.66 -3.91 6.33
C PRO C 453 -43.39 -3.20 5.88
N THR C 454 -42.78 -3.69 4.80
CA THR C 454 -41.51 -3.15 4.31
C THR C 454 -41.73 -2.09 3.24
N ILE C 455 -40.95 -1.02 3.30
CA ILE C 455 -40.93 -0.01 2.25
C ILE C 455 -39.67 -0.18 1.43
N HIS C 456 -39.80 -0.05 0.11
CA HIS C 456 -38.64 -0.08 -0.76
C HIS C 456 -38.00 1.31 -0.82
N THR C 457 -36.67 1.34 -0.62
CA THR C 457 -35.89 2.56 -0.76
C THR C 457 -34.84 2.36 -1.84
N GLU C 458 -34.51 3.43 -2.56
CA GLU C 458 -33.52 3.37 -3.63
C GLU C 458 -32.09 3.21 -3.11
N ALA C 459 -31.82 3.78 -1.94
CA ALA C 459 -30.48 3.77 -1.36
C ALA C 459 -30.19 2.51 -0.56
N TYR C 460 -31.17 2.04 0.20
CA TYR C 460 -30.95 0.97 1.18
C TYR C 460 -31.80 -0.29 0.95
N GLY C 461 -32.63 -0.27 -0.09
CA GLY C 461 -33.47 -1.41 -0.42
C GLY C 461 -34.71 -1.50 0.45
N ASP C 462 -35.16 -2.73 0.71
CA ASP C 462 -36.32 -2.97 1.57
C ASP C 462 -35.98 -2.74 3.04
N VAL C 463 -36.79 -1.91 3.69
CA VAL C 463 -36.58 -1.48 5.07
C VAL C 463 -37.92 -1.46 5.79
N PRO C 464 -37.97 -1.92 7.07
CA PRO C 464 -39.23 -1.88 7.84
C PRO C 464 -39.78 -0.46 7.96
N ALA C 465 -41.10 -0.33 7.81
CA ALA C 465 -41.77 0.97 7.87
C ALA C 465 -41.78 1.52 9.30
N ILE C 466 -41.98 0.62 10.26
CA ILE C 466 -41.97 0.97 11.67
C ILE C 466 -40.70 0.44 12.32
N ASP C 467 -40.03 1.32 13.07
CA ASP C 467 -38.93 0.94 13.94
C ASP C 467 -39.13 1.57 15.30
N ALA C 468 -38.70 0.88 16.35
CA ALA C 468 -39.00 1.29 17.71
C ALA C 468 -37.99 0.78 18.73
N VAL C 469 -38.04 1.39 19.92
CA VAL C 469 -37.25 0.97 21.06
C VAL C 469 -38.07 1.20 22.34
N VAL C 470 -37.98 0.26 23.27
CA VAL C 470 -38.68 0.37 24.55
C VAL C 470 -37.69 0.53 25.70
N THR C 471 -37.99 1.48 26.57
CA THR C 471 -37.19 1.75 27.76
C THR C 471 -37.96 1.31 29.01
N TRP C 472 -37.26 0.76 29.99
CA TRP C 472 -37.88 0.30 31.23
C TRP C 472 -37.01 0.52 32.46
N ASP C 473 -37.58 1.18 33.46
CA ASP C 473 -36.95 1.43 34.75
C ASP C 473 -37.73 0.66 35.82
N GLU C 474 -37.26 -0.54 36.13
CA GLU C 474 -37.99 -1.49 36.98
C GLU C 474 -38.02 -1.13 38.48
N GLN C 475 -37.72 0.12 38.82
CA GLN C 475 -37.76 0.60 40.19
C GLN C 475 -38.50 1.94 40.33
N ALA C 476 -39.16 2.37 39.26
CA ALA C 476 -39.80 3.68 39.26
C ALA C 476 -41.34 3.69 39.43
N ARG C 477 -42.07 2.74 38.82
CA ARG C 477 -41.58 1.77 37.86
C ARG C 477 -42.09 2.20 36.49
N THR C 478 -41.41 3.16 35.90
CA THR C 478 -41.85 3.82 34.67
C THR C 478 -41.09 3.33 33.43
N GLY C 479 -41.71 3.53 32.27
CA GLY C 479 -41.13 3.11 31.01
C GLY C 479 -41.34 4.14 29.92
N LEU C 480 -40.88 3.81 28.71
CA LEU C 480 -40.94 4.73 27.57
C LEU C 480 -40.85 3.95 26.26
N LEU C 481 -41.63 4.37 25.28
CA LEU C 481 -41.57 3.78 23.95
C LEU C 481 -41.39 4.87 22.91
N LEU C 482 -40.32 4.75 22.13
CA LEU C 482 -40.09 5.63 21.01
C LEU C 482 -40.29 4.83 19.74
N ALA C 483 -41.11 5.35 18.83
CA ALA C 483 -41.35 4.67 17.57
C ALA C 483 -41.49 5.66 16.43
N VAL C 484 -41.16 5.22 15.22
CA VAL C 484 -41.27 6.03 14.02
C VAL C 484 -41.98 5.30 12.89
N ASN C 485 -42.76 6.04 12.12
CA ASN C 485 -43.25 5.56 10.84
C ASN C 485 -42.40 6.19 9.74
N ARG C 486 -41.59 5.37 9.08
CA ARG C 486 -40.65 5.84 8.06
C ARG C 486 -41.25 5.81 6.65
N ASP C 487 -42.46 5.25 6.54
CA ASP C 487 -43.21 5.23 5.29
C ASP C 487 -43.60 6.65 4.90
N ALA C 488 -43.25 7.05 3.67
CA ALA C 488 -43.49 8.41 3.20
C ALA C 488 -44.91 8.67 2.71
N ASN C 489 -45.63 7.60 2.39
CA ASN C 489 -46.97 7.74 1.80
C ASN C 489 -48.08 7.09 2.62
N THR C 490 -47.80 5.93 3.21
CA THR C 490 -48.82 5.12 3.86
C THR C 490 -48.77 5.21 5.39
N PRO C 491 -49.90 5.57 6.02
CA PRO C 491 -50.03 5.48 7.47
C PRO C 491 -50.18 4.02 7.91
N HIS C 492 -49.89 3.73 9.17
CA HIS C 492 -50.01 2.38 9.71
C HIS C 492 -50.57 2.37 11.12
N THR C 493 -51.53 1.49 11.37
CA THR C 493 -52.12 1.32 12.71
C THR C 493 -51.28 0.32 13.50
N LEU C 494 -50.91 0.73 14.71
CA LEU C 494 -49.93 0.04 15.52
C LEU C 494 -50.51 -0.48 16.83
N THR C 495 -50.34 -1.77 17.09
CA THR C 495 -50.65 -2.36 18.39
C THR C 495 -49.40 -2.48 19.24
N ILE C 496 -49.56 -2.42 20.56
CA ILE C 496 -48.45 -2.50 21.50
C ILE C 496 -48.73 -3.54 22.58
N ASP C 497 -47.83 -4.50 22.75
CA ASP C 497 -47.94 -5.52 23.80
C ASP C 497 -46.68 -5.54 24.68
N LEU C 498 -46.79 -4.93 25.86
CA LEU C 498 -45.66 -4.80 26.78
C LEU C 498 -45.97 -5.78 27.93
N SER C 499 -45.67 -7.05 27.70
CA SER C 499 -46.03 -8.10 28.66
C SER C 499 -44.76 -8.61 29.34
N GLY C 500 -43.68 -8.77 28.57
CA GLY C 500 -42.44 -9.39 29.05
C GLY C 500 -41.65 -8.65 30.11
N LEU C 501 -42.08 -7.43 30.45
CA LEU C 501 -41.36 -6.58 31.41
C LEU C 501 -41.49 -7.08 32.85
N PRO C 502 -40.34 -7.21 33.56
CA PRO C 502 -40.28 -7.73 34.93
C PRO C 502 -40.98 -6.83 35.94
N LEU C 510 -50.04 -2.79 32.93
CA LEU C 510 -49.40 -1.53 32.54
C LEU C 510 -50.40 -0.42 32.35
N ALA C 511 -50.00 0.80 32.70
CA ALA C 511 -50.86 1.98 32.57
C ALA C 511 -50.24 3.02 31.64
N LEU C 512 -51.08 3.59 30.78
CA LEU C 512 -50.64 4.62 29.82
C LEU C 512 -50.40 5.97 30.48
N GLY C 513 -49.58 6.79 29.83
CA GLY C 513 -49.30 8.16 30.29
C GLY C 513 -49.31 9.13 29.13
N LYS C 514 -48.52 10.21 29.25
CA LYS C 514 -48.43 11.22 28.21
C LYS C 514 -47.94 10.62 26.89
N ALA C 515 -48.77 10.74 25.86
CA ALA C 515 -48.44 10.24 24.53
C ALA C 515 -48.36 11.39 23.52
N GLN C 516 -47.24 11.46 22.81
CA GLN C 516 -46.98 12.53 21.85
C GLN C 516 -46.91 12.02 20.42
N LEU C 517 -47.24 12.90 19.47
CA LEU C 517 -47.12 12.63 18.04
C LEU C 517 -46.52 13.85 17.35
N LEU C 518 -45.44 13.63 16.61
CA LEU C 518 -44.80 14.68 15.82
C LEU C 518 -45.00 14.40 14.34
N HIS C 519 -45.92 15.16 13.73
CA HIS C 519 -46.29 14.96 12.32
C HIS C 519 -46.83 16.24 11.68
N GLU C 520 -46.42 16.47 10.44
CA GLU C 520 -46.98 17.52 9.61
C GLU C 520 -47.30 16.93 8.24
N ASP C 521 -48.51 17.19 7.75
CA ASP C 521 -48.97 16.68 6.45
C ASP C 521 -48.07 17.15 5.31
N ASP C 522 -47.57 18.38 5.41
CA ASP C 522 -46.48 18.87 4.60
C ASP C 522 -45.19 18.63 5.40
N PRO C 523 -44.42 17.58 5.03
CA PRO C 523 -43.24 17.18 5.80
C PRO C 523 -42.08 18.17 5.71
N TYR C 524 -42.19 19.13 4.81
CA TYR C 524 -41.16 20.14 4.60
C TYR C 524 -41.38 21.41 5.43
N ARG C 525 -42.45 21.41 6.23
CA ARG C 525 -42.74 22.53 7.12
C ARG C 525 -41.73 22.60 8.26
N THR C 526 -41.32 23.82 8.61
CA THR C 526 -40.29 24.06 9.61
C THR C 526 -40.76 25.06 10.67
N ASN C 527 -40.04 25.10 11.79
CA ASN C 527 -40.18 26.18 12.76
C ASN C 527 -39.26 27.34 12.41
N THR C 528 -39.72 28.57 12.67
CA THR C 528 -38.91 29.76 12.44
C THR C 528 -38.91 30.63 13.71
N ALA C 529 -38.25 31.78 13.65
CA ALA C 529 -38.29 32.71 14.78
C ALA C 529 -39.67 33.38 14.87
N GLU C 530 -40.30 33.56 13.71
CA GLU C 530 -41.67 34.09 13.63
C GLU C 530 -42.68 33.06 14.13
N ALA C 531 -42.51 31.81 13.68
CA ALA C 531 -43.39 30.72 14.07
C ALA C 531 -42.59 29.59 14.73
N PRO C 532 -42.23 29.77 16.02
CA PRO C 532 -41.42 28.77 16.71
C PRO C 532 -42.24 27.56 17.20
N GLU C 533 -43.54 27.59 16.94
CA GLU C 533 -44.43 26.52 17.38
C GLU C 533 -45.37 26.05 16.27
N ALA C 534 -44.94 26.27 15.02
CA ALA C 534 -45.67 25.79 13.84
C ALA C 534 -45.72 24.26 13.80
N VAL C 535 -44.62 23.63 14.22
CA VAL C 535 -44.59 22.18 14.40
C VAL C 535 -44.04 21.81 15.79
N THR C 536 -44.95 21.37 16.65
CA THR C 536 -44.64 20.85 17.97
C THR C 536 -45.34 19.50 18.12
N PRO C 537 -44.92 18.68 19.10
CA PRO C 537 -45.62 17.41 19.34
C PRO C 537 -47.07 17.61 19.78
N GLN C 538 -47.96 16.83 19.20
CA GLN C 538 -49.40 16.94 19.44
C GLN C 538 -49.88 15.69 20.21
N PRO C 539 -50.94 15.82 21.03
CA PRO C 539 -51.42 14.69 21.82
C PRO C 539 -51.84 13.49 20.97
N LEU C 540 -51.25 12.33 21.24
CA LEU C 540 -51.49 11.13 20.44
C LEU C 540 -52.80 10.44 20.80
N ASP C 541 -53.63 10.23 19.78
CA ASP C 541 -54.89 9.51 19.94
C ASP C 541 -54.62 8.02 20.04
N ILE C 542 -54.66 7.52 21.27
CA ILE C 542 -54.32 6.13 21.57
C ILE C 542 -55.36 5.49 22.49
N ALA C 543 -55.82 4.28 22.13
CA ALA C 543 -56.84 3.58 22.89
C ALA C 543 -56.34 2.24 23.42
N MET C 544 -56.45 2.04 24.73
CA MET C 544 -56.04 0.78 25.35
C MET C 544 -57.19 -0.21 25.40
N ASN C 545 -56.90 -1.46 25.02
CA ASN C 545 -57.90 -2.53 24.97
C ASN C 545 -57.44 -3.77 25.72
N THR C 547 -57.69 -6.17 28.14
CA THR C 547 -56.60 -5.46 28.80
C THR C 547 -55.23 -5.90 28.26
N GLY C 548 -54.26 -5.00 28.34
CA GLY C 548 -52.88 -5.30 27.96
C GLY C 548 -52.40 -4.61 26.70
N THR C 549 -53.18 -4.75 25.62
CA THR C 549 -52.78 -4.27 24.31
C THR C 549 -53.49 -2.95 23.94
N CYS C 550 -52.70 -1.93 23.65
CA CYS C 550 -53.23 -0.64 23.18
C CYS C 550 -52.88 -0.38 21.72
N THR C 551 -53.66 0.49 21.08
CA THR C 551 -53.52 0.74 19.64
C THR C 551 -53.47 2.22 19.28
N ALA C 552 -52.65 2.55 18.29
CA ALA C 552 -52.50 3.92 17.80
C ALA C 552 -52.20 3.96 16.31
N THR C 553 -52.76 4.95 15.62
CA THR C 553 -52.51 5.16 14.21
C THR C 553 -51.41 6.20 14.00
N LEU C 554 -50.33 5.79 13.34
CA LEU C 554 -49.22 6.70 13.04
C LEU C 554 -49.27 7.07 11.55
N PRO C 555 -49.46 8.37 11.25
CA PRO C 555 -49.53 8.85 9.86
C PRO C 555 -48.18 8.69 9.14
N ALA C 556 -48.18 9.00 7.84
CA ALA C 556 -46.95 8.99 7.06
C ALA C 556 -45.96 10.00 7.63
N ILE C 557 -44.70 9.58 7.77
CA ILE C 557 -43.61 10.41 8.31
C ILE C 557 -43.96 10.93 9.71
N SER C 558 -43.88 10.04 10.69
CA SER C 558 -44.29 10.37 12.06
C SER C 558 -43.33 9.81 13.10
N TRP C 559 -43.14 10.59 14.17
CA TRP C 559 -42.46 10.13 15.36
C TRP C 559 -43.46 10.20 16.51
N ILE C 560 -43.54 9.14 17.30
CA ILE C 560 -44.33 9.18 18.53
C ILE C 560 -43.50 8.81 19.75
N SER C 561 -43.97 9.27 20.91
CA SER C 561 -43.47 8.83 22.18
C SER C 561 -44.64 8.51 23.09
N VAL C 562 -44.52 7.43 23.85
CA VAL C 562 -45.56 7.07 24.80
C VAL C 562 -44.93 6.59 26.12
N GLU C 563 -45.15 7.39 27.15
CA GLU C 563 -44.68 7.10 28.50
C GLU C 563 -45.68 6.16 29.17
N PHE C 564 -45.18 5.22 29.98
CA PHE C 564 -46.07 4.27 30.67
C PHE C 564 -45.60 3.86 32.06
N HIS C 565 -46.54 3.40 32.87
CA HIS C 565 -46.30 2.97 34.25
C HIS C 565 -47.38 1.98 34.70
N THR D 41 40.89 -29.29 54.02
CA THR D 41 40.14 -28.77 52.84
C THR D 41 40.69 -29.34 51.54
N THR D 42 39.80 -29.55 50.57
CA THR D 42 40.17 -30.16 49.29
C THR D 42 40.07 -29.20 48.11
N PRO D 43 41.22 -28.93 47.45
CA PRO D 43 41.24 -28.06 46.26
C PRO D 43 40.68 -28.78 45.04
N ASP D 44 39.65 -28.18 44.44
CA ASP D 44 39.00 -28.77 43.25
C ASP D 44 38.88 -27.78 42.09
N ALA D 45 38.94 -26.48 42.42
CA ALA D 45 38.82 -25.42 41.43
C ALA D 45 40.16 -24.71 41.18
N SER D 46 40.33 -24.17 39.97
CA SER D 46 41.58 -23.50 39.61
C SER D 46 41.38 -22.16 38.90
N ILE D 47 41.86 -21.10 39.53
CA ILE D 47 41.93 -19.77 38.94
C ILE D 47 43.39 -19.46 38.63
N ALA D 48 43.72 -19.42 37.33
CA ALA D 48 45.10 -19.21 36.90
C ALA D 48 45.20 -18.44 35.58
N LEU D 49 46.28 -17.68 35.44
CA LEU D 49 46.57 -16.98 34.18
C LEU D 49 47.46 -17.87 33.31
N ASN D 50 47.12 -17.97 32.03
CA ASN D 50 47.79 -18.87 31.09
C ASN D 50 49.21 -18.47 30.69
N ALA D 51 50.05 -18.19 31.71
CA ALA D 51 51.48 -17.88 31.54
C ALA D 51 51.79 -16.64 30.68
N ASP D 52 51.07 -16.51 29.57
CA ASP D 52 51.31 -15.42 28.62
C ASP D 52 50.02 -14.70 28.20
N ALA D 53 49.66 -13.68 28.98
CA ALA D 53 48.53 -12.81 28.68
C ALA D 53 49.08 -11.37 28.57
N THR D 54 48.56 -10.50 27.70
CA THR D 54 47.31 -10.57 26.88
C THR D 54 46.02 -10.32 27.68
N PRO D 55 45.76 -9.05 28.03
CA PRO D 55 44.61 -8.65 28.85
C PRO D 55 43.35 -8.40 28.03
N VAL D 56 42.25 -8.17 28.74
CA VAL D 56 41.00 -7.75 28.11
C VAL D 56 41.13 -6.30 27.63
N ALA D 57 41.46 -5.41 28.58
CA ALA D 57 41.58 -3.98 28.31
C ALA D 57 42.09 -3.25 29.55
N ASP D 58 42.48 -1.98 29.38
CA ASP D 58 42.71 -1.09 30.51
C ASP D 58 41.36 -0.76 31.13
N VAL D 59 41.28 -0.83 32.46
CA VAL D 59 40.02 -0.60 33.15
C VAL D 59 39.58 0.87 33.08
N PRO D 60 38.40 1.12 32.47
CA PRO D 60 37.87 2.49 32.41
C PRO D 60 37.36 2.93 33.78
N PRO D 61 37.69 4.17 34.20
CA PRO D 61 37.18 4.72 35.45
C PRO D 61 35.67 4.91 35.48
N ARG D 62 35.03 4.99 34.31
CA ARG D 62 33.58 5.20 34.21
C ARG D 62 32.77 3.95 34.52
N LEU D 63 33.45 2.81 34.60
CA LEU D 63 32.82 1.54 34.96
C LEU D 63 32.28 1.57 36.39
N PHE D 64 32.84 2.46 37.22
CA PHE D 64 32.42 2.60 38.60
C PHE D 64 31.55 3.83 38.81
N GLY D 65 30.66 4.08 37.85
CA GLY D 65 29.70 5.18 37.93
C GLY D 65 28.41 4.77 38.62
N SER D 66 27.64 5.78 39.04
CA SER D 66 26.32 5.55 39.60
C SER D 66 25.27 6.43 38.92
N PHE D 67 24.12 6.59 39.57
CA PHE D 67 22.94 7.15 38.94
C PHE D 67 22.02 7.74 40.00
N VAL D 68 21.77 9.04 39.88
CA VAL D 68 20.84 9.76 40.76
C VAL D 68 19.63 10.22 39.95
N GLU D 69 18.47 9.71 40.32
CA GLU D 69 17.21 10.09 39.68
C GLU D 69 16.33 10.81 40.69
N HIS D 70 15.53 11.75 40.21
CA HIS D 70 14.46 12.34 41.01
C HIS D 70 13.37 11.28 41.23
N LEU D 71 13.72 10.28 42.02
CA LEU D 71 12.86 9.15 42.33
C LEU D 71 12.89 8.96 43.84
N GLY D 72 11.71 8.78 44.43
CA GLY D 72 11.59 8.50 45.85
C GLY D 72 12.40 9.45 46.70
N ARG D 73 13.43 8.91 47.35
CA ARG D 73 14.27 9.70 48.27
C ARG D 73 15.76 9.68 47.90
N CYS D 74 16.05 9.45 46.61
CA CYS D 74 17.42 9.48 46.12
C CYS D 74 17.99 10.89 46.15
N VAL D 75 17.17 11.87 45.80
CA VAL D 75 17.56 13.28 45.84
C VAL D 75 17.13 13.91 47.16
N TYR D 76 15.82 13.93 47.41
CA TYR D 76 15.28 14.56 48.60
C TYR D 76 15.26 13.57 49.76
N GLY D 77 16.04 13.86 50.79
CA GLY D 77 16.23 12.96 51.92
C GLY D 77 17.38 12.00 51.65
N GLY D 78 18.04 12.19 50.51
CA GLY D 78 19.18 11.39 50.11
C GLY D 78 20.44 12.23 50.07
N ILE D 79 20.71 12.82 48.91
CA ILE D 79 21.86 13.71 48.75
C ILE D 79 21.53 15.13 49.21
N TYR D 80 20.24 15.49 49.20
CA TYR D 80 19.81 16.83 49.55
C TYR D 80 18.85 16.82 50.75
N GLU D 81 19.26 17.48 51.83
CA GLU D 81 18.45 17.60 53.04
C GLU D 81 18.99 18.76 53.87
N PRO D 82 18.47 19.99 53.61
CA PRO D 82 19.00 21.23 54.18
C PRO D 82 18.97 21.31 55.70
N SER D 83 18.02 20.62 56.32
CA SER D 83 17.83 20.66 57.77
C SER D 83 18.55 19.52 58.49
N HIS D 84 19.34 18.74 57.74
CA HIS D 84 20.08 17.61 58.32
C HIS D 84 21.30 18.07 59.12
N PRO D 85 21.58 17.41 60.26
CA PRO D 85 22.73 17.75 61.12
C PRO D 85 24.11 17.75 60.45
N THR D 86 24.18 17.29 59.19
CA THR D 86 25.44 17.27 58.43
C THR D 86 25.36 18.08 57.12
N ALA D 87 24.25 18.77 56.93
CA ALA D 87 24.04 19.57 55.71
C ALA D 87 25.03 20.73 55.60
N ASP D 88 25.59 20.90 54.40
CA ASP D 88 26.47 22.04 54.13
C ASP D 88 25.65 23.28 53.84
N GLU D 89 26.31 24.33 53.35
CA GLU D 89 25.65 25.59 53.01
C GLU D 89 24.62 25.44 51.89
N ASN D 90 24.91 24.57 50.92
CA ASN D 90 23.98 24.30 49.81
C ASN D 90 22.88 23.30 50.17
N GLY D 91 23.00 22.70 51.36
CA GLY D 91 21.99 21.76 51.85
C GLY D 91 22.24 20.31 51.47
N PHE D 92 23.47 20.00 51.06
CA PHE D 92 23.84 18.61 50.75
C PHE D 92 24.33 17.90 52.01
N ARG D 93 23.87 16.67 52.21
CA ARG D 93 24.28 15.86 53.35
C ARG D 93 25.73 15.42 53.21
N GLN D 94 26.54 15.78 54.20
CA GLN D 94 27.97 15.44 54.17
C GLN D 94 28.20 13.96 54.46
N ASP D 95 27.39 13.38 55.33
CA ASP D 95 27.52 11.95 55.66
C ASP D 95 27.29 11.07 54.43
N VAL D 96 26.38 11.51 53.57
CA VAL D 96 26.10 10.82 52.32
C VAL D 96 27.27 11.01 51.34
N LEU D 97 27.75 12.25 51.23
CA LEU D 97 28.92 12.58 50.41
C LEU D 97 30.16 11.78 50.83
N ASP D 98 30.37 11.64 52.14
CA ASP D 98 31.48 10.86 52.69
C ASP D 98 31.43 9.40 52.23
N LEU D 99 30.23 8.82 52.22
CA LEU D 99 30.04 7.45 51.77
C LEU D 99 30.13 7.29 50.24
N VAL D 100 29.87 8.37 49.50
CA VAL D 100 30.02 8.36 48.05
C VAL D 100 31.51 8.29 47.70
N LYS D 101 32.31 9.08 48.41
CA LYS D 101 33.77 9.05 48.29
C LYS D 101 34.29 7.65 48.63
N GLU D 102 33.83 7.11 49.76
CA GLU D 102 34.22 5.78 50.22
C GLU D 102 33.79 4.69 49.23
N LEU D 103 32.70 4.93 48.51
CA LEU D 103 32.20 3.98 47.53
C LEU D 103 33.01 3.97 46.24
N GLY D 104 33.64 5.10 45.93
CA GLY D 104 34.52 5.22 44.76
C GLY D 104 33.78 5.44 43.46
N VAL D 105 32.65 6.14 43.54
CA VAL D 105 31.89 6.53 42.35
C VAL D 105 32.64 7.66 41.62
N THR D 106 32.77 7.53 40.31
CA THR D 106 33.52 8.48 39.49
C THR D 106 32.63 9.36 38.63
N CYS D 107 31.46 8.83 38.26
CA CYS D 107 30.56 9.48 37.32
C CYS D 107 29.13 9.14 37.68
N VAL D 108 28.27 10.17 37.78
CA VAL D 108 26.90 9.98 38.23
C VAL D 108 25.91 10.44 37.15
N ARG D 109 24.94 9.57 36.85
CA ARG D 109 23.92 9.84 35.86
C ARG D 109 22.76 10.61 36.48
N TYR D 110 22.31 11.65 35.76
CA TYR D 110 21.34 12.62 36.28
C TYR D 110 20.57 13.23 35.11
N PRO D 111 19.26 13.54 35.29
CA PRO D 111 18.43 13.29 36.47
C PRO D 111 17.50 12.07 36.32
N GLY D 112 17.72 11.26 35.28
CA GLY D 112 16.86 10.12 35.00
C GLY D 112 17.33 9.27 33.82
N GLY D 113 16.68 8.12 33.60
CA GLY D 113 15.57 7.65 34.42
C GLY D 113 14.23 8.10 33.90
N ASN D 114 13.19 7.32 34.22
CA ASN D 114 11.82 7.61 33.79
C ASN D 114 11.38 9.05 34.06
N PHE D 115 11.91 9.62 35.15
CA PHE D 115 11.63 10.99 35.55
C PHE D 115 11.83 12.01 34.42
N VAL D 116 12.94 11.86 33.69
CA VAL D 116 13.38 12.84 32.70
C VAL D 116 12.44 12.98 31.49
N SER D 117 11.68 11.92 31.20
CA SER D 117 10.78 11.90 30.03
C SER D 117 9.61 12.90 30.09
N ASN D 118 9.32 13.43 31.28
CA ASN D 118 8.34 14.50 31.42
C ASN D 118 8.87 15.64 32.31
N TYR D 119 10.12 16.02 32.06
CA TYR D 119 10.81 17.01 32.87
C TYR D 119 11.26 18.21 32.04
N ASN D 120 10.96 19.41 32.54
CA ASN D 120 11.40 20.65 31.92
C ASN D 120 12.63 21.19 32.65
N TRP D 121 13.78 21.19 31.98
CA TRP D 121 15.05 21.46 32.65
C TRP D 121 15.19 22.88 33.22
N GLU D 122 14.44 23.83 32.65
CA GLU D 122 14.43 25.22 33.11
C GLU D 122 13.71 25.37 34.45
N ASP D 123 12.85 24.42 34.78
CA ASP D 123 12.12 24.42 36.05
C ASP D 123 13.04 24.29 37.25
N GLY D 124 14.24 23.76 37.02
CA GLY D 124 15.20 23.51 38.08
C GLY D 124 16.38 24.46 38.11
N ILE D 125 16.31 25.53 37.33
CA ILE D 125 17.36 26.55 37.30
C ILE D 125 16.86 27.86 37.90
N GLY D 126 17.79 28.78 38.17
CA GLY D 126 17.45 30.07 38.76
C GLY D 126 17.25 29.97 40.25
N PRO D 127 16.75 31.06 40.87
CA PRO D 127 16.51 31.11 42.32
C PRO D 127 15.42 30.15 42.75
N ARG D 128 15.72 29.32 43.77
CA ARG D 128 14.77 28.33 44.29
C ARG D 128 13.39 28.92 44.57
N GLU D 129 13.36 30.09 45.19
CA GLU D 129 12.12 30.78 45.55
C GLU D 129 11.12 30.78 44.40
N ASN D 130 11.61 31.02 43.19
CA ASN D 130 10.77 31.24 42.02
C ASN D 130 10.62 30.03 41.08
N ARG D 131 11.12 28.88 41.53
CA ARG D 131 10.98 27.64 40.74
C ARG D 131 9.58 27.04 40.93
N PRO D 132 8.94 26.65 39.82
CA PRO D 132 7.57 26.12 39.87
C PRO D 132 7.51 24.71 40.47
N MET D 133 6.39 24.40 41.12
CA MET D 133 6.18 23.06 41.64
C MET D 133 5.45 22.23 40.58
N ARG D 134 6.01 21.05 40.29
CA ARG D 134 5.60 20.28 39.12
C ARG D 134 5.21 18.84 39.45
N ARG D 135 4.49 18.21 38.52
CA ARG D 135 4.13 16.81 38.60
C ARG D 135 5.23 15.96 37.97
N ASP D 136 5.47 14.78 38.53
CA ASP D 136 6.19 13.74 37.83
C ASP D 136 5.25 12.57 37.57
N LEU D 137 5.00 12.30 36.29
CA LEU D 137 4.11 11.20 35.89
C LEU D 137 4.69 9.82 36.18
N ALA D 138 6.00 9.67 35.99
CA ALA D 138 6.68 8.38 36.12
C ALA D 138 6.51 7.72 37.48
N TRP D 139 6.67 8.48 38.56
CA TRP D 139 6.63 7.95 39.92
C TRP D 139 5.47 8.50 40.74
N HIS D 140 4.61 9.27 40.08
CA HIS D 140 3.40 9.85 40.68
C HIS D 140 3.72 10.70 41.90
N CYS D 141 4.62 11.66 41.71
CA CYS D 141 5.05 12.53 42.80
C CYS D 141 4.97 13.99 42.39
N THR D 142 4.81 14.87 43.38
CA THR D 142 5.00 16.31 43.16
C THR D 142 6.44 16.69 43.44
N GLU D 143 7.02 17.45 42.50
CA GLU D 143 8.42 17.85 42.54
C GLU D 143 8.57 19.35 42.78
N THR D 144 9.28 19.69 43.85
CA THR D 144 9.48 21.09 44.24
C THR D 144 10.54 21.78 43.41
N ASN D 145 11.41 20.99 42.79
CA ASN D 145 12.52 21.48 41.96
C ASN D 145 13.59 22.26 42.74
N GLU D 146 13.68 22.00 44.04
CA GLU D 146 14.75 22.56 44.86
C GLU D 146 16.12 22.08 44.36
N MET D 147 16.14 20.90 43.76
CA MET D 147 17.32 20.40 43.05
C MET D 147 17.13 20.46 41.54
N GLY D 148 18.16 20.97 40.86
CA GLY D 148 18.21 21.03 39.41
C GLY D 148 19.65 20.93 38.97
N ILE D 149 19.91 21.24 37.70
CA ILE D 149 21.25 21.11 37.13
C ILE D 149 22.27 22.07 37.73
N ASP D 150 21.82 23.26 38.14
CA ASP D 150 22.65 24.21 38.87
C ASP D 150 23.16 23.58 40.16
N ASP D 151 22.23 22.96 40.90
CA ASP D 151 22.51 22.41 42.22
C ASP D 151 23.28 21.09 42.15
N PHE D 152 22.87 20.21 41.23
CA PHE D 152 23.56 18.94 41.05
C PHE D 152 24.99 19.12 40.54
N TYR D 153 25.22 20.19 39.79
CA TYR D 153 26.58 20.58 39.40
C TYR D 153 27.42 20.87 40.64
N ARG D 154 26.87 21.67 41.56
CA ARG D 154 27.55 21.99 42.81
C ARG D 154 27.81 20.74 43.63
N TRP D 155 26.84 19.82 43.64
CA TRP D 155 27.00 18.54 44.34
C TRP D 155 28.13 17.73 43.72
N SER D 156 28.17 17.69 42.39
CA SER D 156 29.19 16.95 41.66
C SER D 156 30.59 17.56 41.81
N GLN D 157 30.65 18.88 41.99
CA GLN D 157 31.90 19.56 42.31
C GLN D 157 32.41 19.13 43.68
N LYS D 158 31.49 19.07 44.65
CA LYS D 158 31.79 18.61 46.01
C LYS D 158 32.21 17.15 46.07
N ALA D 159 31.54 16.32 45.25
CA ALA D 159 31.82 14.88 45.22
C ALA D 159 33.11 14.54 44.46
N GLY D 160 33.44 15.38 43.48
CA GLY D 160 34.57 15.11 42.58
C GLY D 160 34.17 14.16 41.46
N THR D 161 32.86 14.05 41.24
CA THR D 161 32.32 13.14 40.23
C THR D 161 31.98 13.87 38.95
N GLU D 162 32.15 13.17 37.83
CA GLU D 162 31.73 13.63 36.51
C GLU D 162 30.20 13.53 36.41
N ILE D 163 29.59 14.38 35.58
CA ILE D 163 28.14 14.36 35.35
C ILE D 163 27.79 13.71 34.01
N MET D 164 26.82 12.79 34.05
CA MET D 164 26.26 12.20 32.85
C MET D 164 24.82 12.71 32.70
N LEU D 165 24.65 13.72 31.86
CA LEU D 165 23.37 14.43 31.79
C LEU D 165 22.41 13.83 30.76
N ALA D 166 21.22 13.45 31.23
CA ALA D 166 20.18 12.92 30.37
C ALA D 166 19.18 14.02 30.04
N VAL D 167 18.78 14.08 28.76
CA VAL D 167 17.80 15.07 28.31
C VAL D 167 16.46 14.43 27.99
N ASN D 168 15.38 15.20 28.15
CA ASN D 168 14.03 14.77 27.82
C ASN D 168 13.89 14.46 26.33
N MET D 169 13.44 13.25 26.02
CA MET D 169 13.06 12.89 24.65
C MET D 169 11.62 12.38 24.61
N GLY D 170 10.94 12.48 25.75
CA GLY D 170 9.55 12.08 25.88
C GLY D 170 8.58 13.18 25.50
N THR D 171 8.41 14.16 26.40
CA THR D 171 7.53 15.30 26.15
C THR D 171 8.24 16.38 25.34
N ARG D 172 9.57 16.38 25.40
CA ARG D 172 10.41 17.33 24.67
C ARG D 172 11.39 16.63 23.74
N GLY D 173 12.35 17.40 23.19
CA GLY D 173 13.32 16.86 22.25
C GLY D 173 14.44 17.81 21.86
N LEU D 174 14.62 17.97 20.55
CA LEU D 174 15.79 18.62 19.97
C LEU D 174 16.06 20.04 20.48
N LYS D 175 15.06 20.91 20.39
CA LYS D 175 15.25 22.32 20.71
C LYS D 175 15.67 22.52 22.17
N ALA D 176 15.00 21.80 23.08
CA ALA D 176 15.33 21.89 24.52
C ALA D 176 16.70 21.30 24.82
N ALA D 177 17.07 20.24 24.11
CA ALA D 177 18.38 19.61 24.25
C ALA D 177 19.50 20.60 23.93
N LEU D 178 19.35 21.34 22.83
CA LEU D 178 20.32 22.36 22.43
C LEU D 178 20.31 23.58 23.35
N ASP D 179 19.15 23.92 23.91
CA ASP D 179 19.04 25.00 24.88
C ASP D 179 19.80 24.68 26.16
N GLU D 180 19.62 23.48 26.70
CA GLU D 180 20.31 23.03 27.91
C GLU D 180 21.81 22.91 27.70
N LEU D 181 22.21 22.45 26.51
CA LEU D 181 23.62 22.34 26.14
C LEU D 181 24.30 23.71 26.18
N GLU D 182 23.66 24.70 25.57
CA GLU D 182 24.15 26.07 25.56
C GLU D 182 24.19 26.66 26.98
N TYR D 183 23.15 26.40 27.77
CA TYR D 183 23.06 26.92 29.14
C TYR D 183 24.16 26.34 30.02
N VAL D 184 24.40 25.04 29.86
CA VAL D 184 25.31 24.31 30.73
C VAL D 184 26.80 24.48 30.34
N ASN D 185 27.08 24.61 29.04
CA ASN D 185 28.46 24.54 28.54
C ASN D 185 28.92 25.72 27.70
N GLY D 186 28.00 26.62 27.38
CA GLY D 186 28.32 27.77 26.54
C GLY D 186 29.25 28.75 27.22
N ALA D 187 29.99 29.50 26.41
CA ALA D 187 30.82 30.59 26.93
C ALA D 187 29.91 31.76 27.29
N PRO D 188 30.29 32.53 28.34
CA PRO D 188 29.53 33.74 28.65
C PRO D 188 29.48 34.68 27.44
N GLY D 189 28.33 35.32 27.23
CA GLY D 189 28.14 36.22 26.10
C GLY D 189 26.99 35.80 25.19
N THR D 190 26.23 34.81 25.63
CA THR D 190 25.01 34.39 24.94
C THR D 190 23.88 34.36 25.99
N ALA D 191 22.64 34.55 25.54
CA ALA D 191 21.51 34.68 26.48
C ALA D 191 21.40 33.52 27.47
N TRP D 192 21.45 32.28 26.97
CA TRP D 192 21.35 31.09 27.80
C TRP D 192 22.51 30.94 28.78
N ALA D 193 23.73 31.19 28.31
CA ALA D 193 24.93 31.07 29.13
C ALA D 193 24.99 32.16 30.21
N ASP D 194 24.56 33.38 29.85
CA ASP D 194 24.49 34.50 30.78
C ASP D 194 23.54 34.24 31.94
N GLN D 195 22.51 33.43 31.70
CA GLN D 195 21.62 32.97 32.75
C GLN D 195 22.35 32.11 33.78
N ARG D 196 23.20 31.21 33.30
CA ARG D 196 24.01 30.36 34.18
C ARG D 196 24.94 31.22 35.04
N VAL D 197 25.56 32.22 34.41
CA VAL D 197 26.43 33.18 35.11
C VAL D 197 25.64 33.93 36.19
N ALA D 198 24.46 34.43 35.82
CA ALA D 198 23.58 35.14 36.75
C ALA D 198 23.08 34.21 37.87
N ASN D 199 22.97 32.93 37.57
CA ASN D 199 22.54 31.93 38.56
C ASN D 199 23.64 31.48 39.52
N GLY D 200 24.86 31.96 39.32
CA GLY D 200 25.95 31.73 40.25
C GLY D 200 27.10 30.85 39.76
N ILE D 201 26.99 30.37 38.52
CA ILE D 201 28.01 29.50 37.93
C ILE D 201 28.58 30.16 36.67
N GLU D 202 29.77 30.75 36.82
CA GLU D 202 30.37 31.58 35.78
C GLU D 202 30.95 30.75 34.64
N GLU D 203 31.76 29.76 34.99
CA GLU D 203 32.42 28.89 34.03
C GLU D 203 31.45 27.83 33.48
N PRO D 204 31.67 27.39 32.22
CA PRO D 204 30.92 26.25 31.70
C PRO D 204 31.11 25.01 32.58
N MET D 205 30.07 24.18 32.65
CA MET D 205 30.08 23.01 33.51
C MET D 205 30.91 21.84 32.95
N ASP D 206 31.26 21.95 31.67
CA ASP D 206 32.05 20.93 30.96
C ASP D 206 31.47 19.51 31.12
N ILE D 207 30.21 19.36 30.73
CA ILE D 207 29.57 18.05 30.71
C ILE D 207 29.81 17.39 29.35
N LYS D 208 30.60 16.32 29.37
CA LYS D 208 30.99 15.58 28.17
C LYS D 208 29.97 14.54 27.75
N MET D 209 29.56 13.70 28.70
CA MET D 209 28.71 12.55 28.43
C MET D 209 27.22 12.87 28.61
N TRP D 210 26.45 12.66 27.55
CA TRP D 210 25.03 12.98 27.53
C TRP D 210 24.20 11.78 27.10
N CYS D 211 23.08 11.56 27.79
CA CYS D 211 22.13 10.52 27.42
C CYS D 211 20.94 11.13 26.67
N ILE D 212 20.80 10.75 25.41
CA ILE D 212 19.72 11.25 24.57
C ILE D 212 18.45 10.44 24.83
N GLY D 213 17.69 10.91 25.82
CA GLY D 213 16.46 10.24 26.23
C GLY D 213 16.69 9.12 27.22
N ASN D 214 15.60 8.53 27.69
CA ASN D 214 15.64 7.40 28.61
C ASN D 214 14.65 6.31 28.23
N GLU D 215 15.12 5.07 28.25
CA GLU D 215 14.27 3.87 28.07
C GLU D 215 13.11 4.08 27.10
N MET D 216 13.41 4.62 25.93
CA MET D 216 12.40 5.00 24.95
C MET D 216 11.68 3.80 24.31
N ASP D 217 12.20 2.59 24.55
CA ASP D 217 11.59 1.36 24.06
C ASP D 217 10.53 0.82 25.02
N GLY D 218 10.63 1.19 26.29
CA GLY D 218 9.69 0.73 27.32
C GLY D 218 8.33 1.39 27.17
N PRO D 219 7.26 0.57 27.11
CA PRO D 219 5.88 1.08 27.01
C PRO D 219 5.39 1.79 28.28
N TRP D 220 6.20 1.79 29.34
CA TRP D 220 5.91 2.53 30.56
C TRP D 220 6.44 3.97 30.48
N GLN D 221 7.26 4.25 29.48
CA GLN D 221 7.93 5.53 29.34
C GLN D 221 7.02 6.57 28.68
N VAL D 222 7.04 7.78 29.24
CA VAL D 222 6.26 8.89 28.70
C VAL D 222 6.79 9.23 27.32
N GLY D 223 5.92 9.15 26.33
CA GLY D 223 6.29 9.42 24.93
C GLY D 223 7.16 8.33 24.34
N HIS D 224 6.86 7.08 24.67
CA HIS D 224 7.64 5.94 24.18
C HIS D 224 7.55 5.79 22.68
N MET D 225 8.65 5.32 22.08
CA MET D 225 8.77 5.30 20.64
C MET D 225 8.95 3.90 20.06
N SER D 226 8.74 3.80 18.75
CA SER D 226 9.11 2.62 17.99
C SER D 226 10.61 2.73 17.67
N PRO D 227 11.22 1.63 17.18
CA PRO D 227 12.63 1.71 16.80
C PRO D 227 12.92 2.79 15.74
N GLU D 228 12.04 2.93 14.74
CA GLU D 228 12.24 3.89 13.66
C GLU D 228 12.08 5.34 14.12
N GLU D 229 11.07 5.60 14.95
CA GLU D 229 10.83 6.93 15.51
C GLU D 229 12.03 7.45 16.31
N TYR D 230 12.59 6.59 17.17
CA TYR D 230 13.74 6.96 17.99
C TYR D 230 15.01 7.12 17.17
N ALA D 231 15.24 6.20 16.23
CA ALA D 231 16.38 6.28 15.32
C ALA D 231 16.43 7.64 14.62
N GLY D 232 15.28 8.07 14.07
CA GLY D 232 15.15 9.39 13.46
C GLY D 232 15.41 10.53 14.42
N ALA D 233 14.89 10.40 15.64
CA ALA D 233 15.02 11.44 16.66
C ALA D 233 16.45 11.58 17.20
N VAL D 234 17.06 10.45 17.55
CA VAL D 234 18.42 10.44 18.09
C VAL D 234 19.45 10.87 17.03
N ASP D 235 19.16 10.59 15.77
CA ASP D 235 20.02 11.03 14.67
C ASP D 235 20.04 12.55 14.56
N LYS D 236 18.86 13.17 14.71
CA LYS D 236 18.73 14.63 14.69
C LYS D 236 19.42 15.29 15.88
N VAL D 237 19.16 14.77 17.08
CA VAL D 237 19.69 15.33 18.32
C VAL D 237 21.21 15.14 18.46
N ALA D 238 21.68 13.93 18.16
CA ALA D 238 23.12 13.60 18.27
C ALA D 238 23.97 14.42 17.31
N HIS D 239 23.49 14.56 16.07
CA HIS D 239 24.19 15.37 15.07
C HIS D 239 24.30 16.84 15.49
N ALA D 240 23.17 17.42 15.88
CA ALA D 240 23.09 18.82 16.26
C ALA D 240 23.94 19.15 17.48
N MET D 241 23.93 18.26 18.47
CA MET D 241 24.76 18.45 19.66
C MET D 241 26.25 18.37 19.35
N LYS D 242 26.66 17.34 18.60
CA LYS D 242 28.06 17.23 18.18
C LYS D 242 28.50 18.34 17.23
N LEU D 243 27.54 18.94 16.54
CA LEU D 243 27.81 20.11 15.70
C LEU D 243 28.12 21.34 16.55
N ALA D 244 27.48 21.43 17.71
CA ALA D 244 27.75 22.51 18.66
C ALA D 244 29.03 22.23 19.42
N GLU D 245 29.26 20.97 19.77
CA GLU D 245 30.48 20.56 20.47
C GLU D 245 30.99 19.22 19.99
N SER D 246 32.15 19.24 19.32
CA SER D 246 32.81 18.03 18.84
C SER D 246 33.15 17.08 19.99
N GLY D 247 33.62 17.64 21.10
CA GLY D 247 34.12 16.87 22.23
C GLY D 247 33.08 16.10 23.04
N LEU D 248 31.81 16.21 22.66
CA LEU D 248 30.74 15.52 23.36
C LEU D 248 30.78 14.01 23.12
N GLU D 249 30.34 13.27 24.11
CA GLU D 249 30.22 11.81 24.02
C GLU D 249 28.77 11.43 24.28
N LEU D 250 28.09 10.95 23.23
CA LEU D 250 26.63 10.83 23.25
C LEU D 250 26.12 9.39 23.33
N VAL D 251 25.13 9.18 24.20
CA VAL D 251 24.58 7.86 24.48
C VAL D 251 23.16 7.72 23.90
N ALA D 252 22.97 6.70 23.07
CA ALA D 252 21.65 6.35 22.55
C ALA D 252 21.01 5.29 23.44
N CYS D 253 19.69 5.37 23.58
CA CYS D 253 18.93 4.37 24.32
C CYS D 253 19.01 3.02 23.60
N GLY D 254 19.34 1.98 24.36
CA GLY D 254 19.30 0.62 23.85
C GLY D 254 18.06 -0.05 24.38
N SER D 255 18.21 -1.29 24.82
CA SER D 255 17.10 -2.02 25.42
C SER D 255 17.03 -1.78 26.94
N SER D 256 15.81 -1.78 27.46
CA SER D 256 15.57 -1.60 28.89
C SER D 256 15.80 -2.91 29.64
N GLY D 257 16.08 -3.98 28.89
CA GLY D 257 16.30 -5.31 29.45
C GLY D 257 16.42 -6.35 28.36
N ALA D 258 16.96 -7.52 28.72
CA ALA D 258 17.15 -8.62 27.78
C ALA D 258 15.81 -9.28 27.41
N TYR D 259 14.82 -9.13 28.28
CA TYR D 259 13.49 -9.69 28.08
C TYR D 259 12.70 -8.99 26.96
N MET D 260 13.08 -7.75 26.68
CA MET D 260 12.38 -6.90 25.71
C MET D 260 12.15 -7.58 24.36
N PRO D 261 10.92 -7.46 23.81
CA PRO D 261 10.59 -8.07 22.51
C PRO D 261 11.36 -7.43 21.36
N THR D 262 11.86 -6.21 21.60
CA THR D 262 12.62 -5.47 20.60
C THR D 262 14.14 -5.58 20.79
N PHE D 263 14.55 -6.48 21.69
CA PHE D 263 15.97 -6.70 22.01
C PHE D 263 16.80 -7.07 20.78
N GLY D 264 17.96 -6.45 20.65
CA GLY D 264 18.84 -6.67 19.50
C GLY D 264 18.46 -5.83 18.30
N THR D 265 17.23 -6.01 17.83
CA THR D 265 16.73 -5.30 16.64
C THR D 265 16.54 -3.80 16.87
N TRP D 266 16.28 -3.41 18.10
CA TRP D 266 16.22 -2.01 18.48
C TRP D 266 17.59 -1.36 18.24
N GLU D 267 18.61 -1.93 18.85
CA GLU D 267 19.98 -1.44 18.75
C GLU D 267 20.46 -1.39 17.29
N LYS D 268 20.18 -2.45 16.54
CA LYS D 268 20.59 -2.50 15.13
C LYS D 268 20.02 -1.34 14.33
N THR D 269 18.70 -1.15 14.40
CA THR D 269 18.03 -0.09 13.65
C THR D 269 18.49 1.30 14.08
N VAL D 270 18.52 1.53 15.39
CA VAL D 270 18.88 2.83 15.96
C VAL D 270 20.34 3.20 15.67
N LEU D 271 21.25 2.29 15.95
CA LEU D 271 22.68 2.55 15.78
C LEU D 271 23.10 2.66 14.30
N THR D 272 22.47 1.90 13.42
CA THR D 272 22.78 1.95 12.00
C THR D 272 22.55 3.34 11.41
N LYS D 273 21.43 3.96 11.77
CA LYS D 273 21.08 5.29 11.26
C LYS D 273 21.91 6.40 11.90
N ALA D 274 22.04 6.36 13.22
CA ALA D 274 22.66 7.47 13.96
C ALA D 274 24.14 7.25 14.26
N TYR D 275 24.74 6.25 13.62
CA TYR D 275 26.12 5.82 13.90
C TYR D 275 27.14 6.96 14.03
N GLU D 276 27.23 7.80 13.01
CA GLU D 276 28.27 8.82 12.91
C GLU D 276 28.44 9.73 14.13
N ASN D 277 27.33 10.13 14.75
CA ASN D 277 27.36 11.07 15.86
C ASN D 277 27.15 10.44 17.23
N LEU D 278 27.15 9.10 17.28
CA LEU D 278 27.00 8.38 18.52
C LEU D 278 28.33 7.81 18.99
N ASP D 279 28.44 7.62 20.30
CA ASP D 279 29.66 7.12 20.92
C ASP D 279 29.36 5.91 21.80
N PHE D 280 28.14 5.88 22.34
CA PHE D 280 27.72 4.80 23.23
C PHE D 280 26.34 4.28 22.87
N VAL D 281 26.07 3.06 23.30
CA VAL D 281 24.72 2.49 23.31
C VAL D 281 24.46 1.99 24.73
N SER D 282 23.28 2.28 25.25
CA SER D 282 22.96 2.00 26.66
C SER D 282 22.41 0.59 26.85
N CYS D 283 22.80 -0.05 27.94
CA CYS D 283 22.26 -1.34 28.33
C CYS D 283 21.71 -1.25 29.75
N HIS D 284 20.53 -1.84 29.93
CA HIS D 284 19.86 -1.85 31.23
C HIS D 284 19.62 -3.28 31.69
N ALA D 285 20.07 -3.61 32.90
CA ALA D 285 19.98 -4.97 33.42
C ALA D 285 19.69 -5.02 34.92
N TYR D 286 18.45 -5.34 35.28
CA TYR D 286 18.05 -5.52 36.66
C TYR D 286 17.78 -6.99 36.98
N TYR D 287 18.12 -7.41 38.20
CA TYR D 287 17.95 -8.80 38.62
C TYR D 287 17.46 -8.90 40.06
N PHE D 288 16.65 -9.93 40.34
CA PHE D 288 16.15 -10.20 41.69
C PHE D 288 15.77 -11.66 41.89
N ASP D 289 15.58 -12.06 43.15
CA ASP D 289 15.13 -13.40 43.48
C ASP D 289 13.61 -13.48 43.35
N ARG D 290 13.16 -14.18 42.31
CA ARG D 290 11.74 -14.24 41.96
C ARG D 290 10.89 -15.02 42.97
N GLY D 291 11.54 -15.88 43.75
CA GLY D 291 10.86 -16.64 44.80
C GLY D 291 11.40 -16.31 46.17
N HIS D 292 11.63 -15.02 46.42
CA HIS D 292 12.16 -14.57 47.70
C HIS D 292 11.09 -14.56 48.79
N LYS D 293 9.83 -14.47 48.35
CA LYS D 293 8.67 -14.54 49.24
C LYS D 293 8.46 -15.94 49.83
N THR D 294 8.92 -16.95 49.11
CA THR D 294 8.82 -18.36 49.53
C THR D 294 10.17 -18.88 50.01
N ARG D 295 11.24 -18.20 49.60
CA ARG D 295 12.62 -18.64 49.84
C ARG D 295 12.92 -19.92 49.05
N ALA D 296 12.40 -19.98 47.83
CA ALA D 296 12.60 -21.13 46.95
C ALA D 296 14.05 -21.24 46.51
N ALA D 297 14.60 -22.45 46.58
CA ALA D 297 16.00 -22.72 46.27
C ALA D 297 16.30 -22.67 44.77
N ALA D 298 15.27 -22.92 43.95
CA ALA D 298 15.41 -22.93 42.50
C ALA D 298 15.57 -21.51 41.96
N SER D 299 14.72 -20.60 42.42
CA SER D 299 14.77 -19.19 42.01
C SER D 299 16.03 -18.51 42.52
N MET D 300 16.46 -18.89 43.72
CA MET D 300 17.71 -18.39 44.31
C MET D 300 18.93 -18.76 43.46
N GLN D 301 18.99 -20.03 43.03
CA GLN D 301 20.09 -20.53 42.20
C GLN D 301 20.13 -19.87 40.82
N ASP D 302 18.95 -19.57 40.27
CA ASP D 302 18.84 -18.81 39.01
C ASP D 302 19.39 -17.40 39.20
N PHE D 303 19.06 -16.80 40.36
CA PHE D 303 19.44 -15.44 40.68
C PHE D 303 20.94 -15.27 40.91
N LEU D 304 21.58 -16.28 41.51
CA LEU D 304 23.02 -16.23 41.76
C LEU D 304 23.83 -16.32 40.47
N ALA D 305 23.23 -16.86 39.43
CA ALA D 305 23.88 -16.97 38.12
C ALA D 305 23.36 -15.90 37.13
N SER D 306 22.98 -14.74 37.67
CA SER D 306 22.44 -13.64 36.87
C SER D 306 23.45 -13.00 35.93
N SER D 307 24.73 -13.20 36.22
CA SER D 307 25.83 -12.71 35.37
C SER D 307 25.78 -13.31 33.96
N GLU D 308 25.23 -14.51 33.85
CA GLU D 308 25.09 -15.21 32.57
C GLU D 308 24.14 -14.48 31.61
N ASP D 309 23.10 -13.85 32.18
CA ASP D 309 22.20 -13.01 31.42
C ASP D 309 22.97 -11.80 30.87
N MET D 310 23.77 -11.16 31.74
CA MET D 310 24.58 -10.01 31.37
C MET D 310 25.63 -10.34 30.30
N THR D 311 26.22 -11.53 30.39
CA THR D 311 27.20 -11.98 29.39
C THR D 311 26.57 -12.07 28.00
N LYS D 312 25.42 -12.73 27.90
CA LYS D 312 24.63 -12.78 26.66
C LYS D 312 24.19 -11.37 26.22
N PHE D 313 23.73 -10.58 27.18
CA PHE D 313 23.35 -9.18 26.95
C PHE D 313 24.48 -8.41 26.25
N ILE D 314 25.68 -8.50 26.82
CA ILE D 314 26.87 -7.85 26.27
C ILE D 314 27.18 -8.36 24.86
N ALA D 315 27.13 -9.67 24.67
CA ALA D 315 27.42 -10.29 23.38
C ALA D 315 26.47 -9.82 22.28
N THR D 316 25.18 -9.78 22.59
CA THR D 316 24.13 -9.45 21.62
C THR D 316 24.15 -7.97 21.24
N VAL D 317 24.32 -7.10 22.22
CA VAL D 317 24.36 -5.66 21.98
C VAL D 317 25.62 -5.27 21.20
N SER D 318 26.75 -5.87 21.57
CA SER D 318 28.02 -5.66 20.86
C SER D 318 27.91 -6.05 19.38
N ASP D 319 27.31 -7.21 19.11
CA ASP D 319 27.10 -7.70 17.75
C ASP D 319 26.22 -6.74 16.97
N ALA D 320 25.20 -6.21 17.63
CA ALA D 320 24.32 -5.19 17.06
C ALA D 320 25.06 -3.89 16.78
N ALA D 321 25.94 -3.51 17.71
CA ALA D 321 26.79 -2.33 17.55
C ALA D 321 27.83 -2.52 16.46
N ASP D 322 28.34 -3.74 16.32
CA ASP D 322 29.32 -4.09 15.29
C ASP D 322 28.73 -4.00 13.88
N GLN D 323 27.51 -4.52 13.72
CA GLN D 323 26.84 -4.52 12.42
C GLN D 323 26.45 -3.12 11.96
N ALA D 324 26.30 -2.21 12.92
CA ALA D 324 26.01 -0.81 12.61
C ALA D 324 27.23 -0.10 12.02
N ARG D 325 28.40 -0.38 12.59
CA ARG D 325 29.67 0.17 12.09
C ARG D 325 29.94 -0.30 10.66
N GLU D 326 29.86 -1.61 10.43
CA GLU D 326 30.16 -2.20 9.12
C GLU D 326 29.11 -1.88 8.06
N ALA D 327 27.89 -1.55 8.48
CA ALA D 327 26.85 -1.06 7.57
C ALA D 327 27.16 0.34 7.08
N ASN D 328 27.89 1.10 7.91
CA ASN D 328 28.31 2.47 7.57
C ASN D 328 29.78 2.57 7.17
N ASN D 329 30.40 1.41 6.90
CA ASN D 329 31.84 1.32 6.61
C ASN D 329 32.67 2.17 7.59
N GLY D 330 32.24 2.20 8.83
CA GLY D 330 32.83 3.07 9.86
C GLY D 330 34.17 2.59 10.34
N THR D 331 34.91 3.51 10.96
CA THR D 331 36.24 3.21 11.48
C THR D 331 36.21 3.16 13.01
N LYS D 332 35.13 3.70 13.57
CA LYS D 332 34.96 3.86 15.01
C LYS D 332 34.02 2.80 15.61
N ASP D 333 34.39 2.30 16.78
CA ASP D 333 33.53 1.40 17.55
C ASP D 333 32.58 2.17 18.47
N ILE D 334 31.34 1.70 18.54
CA ILE D 334 30.39 2.17 19.55
C ILE D 334 30.62 1.36 20.81
N ALA D 335 31.01 2.04 21.88
CA ALA D 335 31.19 1.39 23.18
C ALA D 335 29.85 1.16 23.87
N LEU D 336 29.83 0.21 24.81
CA LEU D 336 28.63 -0.10 25.57
C LEU D 336 28.59 0.68 26.88
N SER D 337 27.40 1.13 27.25
CA SER D 337 27.19 1.87 28.49
C SER D 337 26.10 1.22 29.33
N PHE D 338 26.51 0.41 30.29
CA PHE D 338 25.59 -0.23 31.23
C PHE D 338 25.09 0.77 32.28
N ASP D 339 24.37 1.78 31.81
CA ASP D 339 24.02 2.94 32.64
C ASP D 339 22.87 2.70 33.63
N GLU D 340 22.26 1.52 33.58
CA GLU D 340 21.34 1.08 34.62
C GLU D 340 21.50 -0.42 34.88
N TRP D 341 22.20 -0.75 35.96
CA TRP D 341 22.38 -2.15 36.36
C TRP D 341 22.25 -2.31 37.88
N GLY D 342 22.02 -3.54 38.32
CA GLY D 342 21.97 -3.85 39.75
C GLY D 342 20.82 -4.75 40.14
N VAL D 343 20.71 -5.00 41.45
CA VAL D 343 19.63 -5.82 41.99
C VAL D 343 18.42 -4.96 42.34
N TRP D 344 17.27 -5.31 41.79
CA TRP D 344 16.00 -4.63 42.08
C TRP D 344 14.82 -5.58 42.09
N TYR D 345 14.16 -5.69 43.23
CA TYR D 345 12.93 -6.48 43.39
C TYR D 345 11.75 -5.70 42.81
N SER D 346 11.53 -5.88 41.51
CA SER D 346 10.58 -5.09 40.75
C SER D 346 9.12 -5.53 40.88
N ASP D 347 8.90 -6.65 41.57
CA ASP D 347 7.54 -7.15 41.81
C ASP D 347 6.72 -6.25 42.73
N LYS D 348 7.41 -5.56 43.64
CA LYS D 348 6.77 -4.58 44.54
C LYS D 348 6.21 -3.39 43.76
N TRP D 349 6.96 -2.93 42.76
CA TRP D 349 6.50 -1.84 41.89
C TRP D 349 5.47 -2.32 40.87
N ASN D 350 5.63 -3.56 40.40
CA ASN D 350 4.69 -4.18 39.47
C ASN D 350 3.29 -4.37 40.06
N GLU D 351 3.24 -4.69 41.36
CA GLU D 351 1.95 -4.84 42.06
C GLU D 351 1.32 -3.48 42.36
N GLN D 352 2.15 -2.45 42.50
CA GLN D 352 1.67 -1.08 42.71
C GLN D 352 0.99 -0.53 41.45
N GLU D 353 1.57 -0.83 40.28
CA GLU D 353 1.02 -0.40 38.99
C GLU D 353 -0.25 -1.14 38.59
N ASP D 354 -0.43 -2.34 39.13
CA ASP D 354 -1.65 -3.12 38.91
C ASP D 354 -2.80 -2.59 39.76
N GLN D 355 -2.50 -2.29 41.04
CA GLN D 355 -3.47 -1.73 41.97
C GLN D 355 -3.92 -0.33 41.55
N TRP D 356 -3.00 0.43 40.98
CA TRP D 356 -3.27 1.76 40.43
C TRP D 356 -4.15 1.67 39.18
N LYS D 357 -3.92 0.63 38.37
CA LYS D 357 -4.69 0.38 37.16
C LYS D 357 -6.11 -0.11 37.49
N ALA D 358 -6.21 -0.92 38.54
CA ALA D 358 -7.50 -1.45 38.99
C ALA D 358 -8.28 -0.46 39.86
N GLU D 359 -7.69 0.71 40.11
CA GLU D 359 -8.34 1.79 40.86
C GLU D 359 -9.12 2.71 39.91
N ALA D 360 -9.16 2.33 38.63
CA ALA D 360 -9.84 3.10 37.59
C ALA D 360 -11.36 3.18 37.78
N ALA D 361 -11.92 2.14 38.39
CA ALA D 361 -13.37 2.05 38.61
C ALA D 361 -13.89 3.01 39.69
N GLN D 362 -13.03 3.36 40.63
CA GLN D 362 -13.42 4.22 41.76
C GLN D 362 -13.65 5.68 41.34
N GLY D 363 -12.98 6.10 40.27
CA GLY D 363 -13.14 7.46 39.73
C GLY D 363 -11.84 8.23 39.66
N LEU D 364 -11.96 9.56 39.73
CA LEU D 364 -10.78 10.44 39.68
C LEU D 364 -10.19 10.64 41.07
N HIS D 365 -8.90 10.98 41.11
CA HIS D 365 -8.19 11.19 42.37
C HIS D 365 -7.93 12.67 42.61
N HIS D 366 -8.39 13.16 43.77
CA HIS D 366 -8.27 14.57 44.14
C HIS D 366 -7.03 14.83 44.98
N GLU D 367 -6.52 13.79 45.65
CA GLU D 367 -5.41 13.91 46.58
C GLU D 367 -4.14 14.40 45.89
N PRO D 368 -3.40 15.32 46.55
CA PRO D 368 -2.12 15.77 46.01
C PRO D 368 -1.09 14.65 45.98
N TRP D 369 -0.28 14.63 44.93
CA TRP D 369 0.74 13.61 44.76
C TRP D 369 1.81 13.75 45.84
N PRO D 370 2.33 12.63 46.37
CA PRO D 370 3.28 12.68 47.49
C PRO D 370 4.65 13.30 47.14
N LYS D 371 5.22 14.00 48.11
CA LYS D 371 6.57 14.57 47.99
C LYS D 371 7.60 13.63 48.61
N SER D 372 8.63 13.30 47.82
CA SER D 372 9.71 12.38 48.24
C SER D 372 9.26 11.24 49.19
N PRO D 373 8.41 10.33 48.68
CA PRO D 373 7.98 9.19 49.49
C PRO D 373 9.02 8.08 49.50
N HIS D 374 8.81 7.08 50.37
CA HIS D 374 9.68 5.91 50.41
C HIS D 374 9.32 4.95 49.28
N LEU D 375 10.07 5.04 48.18
CA LEU D 375 9.85 4.20 47.00
C LEU D 375 11.11 3.43 46.65
N LEU D 376 10.93 2.15 46.31
CA LEU D 376 12.01 1.27 45.85
C LEU D 376 13.18 1.18 46.85
N GLU D 377 12.85 1.18 48.14
CA GLU D 377 13.88 1.13 49.18
C GLU D 377 14.20 -0.31 49.60
N ASP D 378 14.73 -1.08 48.65
CA ASP D 378 15.05 -2.49 48.88
C ASP D 378 16.15 -2.66 49.92
N ILE D 379 15.93 -3.58 50.85
CA ILE D 379 16.88 -3.87 51.91
C ILE D 379 17.65 -5.13 51.51
N TYR D 380 18.93 -4.95 51.21
CA TYR D 380 19.72 -5.98 50.52
C TYR D 380 20.23 -7.10 51.41
N THR D 381 20.06 -8.32 50.92
CA THR D 381 20.51 -9.53 51.60
C THR D 381 21.93 -9.87 51.22
N ALA D 382 22.56 -10.75 52.00
CA ALA D 382 23.91 -11.22 51.72
C ALA D 382 24.04 -11.79 50.31
N ALA D 383 22.97 -12.42 49.82
CA ALA D 383 22.93 -13.00 48.48
C ALA D 383 22.88 -11.91 47.40
N ASP D 384 22.11 -10.86 47.63
CA ASP D 384 22.00 -9.73 46.70
C ASP D 384 23.36 -9.09 46.42
N ALA D 385 24.19 -9.00 47.46
CA ALA D 385 25.54 -8.45 47.35
C ALA D 385 26.46 -9.33 46.52
N VAL D 386 26.35 -10.65 46.71
CA VAL D 386 27.20 -11.61 45.99
C VAL D 386 26.88 -11.61 44.49
N VAL D 387 25.61 -11.40 44.15
CA VAL D 387 25.19 -11.29 42.75
C VAL D 387 25.78 -10.04 42.10
N GLU D 388 25.75 -8.92 42.81
CA GLU D 388 26.33 -7.67 42.31
C GLU D 388 27.85 -7.76 42.15
N GLY D 389 28.49 -8.48 43.07
CA GLY D 389 29.93 -8.77 42.98
C GLY D 389 30.29 -9.51 41.70
N SER D 390 29.46 -10.47 41.32
CA SER D 390 29.67 -11.25 40.09
C SER D 390 29.34 -10.44 38.84
N LEU D 391 28.37 -9.54 38.94
CA LEU D 391 28.03 -8.65 37.83
C LEU D 391 29.20 -7.71 37.51
N MET D 392 29.81 -7.16 38.56
CA MET D 392 31.00 -6.32 38.43
C MET D 392 32.16 -7.09 37.79
N ILE D 393 32.31 -8.36 38.16
CA ILE D 393 33.32 -9.25 37.57
C ILE D 393 33.09 -9.42 36.06
N THR D 394 31.84 -9.65 35.66
CA THR D 394 31.48 -9.78 34.24
C THR D 394 31.74 -8.47 33.50
N LEU D 395 31.45 -7.35 34.16
CA LEU D 395 31.71 -6.03 33.59
C LEU D 395 33.21 -5.81 33.38
N LEU D 396 34.01 -6.20 34.36
CA LEU D 396 35.46 -6.10 34.27
C LEU D 396 36.04 -7.07 33.24
N LYS D 397 35.43 -8.26 33.14
CA LYS D 397 35.84 -9.26 32.13
C LYS D 397 35.50 -8.83 30.70
N HIS D 398 34.60 -7.85 30.58
CA HIS D 398 34.21 -7.33 29.26
C HIS D 398 34.33 -5.81 29.18
N CYS D 399 35.27 -5.24 29.94
CA CYS D 399 35.46 -3.79 29.95
C CYS D 399 36.25 -3.29 28.73
N ASP D 400 36.40 -4.16 27.73
CA ASP D 400 36.98 -3.80 26.45
C ASP D 400 35.93 -3.16 25.56
N ARG D 401 34.68 -3.55 25.76
CA ARG D 401 33.57 -3.02 24.99
C ARG D 401 32.61 -2.24 25.89
N VAL D 402 32.56 -2.60 27.16
CA VAL D 402 31.79 -1.84 28.14
C VAL D 402 32.72 -0.85 28.83
N ARG D 403 32.73 0.38 28.32
CA ARG D 403 33.62 1.41 28.83
C ARG D 403 32.94 2.32 29.86
N SER D 404 31.67 2.05 30.14
CA SER D 404 30.92 2.78 31.17
C SER D 404 29.83 1.91 31.78
N ALA D 405 29.63 2.09 33.09
CA ALA D 405 28.56 1.42 33.81
C ALA D 405 28.06 2.30 34.96
N SER D 406 26.74 2.39 35.11
CA SER D 406 26.14 3.17 36.17
C SER D 406 25.22 2.30 37.02
N ARG D 407 25.61 2.08 38.27
CA ARG D 407 24.79 1.30 39.19
C ARG D 407 23.61 2.13 39.68
N ALA D 408 22.42 1.54 39.62
CA ALA D 408 21.19 2.21 40.01
C ALA D 408 20.68 1.66 41.34
N GLN D 409 20.50 2.53 42.36
CA GLN D 409 20.86 3.95 42.30
C GLN D 409 21.77 4.30 43.47
N LEU D 410 22.10 5.58 43.63
CA LEU D 410 23.14 5.99 44.59
C LEU D 410 22.71 5.99 46.06
N VAL D 411 21.55 6.59 46.35
CA VAL D 411 21.09 6.74 47.73
C VAL D 411 19.61 6.38 47.90
N ASN D 412 19.32 5.58 48.93
CA ASN D 412 17.96 5.19 49.33
C ASN D 412 17.19 4.29 48.35
N VAL D 413 17.18 4.69 47.09
CA VAL D 413 16.49 3.96 46.03
C VAL D 413 17.43 2.89 45.49
N ILE D 414 17.04 1.62 45.67
CA ILE D 414 17.89 0.47 45.30
C ILE D 414 19.38 0.77 45.42
N ALA D 415 19.81 1.09 46.63
CA ALA D 415 21.10 1.76 46.84
C ALA D 415 22.04 1.08 47.84
N PRO D 416 23.36 1.22 47.62
CA PRO D 416 24.36 0.77 48.60
C PRO D 416 24.39 1.69 49.82
N ILE D 417 23.98 2.94 49.63
CA ILE D 417 23.92 3.91 50.69
C ILE D 417 22.46 4.19 51.04
N MET D 418 22.10 3.92 52.29
CA MET D 418 20.79 4.28 52.81
C MET D 418 20.94 5.46 53.76
N ALA D 419 20.03 6.42 53.65
CA ALA D 419 20.07 7.62 54.48
C ALA D 419 18.72 7.88 55.15
N GLU D 420 18.71 7.88 56.48
CA GLU D 420 17.48 8.07 57.25
C GLU D 420 17.19 9.53 57.57
N GLU D 421 15.90 9.84 57.73
CA GLU D 421 15.43 11.20 58.02
C GLU D 421 16.07 11.75 59.29
N HIS D 422 16.74 12.89 59.15
CA HIS D 422 17.38 13.61 60.26
C HIS D 422 18.33 12.72 61.09
N GLY D 423 18.80 11.64 60.48
CA GLY D 423 19.64 10.67 61.17
C GLY D 423 20.80 10.16 60.35
N PRO D 424 21.26 8.93 60.64
CA PRO D 424 22.51 8.41 60.08
C PRO D 424 22.39 7.94 58.62
N ALA D 425 23.54 7.78 57.97
CA ALA D 425 23.63 7.11 56.70
C ALA D 425 24.49 5.87 56.89
N TRP D 426 24.09 4.76 56.26
CA TRP D 426 24.77 3.49 56.47
C TRP D 426 24.96 2.70 55.17
N ARG D 427 25.88 1.75 55.21
CA ARG D 427 26.23 0.93 54.05
C ARG D 427 25.37 -0.32 54.00
N GLN D 428 24.81 -0.60 52.82
CA GLN D 428 24.11 -1.85 52.59
C GLN D 428 25.14 -2.92 52.24
N THR D 429 24.69 -4.16 52.13
CA THR D 429 25.59 -5.27 51.81
C THR D 429 26.23 -5.10 50.42
N THR D 430 25.51 -4.46 49.52
CA THR D 430 25.97 -4.24 48.14
C THR D 430 27.02 -3.14 48.03
N PHE D 431 27.20 -2.38 49.11
CA PHE D 431 28.21 -1.32 49.20
C PHE D 431 29.63 -1.87 49.09
N TYR D 432 29.89 -2.96 49.79
CA TYR D 432 31.25 -3.48 49.99
C TYR D 432 31.91 -4.11 48.76
N PRO D 433 31.16 -4.85 47.92
CA PRO D 433 31.78 -5.35 46.69
C PRO D 433 32.09 -4.26 45.68
N PHE D 434 31.29 -3.20 45.68
CA PHE D 434 31.49 -2.07 44.78
C PHE D 434 32.71 -1.25 45.17
N ALA D 435 32.79 -0.88 46.45
CA ALA D 435 33.92 -0.10 46.99
C ALA D 435 35.27 -0.73 46.68
N GLU D 436 35.40 -2.03 46.97
CA GLU D 436 36.65 -2.76 46.71
C GLU D 436 37.06 -2.73 45.24
N ALA D 437 36.09 -2.96 44.35
CA ALA D 437 36.35 -2.93 42.91
C ALA D 437 36.69 -1.51 42.46
N ALA D 438 35.97 -0.52 43.00
CA ALA D 438 36.14 0.88 42.60
C ALA D 438 37.49 1.45 43.04
N LEU D 439 37.99 1.00 44.19
CA LEU D 439 39.21 1.57 44.76
C LEU D 439 40.52 0.83 44.42
N HIS D 440 40.41 -0.38 43.87
CA HIS D 440 41.59 -1.22 43.65
C HIS D 440 41.73 -1.86 42.25
N ALA D 441 40.63 -1.98 41.52
CA ALA D 441 40.69 -2.50 40.16
C ALA D 441 41.31 -1.48 39.22
N ARG D 442 42.64 -1.48 39.16
CA ARG D 442 43.40 -0.53 38.36
C ARG D 442 44.27 -1.22 37.32
N GLY D 443 44.66 -0.45 36.30
CA GLY D 443 45.57 -0.95 35.27
C GLY D 443 44.87 -1.73 34.18
N GLN D 444 45.27 -2.99 34.01
CA GLN D 444 44.73 -3.86 32.98
C GLN D 444 43.82 -4.94 33.58
N ALA D 445 42.81 -5.35 32.82
CA ALA D 445 41.87 -6.40 33.25
C ALA D 445 42.18 -7.71 32.56
N TYR D 446 42.30 -8.77 33.35
CA TYR D 446 42.64 -10.10 32.83
C TYR D 446 41.53 -11.10 33.14
N ALA D 447 41.22 -11.94 32.16
CA ALA D 447 40.24 -13.01 32.33
C ALA D 447 40.95 -14.35 32.52
N PRO D 448 41.10 -14.79 33.80
CA PRO D 448 41.90 -15.98 34.08
C PRO D 448 41.20 -17.26 33.65
N ALA D 449 42.00 -18.31 33.41
CA ALA D 449 41.47 -19.64 33.13
C ALA D 449 40.75 -20.16 34.37
N ILE D 450 39.50 -20.55 34.18
CA ILE D 450 38.66 -21.03 35.28
C ILE D 450 38.27 -22.50 35.07
N SER D 451 38.46 -23.31 36.11
CA SER D 451 38.03 -24.70 36.12
C SER D 451 37.29 -24.99 37.42
N SER D 452 35.97 -25.05 37.34
CA SER D 452 35.13 -25.28 38.53
C SER D 452 34.01 -26.26 38.22
N PRO D 453 33.54 -27.00 39.25
CA PRO D 453 32.38 -27.87 39.09
C PRO D 453 31.12 -27.07 38.74
N THR D 454 30.44 -27.48 37.67
CA THR D 454 29.25 -26.79 37.19
C THR D 454 28.03 -27.03 38.08
N ILE D 455 27.03 -26.15 37.94
CA ILE D 455 25.76 -26.27 38.66
C ILE D 455 24.58 -26.03 37.72
N HIS D 456 23.42 -26.57 38.08
CA HIS D 456 22.22 -26.50 37.23
C HIS D 456 21.23 -25.42 37.69
N THR D 457 20.64 -24.73 36.72
CA THR D 457 19.64 -23.69 36.98
C THR D 457 18.43 -23.86 36.05
N GLU D 458 17.29 -23.28 36.42
CA GLU D 458 16.10 -23.29 35.57
C GLU D 458 16.21 -22.32 34.39
N ALA D 459 16.62 -21.08 34.69
CA ALA D 459 16.70 -20.02 33.69
C ALA D 459 17.85 -20.20 32.70
N TYR D 460 18.98 -20.68 33.18
CA TYR D 460 20.17 -20.89 32.35
C TYR D 460 20.56 -22.37 32.34
N GLY D 461 21.56 -22.72 31.54
CA GLY D 461 21.98 -24.11 31.41
C GLY D 461 22.82 -24.60 32.58
N ASP D 462 23.94 -25.25 32.25
CA ASP D 462 24.91 -25.66 33.26
C ASP D 462 26.02 -24.62 33.34
N VAL D 463 26.15 -23.97 34.49
CA VAL D 463 27.05 -22.84 34.66
C VAL D 463 28.13 -23.07 35.72
N PRO D 464 29.36 -22.55 35.48
CA PRO D 464 30.43 -22.69 36.48
C PRO D 464 30.06 -22.02 37.79
N ALA D 465 30.39 -22.68 38.90
CA ALA D 465 30.11 -22.15 40.23
C ALA D 465 31.01 -20.96 40.55
N ILE D 466 32.29 -21.09 40.25
CA ILE D 466 33.28 -20.04 40.52
C ILE D 466 33.44 -19.12 39.30
N ASP D 467 33.50 -17.82 39.57
CA ASP D 467 33.71 -16.79 38.55
C ASP D 467 34.65 -15.72 39.11
N ALA D 468 35.62 -15.27 38.32
CA ALA D 468 36.67 -14.37 38.81
C ALA D 468 37.29 -13.42 37.78
N VAL D 469 37.81 -12.29 38.26
CA VAL D 469 38.62 -11.35 37.47
C VAL D 469 39.94 -11.02 38.13
N VAL D 470 40.95 -10.69 37.32
CA VAL D 470 42.23 -10.22 37.81
C VAL D 470 42.56 -8.85 37.20
N THR D 471 42.78 -7.86 38.06
CA THR D 471 43.26 -6.55 37.62
C THR D 471 44.69 -6.34 38.08
N TRP D 472 45.50 -5.79 37.18
CA TRP D 472 46.96 -5.70 37.39
C TRP D 472 47.57 -4.45 36.79
N ASP D 473 48.28 -3.70 37.64
CA ASP D 473 49.05 -2.53 37.21
C ASP D 473 50.52 -2.92 37.10
N GLU D 474 51.05 -2.85 35.89
CA GLU D 474 52.44 -3.25 35.60
C GLU D 474 53.46 -2.25 36.15
N GLN D 475 52.98 -1.07 36.53
CA GLN D 475 53.84 0.00 37.03
C GLN D 475 53.24 0.67 38.29
N ALA D 476 53.31 0.01 39.45
CA ALA D 476 54.00 -1.26 39.63
C ALA D 476 53.42 -2.08 40.78
N ARG D 477 53.36 -3.40 40.57
CA ARG D 477 53.09 -4.39 41.62
C ARG D 477 51.80 -4.20 42.42
N THR D 478 50.65 -4.22 41.73
CA THR D 478 49.32 -4.24 42.37
C THR D 478 48.18 -3.98 41.36
N GLY D 479 47.23 -4.90 41.23
CA GLY D 479 47.21 -6.16 41.97
C GLY D 479 45.92 -6.41 42.74
N LEU D 480 44.93 -6.98 42.07
CA LEU D 480 43.65 -7.34 42.71
C LEU D 480 42.96 -8.54 42.05
N LEU D 481 42.46 -9.45 42.88
CA LEU D 481 41.63 -10.56 42.44
C LEU D 481 40.25 -10.52 43.11
N LEU D 482 39.21 -10.57 42.29
CA LEU D 482 37.83 -10.66 42.77
C LEU D 482 37.23 -11.97 42.30
N ALA D 483 36.64 -12.73 43.23
CA ALA D 483 36.05 -14.03 42.90
C ALA D 483 34.72 -14.26 43.62
N VAL D 484 33.83 -15.00 42.96
CA VAL D 484 32.48 -15.27 43.48
C VAL D 484 32.17 -16.77 43.46
N ASN D 485 31.52 -17.24 44.53
CA ASN D 485 30.99 -18.61 44.58
C ASN D 485 29.48 -18.59 44.39
N ARG D 486 29.03 -19.19 43.29
CA ARG D 486 27.61 -19.12 42.88
C ARG D 486 26.76 -20.31 43.37
N ASP D 487 27.41 -21.36 43.85
CA ASP D 487 26.70 -22.52 44.41
C ASP D 487 25.97 -22.11 45.68
N ALA D 488 24.73 -22.58 45.82
CA ALA D 488 23.85 -22.15 46.92
C ALA D 488 23.94 -23.00 48.19
N ASN D 489 24.46 -24.22 48.07
CA ASN D 489 24.53 -25.15 49.21
C ASN D 489 25.78 -26.03 49.28
N THR D 490 26.74 -25.78 48.40
CA THR D 490 28.02 -26.51 48.40
C THR D 490 29.20 -25.54 48.41
N PRO D 491 30.04 -25.60 49.47
CA PRO D 491 31.26 -24.80 49.56
C PRO D 491 32.39 -25.38 48.72
N HIS D 492 33.19 -24.50 48.12
CA HIS D 492 34.30 -24.93 47.27
C HIS D 492 35.63 -24.34 47.74
N THR D 493 36.72 -25.01 47.37
CA THR D 493 38.07 -24.52 47.66
C THR D 493 38.85 -24.44 46.36
N LEU D 494 39.52 -23.32 46.15
CA LEU D 494 40.18 -23.04 44.87
C LEU D 494 41.68 -22.74 45.01
N THR D 495 42.42 -23.00 43.94
CA THR D 495 43.84 -22.70 43.86
C THR D 495 44.09 -21.44 43.06
N ILE D 496 44.91 -20.54 43.62
CA ILE D 496 45.21 -19.26 42.98
C ILE D 496 46.65 -19.26 42.48
N ASP D 497 46.80 -19.22 41.16
CA ASP D 497 48.12 -19.23 40.51
C ASP D 497 48.23 -18.10 39.49
N LEU D 498 48.79 -16.97 39.93
CA LEU D 498 48.95 -15.80 39.08
C LEU D 498 49.98 -16.07 37.97
N SER D 499 51.26 -16.02 38.33
CA SER D 499 52.38 -16.39 37.45
C SER D 499 52.52 -15.53 36.18
N GLY D 500 51.55 -15.66 35.27
CA GLY D 500 51.61 -15.01 33.95
C GLY D 500 51.52 -13.50 33.90
N LEU D 501 51.45 -12.86 35.06
CA LEU D 501 51.36 -11.40 35.15
C LEU D 501 52.72 -10.73 34.95
N PRO D 502 52.78 -9.72 34.07
CA PRO D 502 54.01 -8.96 33.84
C PRO D 502 54.29 -7.98 34.97
N ALA D 511 53.53 -11.36 47.37
CA ALA D 511 52.90 -11.40 48.68
C ALA D 511 51.48 -10.84 48.63
N LEU D 512 50.59 -11.43 49.42
CA LEU D 512 49.19 -11.00 49.48
C LEU D 512 49.05 -9.76 50.37
N GLY D 513 47.89 -9.10 50.28
CA GLY D 513 47.59 -7.92 51.08
C GLY D 513 46.33 -8.12 51.89
N LYS D 514 45.40 -7.16 51.79
CA LYS D 514 44.13 -7.25 52.47
C LYS D 514 43.19 -8.20 51.73
N ALA D 515 42.75 -9.24 52.42
CA ALA D 515 41.81 -10.21 51.87
C ALA D 515 40.47 -10.13 52.61
N GLN D 516 39.37 -10.24 51.87
CA GLN D 516 38.04 -10.12 52.44
C GLN D 516 37.10 -11.24 52.01
N LEU D 517 36.10 -11.49 52.85
CA LEU D 517 35.07 -12.48 52.60
C LEU D 517 33.70 -11.90 52.92
N LEU D 518 32.82 -11.90 51.92
CA LEU D 518 31.42 -11.57 52.13
C LEU D 518 30.56 -12.82 52.09
N HIS D 519 30.24 -13.35 53.27
CA HIS D 519 29.38 -14.52 53.40
C HIS D 519 28.67 -14.56 54.73
N GLU D 520 27.40 -14.95 54.69
CA GLU D 520 26.64 -15.24 55.90
C GLU D 520 25.96 -16.60 55.74
N ASP D 521 25.90 -17.36 56.83
CA ASP D 521 25.27 -18.69 56.83
C ASP D 521 23.81 -18.59 56.41
N ASP D 522 23.14 -17.54 56.89
CA ASP D 522 21.83 -17.15 56.36
C ASP D 522 22.07 -16.15 55.23
N PRO D 523 21.89 -16.61 53.96
CA PRO D 523 22.13 -15.73 52.81
C PRO D 523 21.05 -14.65 52.67
N TYR D 524 20.02 -14.73 53.52
CA TYR D 524 18.94 -13.75 53.54
C TYR D 524 19.15 -12.73 54.65
N ARG D 525 20.31 -12.79 55.31
CA ARG D 525 20.65 -11.85 56.39
C ARG D 525 20.95 -10.48 55.82
N THR D 526 20.51 -9.44 56.52
CA THR D 526 20.47 -8.10 55.96
C THR D 526 20.92 -7.02 56.94
N ASN D 527 21.57 -5.99 56.41
CA ASN D 527 21.85 -4.77 57.17
C ASN D 527 20.61 -3.88 57.24
N THR D 528 20.25 -3.46 58.44
CA THR D 528 19.06 -2.64 58.65
C THR D 528 19.42 -1.33 59.36
N ALA D 529 18.48 -0.38 59.37
CA ALA D 529 18.69 0.90 60.04
C ALA D 529 19.02 0.73 61.53
N GLU D 530 18.52 -0.36 62.12
CA GLU D 530 18.73 -0.66 63.53
C GLU D 530 20.11 -1.28 63.76
N ALA D 531 20.43 -2.32 63.01
CA ALA D 531 21.75 -2.96 63.06
C ALA D 531 22.43 -2.87 61.69
N PRO D 532 23.13 -1.76 61.42
CA PRO D 532 23.64 -1.46 60.09
C PRO D 532 24.92 -2.19 59.69
N GLU D 533 25.59 -2.82 60.64
CA GLU D 533 26.88 -3.47 60.36
C GLU D 533 26.88 -4.97 60.67
N ALA D 534 25.71 -5.59 60.58
CA ALA D 534 25.55 -7.02 60.83
C ALA D 534 26.19 -7.89 59.75
N VAL D 535 26.14 -7.42 58.50
CA VAL D 535 26.80 -8.09 57.38
C VAL D 535 27.93 -7.23 56.84
N THR D 536 29.12 -7.45 57.38
CA THR D 536 30.33 -6.74 56.94
C THR D 536 31.36 -7.75 56.46
N PRO D 537 32.26 -7.32 55.55
CA PRO D 537 33.32 -8.22 55.07
C PRO D 537 34.23 -8.67 56.20
N GLN D 538 34.47 -9.98 56.26
CA GLN D 538 35.32 -10.58 57.28
C GLN D 538 36.64 -11.04 56.66
N PRO D 539 37.73 -11.02 57.46
CA PRO D 539 39.03 -11.48 56.97
C PRO D 539 38.97 -12.90 56.42
N LEU D 540 39.54 -13.10 55.23
CA LEU D 540 39.61 -14.40 54.59
C LEU D 540 40.79 -15.20 55.15
N ASP D 541 40.63 -16.51 55.25
CA ASP D 541 41.70 -17.40 55.69
C ASP D 541 42.46 -17.98 54.50
N ILE D 542 43.66 -17.46 54.26
CA ILE D 542 44.52 -17.91 53.18
C ILE D 542 45.98 -17.63 53.48
N THR D 549 51.95 -20.25 44.74
CA THR D 549 50.56 -20.71 44.83
C THR D 549 49.96 -20.44 46.22
N CYS D 550 48.64 -20.24 46.25
CA CYS D 550 47.90 -20.01 47.49
C CYS D 550 46.47 -20.56 47.40
N THR D 551 45.89 -20.86 48.56
CA THR D 551 44.54 -21.46 48.63
C THR D 551 43.63 -20.76 49.65
N ALA D 552 42.33 -20.83 49.39
CA ALA D 552 41.30 -20.27 50.26
C ALA D 552 39.96 -21.00 50.11
N THR D 553 39.20 -21.07 51.19
CA THR D 553 37.90 -21.74 51.21
C THR D 553 36.74 -20.75 51.03
N LEU D 554 35.94 -20.98 49.99
CA LEU D 554 34.78 -20.15 49.69
C LEU D 554 33.46 -20.88 49.96
N PRO D 555 32.76 -20.51 51.05
CA PRO D 555 31.48 -21.12 51.40
C PRO D 555 30.40 -20.84 50.35
N ALA D 556 29.32 -21.60 50.41
CA ALA D 556 28.20 -21.43 49.49
C ALA D 556 27.65 -20.00 49.55
N ILE D 557 27.53 -19.36 48.38
CA ILE D 557 27.11 -17.96 48.26
C ILE D 557 28.11 -17.04 48.97
N SER D 558 29.19 -16.68 48.27
CA SER D 558 30.22 -15.82 48.82
C SER D 558 31.00 -15.05 47.75
N TRP D 559 31.36 -13.82 48.08
CA TRP D 559 32.20 -12.97 47.24
C TRP D 559 33.55 -12.76 47.92
N ILE D 560 34.61 -12.85 47.15
CA ILE D 560 35.96 -12.72 47.69
C ILE D 560 36.74 -11.59 47.02
N SER D 561 37.54 -10.88 47.83
CA SER D 561 38.47 -9.88 47.31
C SER D 561 39.84 -10.06 47.95
N VAL D 562 40.86 -10.19 47.11
CA VAL D 562 42.23 -10.36 47.57
C VAL D 562 43.20 -9.47 46.79
N GLU D 563 43.83 -8.55 47.51
CA GLU D 563 44.82 -7.63 46.95
C GLU D 563 46.21 -8.24 47.05
N PHE D 564 47.02 -8.08 45.99
CA PHE D 564 48.36 -8.67 45.96
C PHE D 564 49.43 -7.75 45.35
N HIS D 565 50.68 -7.99 45.74
CA HIS D 565 51.83 -7.23 45.23
C HIS D 565 53.10 -8.08 45.22
N ASN E 39 -67.22 -25.17 23.90
CA ASN E 39 -67.66 -25.95 22.71
C ASN E 39 -66.50 -26.67 22.00
N ALA E 40 -65.38 -25.95 21.86
CA ALA E 40 -64.19 -26.44 21.19
C ALA E 40 -62.96 -25.72 21.75
N THR E 41 -61.79 -26.07 21.22
CA THR E 41 -60.55 -25.42 21.60
C THR E 41 -60.48 -23.99 21.06
N THR E 42 -60.03 -23.06 21.90
CA THR E 42 -59.87 -21.66 21.50
C THR E 42 -58.65 -21.53 20.60
N PRO E 43 -58.84 -20.97 19.39
CA PRO E 43 -57.73 -20.74 18.47
C PRO E 43 -56.65 -19.87 19.10
N ASP E 44 -55.40 -20.33 19.02
CA ASP E 44 -54.27 -19.59 19.58
C ASP E 44 -53.41 -18.93 18.50
N ALA E 45 -53.76 -19.20 17.25
CA ALA E 45 -53.09 -18.64 16.07
C ALA E 45 -54.10 -18.29 14.99
N SER E 46 -53.72 -17.39 14.08
CA SER E 46 -54.60 -16.96 13.00
C SER E 46 -53.87 -16.67 11.70
N ILE E 47 -54.40 -17.19 10.59
CA ILE E 47 -53.97 -16.83 9.25
C ILE E 47 -55.09 -16.02 8.59
N ALA E 48 -54.81 -14.75 8.30
CA ALA E 48 -55.83 -13.86 7.76
C ALA E 48 -55.36 -13.03 6.58
N LEU E 49 -56.33 -12.66 5.73
CA LEU E 49 -56.11 -11.67 4.68
C LEU E 49 -57.16 -10.58 4.81
N ASN E 50 -56.75 -9.40 5.25
CA ASN E 50 -57.61 -8.24 5.29
C ASN E 50 -57.87 -7.73 3.88
N ALA E 51 -59.07 -7.18 3.66
CA ALA E 51 -59.48 -6.70 2.34
C ALA E 51 -58.62 -5.57 1.78
N ASP E 52 -58.80 -5.28 0.49
CA ASP E 52 -58.15 -4.15 -0.22
C ASP E 52 -56.72 -4.43 -0.71
N ALA E 53 -55.91 -5.09 0.12
CA ALA E 53 -54.47 -5.21 -0.10
C ALA E 53 -53.93 -6.57 0.34
N THR E 54 -52.85 -7.10 -0.25
CA THR E 54 -52.21 -6.77 -1.54
C THR E 54 -51.27 -7.94 -1.86
N PRO E 55 -51.17 -8.33 -3.15
CA PRO E 55 -50.28 -9.45 -3.51
C PRO E 55 -48.79 -9.11 -3.48
N VAL E 56 -47.95 -10.12 -3.27
CA VAL E 56 -46.50 -9.98 -3.33
C VAL E 56 -46.07 -9.83 -4.78
N ALA E 57 -46.44 -10.80 -5.61
CA ALA E 57 -46.17 -10.82 -7.05
C ALA E 57 -46.85 -12.06 -7.65
N ASP E 58 -46.81 -12.17 -8.97
CA ASP E 58 -47.24 -13.39 -9.65
C ASP E 58 -46.22 -14.51 -9.42
N VAL E 59 -46.71 -15.74 -9.30
CA VAL E 59 -45.85 -16.89 -9.08
C VAL E 59 -45.13 -17.26 -10.37
N PRO E 60 -43.78 -17.20 -10.35
CA PRO E 60 -43.03 -17.60 -11.54
C PRO E 60 -42.96 -19.12 -11.68
N PRO E 61 -43.16 -19.65 -12.90
CA PRO E 61 -43.03 -21.09 -13.13
C PRO E 61 -41.65 -21.63 -12.83
N ARG E 62 -40.63 -20.78 -12.93
CA ARG E 62 -39.24 -21.19 -12.68
C ARG E 62 -38.93 -21.43 -11.20
N LEU E 63 -39.85 -21.02 -10.32
CA LEU E 63 -39.68 -21.23 -8.88
C LEU E 63 -39.73 -22.72 -8.52
N PHE E 64 -40.29 -23.53 -9.41
CA PHE E 64 -40.42 -24.97 -9.19
C PHE E 64 -39.44 -25.76 -10.07
N GLY E 65 -38.25 -25.21 -10.26
CA GLY E 65 -37.22 -25.88 -11.02
C GLY E 65 -36.48 -26.88 -10.14
N SER E 66 -35.63 -27.68 -10.77
CA SER E 66 -34.74 -28.58 -10.05
C SER E 66 -33.35 -28.58 -10.70
N PHE E 67 -32.53 -29.56 -10.34
CA PHE E 67 -31.10 -29.51 -10.64
C PHE E 67 -30.53 -30.91 -10.81
N VAL E 68 -29.98 -31.18 -11.99
CA VAL E 68 -29.32 -32.45 -12.28
C VAL E 68 -27.83 -32.22 -12.46
N GLU E 69 -27.04 -32.87 -11.62
CA GLU E 69 -25.58 -32.80 -11.70
C GLU E 69 -25.02 -34.19 -11.98
N HIS E 70 -23.91 -34.23 -12.71
CA HIS E 70 -23.14 -35.47 -12.84
C HIS E 70 -22.50 -35.78 -11.49
N LEU E 71 -23.33 -36.31 -10.60
CA LEU E 71 -22.96 -36.61 -9.22
C LEU E 71 -23.60 -37.92 -8.85
N GLY E 72 -22.77 -38.89 -8.47
CA GLY E 72 -23.26 -40.21 -8.07
C GLY E 72 -24.18 -40.83 -9.09
N ARG E 73 -25.41 -41.10 -8.67
CA ARG E 73 -26.41 -41.75 -9.53
C ARG E 73 -27.55 -40.83 -9.96
N CYS E 74 -27.31 -39.51 -9.92
CA CYS E 74 -28.33 -38.55 -10.36
C CYS E 74 -28.56 -38.64 -11.87
N VAL E 75 -27.49 -38.92 -12.62
CA VAL E 75 -27.59 -39.09 -14.06
C VAL E 75 -27.51 -40.57 -14.43
N TYR E 76 -26.44 -41.23 -13.99
CA TYR E 76 -26.22 -42.64 -14.30
C TYR E 76 -26.82 -43.53 -13.20
N GLY E 77 -28.04 -43.99 -13.45
CA GLY E 77 -28.82 -44.70 -12.45
C GLY E 77 -30.03 -43.87 -12.04
N GLY E 78 -30.03 -42.62 -12.49
CA GLY E 78 -31.15 -41.72 -12.25
C GLY E 78 -32.03 -41.59 -13.48
N ILE E 79 -31.81 -40.53 -14.24
CA ILE E 79 -32.58 -40.27 -15.46
C ILE E 79 -32.11 -41.11 -16.65
N TYR E 80 -30.92 -41.68 -16.54
CA TYR E 80 -30.31 -42.43 -17.64
C TYR E 80 -29.79 -43.80 -17.19
N GLU E 81 -30.44 -44.85 -17.70
CA GLU E 81 -30.10 -46.24 -17.40
C GLU E 81 -30.70 -47.12 -18.50
N PRO E 82 -29.92 -47.39 -19.57
CA PRO E 82 -30.44 -48.14 -20.72
C PRO E 82 -30.56 -49.64 -20.46
N SER E 83 -30.08 -50.09 -19.31
CA SER E 83 -30.22 -51.48 -18.87
C SER E 83 -31.46 -51.70 -18.00
N HIS E 84 -32.11 -50.61 -17.61
CA HIS E 84 -33.35 -50.67 -16.84
C HIS E 84 -34.53 -51.03 -17.74
N PRO E 85 -35.46 -51.89 -17.25
CA PRO E 85 -36.62 -52.35 -18.03
C PRO E 85 -37.50 -51.24 -18.63
N THR E 86 -37.43 -50.04 -18.06
CA THR E 86 -38.31 -48.95 -18.47
C THR E 86 -37.66 -47.97 -19.46
N ALA E 87 -36.40 -48.22 -19.82
CA ALA E 87 -35.62 -47.32 -20.66
C ALA E 87 -36.16 -47.17 -22.09
N ASP E 88 -36.30 -45.93 -22.53
CA ASP E 88 -36.72 -45.65 -23.91
C ASP E 88 -35.56 -45.86 -24.89
N GLU E 89 -35.75 -45.45 -26.14
CA GLU E 89 -34.74 -45.60 -27.20
C GLU E 89 -33.40 -44.93 -26.87
N ASN E 90 -33.48 -43.79 -26.18
CA ASN E 90 -32.29 -43.04 -25.77
C ASN E 90 -31.75 -43.48 -24.41
N GLY E 91 -32.44 -44.43 -23.77
CA GLY E 91 -32.01 -45.00 -22.50
C GLY E 91 -32.47 -44.23 -21.26
N PHE E 92 -33.41 -43.31 -21.46
CA PHE E 92 -33.98 -42.54 -20.36
C PHE E 92 -35.04 -43.35 -19.64
N ARG E 93 -34.90 -43.46 -18.31
CA ARG E 93 -35.89 -44.16 -17.49
C ARG E 93 -37.25 -43.47 -17.52
N GLN E 94 -38.27 -44.22 -17.90
CA GLN E 94 -39.63 -43.70 -18.06
C GLN E 94 -40.34 -43.47 -16.73
N ASP E 95 -40.10 -44.35 -15.76
CA ASP E 95 -40.72 -44.22 -14.43
C ASP E 95 -40.27 -42.94 -13.72
N VAL E 96 -39.01 -42.57 -13.93
CA VAL E 96 -38.48 -41.29 -13.45
C VAL E 96 -39.18 -40.14 -14.19
N LEU E 97 -39.25 -40.26 -15.52
CA LEU E 97 -39.93 -39.27 -16.35
C LEU E 97 -41.41 -39.04 -15.96
N ASP E 98 -42.09 -40.13 -15.59
CA ASP E 98 -43.48 -40.04 -15.11
C ASP E 98 -43.55 -39.34 -13.75
N LEU E 99 -42.56 -39.63 -12.88
CA LEU E 99 -42.48 -39.01 -11.56
C LEU E 99 -42.13 -37.53 -11.61
N VAL E 100 -41.21 -37.18 -12.51
CA VAL E 100 -40.81 -35.78 -12.73
C VAL E 100 -42.00 -34.94 -13.21
N LYS E 101 -42.80 -35.52 -14.10
CA LYS E 101 -44.01 -34.87 -14.57
C LYS E 101 -45.03 -34.70 -13.44
N GLU E 102 -45.10 -35.71 -12.58
CA GLU E 102 -45.99 -35.69 -11.41
C GLU E 102 -45.51 -34.67 -10.37
N LEU E 103 -44.19 -34.53 -10.25
CA LEU E 103 -43.59 -33.59 -9.33
C LEU E 103 -43.81 -32.14 -9.78
N GLY E 104 -43.95 -31.94 -11.09
CA GLY E 104 -44.27 -30.63 -11.65
C GLY E 104 -43.07 -29.73 -11.88
N VAL E 105 -41.89 -30.33 -11.98
CA VAL E 105 -40.65 -29.60 -12.25
C VAL E 105 -40.74 -28.93 -13.62
N THR E 106 -40.39 -27.65 -13.67
CA THR E 106 -40.53 -26.85 -14.89
C THR E 106 -39.21 -26.56 -15.60
N CYS E 107 -38.12 -26.55 -14.85
CA CYS E 107 -36.82 -26.13 -15.35
C CYS E 107 -35.69 -26.81 -14.55
N VAL E 108 -34.70 -27.35 -15.28
CA VAL E 108 -33.62 -28.11 -14.63
C VAL E 108 -32.24 -27.52 -14.93
N ARG E 109 -31.46 -27.30 -13.87
CA ARG E 109 -30.08 -26.81 -13.99
C ARG E 109 -29.13 -27.97 -14.30
N TYR E 110 -28.25 -27.75 -15.27
CA TYR E 110 -27.37 -28.80 -15.79
C TYR E 110 -26.05 -28.18 -16.26
N PRO E 111 -24.91 -28.89 -16.06
CA PRO E 111 -24.71 -30.18 -15.41
C PRO E 111 -24.05 -30.09 -14.03
N GLY E 112 -24.12 -28.93 -13.40
CA GLY E 112 -23.49 -28.71 -12.10
C GLY E 112 -23.73 -27.31 -11.55
N GLY E 113 -23.38 -27.08 -10.30
CA GLY E 113 -22.77 -28.09 -9.43
C GLY E 113 -21.26 -28.10 -9.53
N ASN E 114 -20.62 -28.55 -8.45
CA ASN E 114 -19.16 -28.62 -8.35
C ASN E 114 -18.47 -29.27 -9.57
N PHE E 115 -19.17 -30.23 -10.17
CA PHE E 115 -18.73 -30.96 -11.37
C PHE E 115 -18.35 -30.05 -12.56
N VAL E 116 -19.16 -29.01 -12.80
CA VAL E 116 -19.00 -28.17 -13.99
C VAL E 116 -17.66 -27.43 -14.05
N SER E 117 -17.08 -27.13 -12.89
CA SER E 117 -15.87 -26.31 -12.80
C SER E 117 -14.59 -26.99 -13.31
N ASN E 118 -14.63 -28.31 -13.51
CA ASN E 118 -13.52 -29.04 -14.12
C ASN E 118 -13.99 -29.93 -15.27
N TYR E 119 -15.02 -29.45 -15.97
CA TYR E 119 -15.68 -30.16 -17.04
C TYR E 119 -15.48 -29.45 -18.37
N ASN E 120 -15.11 -30.21 -19.39
CA ASN E 120 -15.02 -29.70 -20.76
C ASN E 120 -16.24 -30.19 -21.52
N TRP E 121 -17.09 -29.24 -21.93
CA TRP E 121 -18.38 -29.58 -22.52
C TRP E 121 -18.28 -30.35 -23.84
N GLU E 122 -17.14 -30.24 -24.50
CA GLU E 122 -16.89 -30.96 -25.77
C GLU E 122 -16.78 -32.47 -25.52
N ASP E 123 -16.24 -32.83 -24.37
CA ASP E 123 -16.07 -34.24 -23.98
C ASP E 123 -17.39 -35.02 -24.02
N GLY E 124 -18.50 -34.30 -23.98
CA GLY E 124 -19.82 -34.91 -23.93
C GLY E 124 -20.68 -34.75 -25.18
N ILE E 125 -20.04 -34.47 -26.31
CA ILE E 125 -20.76 -34.40 -27.60
C ILE E 125 -20.17 -35.34 -28.67
N GLY E 126 -20.92 -35.55 -29.73
CA GLY E 126 -20.50 -36.45 -30.82
C GLY E 126 -20.78 -37.91 -30.49
N PRO E 127 -20.45 -38.83 -31.42
CA PRO E 127 -20.64 -40.27 -31.21
C PRO E 127 -20.20 -40.72 -29.82
N ARG E 128 -21.07 -41.50 -29.16
CA ARG E 128 -20.91 -41.88 -27.76
C ARG E 128 -19.61 -42.65 -27.49
N GLU E 129 -19.17 -43.41 -28.50
CA GLU E 129 -18.00 -44.28 -28.40
C GLU E 129 -16.67 -43.59 -28.74
N ASN E 130 -16.74 -42.32 -29.14
CA ASN E 130 -15.54 -41.51 -29.35
C ASN E 130 -15.25 -40.57 -28.18
N ARG E 131 -16.15 -40.54 -27.20
CA ARG E 131 -16.06 -39.63 -26.07
C ARG E 131 -15.02 -40.08 -25.05
N PRO E 132 -14.15 -39.15 -24.61
CA PRO E 132 -13.10 -39.48 -23.66
C PRO E 132 -13.64 -39.81 -22.26
N MET E 133 -12.94 -40.71 -21.57
CA MET E 133 -13.18 -40.97 -20.18
C MET E 133 -12.33 -40.00 -19.38
N ARG E 134 -12.96 -39.22 -18.50
CA ARG E 134 -12.30 -38.14 -17.78
C ARG E 134 -12.56 -38.20 -16.28
N ARG E 135 -11.71 -37.53 -15.52
CA ARG E 135 -11.86 -37.39 -14.07
C ARG E 135 -12.82 -36.25 -13.71
N ASP E 136 -13.51 -36.39 -12.58
CA ASP E 136 -14.12 -35.26 -11.89
C ASP E 136 -13.52 -35.15 -10.49
N LEU E 137 -12.87 -34.01 -10.23
CA LEU E 137 -12.16 -33.78 -8.98
C LEU E 137 -13.10 -33.54 -7.81
N ALA E 138 -14.27 -32.97 -8.09
CA ALA E 138 -15.23 -32.57 -7.07
C ALA E 138 -15.81 -33.74 -6.29
N TRP E 139 -16.17 -34.81 -7.00
CA TRP E 139 -16.78 -35.98 -6.38
C TRP E 139 -15.92 -37.24 -6.53
N HIS E 140 -14.68 -37.04 -6.96
CA HIS E 140 -13.66 -38.09 -7.07
C HIS E 140 -14.17 -39.33 -7.80
N CYS E 141 -14.65 -39.11 -9.03
CA CYS E 141 -15.25 -40.17 -9.83
C CYS E 141 -14.76 -40.16 -11.27
N THR E 142 -14.74 -41.34 -11.89
CA THR E 142 -14.49 -41.46 -13.32
C THR E 142 -15.80 -41.17 -14.06
N GLU E 143 -15.76 -40.18 -14.94
CA GLU E 143 -16.91 -39.82 -15.76
C GLU E 143 -16.75 -40.38 -17.18
N THR E 144 -17.77 -41.12 -17.62
CA THR E 144 -17.75 -41.79 -18.92
C THR E 144 -18.15 -40.86 -20.06
N ASN E 145 -18.86 -39.79 -19.72
CA ASN E 145 -19.42 -38.82 -20.68
C ASN E 145 -20.45 -39.42 -21.65
N GLU E 146 -21.08 -40.51 -21.24
CA GLU E 146 -22.19 -41.11 -21.99
C GLU E 146 -23.38 -40.15 -22.03
N MET E 147 -23.51 -39.34 -20.98
CA MET E 147 -24.48 -38.26 -20.94
C MET E 147 -23.79 -36.91 -21.03
N GLY E 148 -24.38 -36.02 -21.83
CA GLY E 148 -23.85 -34.68 -22.07
C GLY E 148 -24.94 -33.78 -22.64
N ILE E 149 -24.57 -32.57 -23.00
CA ILE E 149 -25.52 -31.55 -23.46
C ILE E 149 -26.31 -31.97 -24.71
N ASP E 150 -25.71 -32.82 -25.54
CA ASP E 150 -26.41 -33.43 -26.67
C ASP E 150 -27.62 -34.22 -26.18
N ASP E 151 -27.39 -35.07 -25.19
CA ASP E 151 -28.39 -36.03 -24.72
C ASP E 151 -29.35 -35.43 -23.70
N PHE E 152 -28.86 -34.52 -22.86
CA PHE E 152 -29.71 -33.86 -21.87
C PHE E 152 -30.76 -32.98 -22.54
N TYR E 153 -30.47 -32.55 -23.76
CA TYR E 153 -31.46 -31.85 -24.57
C TYR E 153 -32.64 -32.76 -24.91
N ARG E 154 -32.34 -34.02 -25.25
N ARG E 154 -32.33 -34.01 -25.26
CA ARG E 154 -33.36 -35.00 -25.60
CA ARG E 154 -33.36 -35.00 -25.60
C ARG E 154 -34.23 -35.39 -24.39
C ARG E 154 -34.23 -35.37 -24.39
N TRP E 155 -33.61 -35.51 -23.23
CA TRP E 155 -34.33 -35.79 -21.98
C TRP E 155 -35.26 -34.65 -21.61
N SER E 156 -34.77 -33.42 -21.77
CA SER E 156 -35.55 -32.21 -21.52
C SER E 156 -36.72 -32.08 -22.48
N GLN E 157 -36.52 -32.52 -23.72
CA GLN E 157 -37.58 -32.54 -24.73
C GLN E 157 -38.71 -33.47 -24.31
N LYS E 158 -38.35 -34.65 -23.79
CA LYS E 158 -39.32 -35.63 -23.34
C LYS E 158 -39.95 -35.25 -22.00
N ALA E 159 -39.19 -34.55 -21.16
CA ALA E 159 -39.69 -34.08 -19.87
C ALA E 159 -40.58 -32.85 -20.03
N GLY E 160 -40.31 -32.05 -21.05
CA GLY E 160 -41.04 -30.80 -21.29
C GLY E 160 -40.46 -29.64 -20.50
N THR E 161 -39.33 -29.88 -19.86
CA THR E 161 -38.68 -28.90 -18.98
C THR E 161 -37.74 -27.95 -19.72
N GLU E 162 -37.46 -26.81 -19.09
CA GLU E 162 -36.49 -25.85 -19.60
C GLU E 162 -35.09 -26.24 -19.13
N ILE E 163 -34.09 -25.85 -19.90
CA ILE E 163 -32.69 -26.10 -19.55
C ILE E 163 -32.03 -24.83 -19.05
N MET E 164 -31.49 -24.88 -17.84
CA MET E 164 -30.69 -23.80 -17.29
C MET E 164 -29.24 -24.28 -17.30
N LEU E 165 -28.50 -23.92 -18.36
CA LEU E 165 -27.17 -24.45 -18.58
C LEU E 165 -26.07 -23.71 -17.81
N ALA E 166 -25.24 -24.47 -17.09
CA ALA E 166 -24.08 -23.92 -16.41
C ALA E 166 -22.83 -24.10 -17.26
N VAL E 167 -22.00 -23.06 -17.31
CA VAL E 167 -20.71 -23.12 -18.02
C VAL E 167 -19.52 -23.13 -17.04
N ASN E 168 -18.43 -23.71 -17.49
CA ASN E 168 -17.20 -23.84 -16.70
C ASN E 168 -16.46 -22.52 -16.49
N MET E 169 -16.25 -22.16 -15.22
CA MET E 169 -15.50 -20.96 -14.88
C MET E 169 -14.31 -21.28 -13.95
N GLY E 170 -14.09 -22.56 -13.70
CA GLY E 170 -12.97 -23.02 -12.89
C GLY E 170 -11.71 -23.22 -13.71
N THR E 171 -11.72 -24.26 -14.54
CA THR E 171 -10.57 -24.57 -15.40
C THR E 171 -10.67 -23.84 -16.73
N ARG E 172 -11.87 -23.41 -17.08
CA ARG E 172 -12.15 -22.71 -18.34
C ARG E 172 -12.80 -21.35 -18.07
N GLY E 173 -13.07 -20.59 -19.13
CA GLY E 173 -13.61 -19.24 -18.99
C GLY E 173 -14.43 -18.75 -20.18
N LEU E 174 -14.14 -17.53 -20.60
CA LEU E 174 -14.91 -16.82 -21.64
C LEU E 174 -15.00 -17.56 -22.99
N LYS E 175 -13.85 -18.00 -23.50
CA LYS E 175 -13.75 -18.65 -24.81
C LYS E 175 -14.65 -19.88 -24.94
N ALA E 176 -14.58 -20.76 -23.93
CA ALA E 176 -15.35 -22.01 -23.92
C ALA E 176 -16.85 -21.76 -23.77
N ALA E 177 -17.20 -20.70 -23.04
CA ALA E 177 -18.61 -20.34 -22.82
C ALA E 177 -19.26 -19.84 -24.10
N LEU E 178 -18.49 -19.13 -24.93
CA LEU E 178 -18.99 -18.61 -26.20
C LEU E 178 -19.10 -19.70 -27.25
N ASP E 179 -18.24 -20.70 -27.14
CA ASP E 179 -18.25 -21.86 -28.03
C ASP E 179 -19.53 -22.68 -27.85
N GLU E 180 -19.86 -22.98 -26.60
CA GLU E 180 -21.07 -23.74 -26.27
C GLU E 180 -22.35 -22.98 -26.60
N LEU E 181 -22.36 -21.67 -26.35
CA LEU E 181 -23.48 -20.82 -26.73
C LEU E 181 -23.75 -20.88 -28.24
N GLU E 182 -22.68 -20.85 -29.01
CA GLU E 182 -22.74 -20.96 -30.46
C GLU E 182 -23.21 -22.36 -30.89
N TYR E 183 -22.63 -23.38 -30.26
CA TYR E 183 -22.96 -24.77 -30.54
C TYR E 183 -24.43 -25.08 -30.28
N VAL E 184 -24.91 -24.60 -29.13
CA VAL E 184 -26.24 -24.89 -28.64
C VAL E 184 -27.35 -24.09 -29.36
N ASN E 185 -27.15 -22.78 -29.50
CA ASN E 185 -28.20 -21.88 -30.00
C ASN E 185 -28.03 -21.38 -31.43
N GLY E 186 -26.91 -21.73 -32.06
CA GLY E 186 -26.56 -21.21 -33.39
C GLY E 186 -27.36 -21.76 -34.55
N ALA E 187 -27.30 -21.06 -35.68
CA ALA E 187 -27.94 -21.51 -36.92
C ALA E 187 -26.92 -22.25 -37.79
N PRO E 188 -27.39 -23.25 -38.57
CA PRO E 188 -26.51 -23.93 -39.53
C PRO E 188 -25.82 -22.93 -40.46
N GLY E 189 -24.53 -23.16 -40.71
CA GLY E 189 -23.70 -22.24 -41.48
C GLY E 189 -22.57 -21.71 -40.63
N THR E 190 -22.22 -22.48 -39.60
CA THR E 190 -21.18 -22.14 -38.63
C THR E 190 -20.57 -23.45 -38.15
N ALA E 191 -19.24 -23.50 -38.06
CA ALA E 191 -18.52 -24.73 -37.71
C ALA E 191 -18.99 -25.38 -36.41
N TRP E 192 -19.31 -24.55 -35.40
CA TRP E 192 -19.83 -25.06 -34.14
C TRP E 192 -21.28 -25.52 -34.26
N ALA E 193 -22.10 -24.71 -34.94
CA ALA E 193 -23.49 -25.06 -35.19
C ALA E 193 -23.64 -26.32 -36.06
N ASP E 194 -22.73 -26.48 -37.02
CA ASP E 194 -22.71 -27.65 -37.90
C ASP E 194 -22.32 -28.94 -37.19
N GLN E 195 -21.49 -28.82 -36.15
CA GLN E 195 -21.13 -29.97 -35.31
C GLN E 195 -22.38 -30.55 -34.63
N ARG E 196 -23.24 -29.66 -34.14
CA ARG E 196 -24.47 -30.05 -33.45
C ARG E 196 -25.50 -30.63 -34.42
N VAL E 197 -25.57 -30.08 -35.64
CA VAL E 197 -26.43 -30.61 -36.70
C VAL E 197 -25.96 -32.01 -37.11
N ALA E 198 -24.63 -32.18 -37.19
CA ALA E 198 -24.03 -33.47 -37.51
C ALA E 198 -24.25 -34.51 -36.40
N ASN E 199 -24.42 -34.02 -35.16
CA ASN E 199 -24.67 -34.90 -34.01
C ASN E 199 -26.12 -35.36 -33.89
N GLY E 200 -27.02 -34.73 -34.64
CA GLY E 200 -28.42 -35.17 -34.70
C GLY E 200 -29.48 -34.15 -34.33
N ILE E 201 -29.05 -32.93 -34.02
CA ILE E 201 -29.99 -31.86 -33.66
C ILE E 201 -29.88 -30.71 -34.67
N GLU E 202 -30.86 -30.61 -35.55
CA GLU E 202 -30.86 -29.56 -36.59
C GLU E 202 -31.28 -28.21 -36.01
N GLU E 203 -32.33 -28.21 -35.19
CA GLU E 203 -32.86 -26.99 -34.59
C GLU E 203 -31.93 -26.47 -33.48
N PRO E 204 -31.86 -25.13 -33.32
CA PRO E 204 -31.20 -24.55 -32.15
C PRO E 204 -31.91 -24.98 -30.86
N MET E 205 -31.15 -25.25 -29.80
CA MET E 205 -31.70 -25.78 -28.55
C MET E 205 -32.54 -24.78 -27.76
N ASP E 206 -32.41 -23.50 -28.10
CA ASP E 206 -33.12 -22.40 -27.43
C ASP E 206 -32.87 -22.32 -25.92
N ILE E 207 -31.63 -22.55 -25.50
CA ILE E 207 -31.25 -22.42 -24.10
C ILE E 207 -31.14 -20.93 -23.74
N LYS E 208 -32.07 -20.48 -22.91
CA LYS E 208 -32.24 -19.06 -22.63
C LYS E 208 -31.54 -18.63 -21.33
N MET E 209 -31.54 -19.52 -20.34
CA MET E 209 -30.98 -19.21 -19.03
C MET E 209 -29.63 -19.89 -18.82
N TRP E 210 -28.63 -19.10 -18.46
CA TRP E 210 -27.26 -19.59 -18.29
C TRP E 210 -26.67 -19.21 -16.94
N CYS E 211 -25.94 -20.14 -16.35
CA CYS E 211 -25.22 -19.88 -15.10
C CYS E 211 -23.74 -19.70 -15.37
N ILE E 212 -23.26 -18.48 -15.14
CA ILE E 212 -21.84 -18.17 -15.32
C ILE E 212 -21.05 -18.65 -14.10
N GLY E 213 -20.76 -19.95 -14.07
CA GLY E 213 -19.99 -20.55 -12.97
C GLY E 213 -20.85 -21.23 -11.93
N ASN E 214 -20.19 -21.79 -10.92
CA ASN E 214 -20.86 -22.47 -9.81
C ASN E 214 -20.11 -22.26 -8.51
N GLU E 215 -20.80 -21.66 -7.52
CA GLU E 215 -20.25 -21.44 -6.19
C GLU E 215 -18.77 -20.99 -6.19
N MET E 216 -18.48 -19.95 -6.97
CA MET E 216 -17.09 -19.49 -7.15
C MET E 216 -16.51 -18.86 -5.89
N ASP E 217 -17.37 -18.57 -4.92
CA ASP E 217 -16.95 -18.05 -3.62
C ASP E 217 -16.40 -19.13 -2.69
N GLY E 218 -16.77 -20.38 -2.93
CA GLY E 218 -16.44 -21.50 -2.04
C GLY E 218 -15.07 -22.13 -2.26
N PRO E 219 -14.33 -22.38 -1.16
CA PRO E 219 -12.98 -22.96 -1.19
C PRO E 219 -12.92 -24.41 -1.71
N TRP E 220 -14.06 -25.09 -1.74
CA TRP E 220 -14.15 -26.46 -2.24
C TRP E 220 -14.19 -26.51 -3.77
N GLN E 221 -14.59 -25.39 -4.38
CA GLN E 221 -14.73 -25.31 -5.82
C GLN E 221 -13.36 -25.20 -6.49
N VAL E 222 -13.15 -25.94 -7.58
CA VAL E 222 -11.89 -25.87 -8.30
C VAL E 222 -11.83 -24.57 -9.08
N GLY E 223 -10.72 -23.85 -8.91
CA GLY E 223 -10.55 -22.55 -9.53
C GLY E 223 -11.37 -21.46 -8.87
N HIS E 224 -11.64 -21.63 -7.58
CA HIS E 224 -12.40 -20.65 -6.81
C HIS E 224 -11.69 -19.29 -6.81
N MET E 225 -12.48 -18.23 -6.92
CA MET E 225 -11.95 -16.88 -7.06
C MET E 225 -12.26 -16.01 -5.86
N SER E 226 -11.51 -14.91 -5.74
CA SER E 226 -11.88 -13.81 -4.87
C SER E 226 -13.01 -13.04 -5.54
N PRO E 227 -13.81 -12.29 -4.75
CA PRO E 227 -14.87 -11.47 -5.32
C PRO E 227 -14.39 -10.61 -6.49
N GLU E 228 -13.26 -9.93 -6.29
CA GLU E 228 -12.66 -9.07 -7.31
C GLU E 228 -12.33 -9.84 -8.60
N GLU E 229 -11.84 -11.07 -8.45
CA GLU E 229 -11.51 -11.91 -9.60
C GLU E 229 -12.76 -12.32 -10.38
N TYR E 230 -13.75 -12.83 -9.65
CA TYR E 230 -14.99 -13.27 -10.28
C TYR E 230 -15.79 -12.11 -10.86
N ALA E 231 -15.78 -10.97 -10.18
CA ALA E 231 -16.45 -9.75 -10.68
C ALA E 231 -15.99 -9.38 -12.09
N GLY E 232 -14.68 -9.41 -12.30
CA GLY E 232 -14.10 -9.15 -13.61
C GLY E 232 -14.42 -10.26 -14.60
N ALA E 233 -14.31 -11.50 -14.13
CA ALA E 233 -14.54 -12.67 -14.96
C ALA E 233 -16.00 -12.78 -15.40
N VAL E 234 -16.92 -12.54 -14.48
CA VAL E 234 -18.35 -12.59 -14.79
C VAL E 234 -18.81 -11.42 -15.68
N ASP E 235 -18.17 -10.27 -15.50
CA ASP E 235 -18.47 -9.08 -16.32
C ASP E 235 -18.15 -9.32 -17.79
N LYS E 236 -16.99 -9.94 -18.05
CA LYS E 236 -16.56 -10.27 -19.40
C LYS E 236 -17.50 -11.28 -20.06
N VAL E 237 -17.76 -12.39 -19.37
CA VAL E 237 -18.61 -13.46 -19.89
C VAL E 237 -20.04 -12.95 -20.10
N ALA E 238 -20.59 -12.26 -19.09
CA ALA E 238 -21.94 -11.72 -19.19
C ALA E 238 -22.08 -10.80 -20.40
N HIS E 239 -21.19 -9.82 -20.52
CA HIS E 239 -21.25 -8.86 -21.63
C HIS E 239 -21.18 -9.51 -23.02
N ALA E 240 -20.18 -10.37 -23.24
CA ALA E 240 -19.96 -11.01 -24.54
C ALA E 240 -21.13 -11.89 -24.95
N MET E 241 -21.65 -12.68 -24.02
CA MET E 241 -22.83 -13.50 -24.26
C MET E 241 -24.04 -12.65 -24.65
N LYS E 242 -24.22 -11.52 -23.96
CA LYS E 242 -25.29 -10.57 -24.28
C LYS E 242 -25.09 -9.95 -25.67
N LEU E 243 -23.83 -9.71 -26.03
CA LEU E 243 -23.47 -9.21 -27.35
C LEU E 243 -23.81 -10.25 -28.43
N ALA E 244 -23.70 -11.53 -28.08
CA ALA E 244 -24.07 -12.62 -28.97
C ALA E 244 -25.58 -12.83 -29.03
N GLU E 245 -26.21 -12.90 -27.86
CA GLU E 245 -27.66 -13.07 -27.76
C GLU E 245 -28.32 -12.12 -26.76
N SER E 246 -29.17 -11.25 -27.29
CA SER E 246 -29.86 -10.21 -26.53
C SER E 246 -30.92 -10.78 -25.57
N GLY E 247 -31.52 -11.90 -25.96
CA GLY E 247 -32.60 -12.52 -25.18
C GLY E 247 -32.13 -13.44 -24.06
N LEU E 248 -30.82 -13.56 -23.89
CA LEU E 248 -30.25 -14.39 -22.83
C LEU E 248 -30.62 -13.91 -21.41
N GLU E 249 -30.67 -14.86 -20.49
CA GLU E 249 -30.89 -14.56 -19.07
C GLU E 249 -29.73 -15.13 -18.26
N LEU E 250 -28.88 -14.26 -17.75
CA LEU E 250 -27.60 -14.66 -17.16
C LEU E 250 -27.57 -14.61 -15.63
N VAL E 251 -26.91 -15.60 -15.03
CA VAL E 251 -26.85 -15.74 -13.58
C VAL E 251 -25.42 -15.60 -13.07
N ALA E 252 -25.22 -14.66 -12.15
CA ALA E 252 -23.96 -14.51 -11.46
C ALA E 252 -23.97 -15.33 -10.19
N CYS E 253 -22.83 -15.94 -9.87
CA CYS E 253 -22.66 -16.65 -8.61
C CYS E 253 -22.80 -15.68 -7.46
N GLY E 254 -23.64 -16.04 -6.49
CA GLY E 254 -23.72 -15.32 -5.24
C GLY E 254 -22.96 -16.08 -4.17
N SER E 255 -23.49 -16.08 -2.96
CA SER E 255 -22.88 -16.79 -1.85
C SER E 255 -23.44 -18.20 -1.70
N SER E 256 -22.57 -19.14 -1.37
CA SER E 256 -22.93 -20.56 -1.24
C SER E 256 -23.67 -20.88 0.06
N GLY E 257 -23.91 -19.82 0.86
CA GLY E 257 -24.58 -19.93 2.15
C GLY E 257 -24.34 -18.66 2.95
N ALA E 258 -25.24 -18.39 3.89
CA ALA E 258 -25.15 -17.19 4.74
C ALA E 258 -23.97 -17.23 5.72
N TYR E 259 -23.47 -18.44 5.97
CA TYR E 259 -22.34 -18.67 6.88
C TYR E 259 -21.00 -18.19 6.34
N MET E 260 -20.92 -18.05 5.01
CA MET E 260 -19.70 -17.63 4.33
C MET E 260 -19.15 -16.31 4.87
N PRO E 261 -17.82 -16.24 5.12
CA PRO E 261 -17.20 -14.98 5.57
C PRO E 261 -17.29 -13.88 4.50
N THR E 262 -17.55 -14.28 3.26
CA THR E 262 -17.69 -13.37 2.12
C THR E 262 -19.15 -12.93 1.89
N PHE E 263 -20.05 -13.38 2.76
CA PHE E 263 -21.49 -13.16 2.58
C PHE E 263 -21.91 -11.69 2.60
N GLY E 264 -22.63 -11.28 1.56
CA GLY E 264 -23.11 -9.91 1.42
C GLY E 264 -22.17 -9.02 0.63
N THR E 265 -20.90 -9.01 1.05
CA THR E 265 -19.86 -8.20 0.43
C THR E 265 -19.47 -8.73 -0.95
N TRP E 266 -19.61 -10.04 -1.13
CA TRP E 266 -19.38 -10.69 -2.42
C TRP E 266 -20.35 -10.18 -3.48
N GLU E 267 -21.64 -10.17 -3.16
CA GLU E 267 -22.68 -9.73 -4.09
C GLU E 267 -22.53 -8.25 -4.46
N LYS E 268 -22.23 -7.41 -3.48
CA LYS E 268 -21.99 -5.99 -3.70
C LYS E 268 -20.87 -5.77 -4.72
N THR E 269 -19.75 -6.46 -4.55
CA THR E 269 -18.60 -6.33 -5.44
C THR E 269 -18.89 -6.88 -6.84
N VAL E 270 -19.44 -8.10 -6.88
CA VAL E 270 -19.70 -8.80 -8.14
C VAL E 270 -20.78 -8.11 -8.96
N LEU E 271 -21.90 -7.77 -8.31
CA LEU E 271 -23.03 -7.17 -8.99
C LEU E 271 -22.80 -5.72 -9.39
N THR E 272 -22.05 -4.97 -8.59
CA THR E 272 -21.72 -3.58 -8.91
C THR E 272 -20.92 -3.47 -10.21
N LYS E 273 -19.97 -4.38 -10.38
CA LYS E 273 -19.12 -4.44 -11.56
C LYS E 273 -19.89 -4.87 -12.81
N ALA E 274 -20.62 -5.97 -12.70
CA ALA E 274 -21.22 -6.64 -13.86
C ALA E 274 -22.71 -6.36 -14.04
N TYR E 275 -23.23 -5.41 -13.27
CA TYR E 275 -24.66 -5.03 -13.28
C TYR E 275 -25.32 -5.04 -14.65
N GLU E 276 -24.71 -4.36 -15.61
CA GLU E 276 -25.33 -4.07 -16.91
C GLU E 276 -25.81 -5.28 -17.71
N ASN E 277 -25.21 -6.44 -17.50
CA ASN E 277 -25.52 -7.63 -18.29
C ASN E 277 -26.00 -8.82 -17.47
N LEU E 278 -26.32 -8.58 -16.21
CA LEU E 278 -26.84 -9.64 -15.35
C LEU E 278 -28.35 -9.54 -15.16
N ASP E 279 -29.00 -10.71 -15.15
CA ASP E 279 -30.44 -10.80 -14.96
C ASP E 279 -30.77 -11.46 -13.63
N PHE E 280 -29.85 -12.29 -13.14
CA PHE E 280 -30.03 -13.01 -11.89
C PHE E 280 -28.77 -13.02 -11.02
N VAL E 281 -28.96 -13.21 -9.73
CA VAL E 281 -27.87 -13.51 -8.79
C VAL E 281 -28.28 -14.75 -7.98
N SER E 282 -27.40 -15.74 -7.92
CA SER E 282 -27.73 -17.02 -7.30
C SER E 282 -27.58 -17.03 -5.80
N CYS E 283 -28.44 -17.82 -5.14
CA CYS E 283 -28.34 -18.07 -3.71
C CYS E 283 -28.33 -19.58 -3.49
N HIS E 284 -27.55 -20.00 -2.50
CA HIS E 284 -27.42 -21.43 -2.19
C HIS E 284 -27.69 -21.68 -0.71
N ALA E 285 -28.74 -22.45 -0.42
CA ALA E 285 -29.17 -22.70 0.95
C ALA E 285 -29.47 -24.17 1.22
N TYR E 286 -28.58 -24.81 1.95
CA TYR E 286 -28.78 -26.19 2.39
C TYR E 286 -29.02 -26.21 3.89
N TYR E 287 -29.88 -27.13 4.33
CA TYR E 287 -30.18 -27.27 5.75
C TYR E 287 -30.29 -28.74 6.15
N PHE E 288 -29.96 -29.01 7.41
CA PHE E 288 -30.13 -30.34 7.97
C PHE E 288 -30.19 -30.26 9.50
N ASP E 289 -30.70 -31.32 10.12
CA ASP E 289 -30.71 -31.44 11.58
C ASP E 289 -29.31 -31.87 12.03
N ARG E 290 -28.62 -30.95 12.71
CA ARG E 290 -27.22 -31.15 13.05
C ARG E 290 -26.99 -32.16 14.17
N GLY E 291 -27.99 -32.35 15.03
CA GLY E 291 -27.90 -33.30 16.13
C GLY E 291 -28.73 -34.56 15.92
N HIS E 292 -28.82 -35.01 14.68
CA HIS E 292 -29.71 -36.11 14.29
C HIS E 292 -29.32 -37.48 14.86
N LYS E 293 -28.03 -37.68 15.11
CA LYS E 293 -27.54 -38.94 15.69
C LYS E 293 -27.97 -39.12 17.16
N THR E 294 -27.98 -38.03 17.91
CA THR E 294 -28.45 -38.03 19.29
C THR E 294 -29.97 -37.90 19.38
N ARG E 295 -30.58 -37.43 18.29
CA ARG E 295 -31.99 -37.03 18.25
C ARG E 295 -32.23 -35.89 19.22
N ALA E 296 -31.30 -34.94 19.22
CA ALA E 296 -31.31 -33.81 20.15
C ALA E 296 -32.49 -32.86 19.90
N ALA E 297 -33.18 -32.51 20.97
CA ALA E 297 -34.35 -31.65 20.90
C ALA E 297 -34.01 -30.28 20.31
N ALA E 298 -32.99 -29.64 20.87
CA ALA E 298 -32.60 -28.29 20.47
C ALA E 298 -32.29 -28.16 18.98
N SER E 299 -31.53 -29.12 18.44
CA SER E 299 -31.09 -29.07 17.05
C SER E 299 -32.23 -29.35 16.07
N MET E 300 -33.20 -30.17 16.48
CA MET E 300 -34.42 -30.38 15.72
C MET E 300 -35.23 -29.09 15.63
N GLN E 301 -35.29 -28.38 16.75
CA GLN E 301 -36.02 -27.12 16.85
C GLN E 301 -35.39 -26.03 15.96
N ASP E 302 -34.06 -25.95 15.98
CA ASP E 302 -33.32 -25.03 15.10
C ASP E 302 -33.63 -25.33 13.64
N PHE E 303 -33.49 -26.60 13.26
CA PHE E 303 -33.73 -27.11 11.91
C PHE E 303 -35.14 -26.78 11.40
N LEU E 304 -36.12 -26.83 12.29
CA LEU E 304 -37.51 -26.50 11.96
C LEU E 304 -37.72 -25.04 11.60
N ALA E 305 -36.87 -24.17 12.14
CA ALA E 305 -36.92 -22.74 11.85
C ALA E 305 -35.87 -22.32 10.82
N SER E 306 -35.56 -23.22 9.90
CA SER E 306 -34.58 -22.98 8.83
C SER E 306 -34.98 -21.84 7.89
N SER E 307 -36.28 -21.62 7.74
CA SER E 307 -36.78 -20.59 6.81
C SER E 307 -36.46 -19.18 7.30
N GLU E 308 -36.15 -19.04 8.58
CA GLU E 308 -35.71 -17.77 9.15
C GLU E 308 -34.33 -17.39 8.62
N ASP E 309 -33.46 -18.39 8.47
CA ASP E 309 -32.18 -18.22 7.80
C ASP E 309 -32.38 -17.81 6.33
N MET E 310 -33.23 -18.54 5.61
CA MET E 310 -33.55 -18.24 4.20
C MET E 310 -34.12 -16.83 4.02
N THR E 311 -34.96 -16.40 4.95
CA THR E 311 -35.55 -15.04 4.93
C THR E 311 -34.45 -13.97 5.01
N LYS E 312 -33.52 -14.15 5.94
CA LYS E 312 -32.39 -13.24 6.11
C LYS E 312 -31.44 -13.31 4.92
N PHE E 313 -31.35 -14.48 4.30
CA PHE E 313 -30.55 -14.70 3.11
C PHE E 313 -31.08 -13.85 1.96
N ILE E 314 -32.38 -13.98 1.67
CA ILE E 314 -33.04 -13.22 0.60
C ILE E 314 -32.89 -11.72 0.82
N ALA E 315 -33.21 -11.26 2.03
CA ALA E 315 -33.14 -9.84 2.38
C ALA E 315 -31.76 -9.24 2.08
N THR E 316 -30.71 -9.92 2.51
CA THR E 316 -29.33 -9.46 2.31
C THR E 316 -28.93 -9.41 0.83
N VAL E 317 -29.26 -10.47 0.08
CA VAL E 317 -28.90 -10.55 -1.34
C VAL E 317 -29.70 -9.55 -2.19
N SER E 318 -30.98 -9.41 -1.87
CA SER E 318 -31.83 -8.39 -2.52
C SER E 318 -31.30 -6.98 -2.27
N ASP E 319 -30.92 -6.73 -1.02
CA ASP E 319 -30.36 -5.46 -0.59
C ASP E 319 -29.10 -5.10 -1.37
N ALA E 320 -28.23 -6.10 -1.58
CA ALA E 320 -27.01 -5.93 -2.36
C ALA E 320 -27.30 -5.67 -3.84
N ALA E 321 -28.33 -6.34 -4.37
CA ALA E 321 -28.75 -6.19 -5.77
C ALA E 321 -29.29 -4.79 -6.07
N ASP E 322 -30.07 -4.25 -5.13
CA ASP E 322 -30.57 -2.87 -5.22
C ASP E 322 -29.43 -1.86 -5.16
N GLN E 323 -28.50 -2.10 -4.23
CA GLN E 323 -27.33 -1.25 -4.02
C GLN E 323 -26.48 -1.17 -5.28
N ALA E 324 -26.27 -2.30 -5.93
CA ALA E 324 -25.55 -2.39 -7.19
C ALA E 324 -26.25 -1.57 -8.28
N ARG E 325 -27.57 -1.59 -8.27
CA ARG E 325 -28.38 -0.83 -9.22
C ARG E 325 -28.19 0.68 -9.06
N GLU E 326 -28.19 1.15 -7.82
CA GLU E 326 -28.06 2.57 -7.55
C GLU E 326 -26.62 3.05 -7.68
N ALA E 327 -25.66 2.13 -7.58
CA ALA E 327 -24.26 2.44 -7.82
C ALA E 327 -23.99 2.70 -9.30
N ASN E 328 -24.82 2.12 -10.15
CA ASN E 328 -24.74 2.28 -11.60
C ASN E 328 -25.75 3.30 -12.12
N ASN E 329 -26.51 3.90 -11.21
CA ASN E 329 -27.67 4.72 -11.53
C ASN E 329 -28.52 4.05 -12.62
N GLY E 330 -28.80 2.77 -12.41
CA GLY E 330 -29.44 1.93 -13.42
C GLY E 330 -30.95 1.82 -13.28
N THR E 331 -31.59 1.40 -14.37
CA THR E 331 -33.04 1.27 -14.44
C THR E 331 -33.48 -0.19 -14.59
N LYS E 332 -32.60 -1.11 -14.20
CA LYS E 332 -32.90 -2.54 -14.26
C LYS E 332 -32.77 -3.16 -12.88
N ASP E 333 -33.72 -4.04 -12.56
CA ASP E 333 -33.72 -4.78 -11.31
C ASP E 333 -33.16 -6.18 -11.53
N ILE E 334 -32.14 -6.54 -10.76
CA ILE E 334 -31.60 -7.90 -10.80
C ILE E 334 -32.39 -8.81 -9.85
N ALA E 335 -32.88 -9.93 -10.39
CA ALA E 335 -33.65 -10.89 -9.62
C ALA E 335 -32.75 -11.89 -8.90
N LEU E 336 -33.32 -12.55 -7.89
CA LEU E 336 -32.61 -13.58 -7.15
C LEU E 336 -32.98 -14.96 -7.67
N SER E 337 -31.99 -15.85 -7.72
CA SER E 337 -32.21 -17.22 -8.17
C SER E 337 -31.67 -18.18 -7.13
N PHE E 338 -32.57 -18.91 -6.47
CA PHE E 338 -32.18 -19.95 -5.52
C PHE E 338 -31.92 -21.26 -6.26
N ASP E 339 -30.86 -21.28 -7.07
CA ASP E 339 -30.58 -22.43 -7.94
C ASP E 339 -29.95 -23.63 -7.22
N GLU E 340 -29.78 -23.50 -5.90
CA GLU E 340 -29.51 -24.63 -5.03
C GLU E 340 -30.16 -24.44 -3.66
N TRP E 341 -31.21 -25.22 -3.40
CA TRP E 341 -31.83 -25.27 -2.08
C TRP E 341 -32.31 -26.68 -1.75
N GLY E 342 -32.52 -26.94 -0.46
CA GLY E 342 -33.04 -28.22 -0.01
C GLY E 342 -32.41 -28.69 1.28
N VAL E 343 -32.85 -29.85 1.75
CA VAL E 343 -32.27 -30.48 2.91
C VAL E 343 -31.17 -31.44 2.47
N TRP E 344 -30.00 -31.30 3.08
CA TRP E 344 -28.85 -32.16 2.83
C TRP E 344 -28.03 -32.34 4.09
N TYR E 345 -27.91 -33.57 4.54
CA TYR E 345 -27.12 -33.90 5.73
C TYR E 345 -25.64 -33.93 5.39
N SER E 346 -25.05 -32.73 5.39
CA SER E 346 -23.70 -32.51 4.87
C SER E 346 -22.56 -32.93 5.81
N ASP E 347 -22.89 -33.31 7.04
CA ASP E 347 -21.88 -33.81 7.97
C ASP E 347 -21.36 -35.19 7.56
N LYS E 348 -22.16 -35.91 6.77
CA LYS E 348 -21.73 -37.15 6.13
C LYS E 348 -20.61 -36.87 5.13
N TRP E 349 -20.82 -35.85 4.28
CA TRP E 349 -19.84 -35.46 3.27
C TRP E 349 -18.59 -34.80 3.88
N ASN E 350 -18.79 -33.96 4.90
CA ASN E 350 -17.68 -33.30 5.58
C ASN E 350 -16.71 -34.29 6.25
N GLU E 351 -17.26 -35.39 6.76
CA GLU E 351 -16.45 -36.46 7.35
C GLU E 351 -15.71 -37.27 6.27
N GLN E 352 -16.29 -37.33 5.07
CA GLN E 352 -15.67 -38.01 3.94
C GLN E 352 -14.50 -37.18 3.36
N GLU E 353 -14.61 -35.86 3.46
CA GLU E 353 -13.54 -34.94 3.07
C GLU E 353 -12.46 -34.90 4.16
N ASP E 354 -12.87 -35.13 5.41
CA ASP E 354 -11.95 -35.25 6.54
C ASP E 354 -11.05 -36.49 6.40
N GLN E 355 -11.63 -37.57 5.88
CA GLN E 355 -10.90 -38.81 5.64
C GLN E 355 -9.88 -38.63 4.52
N TRP E 356 -10.28 -37.92 3.46
CA TRP E 356 -9.41 -37.67 2.32
C TRP E 356 -8.13 -36.95 2.74
N LYS E 357 -8.27 -35.82 3.44
CA LYS E 357 -7.12 -35.06 3.93
C LYS E 357 -6.22 -35.88 4.85
N ALA E 358 -6.84 -36.70 5.71
CA ALA E 358 -6.10 -37.52 6.67
C ALA E 358 -5.21 -38.56 5.99
N GLU E 359 -5.65 -39.04 4.83
CA GLU E 359 -4.95 -40.09 4.09
C GLU E 359 -3.74 -39.54 3.32
N ALA E 360 -3.29 -38.35 3.70
CA ALA E 360 -2.18 -37.66 3.03
C ALA E 360 -0.82 -38.32 3.26
N ALA E 361 -0.63 -38.86 4.45
CA ALA E 361 0.66 -39.46 4.84
C ALA E 361 0.88 -40.83 4.20
N GLN E 362 -0.20 -41.50 3.83
CA GLN E 362 -0.14 -42.84 3.25
C GLN E 362 0.14 -42.84 1.74
N GLY E 363 0.85 -41.82 1.27
CA GLY E 363 1.27 -41.74 -0.13
C GLY E 363 0.15 -41.54 -1.13
N LEU E 364 0.44 -41.88 -2.39
CA LEU E 364 -0.49 -41.68 -3.48
C LEU E 364 -1.53 -42.80 -3.58
N HIS E 365 -2.63 -42.53 -4.28
CA HIS E 365 -3.70 -43.50 -4.51
C HIS E 365 -3.67 -44.01 -5.95
N HIS E 366 -3.27 -45.26 -6.12
CA HIS E 366 -3.10 -45.86 -7.45
C HIS E 366 -4.39 -46.48 -8.00
N GLU E 367 -5.43 -46.48 -7.17
CA GLU E 367 -6.69 -47.14 -7.49
C GLU E 367 -7.50 -46.36 -8.53
N PRO E 368 -8.27 -47.07 -9.38
CA PRO E 368 -9.17 -46.39 -10.32
C PRO E 368 -10.27 -45.63 -9.57
N TRP E 369 -10.72 -44.52 -10.15
CA TRP E 369 -11.76 -43.70 -9.56
C TRP E 369 -13.14 -44.30 -9.89
N PRO E 370 -13.98 -44.53 -8.87
CA PRO E 370 -15.26 -45.21 -9.04
C PRO E 370 -16.18 -44.53 -10.06
N LYS E 371 -17.02 -45.34 -10.70
CA LYS E 371 -17.98 -44.82 -11.68
C LYS E 371 -19.38 -44.83 -11.07
N SER E 372 -20.02 -43.67 -11.09
CA SER E 372 -21.39 -43.49 -10.58
C SER E 372 -21.72 -44.31 -9.32
N PRO E 373 -21.05 -44.03 -8.19
CA PRO E 373 -21.34 -44.74 -6.95
C PRO E 373 -22.52 -44.15 -6.19
N HIS E 374 -22.87 -44.74 -5.05
CA HIS E 374 -23.92 -44.23 -4.19
C HIS E 374 -23.40 -43.06 -3.35
N LEU E 375 -23.77 -41.85 -3.74
CA LEU E 375 -23.32 -40.64 -3.03
C LEU E 375 -24.48 -39.71 -2.71
N LEU E 376 -24.43 -39.11 -1.52
CA LEU E 376 -25.40 -38.10 -1.08
C LEU E 376 -26.85 -38.59 -1.12
N GLU E 377 -27.05 -39.87 -0.81
CA GLU E 377 -28.38 -40.47 -0.89
C GLU E 377 -29.09 -40.42 0.46
N ASP E 378 -29.40 -39.20 0.90
CA ASP E 378 -30.12 -38.95 2.13
C ASP E 378 -31.52 -39.57 2.04
N ILE E 379 -31.91 -40.30 3.07
CA ILE E 379 -33.27 -40.83 3.18
C ILE E 379 -34.05 -39.90 4.11
N TYR E 380 -35.04 -39.21 3.54
CA TYR E 380 -35.70 -38.10 4.21
C TYR E 380 -36.76 -38.50 5.22
N THR E 381 -36.71 -37.85 6.38
CA THR E 381 -37.68 -38.04 7.45
C THR E 381 -38.92 -37.17 7.22
N ALA E 382 -39.92 -37.31 8.09
CA ALA E 382 -41.12 -36.47 8.06
C ALA E 382 -40.77 -35.01 8.34
N ALA E 383 -39.87 -34.80 9.30
CA ALA E 383 -39.41 -33.47 9.66
C ALA E 383 -38.69 -32.77 8.49
N ASP E 384 -37.93 -33.54 7.73
CA ASP E 384 -37.25 -33.02 6.53
C ASP E 384 -38.24 -32.44 5.52
N ALA E 385 -39.37 -33.13 5.36
CA ALA E 385 -40.42 -32.70 4.45
C ALA E 385 -41.14 -31.44 4.93
N VAL E 386 -41.36 -31.37 6.24
CA VAL E 386 -41.97 -30.18 6.86
C VAL E 386 -41.04 -28.96 6.69
N VAL E 387 -39.75 -29.15 6.92
CA VAL E 387 -38.75 -28.10 6.74
C VAL E 387 -38.69 -27.61 5.28
N GLU E 388 -38.70 -28.55 4.33
CA GLU E 388 -38.70 -28.21 2.90
C GLU E 388 -39.99 -27.52 2.49
N GLY E 389 -41.10 -27.95 3.09
CA GLY E 389 -42.40 -27.31 2.88
C GLY E 389 -42.40 -25.85 3.29
N SER E 390 -41.76 -25.55 4.41
CA SER E 390 -41.68 -24.19 4.92
C SER E 390 -40.74 -23.30 4.10
N LEU E 391 -39.76 -23.93 3.45
CA LEU E 391 -38.81 -23.20 2.61
C LEU E 391 -39.47 -22.68 1.33
N MET E 392 -40.35 -23.50 0.75
CA MET E 392 -41.14 -23.06 -0.41
C MET E 392 -42.12 -21.95 -0.02
N ILE E 393 -42.68 -22.06 1.18
CA ILE E 393 -43.54 -21.01 1.73
C ILE E 393 -42.79 -19.67 1.72
N THR E 394 -41.53 -19.72 2.14
CA THR E 394 -40.67 -18.54 2.18
C THR E 394 -40.33 -18.05 0.77
N LEU E 395 -39.99 -19.00 -0.12
CA LEU E 395 -39.69 -18.69 -1.51
C LEU E 395 -40.88 -18.03 -2.21
N LEU E 396 -42.09 -18.50 -1.92
CA LEU E 396 -43.31 -17.87 -2.44
C LEU E 396 -43.55 -16.50 -1.82
N LYS E 397 -43.47 -16.41 -0.50
CA LYS E 397 -43.60 -15.13 0.22
C LYS E 397 -42.70 -14.03 -0.32
N HIS E 398 -41.56 -14.42 -0.88
CA HIS E 398 -40.58 -13.49 -1.41
C HIS E 398 -40.32 -13.70 -2.90
N CYS E 399 -41.34 -14.17 -3.61
CA CYS E 399 -41.21 -14.45 -5.04
C CYS E 399 -41.25 -13.18 -5.89
N ASP E 400 -41.34 -12.02 -5.24
CA ASP E 400 -41.26 -10.73 -5.93
C ASP E 400 -39.83 -10.42 -6.34
N ARG E 401 -38.88 -10.95 -5.57
CA ARG E 401 -37.46 -10.79 -5.86
C ARG E 401 -36.81 -12.11 -6.26
N VAL E 402 -37.40 -13.22 -5.83
CA VAL E 402 -36.94 -14.55 -6.22
C VAL E 402 -37.78 -15.07 -7.39
N ARG E 403 -37.17 -15.10 -8.57
CA ARG E 403 -37.89 -15.44 -9.80
C ARG E 403 -37.49 -16.80 -10.36
N SER E 404 -36.69 -17.52 -9.58
CA SER E 404 -36.21 -18.85 -9.95
C SER E 404 -35.68 -19.59 -8.73
N ALA E 405 -36.05 -20.86 -8.62
CA ALA E 405 -35.50 -21.75 -7.61
C ALA E 405 -35.25 -23.12 -8.21
N SER E 406 -34.25 -23.83 -7.68
CA SER E 406 -33.95 -25.18 -8.12
C SER E 406 -33.67 -26.02 -6.90
N ARG E 407 -34.53 -26.99 -6.62
CA ARG E 407 -34.31 -27.90 -5.50
C ARG E 407 -33.23 -28.89 -5.89
N ALA E 408 -32.18 -28.97 -5.08
CA ALA E 408 -31.04 -29.83 -5.35
C ALA E 408 -31.11 -31.10 -4.53
N GLN E 409 -31.13 -32.27 -5.18
CA GLN E 409 -31.17 -32.41 -6.64
C GLN E 409 -32.40 -33.22 -7.05
N LEU E 410 -32.50 -33.60 -8.32
CA LEU E 410 -33.72 -34.21 -8.86
C LEU E 410 -33.90 -35.70 -8.59
N VAL E 411 -32.85 -36.50 -8.81
CA VAL E 411 -32.94 -37.96 -8.68
C VAL E 411 -31.78 -38.50 -7.84
N ASN E 412 -32.12 -39.41 -6.91
CA ASN E 412 -31.15 -40.15 -6.08
C ASN E 412 -30.26 -39.33 -5.15
N VAL E 413 -29.75 -38.21 -5.65
CA VAL E 413 -28.84 -37.35 -4.90
C VAL E 413 -29.66 -36.27 -4.18
N ILE E 414 -29.70 -36.36 -2.85
CA ILE E 414 -30.54 -35.49 -2.02
C ILE E 414 -31.80 -35.04 -2.77
N ALA E 415 -32.66 -36.03 -3.07
CA ALA E 415 -33.72 -35.86 -4.05
C ALA E 415 -35.09 -36.27 -3.55
N PRO E 416 -36.16 -35.64 -4.10
CA PRO E 416 -37.53 -36.07 -3.80
C PRO E 416 -37.87 -37.38 -4.49
N ILE E 417 -37.14 -37.70 -5.56
CA ILE E 417 -37.33 -38.93 -6.31
C ILE E 417 -36.13 -39.86 -6.12
N MET E 418 -36.40 -41.15 -5.94
CA MET E 418 -35.35 -42.15 -5.87
C MET E 418 -35.59 -43.23 -6.92
N ALA E 419 -34.54 -43.53 -7.68
CA ALA E 419 -34.57 -44.58 -8.68
C ALA E 419 -33.62 -45.69 -8.28
N GLU E 420 -34.18 -46.86 -8.00
CA GLU E 420 -33.40 -47.99 -7.51
C GLU E 420 -32.74 -48.76 -8.64
N GLU E 421 -31.52 -49.25 -8.38
CA GLU E 421 -30.75 -50.03 -9.35
C GLU E 421 -31.58 -51.23 -9.85
N HIS E 422 -31.91 -51.21 -11.13
CA HIS E 422 -32.74 -52.23 -11.78
C HIS E 422 -34.14 -52.37 -11.15
N GLY E 423 -34.47 -51.44 -10.25
CA GLY E 423 -35.77 -51.42 -9.57
C GLY E 423 -36.60 -50.20 -9.91
N PRO E 424 -37.86 -50.16 -9.42
CA PRO E 424 -38.76 -49.03 -9.70
C PRO E 424 -38.37 -47.74 -8.99
N ALA E 425 -39.11 -46.67 -9.27
CA ALA E 425 -38.85 -45.37 -8.70
C ALA E 425 -39.90 -45.00 -7.65
N TRP E 426 -39.46 -44.34 -6.58
CA TRP E 426 -40.35 -44.00 -5.47
C TRP E 426 -40.20 -42.56 -4.96
N ARG E 427 -41.15 -42.15 -4.13
CA ARG E 427 -41.24 -40.77 -3.66
C ARG E 427 -40.78 -40.65 -2.22
N GLN E 428 -39.80 -39.79 -1.99
CA GLN E 428 -39.37 -39.43 -0.65
C GLN E 428 -40.46 -38.61 0.03
N THR E 429 -40.32 -38.38 1.33
CA THR E 429 -41.24 -37.52 2.06
C THR E 429 -41.29 -36.11 1.45
N THR E 430 -40.15 -35.66 0.94
CA THR E 430 -40.02 -34.30 0.40
C THR E 430 -40.71 -34.08 -0.95
N PHE E 431 -41.10 -35.18 -1.60
CA PHE E 431 -41.80 -35.15 -2.87
C PHE E 431 -43.15 -34.44 -2.76
N TYR E 432 -43.85 -34.70 -1.66
CA TYR E 432 -45.26 -34.31 -1.52
C TYR E 432 -45.53 -32.82 -1.33
N PRO E 433 -44.77 -32.12 -0.45
CA PRO E 433 -44.98 -30.68 -0.36
C PRO E 433 -44.61 -29.96 -1.65
N PHE E 434 -43.56 -30.43 -2.32
CA PHE E 434 -43.10 -29.82 -3.57
C PHE E 434 -44.15 -29.99 -4.67
N ALA E 435 -44.55 -31.23 -4.91
CA ALA E 435 -45.54 -31.56 -5.95
C ALA E 435 -46.86 -30.82 -5.77
N GLU E 436 -47.24 -30.57 -4.52
CA GLU E 436 -48.47 -29.84 -4.20
C GLU E 436 -48.38 -28.38 -4.65
N ALA E 437 -47.33 -27.69 -4.19
CA ALA E 437 -47.09 -26.30 -4.57
C ALA E 437 -46.81 -26.16 -6.06
N ALA E 438 -46.06 -27.11 -6.62
CA ALA E 438 -45.67 -27.05 -8.03
C ALA E 438 -46.86 -27.05 -8.98
N LEU E 439 -47.92 -27.76 -8.61
CA LEU E 439 -49.09 -27.91 -9.49
C LEU E 439 -50.29 -27.06 -9.08
N HIS E 440 -50.28 -26.52 -7.85
CA HIS E 440 -51.43 -25.77 -7.34
C HIS E 440 -51.14 -24.33 -6.89
N ALA E 441 -49.86 -23.99 -6.72
CA ALA E 441 -49.48 -22.60 -6.45
C ALA E 441 -49.46 -21.81 -7.75
N ARG E 442 -50.58 -21.17 -8.05
CA ARG E 442 -50.74 -20.41 -9.29
C ARG E 442 -51.26 -19.01 -9.00
N GLY E 443 -51.13 -18.12 -10.00
CA GLY E 443 -51.60 -16.75 -9.88
C GLY E 443 -50.66 -15.89 -9.04
N GLN E 444 -51.24 -15.14 -8.11
CA GLN E 444 -50.47 -14.23 -7.27
C GLN E 444 -50.30 -14.74 -5.85
N ALA E 445 -49.09 -14.56 -5.32
CA ALA E 445 -48.77 -14.96 -3.95
C ALA E 445 -49.07 -13.83 -2.97
N TYR E 446 -49.59 -14.20 -1.80
CA TYR E 446 -49.95 -13.23 -0.77
C TYR E 446 -49.24 -13.55 0.54
N ALA E 447 -48.65 -12.54 1.15
CA ALA E 447 -48.07 -12.66 2.48
C ALA E 447 -49.16 -12.35 3.49
N PRO E 448 -49.73 -13.40 4.12
CA PRO E 448 -50.90 -13.20 4.97
C PRO E 448 -50.54 -12.62 6.34
N ALA E 449 -51.49 -11.91 6.93
CA ALA E 449 -51.37 -11.46 8.32
C ALA E 449 -51.38 -12.72 9.19
N ILE E 450 -50.28 -12.92 9.93
CA ILE E 450 -50.12 -14.14 10.70
C ILE E 450 -49.85 -13.86 12.19
N SER E 451 -50.82 -14.26 13.01
CA SER E 451 -50.67 -14.21 14.46
C SER E 451 -50.37 -15.62 14.95
N SER E 452 -49.31 -15.75 15.74
CA SER E 452 -48.82 -17.05 16.19
C SER E 452 -48.07 -16.95 17.51
N PRO E 453 -48.20 -17.98 18.37
CA PRO E 453 -47.33 -18.07 19.54
C PRO E 453 -45.87 -18.20 19.11
N THR E 454 -44.96 -17.90 20.04
CA THR E 454 -43.53 -17.90 19.74
C THR E 454 -42.82 -19.15 20.26
N ILE E 455 -41.76 -19.54 19.56
CA ILE E 455 -40.90 -20.65 19.99
C ILE E 455 -39.42 -20.27 19.98
N HIS E 456 -38.73 -20.66 21.03
CA HIS E 456 -37.33 -20.28 21.23
C HIS E 456 -36.38 -21.24 20.53
N THR E 457 -35.35 -20.67 19.89
CA THR E 457 -34.31 -21.46 19.23
C THR E 457 -32.93 -20.97 19.66
N GLU E 458 -31.91 -21.82 19.48
CA GLU E 458 -30.53 -21.43 19.75
C GLU E 458 -29.90 -20.70 18.57
N ALA E 459 -30.15 -21.20 17.36
CA ALA E 459 -29.58 -20.64 16.14
C ALA E 459 -30.16 -19.28 15.79
N TYR E 460 -31.44 -19.11 16.07
CA TYR E 460 -32.17 -17.88 15.73
C TYR E 460 -32.85 -17.36 17.00
N GLY E 461 -33.49 -16.19 16.92
CA GLY E 461 -34.14 -15.60 18.09
C GLY E 461 -35.44 -16.30 18.45
N ASP E 462 -36.43 -15.51 18.85
CA ASP E 462 -37.77 -16.03 19.06
C ASP E 462 -38.51 -16.06 17.72
N VAL E 463 -39.04 -17.23 17.39
CA VAL E 463 -39.56 -17.51 16.06
C VAL E 463 -41.06 -17.84 16.12
N PRO E 464 -41.86 -17.31 15.16
CA PRO E 464 -43.25 -17.70 15.05
C PRO E 464 -43.39 -19.18 14.74
N ALA E 465 -44.26 -19.88 15.47
CA ALA E 465 -44.48 -21.31 15.25
C ALA E 465 -45.13 -21.58 13.89
N ILE E 466 -46.07 -20.72 13.51
CA ILE E 466 -46.80 -20.87 12.25
C ILE E 466 -46.28 -19.90 11.18
N ASP E 467 -45.93 -20.46 10.01
CA ASP E 467 -45.71 -19.65 8.81
C ASP E 467 -46.62 -20.15 7.70
N ALA E 468 -47.03 -19.26 6.81
CA ALA E 468 -47.97 -19.61 5.76
C ALA E 468 -47.86 -18.71 4.52
N VAL E 469 -48.40 -19.21 3.40
CA VAL E 469 -48.51 -18.44 2.17
C VAL E 469 -49.82 -18.80 1.46
N VAL E 470 -50.37 -17.83 0.72
CA VAL E 470 -51.60 -18.03 -0.03
C VAL E 470 -51.39 -17.65 -1.50
N THR E 471 -51.77 -18.54 -2.40
CA THR E 471 -51.83 -18.22 -3.82
C THR E 471 -53.28 -18.14 -4.26
N TRP E 472 -53.55 -17.33 -5.28
CA TRP E 472 -54.92 -17.07 -5.73
C TRP E 472 -54.95 -16.58 -7.18
N ASP E 473 -55.61 -17.36 -8.03
CA ASP E 473 -55.82 -17.00 -9.44
C ASP E 473 -57.21 -16.39 -9.59
N GLU E 474 -57.26 -15.06 -9.68
CA GLU E 474 -58.52 -14.31 -9.68
C GLU E 474 -59.44 -14.64 -10.86
N GLN E 475 -58.84 -15.01 -12.00
CA GLN E 475 -59.61 -15.36 -13.19
C GLN E 475 -60.19 -16.76 -13.09
N ALA E 476 -59.38 -17.70 -12.61
CA ALA E 476 -59.82 -19.09 -12.43
C ALA E 476 -60.60 -19.28 -11.12
N ARG E 477 -60.58 -18.26 -10.27
CA ARG E 477 -61.14 -18.31 -8.90
C ARG E 477 -60.73 -19.58 -8.16
N THR E 478 -59.42 -19.80 -8.09
CA THR E 478 -58.84 -20.98 -7.46
C THR E 478 -57.63 -20.60 -6.62
N GLY E 479 -57.57 -21.13 -5.41
CA GLY E 479 -56.53 -20.77 -4.46
C GLY E 479 -55.88 -21.96 -3.76
N LEU E 480 -54.83 -21.67 -3.00
CA LEU E 480 -54.09 -22.66 -2.26
C LEU E 480 -53.42 -22.00 -1.05
N LEU E 481 -53.68 -22.55 0.13
CA LEU E 481 -52.97 -22.14 1.32
C LEU E 481 -51.94 -23.20 1.66
N LEU E 482 -50.71 -22.76 1.89
CA LEU E 482 -49.66 -23.64 2.37
C LEU E 482 -49.19 -23.12 3.71
N ALA E 483 -49.27 -23.97 4.73
CA ALA E 483 -48.92 -23.58 6.09
C ALA E 483 -48.05 -24.62 6.77
N VAL E 484 -47.32 -24.19 7.79
CA VAL E 484 -46.37 -25.03 8.49
C VAL E 484 -46.44 -24.80 10.01
N ASN E 485 -46.25 -25.85 10.78
CA ASN E 485 -46.12 -25.74 12.23
C ASN E 485 -44.71 -26.13 12.65
N ARG E 486 -43.87 -25.13 12.88
CA ARG E 486 -42.44 -25.30 13.19
C ARG E 486 -42.18 -25.66 14.65
N ASP E 487 -43.24 -25.76 15.44
CA ASP E 487 -43.15 -26.11 16.85
C ASP E 487 -42.86 -27.61 16.99
N ALA E 488 -41.86 -27.93 17.82
CA ALA E 488 -41.39 -29.31 17.95
C ALA E 488 -42.25 -30.18 18.87
N ASN E 489 -43.01 -29.56 19.77
CA ASN E 489 -43.73 -30.28 20.82
C ASN E 489 -45.11 -29.76 21.22
N THR E 490 -45.54 -28.66 20.60
CA THR E 490 -46.85 -28.08 20.90
C THR E 490 -47.70 -27.96 19.64
N PRO E 491 -48.90 -28.57 19.65
CA PRO E 491 -49.85 -28.37 18.55
C PRO E 491 -50.48 -26.98 18.63
N HIS E 492 -50.94 -26.48 17.49
CA HIS E 492 -51.58 -25.17 17.42
C HIS E 492 -52.84 -25.22 16.58
N THR E 493 -53.90 -24.62 17.10
CA THR E 493 -55.18 -24.54 16.40
C THR E 493 -55.31 -23.13 15.82
N LEU E 494 -55.51 -23.05 14.51
CA LEU E 494 -55.51 -21.76 13.84
C LEU E 494 -56.78 -21.45 13.04
N THR E 495 -57.16 -20.18 13.07
CA THR E 495 -58.31 -19.71 12.30
C THR E 495 -57.87 -19.13 10.96
N ILE E 496 -58.59 -19.47 9.90
CA ILE E 496 -58.26 -19.04 8.54
C ILE E 496 -59.38 -18.17 7.95
N ASP E 497 -59.03 -16.94 7.62
CA ASP E 497 -59.95 -16.00 6.97
C ASP E 497 -59.32 -15.49 5.68
N LEU E 498 -59.94 -15.83 4.56
CA LEU E 498 -59.40 -15.50 3.23
C LEU E 498 -60.31 -14.58 2.43
N SER E 499 -61.21 -13.89 3.14
CA SER E 499 -62.24 -13.05 2.50
C SER E 499 -61.70 -11.81 1.80
N GLY E 500 -60.45 -11.45 2.10
CA GLY E 500 -59.80 -10.28 1.50
C GLY E 500 -59.44 -10.42 0.03
N LEU E 501 -59.36 -11.67 -0.44
CA LEU E 501 -58.97 -11.98 -1.82
C LEU E 501 -59.90 -11.34 -2.86
N PRO E 502 -59.31 -10.82 -3.95
CA PRO E 502 -60.08 -10.19 -5.05
C PRO E 502 -60.92 -11.21 -5.81
N THR E 509 -68.85 -19.04 -0.12
CA THR E 509 -68.19 -17.94 -0.80
C THR E 509 -66.97 -18.24 -1.69
N LEU E 510 -65.88 -18.88 -1.27
CA LEU E 510 -65.59 -19.53 0.00
C LEU E 510 -65.96 -20.98 0.01
N ALA E 511 -65.25 -21.81 -0.72
CA ALA E 511 -65.51 -23.23 -0.71
C ALA E 511 -64.26 -24.06 -0.72
N LEU E 512 -64.18 -25.03 0.18
CA LEU E 512 -62.98 -25.81 0.43
C LEU E 512 -62.87 -27.08 -0.43
N GLY E 513 -61.65 -27.36 -0.89
CA GLY E 513 -61.36 -28.55 -1.67
C GLY E 513 -60.42 -29.48 -0.93
N LYS E 514 -59.45 -30.04 -1.66
CA LYS E 514 -58.51 -31.01 -1.11
C LYS E 514 -57.67 -30.42 0.02
N ALA E 515 -57.71 -31.07 1.17
CA ALA E 515 -56.97 -30.63 2.35
C ALA E 515 -56.08 -31.75 2.87
N GLN E 516 -54.77 -31.48 2.91
CA GLN E 516 -53.76 -32.48 3.27
C GLN E 516 -53.02 -32.13 4.54
N LEU E 517 -52.54 -33.17 5.23
CA LEU E 517 -51.69 -33.01 6.40
C LEU E 517 -50.52 -33.97 6.30
N LEU E 518 -49.32 -33.44 6.40
CA LEU E 518 -48.12 -34.26 6.47
C LEU E 518 -47.53 -34.13 7.87
N HIS E 519 -47.63 -35.22 8.64
CA HIS E 519 -47.23 -35.24 10.03
C HIS E 519 -47.09 -36.66 10.55
N GLU E 520 -46.04 -36.90 11.33
CA GLU E 520 -45.90 -38.11 12.11
C GLU E 520 -45.53 -37.72 13.53
N ASP E 521 -46.06 -38.44 14.51
CA ASP E 521 -45.74 -38.20 15.92
C ASP E 521 -44.26 -38.46 16.19
N ASP E 522 -43.69 -39.43 15.47
CA ASP E 522 -42.25 -39.61 15.40
C ASP E 522 -41.75 -38.94 14.10
N PRO E 523 -41.11 -37.77 14.23
CA PRO E 523 -40.68 -36.99 13.06
C PRO E 523 -39.50 -37.62 12.31
N TYR E 524 -38.88 -38.63 12.89
CA TYR E 524 -37.69 -39.27 12.33
C TYR E 524 -38.01 -40.42 11.36
N ARG E 525 -39.30 -40.71 11.18
CA ARG E 525 -39.75 -41.77 10.25
C ARG E 525 -39.55 -41.37 8.80
N THR E 526 -39.18 -42.36 7.96
CA THR E 526 -38.94 -42.14 6.54
C THR E 526 -39.70 -43.15 5.68
N ASN E 527 -39.85 -42.82 4.40
CA ASN E 527 -40.25 -43.78 3.38
C ASN E 527 -39.02 -44.53 2.87
N THR E 528 -39.21 -45.78 2.46
CA THR E 528 -38.15 -46.58 1.83
C THR E 528 -38.61 -47.08 0.47
N ALA E 529 -37.72 -47.77 -0.25
CA ALA E 529 -38.09 -48.40 -1.52
C ALA E 529 -39.11 -49.53 -1.33
N GLU E 530 -38.93 -50.29 -0.25
CA GLU E 530 -39.80 -51.43 0.07
C GLU E 530 -41.11 -50.96 0.67
N ALA E 531 -41.03 -49.99 1.58
CA ALA E 531 -42.20 -49.40 2.20
C ALA E 531 -42.21 -47.89 2.01
N PRO E 532 -42.73 -47.41 0.86
CA PRO E 532 -42.74 -45.99 0.52
C PRO E 532 -43.99 -45.23 1.00
N GLU E 533 -44.83 -45.88 1.79
CA GLU E 533 -46.08 -45.27 2.25
C GLU E 533 -46.17 -45.09 3.76
N ALA E 534 -45.03 -45.05 4.43
CA ALA E 534 -44.97 -44.83 5.87
C ALA E 534 -45.34 -43.39 6.22
N VAL E 535 -44.81 -42.44 5.45
CA VAL E 535 -45.03 -41.02 5.67
C VAL E 535 -45.61 -40.36 4.41
N THR E 536 -46.93 -40.23 4.39
CA THR E 536 -47.67 -39.75 3.23
C THR E 536 -48.79 -38.79 3.68
N PRO E 537 -49.04 -37.72 2.89
CA PRO E 537 -50.08 -36.74 3.24
C PRO E 537 -51.44 -37.39 3.48
N GLN E 538 -52.01 -37.10 4.66
CA GLN E 538 -53.30 -37.61 5.08
C GLN E 538 -54.35 -36.50 5.04
N PRO E 539 -55.65 -36.86 4.94
CA PRO E 539 -56.69 -35.84 4.96
C PRO E 539 -56.71 -35.04 6.27
N LEU E 540 -56.86 -33.73 6.14
CA LEU E 540 -56.92 -32.81 7.28
C LEU E 540 -58.36 -32.40 7.54
N ASP E 541 -58.70 -32.26 8.82
CA ASP E 541 -60.04 -31.83 9.21
C ASP E 541 -60.10 -30.30 9.37
N ILE E 542 -60.83 -29.66 8.46
CA ILE E 542 -61.10 -28.23 8.56
C ILE E 542 -62.61 -27.98 8.60
N ALA E 543 -63.07 -27.29 9.64
CA ALA E 543 -64.46 -26.89 9.75
C ALA E 543 -64.63 -25.45 9.29
N MET E 544 -65.50 -25.23 8.31
CA MET E 544 -65.82 -23.89 7.85
C MET E 544 -67.07 -23.35 8.54
N ASN E 545 -66.96 -22.16 9.12
CA ASN E 545 -68.08 -21.50 9.80
C ASN E 545 -68.51 -20.24 9.03
N THR E 549 -65.09 -18.32 7.74
CA THR E 549 -63.83 -18.47 8.47
C THR E 549 -63.60 -19.93 8.83
N CYS E 550 -62.44 -20.46 8.46
CA CYS E 550 -62.11 -21.86 8.67
C CYS E 550 -61.28 -22.08 9.93
N THR E 551 -61.43 -23.25 10.54
CA THR E 551 -60.66 -23.62 11.71
C THR E 551 -60.04 -25.02 11.56
N ALA E 552 -58.73 -25.10 11.81
CA ALA E 552 -57.99 -26.35 11.71
C ALA E 552 -56.87 -26.36 12.72
N THR E 553 -56.54 -27.53 13.23
CA THR E 553 -55.43 -27.65 14.17
C THR E 553 -54.23 -28.35 13.51
N LEU E 554 -53.06 -27.74 13.66
CA LEU E 554 -51.82 -28.32 13.16
C LEU E 554 -51.04 -28.90 14.33
N PRO E 555 -50.77 -30.22 14.28
CA PRO E 555 -49.94 -30.86 15.31
C PRO E 555 -48.50 -30.39 15.19
N ALA E 556 -47.73 -30.58 16.26
CA ALA E 556 -46.31 -30.23 16.26
C ALA E 556 -45.59 -30.91 15.11
N ILE E 557 -44.70 -30.16 14.44
CA ILE E 557 -43.94 -30.64 13.28
C ILE E 557 -44.88 -31.13 12.16
N SER E 558 -45.53 -30.19 11.49
CA SER E 558 -46.49 -30.53 10.44
C SER E 558 -46.59 -29.51 9.31
N TRP E 559 -46.95 -30.01 8.13
CA TRP E 559 -47.17 -29.19 6.96
C TRP E 559 -48.60 -29.49 6.49
N ILE E 560 -49.31 -28.44 6.05
CA ILE E 560 -50.65 -28.62 5.48
C ILE E 560 -50.80 -27.93 4.12
N SER E 561 -51.70 -28.47 3.30
CA SER E 561 -52.10 -27.83 2.06
C SER E 561 -53.61 -27.87 1.93
N VAL E 562 -54.22 -26.71 1.71
CA VAL E 562 -55.65 -26.63 1.51
C VAL E 562 -55.98 -25.85 0.23
N GLU E 563 -56.49 -26.58 -0.76
CA GLU E 563 -56.97 -25.99 -1.99
C GLU E 563 -58.37 -25.43 -1.75
N PHE E 564 -58.68 -24.32 -2.40
CA PHE E 564 -60.01 -23.72 -2.31
C PHE E 564 -60.42 -23.03 -3.61
N HIS E 565 -61.72 -22.78 -3.75
CA HIS E 565 -62.26 -22.10 -4.93
C HIS E 565 -63.55 -21.35 -4.63
N GLY E 566 -63.70 -20.19 -5.25
CA GLY E 566 -64.87 -19.32 -5.04
C GLY E 566 -66.00 -19.61 -6.01
N THR F 42 -6.95 41.79 -48.75
CA THR F 42 -6.63 42.55 -47.51
C THR F 42 -6.29 41.61 -46.34
N PRO F 43 -4.98 41.42 -46.07
CA PRO F 43 -4.42 40.52 -45.05
C PRO F 43 -5.23 40.46 -43.74
N ASP F 44 -5.81 39.30 -43.47
CA ASP F 44 -6.65 39.09 -42.31
C ASP F 44 -6.02 38.12 -41.30
N ALA F 45 -5.11 37.28 -41.78
CA ALA F 45 -4.45 36.28 -40.95
C ALA F 45 -3.01 36.04 -41.37
N SER F 46 -2.14 35.80 -40.39
CA SER F 46 -0.72 35.57 -40.65
C SER F 46 -0.32 34.12 -40.47
N ILE F 47 0.52 33.63 -41.38
CA ILE F 47 1.25 32.38 -41.18
C ILE F 47 2.72 32.67 -41.44
N ALA F 48 3.51 32.64 -40.37
CA ALA F 48 4.93 32.96 -40.45
C ALA F 48 5.78 31.78 -40.02
N LEU F 49 7.03 31.79 -40.44
CA LEU F 49 8.01 30.81 -39.98
C LEU F 49 9.18 31.51 -39.28
N ASN F 50 8.83 32.52 -38.48
CA ASN F 50 9.80 33.31 -37.74
C ASN F 50 10.23 32.65 -36.42
N ALA F 51 10.69 33.46 -35.46
CA ALA F 51 11.13 32.96 -34.17
C ALA F 51 9.99 32.33 -33.36
N ASP F 52 8.77 32.84 -33.56
CA ASP F 52 7.58 32.31 -32.88
C ASP F 52 7.07 31.00 -33.49
N ALA F 53 7.79 30.47 -34.47
CA ALA F 53 7.49 29.18 -35.06
C ALA F 53 8.44 28.13 -34.51
N THR F 54 7.91 26.94 -34.25
CA THR F 54 8.65 25.90 -33.55
C THR F 54 8.87 24.64 -34.42
N PRO F 55 10.12 24.15 -34.47
CA PRO F 55 10.39 22.87 -35.12
C PRO F 55 9.78 21.73 -34.31
N VAL F 56 9.27 20.72 -35.01
CA VAL F 56 8.58 19.60 -34.36
C VAL F 56 9.47 18.37 -34.38
N ALA F 57 9.64 17.78 -35.57
CA ALA F 57 10.49 16.60 -35.76
C ALA F 57 10.49 16.15 -37.22
N ASP F 58 11.38 15.22 -37.55
CA ASP F 58 11.37 14.54 -38.85
C ASP F 58 10.03 13.81 -39.01
N VAL F 59 9.39 14.03 -40.16
CA VAL F 59 8.08 13.42 -40.43
C VAL F 59 8.21 11.90 -40.48
N PRO F 60 7.48 11.19 -39.58
CA PRO F 60 7.50 9.74 -39.63
C PRO F 60 6.54 9.24 -40.72
N PRO F 61 7.03 8.32 -41.58
CA PRO F 61 6.21 7.77 -42.67
C PRO F 61 4.94 7.07 -42.19
N ARG F 62 4.99 6.46 -41.01
CA ARG F 62 3.86 5.76 -40.40
C ARG F 62 2.67 6.65 -40.06
N LEU F 63 2.88 7.97 -40.10
CA LEU F 63 1.80 8.92 -39.85
C LEU F 63 0.74 8.86 -40.94
N PHE F 64 1.11 8.29 -42.08
CA PHE F 64 0.19 8.14 -43.21
C PHE F 64 -0.24 6.68 -43.38
N GLY F 65 -0.54 6.05 -42.25
CA GLY F 65 -1.02 4.68 -42.24
C GLY F 65 -2.53 4.58 -42.32
N SER F 66 -3.03 3.37 -42.52
CA SER F 66 -4.46 3.12 -42.53
C SER F 66 -4.80 1.86 -41.75
N PHE F 67 -6.04 1.41 -41.90
CA PHE F 67 -6.59 0.35 -41.07
C PHE F 67 -7.55 -0.51 -41.89
N VAL F 68 -7.37 -1.83 -41.81
CA VAL F 68 -8.26 -2.78 -42.47
C VAL F 68 -8.80 -3.78 -41.46
N GLU F 69 -10.11 -3.72 -41.22
CA GLU F 69 -10.78 -4.62 -40.29
C GLU F 69 -11.71 -5.58 -41.03
N HIS F 70 -11.90 -6.77 -40.46
CA HIS F 70 -12.95 -7.66 -40.93
C HIS F 70 -14.30 -7.10 -40.44
N LEU F 71 -14.68 -6.00 -41.07
CA LEU F 71 -15.88 -5.26 -40.76
C LEU F 71 -16.54 -4.95 -42.09
N GLY F 72 -17.84 -5.28 -42.20
CA GLY F 72 -18.61 -5.02 -43.40
C GLY F 72 -17.91 -5.44 -44.69
N ARG F 73 -17.71 -4.48 -45.58
CA ARG F 73 -17.12 -4.75 -46.89
C ARG F 73 -15.73 -4.15 -47.05
N CYS F 74 -15.01 -4.03 -45.93
CA CYS F 74 -13.63 -3.52 -45.94
C CYS F 74 -12.69 -4.55 -46.54
N VAL F 75 -12.91 -5.82 -46.21
CA VAL F 75 -12.10 -6.90 -46.75
C VAL F 75 -12.85 -7.58 -47.89
N TYR F 76 -13.95 -8.25 -47.57
CA TYR F 76 -14.76 -8.96 -48.56
C TYR F 76 -15.66 -7.98 -49.32
N GLY F 77 -15.24 -7.63 -50.52
CA GLY F 77 -15.93 -6.62 -51.33
C GLY F 77 -15.17 -5.31 -51.37
N GLY F 78 -14.06 -5.26 -50.64
CA GLY F 78 -13.19 -4.08 -50.59
C GLY F 78 -11.86 -4.36 -51.26
N ILE F 79 -10.90 -4.85 -50.47
CA ILE F 79 -9.59 -5.22 -51.01
C ILE F 79 -9.60 -6.60 -51.66
N TYR F 80 -10.55 -7.45 -51.25
CA TYR F 80 -10.63 -8.82 -51.73
C TYR F 80 -11.98 -9.10 -52.38
N GLU F 81 -11.94 -9.41 -53.68
CA GLU F 81 -13.14 -9.70 -54.47
C GLU F 81 -12.77 -10.49 -55.73
N PRO F 82 -12.81 -11.83 -55.65
CA PRO F 82 -12.36 -12.71 -56.74
C PRO F 82 -13.23 -12.66 -58.00
N SER F 83 -14.45 -12.14 -57.88
CA SER F 83 -15.39 -12.09 -58.99
C SER F 83 -15.27 -10.83 -59.85
N HIS F 84 -14.44 -9.89 -59.39
CA HIS F 84 -14.28 -8.60 -60.06
C HIS F 84 -13.42 -8.72 -61.33
N PRO F 85 -13.69 -7.88 -62.35
CA PRO F 85 -12.89 -7.86 -63.58
C PRO F 85 -11.44 -7.38 -63.39
N THR F 86 -11.16 -6.71 -62.27
CA THR F 86 -9.80 -6.23 -61.98
C THR F 86 -9.05 -7.09 -60.96
N ALA F 87 -9.65 -8.21 -60.57
CA ALA F 87 -9.04 -9.12 -59.60
C ALA F 87 -7.75 -9.75 -60.14
N ASP F 88 -6.73 -9.79 -59.30
CA ASP F 88 -5.43 -10.34 -59.69
C ASP F 88 -5.39 -11.87 -59.55
N GLU F 89 -4.19 -12.42 -59.56
CA GLU F 89 -3.97 -13.86 -59.37
C GLU F 89 -4.36 -14.35 -57.97
N ASN F 90 -4.24 -13.46 -56.98
CA ASN F 90 -4.56 -13.78 -55.59
C ASN F 90 -5.99 -13.39 -55.15
N GLY F 91 -6.70 -12.67 -56.01
CA GLY F 91 -8.09 -12.31 -55.76
C GLY F 91 -8.33 -10.88 -55.33
N PHE F 92 -7.26 -10.10 -55.21
CA PHE F 92 -7.34 -8.70 -54.78
C PHE F 92 -7.66 -7.77 -55.93
N ARG F 93 -8.48 -6.75 -55.66
CA ARG F 93 -8.85 -5.76 -56.66
C ARG F 93 -7.70 -4.82 -56.96
N GLN F 94 -7.32 -4.75 -58.24
CA GLN F 94 -6.19 -3.92 -58.68
C GLN F 94 -6.56 -2.44 -58.71
N ASP F 95 -7.82 -2.13 -58.98
CA ASP F 95 -8.28 -0.74 -58.99
C ASP F 95 -8.26 -0.12 -57.59
N VAL F 96 -8.53 -0.94 -56.58
CA VAL F 96 -8.41 -0.52 -55.19
C VAL F 96 -6.93 -0.38 -54.83
N LEU F 97 -6.13 -1.35 -55.25
CA LEU F 97 -4.67 -1.34 -55.03
C LEU F 97 -3.98 -0.11 -55.63
N ASP F 98 -4.46 0.33 -56.79
CA ASP F 98 -3.92 1.52 -57.47
C ASP F 98 -4.30 2.80 -56.75
N LEU F 99 -5.51 2.83 -56.20
CA LEU F 99 -5.98 3.99 -55.42
C LEU F 99 -5.29 4.05 -54.05
N VAL F 100 -4.92 2.89 -53.52
CA VAL F 100 -4.16 2.78 -52.27
C VAL F 100 -2.77 3.38 -52.44
N LYS F 101 -2.14 3.10 -53.57
CA LYS F 101 -0.83 3.67 -53.92
C LYS F 101 -0.92 5.18 -54.12
N GLU F 102 -1.97 5.62 -54.82
CA GLU F 102 -2.22 7.04 -55.08
C GLU F 102 -2.49 7.80 -53.78
N LEU F 103 -3.08 7.10 -52.81
CA LEU F 103 -3.36 7.68 -51.49
C LEU F 103 -2.10 7.71 -50.61
N GLY F 104 -1.08 6.95 -51.00
CA GLY F 104 0.23 7.00 -50.34
C GLY F 104 0.26 6.42 -48.94
N VAL F 105 -0.49 5.34 -48.73
CA VAL F 105 -0.52 4.64 -47.45
C VAL F 105 0.79 3.86 -47.26
N THR F 106 1.37 3.97 -46.08
CA THR F 106 2.66 3.33 -45.78
C THR F 106 2.48 2.07 -44.93
N CYS F 107 1.56 2.13 -43.97
CA CYS F 107 1.34 1.04 -43.02
C CYS F 107 -0.15 0.78 -42.85
N VAL F 108 -0.53 -0.50 -42.74
CA VAL F 108 -1.94 -0.87 -42.61
C VAL F 108 -2.17 -1.78 -41.40
N ARG F 109 -3.05 -1.35 -40.51
CA ARG F 109 -3.41 -2.11 -39.31
C ARG F 109 -4.40 -3.22 -39.63
N TYR F 110 -4.17 -4.41 -39.07
CA TYR F 110 -4.93 -5.62 -39.38
C TYR F 110 -4.92 -6.57 -38.19
N PRO F 111 -6.03 -7.30 -37.93
CA PRO F 111 -7.33 -7.29 -38.59
C PRO F 111 -8.43 -6.57 -37.81
N GLY F 112 -8.05 -5.77 -36.82
CA GLY F 112 -8.99 -5.06 -35.97
C GLY F 112 -8.29 -4.23 -34.90
N GLY F 113 -9.04 -3.44 -34.14
CA GLY F 113 -10.50 -3.36 -34.26
C GLY F 113 -11.21 -4.31 -33.32
N ASN F 114 -12.47 -4.00 -33.02
CA ASN F 114 -13.29 -4.83 -32.14
C ASN F 114 -13.32 -6.30 -32.57
N PHE F 115 -13.24 -6.53 -33.88
CA PHE F 115 -13.21 -7.87 -34.48
C PHE F 115 -12.18 -8.81 -33.86
N VAL F 116 -10.96 -8.30 -33.62
CA VAL F 116 -9.84 -9.14 -33.19
C VAL F 116 -10.01 -9.73 -31.78
N SER F 117 -10.84 -9.10 -30.94
CA SER F 117 -11.02 -9.50 -29.54
C SER F 117 -11.75 -10.84 -29.34
N ASN F 118 -12.39 -11.34 -30.39
CA ASN F 118 -12.99 -12.68 -30.37
C ASN F 118 -12.57 -13.50 -31.61
N TYR F 119 -11.30 -13.36 -31.98
CA TYR F 119 -10.76 -13.94 -33.21
C TYR F 119 -9.58 -14.90 -32.96
N ASN F 120 -9.69 -16.11 -33.51
CA ASN F 120 -8.59 -17.07 -33.49
C ASN F 120 -7.79 -16.91 -34.78
N TRP F 121 -6.49 -16.64 -34.66
CA TRP F 121 -5.68 -16.35 -35.84
C TRP F 121 -5.47 -17.56 -36.74
N GLU F 122 -5.36 -18.74 -36.14
CA GLU F 122 -5.17 -19.99 -36.90
C GLU F 122 -6.38 -20.41 -37.74
N ASP F 123 -7.52 -19.76 -37.50
CA ASP F 123 -8.74 -19.97 -38.30
C ASP F 123 -8.60 -19.41 -39.72
N GLY F 124 -7.56 -18.61 -39.94
CA GLY F 124 -7.32 -17.98 -41.23
C GLY F 124 -6.00 -18.36 -41.89
N ILE F 125 -5.41 -19.47 -41.44
CA ILE F 125 -4.20 -20.03 -42.06
C ILE F 125 -4.46 -21.42 -42.59
N GLY F 126 -3.71 -21.81 -43.62
CA GLY F 126 -3.91 -23.10 -44.28
C GLY F 126 -4.80 -22.99 -45.50
N PRO F 127 -5.10 -24.13 -46.14
CA PRO F 127 -5.98 -24.13 -47.33
C PRO F 127 -7.40 -23.70 -46.97
N ARG F 128 -8.00 -22.89 -47.83
CA ARG F 128 -9.29 -22.24 -47.57
C ARG F 128 -10.46 -23.20 -47.30
N GLU F 129 -10.42 -24.37 -47.92
CA GLU F 129 -11.50 -25.36 -47.78
C GLU F 129 -11.61 -25.95 -46.38
N ASN F 130 -10.49 -25.94 -45.63
CA ASN F 130 -10.43 -26.54 -44.29
C ASN F 130 -10.65 -25.52 -43.16
N ARG F 131 -10.64 -24.24 -43.51
CA ARG F 131 -10.79 -23.17 -42.53
C ARG F 131 -12.26 -23.00 -42.11
N PRO F 132 -12.51 -22.98 -40.79
CA PRO F 132 -13.86 -23.03 -40.22
C PRO F 132 -14.69 -21.77 -40.47
N MET F 133 -16.00 -21.97 -40.63
CA MET F 133 -16.96 -20.89 -40.74
C MET F 133 -17.27 -20.39 -39.33
N ARG F 134 -17.00 -19.12 -39.07
CA ARG F 134 -17.02 -18.60 -37.70
C ARG F 134 -17.94 -17.39 -37.48
N ARG F 135 -18.12 -17.03 -36.21
CA ARG F 135 -18.93 -15.89 -35.80
C ARG F 135 -18.06 -14.70 -35.44
N ASP F 136 -18.60 -13.50 -35.60
CA ASP F 136 -17.99 -12.29 -35.04
C ASP F 136 -19.01 -11.57 -34.17
N LEU F 137 -18.76 -11.57 -32.86
CA LEU F 137 -19.65 -10.97 -31.88
C LEU F 137 -19.74 -9.45 -32.02
N ALA F 138 -18.63 -8.83 -32.43
CA ALA F 138 -18.51 -7.38 -32.49
C ALA F 138 -19.47 -6.73 -33.49
N TRP F 139 -19.51 -7.25 -34.72
CA TRP F 139 -20.33 -6.67 -35.77
C TRP F 139 -21.50 -7.55 -36.19
N HIS F 140 -21.70 -8.64 -35.41
CA HIS F 140 -22.81 -9.57 -35.60
C HIS F 140 -22.89 -10.13 -37.01
N CYS F 141 -21.78 -10.74 -37.43
CA CYS F 141 -21.64 -11.32 -38.77
C CYS F 141 -20.95 -12.67 -38.67
N THR F 142 -21.21 -13.55 -39.64
CA THR F 142 -20.43 -14.78 -39.76
C THR F 142 -19.21 -14.52 -40.62
N GLU F 143 -18.05 -14.89 -40.10
CA GLU F 143 -16.77 -14.67 -40.77
C GLU F 143 -16.33 -15.92 -41.51
N THR F 144 -16.26 -15.82 -42.84
CA THR F 144 -15.91 -16.93 -43.73
C THR F 144 -14.45 -17.34 -43.61
N ASN F 145 -13.60 -16.39 -43.21
CA ASN F 145 -12.16 -16.61 -43.05
C ASN F 145 -11.42 -16.96 -44.34
N GLU F 146 -11.97 -16.51 -45.47
CA GLU F 146 -11.32 -16.64 -46.76
C GLU F 146 -10.02 -15.83 -46.79
N MET F 147 -10.02 -14.73 -46.04
CA MET F 147 -8.83 -13.92 -45.83
C MET F 147 -8.29 -14.14 -44.42
N GLY F 148 -6.98 -14.34 -44.33
CA GLY F 148 -6.28 -14.47 -43.06
C GLY F 148 -4.94 -13.77 -43.11
N ILE F 149 -4.09 -13.99 -42.10
CA ILE F 149 -2.79 -13.33 -42.03
C ILE F 149 -1.87 -13.72 -43.19
N ASP F 150 -1.95 -14.97 -43.65
CA ASP F 150 -1.22 -15.41 -44.83
C ASP F 150 -1.65 -14.64 -46.07
N ASP F 151 -2.96 -14.52 -46.25
CA ASP F 151 -3.53 -13.85 -47.42
C ASP F 151 -3.31 -12.34 -47.39
N PHE F 152 -3.37 -11.75 -46.19
CA PHE F 152 -3.17 -10.32 -46.04
C PHE F 152 -1.72 -9.92 -46.28
N TYR F 153 -0.79 -10.83 -45.97
CA TYR F 153 0.63 -10.62 -46.26
C TYR F 153 0.88 -10.55 -47.76
N ARG F 154 0.18 -11.41 -48.51
CA ARG F 154 0.26 -11.42 -49.97
C ARG F 154 -0.30 -10.14 -50.59
N TRP F 155 -1.28 -9.53 -49.91
CA TRP F 155 -1.83 -8.25 -50.33
C TRP F 155 -0.87 -7.11 -50.02
N SER F 156 -0.28 -7.16 -48.83
CA SER F 156 0.61 -6.11 -48.35
C SER F 156 1.94 -6.08 -49.10
N GLN F 157 2.39 -7.24 -49.58
CA GLN F 157 3.57 -7.33 -50.43
C GLN F 157 3.32 -6.61 -51.75
N LYS F 158 2.17 -6.90 -52.37
CA LYS F 158 1.74 -6.25 -53.61
C LYS F 158 1.55 -4.75 -53.43
N ALA F 159 0.99 -4.34 -52.29
CA ALA F 159 0.77 -2.93 -51.99
C ALA F 159 2.07 -2.24 -51.53
N GLY F 160 3.06 -3.05 -51.16
CA GLY F 160 4.34 -2.54 -50.65
C GLY F 160 4.20 -1.82 -49.34
N THR F 161 3.19 -2.20 -48.56
CA THR F 161 2.88 -1.55 -47.29
C THR F 161 3.31 -2.41 -46.10
N GLU F 162 3.70 -1.75 -45.02
CA GLU F 162 4.04 -2.42 -43.77
C GLU F 162 2.77 -2.93 -43.07
N ILE F 163 2.88 -4.08 -42.42
CA ILE F 163 1.76 -4.67 -41.69
C ILE F 163 1.89 -4.37 -40.20
N MET F 164 0.81 -3.86 -39.62
CA MET F 164 0.70 -3.65 -38.18
C MET F 164 -0.33 -4.64 -37.66
N LEU F 165 0.14 -5.61 -36.89
CA LEU F 165 -0.70 -6.75 -36.52
C LEU F 165 -1.27 -6.64 -35.10
N ALA F 166 -2.59 -6.79 -35.01
CA ALA F 166 -3.27 -6.83 -33.72
C ALA F 166 -3.47 -8.27 -33.27
N VAL F 167 -3.20 -8.52 -31.98
CA VAL F 167 -3.45 -9.83 -31.38
C VAL F 167 -4.70 -9.81 -30.49
N ASN F 168 -5.40 -10.93 -30.46
CA ASN F 168 -6.56 -11.13 -29.60
C ASN F 168 -6.17 -11.09 -28.13
N MET F 169 -6.70 -10.10 -27.41
CA MET F 169 -6.49 -9.99 -25.98
C MET F 169 -7.82 -10.11 -25.22
N GLY F 170 -8.89 -10.36 -25.97
CA GLY F 170 -10.23 -10.53 -25.39
C GLY F 170 -10.48 -11.95 -24.93
N THR F 171 -10.71 -12.85 -25.90
CA THR F 171 -10.96 -14.25 -25.61
C THR F 171 -9.67 -15.07 -25.50
N ARG F 172 -8.55 -14.42 -25.83
CA ARG F 172 -7.24 -15.07 -25.82
C ARG F 172 -6.22 -14.15 -25.16
N GLY F 173 -4.95 -14.57 -25.15
CA GLY F 173 -3.91 -13.79 -24.51
C GLY F 173 -2.49 -14.20 -24.88
N LEU F 174 -1.70 -14.46 -23.84
CA LEU F 174 -0.25 -14.65 -23.96
C LEU F 174 0.19 -15.76 -24.91
N LYS F 175 -0.26 -16.98 -24.66
CA LYS F 175 0.12 -18.15 -25.46
C LYS F 175 -0.18 -17.96 -26.95
N ALA F 176 -1.38 -17.47 -27.27
CA ALA F 176 -1.80 -17.24 -28.65
C ALA F 176 -0.93 -16.22 -29.38
N ALA F 177 -0.59 -15.14 -28.69
CA ALA F 177 0.27 -14.09 -29.26
C ALA F 177 1.68 -14.60 -29.54
N LEU F 178 2.27 -15.29 -28.56
CA LEU F 178 3.59 -15.90 -28.70
C LEU F 178 3.65 -16.91 -29.85
N ASP F 179 2.54 -17.63 -30.06
CA ASP F 179 2.46 -18.63 -31.11
C ASP F 179 2.22 -18.02 -32.50
N GLU F 180 1.62 -16.84 -32.55
CA GLU F 180 1.46 -16.12 -33.82
C GLU F 180 2.76 -15.43 -34.21
N LEU F 181 3.46 -14.89 -33.21
CA LEU F 181 4.75 -14.25 -33.40
C LEU F 181 5.76 -15.22 -34.00
N GLU F 182 5.81 -16.43 -33.44
CA GLU F 182 6.67 -17.49 -33.94
C GLU F 182 6.25 -17.92 -35.35
N TYR F 183 4.94 -17.87 -35.62
CA TYR F 183 4.42 -18.29 -36.91
C TYR F 183 4.83 -17.37 -38.05
N VAL F 184 4.70 -16.06 -37.85
CA VAL F 184 4.97 -15.09 -38.91
C VAL F 184 6.43 -14.66 -39.03
N ASN F 185 7.14 -14.60 -37.89
CA ASN F 185 8.50 -14.08 -37.85
C ASN F 185 9.60 -15.12 -37.64
N GLY F 186 9.23 -16.28 -37.10
CA GLY F 186 10.20 -17.31 -36.75
C GLY F 186 10.94 -17.91 -37.94
N ALA F 187 12.21 -18.22 -37.72
CA ALA F 187 13.02 -18.89 -38.74
C ALA F 187 12.57 -20.35 -38.89
N PRO F 188 12.52 -20.85 -40.14
CA PRO F 188 12.17 -22.25 -40.39
C PRO F 188 13.05 -23.20 -39.59
N GLY F 189 12.45 -24.22 -38.99
CA GLY F 189 13.16 -25.12 -38.10
C GLY F 189 12.47 -25.29 -36.76
N THR F 190 11.28 -24.72 -36.64
CA THR F 190 10.38 -24.94 -35.50
C THR F 190 8.98 -25.24 -36.07
N ALA F 191 8.17 -25.97 -35.31
CA ALA F 191 6.86 -26.42 -35.76
C ALA F 191 5.95 -25.30 -36.26
N TRP F 192 5.92 -24.19 -35.53
CA TRP F 192 5.10 -23.03 -35.90
C TRP F 192 5.57 -22.39 -37.20
N ALA F 193 6.88 -22.17 -37.31
CA ALA F 193 7.49 -21.62 -38.51
C ALA F 193 7.36 -22.60 -39.68
N ASP F 194 7.51 -23.90 -39.39
CA ASP F 194 7.38 -24.95 -40.40
C ASP F 194 5.97 -25.00 -41.01
N GLN F 195 4.98 -24.65 -40.20
CA GLN F 195 3.59 -24.60 -40.65
C GLN F 195 3.38 -23.44 -41.62
N ARG F 196 4.10 -22.34 -41.40
CA ARG F 196 4.03 -21.17 -42.27
C ARG F 196 4.63 -21.45 -43.64
N VAL F 197 5.81 -22.10 -43.65
CA VAL F 197 6.48 -22.45 -44.91
C VAL F 197 5.66 -23.45 -45.72
N ALA F 198 4.93 -24.31 -45.02
CA ALA F 198 4.04 -25.28 -45.65
C ALA F 198 2.84 -24.61 -46.32
N ASN F 199 2.46 -23.44 -45.82
CA ASN F 199 1.31 -22.69 -46.35
C ASN F 199 1.61 -21.85 -47.59
N GLY F 200 2.90 -21.63 -47.86
CA GLY F 200 3.32 -20.88 -49.06
C GLY F 200 4.34 -19.78 -48.83
N ILE F 201 4.38 -19.25 -47.60
CA ILE F 201 5.29 -18.16 -47.26
C ILE F 201 6.53 -18.77 -46.60
N GLU F 202 7.61 -18.83 -47.38
CA GLU F 202 8.84 -19.51 -46.98
CA GLU F 202 8.84 -19.51 -46.97
C GLU F 202 9.70 -18.66 -46.03
N GLU F 203 9.59 -17.34 -46.16
CA GLU F 203 10.41 -16.40 -45.39
C GLU F 203 9.59 -15.71 -44.31
N PRO F 204 10.25 -15.20 -43.25
CA PRO F 204 9.53 -14.43 -42.23
C PRO F 204 8.79 -13.24 -42.83
N MET F 205 7.68 -12.86 -42.19
CA MET F 205 6.85 -11.75 -42.65
C MET F 205 7.45 -10.40 -42.24
N ASP F 206 8.31 -10.46 -41.22
CA ASP F 206 9.00 -9.27 -40.67
C ASP F 206 8.04 -8.21 -40.11
N ILE F 207 6.94 -8.67 -39.52
CA ILE F 207 6.01 -7.77 -38.85
C ILE F 207 6.68 -7.23 -37.58
N LYS F 208 7.00 -5.95 -37.60
CA LYS F 208 7.74 -5.31 -36.53
C LYS F 208 6.81 -4.71 -35.48
N MET F 209 5.69 -4.14 -35.94
CA MET F 209 4.79 -3.41 -35.07
C MET F 209 3.53 -4.19 -34.71
N TRP F 210 3.34 -4.41 -33.42
CA TRP F 210 2.25 -5.23 -32.91
C TRP F 210 1.36 -4.48 -31.91
N CYS F 211 0.05 -4.57 -32.13
CA CYS F 211 -0.93 -4.05 -31.19
C CYS F 211 -1.35 -5.18 -30.26
N ILE F 212 -1.08 -5.03 -28.97
CA ILE F 212 -1.44 -6.07 -28.02
C ILE F 212 -2.84 -5.85 -27.45
N GLY F 213 -3.82 -6.24 -28.26
CA GLY F 213 -5.23 -6.06 -27.96
C GLY F 213 -5.82 -4.92 -28.75
N ASN F 214 -7.12 -4.69 -28.56
CA ASN F 214 -7.82 -3.56 -29.14
C ASN F 214 -8.84 -3.01 -28.15
N GLU F 215 -8.89 -1.68 -28.04
CA GLU F 215 -9.88 -0.96 -27.23
C GLU F 215 -10.30 -1.69 -25.95
N MET F 216 -9.32 -2.19 -25.20
CA MET F 216 -9.58 -2.99 -24.01
C MET F 216 -10.26 -2.22 -22.87
N ASP F 217 -10.23 -0.89 -22.95
CA ASP F 217 -10.93 -0.02 -22.02
C ASP F 217 -12.43 0.08 -22.33
N GLY F 218 -12.77 -0.02 -23.62
CA GLY F 218 -14.13 0.15 -24.08
C GLY F 218 -15.08 -0.94 -23.63
N PRO F 219 -16.20 -0.55 -22.97
CA PRO F 219 -17.22 -1.49 -22.48
C PRO F 219 -17.82 -2.38 -23.57
N TRP F 220 -17.77 -1.93 -24.82
CA TRP F 220 -18.33 -2.68 -25.95
C TRP F 220 -17.44 -3.83 -26.38
N GLN F 221 -16.15 -3.74 -26.05
CA GLN F 221 -15.15 -4.72 -26.48
C GLN F 221 -15.30 -6.06 -25.78
N VAL F 222 -15.23 -7.14 -26.54
CA VAL F 222 -15.24 -8.49 -25.99
C VAL F 222 -14.03 -8.69 -25.06
N GLY F 223 -14.32 -9.11 -23.84
CA GLY F 223 -13.29 -9.38 -22.83
C GLY F 223 -12.63 -8.13 -22.29
N HIS F 224 -13.37 -7.03 -22.25
CA HIS F 224 -12.82 -5.76 -21.80
C HIS F 224 -12.30 -5.80 -20.36
N MET F 225 -11.19 -5.13 -20.13
CA MET F 225 -10.49 -5.19 -18.86
C MET F 225 -10.57 -3.87 -18.11
N SER F 226 -10.23 -3.92 -16.83
CA SER F 226 -9.99 -2.71 -16.04
C SER F 226 -8.55 -2.28 -16.30
N PRO F 227 -8.20 -1.02 -15.94
CA PRO F 227 -6.81 -0.56 -16.10
C PRO F 227 -5.79 -1.45 -15.38
N GLU F 228 -6.12 -1.93 -14.18
CA GLU F 228 -5.21 -2.80 -13.43
C GLU F 228 -5.12 -4.22 -14.00
N GLU F 229 -6.20 -4.68 -14.64
CA GLU F 229 -6.21 -5.98 -15.31
C GLU F 229 -5.41 -5.95 -16.61
N TYR F 230 -5.54 -4.87 -17.37
CA TYR F 230 -4.83 -4.74 -18.64
C TYR F 230 -3.35 -4.47 -18.43
N ALA F 231 -3.01 -3.71 -17.39
CA ALA F 231 -1.63 -3.41 -17.04
C ALA F 231 -0.82 -4.70 -16.91
N GLY F 232 -1.30 -5.61 -16.07
CA GLY F 232 -0.66 -6.92 -15.88
C GLY F 232 -0.64 -7.77 -17.13
N ALA F 233 -1.73 -7.75 -17.89
CA ALA F 233 -1.87 -8.56 -19.09
C ALA F 233 -0.87 -8.21 -20.20
N VAL F 234 -0.62 -6.92 -20.40
CA VAL F 234 0.36 -6.50 -21.41
C VAL F 234 1.79 -6.40 -20.88
N ASP F 235 1.93 -6.27 -19.56
CA ASP F 235 3.24 -6.40 -18.93
C ASP F 235 3.77 -7.80 -19.12
N LYS F 236 2.87 -8.78 -19.18
CA LYS F 236 3.23 -10.17 -19.46
C LYS F 236 3.50 -10.40 -20.94
N VAL F 237 2.62 -9.89 -21.79
CA VAL F 237 2.71 -10.10 -23.23
C VAL F 237 3.83 -9.27 -23.87
N ALA F 238 3.94 -8.00 -23.49
CA ALA F 238 4.99 -7.14 -24.02
C ALA F 238 6.38 -7.66 -23.65
N HIS F 239 6.55 -8.09 -22.40
CA HIS F 239 7.83 -8.63 -21.93
C HIS F 239 8.23 -9.89 -22.68
N ALA F 240 7.29 -10.82 -22.81
CA ALA F 240 7.55 -12.10 -23.47
C ALA F 240 7.90 -11.94 -24.94
N MET F 241 7.13 -11.10 -25.64
CA MET F 241 7.38 -10.83 -27.06
C MET F 241 8.71 -10.13 -27.26
N LYS F 242 9.04 -9.20 -26.37
CA LYS F 242 10.33 -8.50 -26.39
C LYS F 242 11.49 -9.42 -26.01
N LEU F 243 11.20 -10.44 -25.20
CA LEU F 243 12.20 -11.44 -24.84
C LEU F 243 12.51 -12.33 -26.03
N ALA F 244 11.50 -12.57 -26.86
CA ALA F 244 11.66 -13.37 -28.07
C ALA F 244 12.34 -12.59 -29.20
N GLU F 245 12.01 -11.31 -29.33
CA GLU F 245 12.53 -10.47 -30.40
C GLU F 245 12.61 -9.02 -29.91
N SER F 246 13.84 -8.56 -29.69
CA SER F 246 14.09 -7.20 -29.19
C SER F 246 13.76 -6.13 -30.23
N GLY F 247 13.66 -6.54 -31.49
CA GLY F 247 13.41 -5.63 -32.59
C GLY F 247 11.97 -5.18 -32.74
N LEU F 248 11.06 -5.80 -32.01
CA LEU F 248 9.63 -5.49 -32.10
C LEU F 248 9.29 -4.11 -31.55
N GLU F 249 8.29 -3.49 -32.14
CA GLU F 249 7.73 -2.24 -31.61
C GLU F 249 6.30 -2.56 -31.15
N LEU F 250 6.06 -2.44 -29.85
CA LEU F 250 4.80 -2.90 -29.29
C LEU F 250 3.87 -1.77 -28.85
N VAL F 251 2.58 -1.96 -29.07
CA VAL F 251 1.55 -0.95 -28.79
C VAL F 251 0.60 -1.41 -27.69
N ALA F 252 0.53 -0.62 -26.62
CA ALA F 252 -0.44 -0.84 -25.56
C ALA F 252 -1.72 -0.07 -25.86
N CYS F 253 -2.85 -0.65 -25.51
CA CYS F 253 -4.14 0.02 -25.64
C CYS F 253 -4.22 1.20 -24.69
N GLY F 254 -4.52 2.37 -25.24
CA GLY F 254 -4.83 3.54 -24.43
C GLY F 254 -6.32 3.57 -24.18
N SER F 255 -6.87 4.76 -23.98
CA SER F 255 -8.32 4.94 -23.93
C SER F 255 -8.88 5.14 -25.35
N SER F 256 -10.13 4.74 -25.54
CA SER F 256 -10.77 4.80 -26.86
C SER F 256 -11.36 6.16 -27.22
N GLY F 257 -11.05 7.17 -26.40
CA GLY F 257 -11.53 8.54 -26.60
C GLY F 257 -11.29 9.41 -25.39
N ALA F 258 -11.34 10.73 -25.58
CA ALA F 258 -11.17 11.69 -24.48
C ALA F 258 -12.42 11.76 -23.59
N TYR F 259 -13.56 11.36 -24.15
CA TYR F 259 -14.83 11.32 -23.42
C TYR F 259 -14.89 10.19 -22.38
N MET F 260 -14.01 9.20 -22.54
CA MET F 260 -13.94 8.03 -21.65
C MET F 260 -13.74 8.41 -20.18
N PRO F 261 -14.41 7.67 -19.26
CA PRO F 261 -14.24 7.90 -17.82
C PRO F 261 -12.82 7.61 -17.32
N THR F 262 -12.17 6.61 -17.92
CA THR F 262 -10.81 6.20 -17.54
C THR F 262 -9.73 6.97 -18.30
N PHE F 263 -10.14 7.86 -19.21
CA PHE F 263 -9.22 8.64 -20.03
C PHE F 263 -8.20 9.42 -19.18
N GLY F 264 -6.92 9.17 -19.46
CA GLY F 264 -5.82 9.73 -18.67
C GLY F 264 -5.29 8.73 -17.68
N THR F 265 -6.15 8.34 -16.74
CA THR F 265 -5.81 7.41 -15.67
C THR F 265 -5.44 6.02 -16.20
N TRP F 266 -6.14 5.58 -17.24
CA TRP F 266 -5.89 4.29 -17.89
C TRP F 266 -4.44 4.15 -18.31
N GLU F 267 -3.96 5.11 -19.10
CA GLU F 267 -2.59 5.08 -19.60
C GLU F 267 -1.54 5.31 -18.51
N LYS F 268 -1.93 6.02 -17.44
CA LYS F 268 -1.05 6.15 -16.29
C LYS F 268 -0.79 4.80 -15.61
N THR F 269 -1.84 4.01 -15.43
CA THR F 269 -1.73 2.69 -14.80
C THR F 269 -1.01 1.66 -15.69
N VAL F 270 -1.44 1.55 -16.96
CA VAL F 270 -0.92 0.51 -17.86
C VAL F 270 0.52 0.75 -18.35
N LEU F 271 0.85 2.01 -18.66
CA LEU F 271 2.15 2.33 -19.22
C LEU F 271 3.26 2.33 -18.17
N THR F 272 2.94 2.75 -16.93
CA THR F 272 3.89 2.68 -15.83
C THR F 272 4.31 1.23 -15.55
N LYS F 273 3.33 0.33 -15.57
CA LYS F 273 3.57 -1.08 -15.32
C LYS F 273 4.43 -1.74 -16.41
N ALA F 274 4.09 -1.48 -17.66
CA ALA F 274 4.72 -2.18 -18.78
C ALA F 274 5.70 -1.33 -19.60
N TYR F 275 6.14 -0.21 -19.02
CA TYR F 275 7.02 0.75 -19.70
C TYR F 275 8.21 0.14 -20.43
N GLU F 276 8.95 -0.71 -19.73
CA GLU F 276 10.22 -1.23 -20.23
C GLU F 276 10.16 -1.93 -21.58
N ASN F 277 9.01 -2.56 -21.88
CA ASN F 277 8.89 -3.37 -23.08
C ASN F 277 7.94 -2.77 -24.13
N LEU F 278 7.42 -1.58 -23.82
CA LEU F 278 6.50 -0.88 -24.71
C LEU F 278 7.18 0.24 -25.48
N ASP F 279 6.69 0.49 -26.68
CA ASP F 279 7.21 1.55 -27.54
C ASP F 279 6.12 2.54 -27.97
N PHE F 280 4.87 2.08 -27.96
CA PHE F 280 3.74 2.89 -28.39
C PHE F 280 2.53 2.72 -27.48
N VAL F 281 1.70 3.75 -27.43
CA VAL F 281 0.39 3.68 -26.78
C VAL F 281 -0.65 4.15 -27.80
N SER F 282 -1.75 3.40 -27.89
CA SER F 282 -2.79 3.69 -28.89
C SER F 282 -3.70 4.83 -28.46
N CYS F 283 -4.20 5.56 -29.45
CA CYS F 283 -5.14 6.66 -29.26
C CYS F 283 -6.22 6.55 -30.33
N HIS F 284 -7.49 6.64 -29.91
CA HIS F 284 -8.61 6.49 -30.83
C HIS F 284 -9.51 7.73 -30.81
N ALA F 285 -9.55 8.44 -31.94
CA ALA F 285 -10.30 9.70 -32.01
C ALA F 285 -11.18 9.79 -33.26
N TYR F 286 -12.49 9.60 -33.07
CA TYR F 286 -13.46 9.76 -34.15
C TYR F 286 -14.28 11.02 -33.93
N TYR F 287 -14.55 11.73 -35.03
CA TYR F 287 -15.32 12.96 -34.96
C TYR F 287 -16.38 12.99 -36.06
N PHE F 288 -17.57 13.50 -35.71
CA PHE F 288 -18.64 13.67 -36.69
C PHE F 288 -19.53 14.87 -36.36
N ASP F 289 -20.27 15.34 -37.35
CA ASP F 289 -21.22 16.43 -37.17
C ASP F 289 -22.48 15.87 -36.52
N ARG F 290 -22.75 16.31 -35.29
CA ARG F 290 -23.77 15.69 -34.45
C ARG F 290 -25.21 16.08 -34.81
N GLY F 291 -25.40 17.31 -35.28
CA GLY F 291 -26.72 17.76 -35.72
C GLY F 291 -26.87 17.72 -37.22
N HIS F 292 -26.32 16.67 -37.84
CA HIS F 292 -26.29 16.50 -39.29
C HIS F 292 -27.65 16.17 -39.89
N LYS F 293 -28.57 15.71 -39.05
CA LYS F 293 -29.92 15.36 -39.47
C LYS F 293 -30.75 16.62 -39.78
N THR F 294 -30.62 17.63 -38.93
CA THR F 294 -31.30 18.92 -39.15
C THR F 294 -30.34 19.96 -39.74
N ARG F 295 -29.12 19.51 -40.07
CA ARG F 295 -28.06 20.38 -40.59
C ARG F 295 -27.89 21.65 -39.74
N ALA F 296 -27.74 21.43 -38.44
CA ALA F 296 -27.74 22.50 -37.42
C ALA F 296 -26.60 23.52 -37.57
N ALA F 297 -26.72 24.64 -36.85
CA ALA F 297 -25.79 25.77 -36.97
C ALA F 297 -24.29 25.41 -36.95
N ALA F 298 -23.65 25.02 -35.84
CA ALA F 298 -24.09 24.87 -34.43
C ALA F 298 -23.24 23.74 -33.90
N SER F 299 -23.67 22.52 -34.20
CA SER F 299 -22.86 21.33 -34.02
C SER F 299 -21.88 21.25 -35.19
N MET F 300 -22.27 21.85 -36.31
CA MET F 300 -21.44 21.97 -37.51
C MET F 300 -20.15 22.74 -37.22
N GLN F 301 -20.27 23.86 -36.50
CA GLN F 301 -19.11 24.65 -36.09
C GLN F 301 -18.26 23.91 -35.06
N ASP F 302 -18.92 23.17 -34.17
CA ASP F 302 -18.24 22.31 -33.21
C ASP F 302 -17.42 21.24 -33.93
N PHE F 303 -18.04 20.62 -34.94
CA PHE F 303 -17.40 19.61 -35.77
C PHE F 303 -16.16 20.15 -36.49
N LEU F 304 -16.22 21.41 -36.90
CA LEU F 304 -15.11 22.07 -37.59
C LEU F 304 -13.88 22.24 -36.68
N ALA F 305 -14.13 22.47 -35.40
CA ALA F 305 -13.07 22.69 -34.42
C ALA F 305 -12.66 21.42 -33.70
N SER F 306 -12.92 20.27 -34.33
CA SER F 306 -12.64 18.96 -33.73
C SER F 306 -11.17 18.77 -33.34
N SER F 307 -10.26 19.33 -34.14
CA SER F 307 -8.82 19.19 -33.90
C SER F 307 -8.37 19.72 -32.55
N GLU F 308 -9.18 20.61 -31.96
CA GLU F 308 -8.92 21.15 -30.64
C GLU F 308 -9.01 20.04 -29.58
N ASP F 309 -9.97 19.13 -29.78
CA ASP F 309 -10.12 17.94 -28.94
C ASP F 309 -8.93 16.98 -29.13
N MET F 310 -8.41 16.91 -30.36
CA MET F 310 -7.22 16.10 -30.66
C MET F 310 -5.98 16.69 -30.00
N THR F 311 -5.91 18.01 -29.92
CA THR F 311 -4.77 18.68 -29.29
C THR F 311 -4.75 18.39 -27.78
N LYS F 312 -5.94 18.43 -27.16
CA LYS F 312 -6.11 18.02 -25.77
C LYS F 312 -5.76 16.55 -25.59
N PHE F 313 -6.24 15.71 -26.50
CA PHE F 313 -6.02 14.27 -26.49
C PHE F 313 -4.53 13.94 -26.42
N ILE F 314 -3.77 14.47 -27.38
CA ILE F 314 -2.33 14.24 -27.49
C ILE F 314 -1.58 14.68 -26.23
N ALA F 315 -1.94 15.83 -25.68
CA ALA F 315 -1.29 16.39 -24.49
C ALA F 315 -1.45 15.49 -23.26
N THR F 316 -2.67 15.00 -23.02
CA THR F 316 -2.96 14.17 -21.86
C THR F 316 -2.26 12.81 -21.95
N VAL F 317 -2.34 12.18 -23.12
CA VAL F 317 -1.72 10.88 -23.33
C VAL F 317 -0.19 10.99 -23.27
N SER F 318 0.36 12.05 -23.86
CA SER F 318 1.80 12.32 -23.81
C SER F 318 2.29 12.53 -22.38
N ASP F 319 1.50 13.25 -21.59
CA ASP F 319 1.81 13.47 -20.17
C ASP F 319 1.79 12.17 -19.37
N ALA F 320 0.82 11.31 -19.67
CA ALA F 320 0.72 9.99 -19.03
C ALA F 320 1.92 9.12 -19.36
N ALA F 321 2.27 9.06 -20.64
CA ALA F 321 3.45 8.33 -21.10
C ALA F 321 4.76 8.92 -20.58
N ASP F 322 4.72 10.20 -20.21
CA ASP F 322 5.87 10.87 -19.59
C ASP F 322 6.04 10.42 -18.14
N GLN F 323 4.94 10.30 -17.41
CA GLN F 323 4.97 9.79 -16.04
C GLN F 323 5.46 8.34 -16.02
N ALA F 324 5.03 7.56 -17.01
CA ALA F 324 5.48 6.19 -17.19
C ALA F 324 7.01 6.09 -17.24
N ARG F 325 7.62 6.93 -18.07
CA ARG F 325 9.07 7.01 -18.20
C ARG F 325 9.72 7.49 -16.90
N GLU F 326 9.15 8.55 -16.33
CA GLU F 326 9.67 9.17 -15.12
C GLU F 326 9.65 8.21 -13.92
N ALA F 327 8.50 7.58 -13.69
CA ALA F 327 8.32 6.66 -12.57
C ALA F 327 9.26 5.46 -12.65
N ASN F 328 9.54 5.02 -13.87
CA ASN F 328 10.45 3.90 -14.11
C ASN F 328 11.89 4.35 -14.33
N ASN F 329 12.14 5.65 -14.13
CA ASN F 329 13.45 6.27 -14.36
C ASN F 329 14.12 5.87 -15.67
N GLY F 330 13.34 5.99 -16.75
CA GLY F 330 13.80 5.62 -18.09
C GLY F 330 14.29 6.82 -18.88
N THR F 331 15.00 6.53 -19.97
CA THR F 331 15.48 7.55 -20.89
C THR F 331 14.69 7.49 -22.21
N LYS F 332 13.97 6.38 -22.39
CA LYS F 332 13.21 6.10 -23.60
C LYS F 332 11.83 6.77 -23.55
N ASP F 333 11.38 7.28 -24.68
CA ASP F 333 10.05 7.88 -24.80
C ASP F 333 9.06 6.89 -25.43
N ILE F 334 7.89 6.76 -24.82
CA ILE F 334 6.78 6.01 -25.40
C ILE F 334 6.03 6.93 -26.35
N ALA F 335 6.10 6.63 -27.64
CA ALA F 335 5.43 7.41 -28.66
C ALA F 335 3.92 7.15 -28.70
N LEU F 336 3.18 8.08 -29.27
CA LEU F 336 1.73 7.96 -29.40
C LEU F 336 1.35 7.41 -30.77
N SER F 337 0.35 6.54 -30.79
CA SER F 337 -0.11 5.92 -32.03
C SER F 337 -1.60 6.11 -32.23
N PHE F 338 -1.97 6.91 -33.22
CA PHE F 338 -3.38 7.14 -33.56
C PHE F 338 -3.88 6.10 -34.56
N ASP F 339 -3.88 4.84 -34.13
CA ASP F 339 -4.21 3.72 -35.02
C ASP F 339 -5.71 3.59 -35.31
N GLU F 340 -6.49 4.54 -34.81
CA GLU F 340 -7.87 4.75 -35.21
C GLU F 340 -8.21 6.24 -35.16
N TRP F 341 -8.28 6.87 -36.33
CA TRP F 341 -8.73 8.27 -36.44
C TRP F 341 -9.52 8.50 -37.73
N GLY F 342 -10.36 9.53 -37.72
CA GLY F 342 -11.14 9.89 -38.90
C GLY F 342 -12.53 10.38 -38.57
N VAL F 343 -13.35 10.55 -39.60
CA VAL F 343 -14.73 10.99 -39.43
C VAL F 343 -15.66 9.77 -39.49
N TRP F 344 -16.36 9.53 -38.38
CA TRP F 344 -17.30 8.42 -38.32
C TRP F 344 -18.61 8.86 -37.66
N TYR F 345 -19.68 8.82 -38.43
CA TYR F 345 -21.02 9.13 -37.93
C TYR F 345 -21.53 7.97 -37.08
N SER F 346 -20.99 7.90 -35.86
CA SER F 346 -21.21 6.78 -34.94
C SER F 346 -22.53 6.84 -34.19
N ASP F 347 -23.32 7.88 -34.46
CA ASP F 347 -24.64 8.04 -33.86
C ASP F 347 -25.61 6.95 -34.31
N LYS F 348 -25.42 6.46 -35.54
CA LYS F 348 -26.20 5.34 -36.07
C LYS F 348 -25.81 4.02 -35.40
N TRP F 349 -24.51 3.82 -35.16
CA TRP F 349 -24.04 2.63 -34.47
C TRP F 349 -24.53 2.59 -33.02
N ASN F 350 -24.44 3.72 -32.33
CA ASN F 350 -25.01 3.89 -31.00
C ASN F 350 -26.48 3.49 -30.95
N GLU F 351 -27.24 3.93 -31.94
CA GLU F 351 -28.66 3.60 -32.06
C GLU F 351 -28.87 2.10 -32.29
N GLN F 352 -28.01 1.50 -33.11
CA GLN F 352 -28.10 0.06 -33.40
C GLN F 352 -27.74 -0.79 -32.17
N GLU F 353 -26.80 -0.32 -31.37
CA GLU F 353 -26.41 -1.01 -30.13
C GLU F 353 -27.53 -1.00 -29.09
N ASP F 354 -28.25 0.13 -29.01
CA ASP F 354 -29.39 0.27 -28.10
C ASP F 354 -30.62 -0.48 -28.62
N GLN F 355 -30.77 -0.48 -29.94
CA GLN F 355 -31.85 -1.23 -30.61
C GLN F 355 -31.72 -2.73 -30.36
N TRP F 356 -30.49 -3.24 -30.43
CA TRP F 356 -30.18 -4.63 -30.14
C TRP F 356 -30.60 -5.02 -28.73
N LYS F 357 -30.42 -4.11 -27.78
CA LYS F 357 -30.83 -4.35 -26.39
C LYS F 357 -32.35 -4.33 -26.19
N ALA F 358 -33.06 -3.66 -27.09
CA ALA F 358 -34.52 -3.60 -27.05
C ALA F 358 -35.17 -4.90 -27.52
N GLU F 359 -34.44 -5.69 -28.30
CA GLU F 359 -34.96 -6.94 -28.86
C GLU F 359 -34.94 -8.09 -27.83
N ALA F 360 -34.47 -7.79 -26.63
CA ALA F 360 -34.37 -8.77 -25.54
C ALA F 360 -35.74 -9.29 -25.11
N ALA F 361 -36.73 -8.39 -25.08
CA ALA F 361 -38.09 -8.71 -24.64
C ALA F 361 -38.81 -9.73 -25.55
N GLN F 362 -38.29 -9.92 -26.76
CA GLN F 362 -38.90 -10.84 -27.73
C GLN F 362 -38.12 -12.14 -27.93
N GLY F 363 -37.30 -12.49 -26.95
CA GLY F 363 -36.63 -13.79 -26.92
C GLY F 363 -35.34 -13.89 -27.70
N LEU F 364 -35.06 -15.10 -28.18
CA LEU F 364 -33.80 -15.41 -28.86
C LEU F 364 -33.88 -15.18 -30.36
N HIS F 365 -32.72 -15.06 -30.98
CA HIS F 365 -32.62 -14.88 -32.43
C HIS F 365 -32.08 -16.15 -33.06
N HIS F 366 -32.81 -16.68 -34.04
CA HIS F 366 -32.47 -17.95 -34.69
C HIS F 366 -31.80 -17.75 -36.04
N GLU F 367 -31.91 -16.55 -36.60
CA GLU F 367 -31.38 -16.24 -37.93
C GLU F 367 -29.86 -16.36 -37.97
N PRO F 368 -29.31 -16.84 -39.10
CA PRO F 368 -27.87 -16.82 -39.30
C PRO F 368 -27.38 -15.39 -39.44
N TRP F 369 -26.17 -15.12 -38.94
CA TRP F 369 -25.59 -13.78 -38.95
C TRP F 369 -25.09 -13.48 -40.37
N PRO F 370 -25.42 -12.27 -40.90
CA PRO F 370 -25.15 -11.93 -42.31
C PRO F 370 -23.67 -11.99 -42.70
N LYS F 371 -23.40 -12.21 -43.98
CA LYS F 371 -22.03 -12.23 -44.48
C LYS F 371 -21.67 -10.92 -45.17
N SER F 372 -20.68 -10.23 -44.60
CA SER F 372 -20.15 -8.97 -45.12
C SER F 372 -21.20 -8.01 -45.70
N PRO F 373 -22.08 -7.45 -44.84
CA PRO F 373 -23.09 -6.51 -45.30
C PRO F 373 -22.53 -5.08 -45.41
N HIS F 374 -23.36 -4.15 -45.89
CA HIS F 374 -22.96 -2.76 -46.01
C HIS F 374 -22.95 -2.07 -44.64
N LEU F 375 -21.83 -2.20 -43.93
CA LEU F 375 -21.69 -1.60 -42.60
C LEU F 375 -20.80 -0.37 -42.62
N LEU F 376 -21.17 0.63 -41.82
CA LEU F 376 -20.39 1.86 -41.62
C LEU F 376 -19.98 2.59 -42.91
N GLU F 377 -20.81 2.45 -43.95
CA GLU F 377 -20.50 3.02 -45.25
C GLU F 377 -20.95 4.48 -45.36
N ASP F 378 -20.21 5.35 -44.68
CA ASP F 378 -20.51 6.79 -44.65
C ASP F 378 -20.11 7.47 -45.97
N ILE F 379 -21.04 8.24 -46.53
CA ILE F 379 -20.76 9.06 -47.69
C ILE F 379 -20.29 10.43 -47.21
N TYR F 380 -19.01 10.73 -47.45
CA TYR F 380 -18.40 11.93 -46.89
C TYR F 380 -18.73 13.20 -47.64
N THR F 381 -18.91 14.28 -46.88
CA THR F 381 -19.20 15.59 -47.44
C THR F 381 -17.96 16.47 -47.46
N ALA F 382 -18.11 17.68 -48.02
CA ALA F 382 -17.04 18.66 -48.07
C ALA F 382 -16.57 19.05 -46.67
N ALA F 383 -17.52 19.15 -45.74
CA ALA F 383 -17.21 19.46 -44.35
C ALA F 383 -16.31 18.41 -43.71
N ASP F 384 -16.60 17.14 -44.00
CA ASP F 384 -15.85 16.00 -43.45
C ASP F 384 -14.38 16.01 -43.86
N ALA F 385 -14.13 16.27 -45.15
CA ALA F 385 -12.79 16.32 -45.70
C ALA F 385 -11.95 17.43 -45.05
N VAL F 386 -12.57 18.59 -44.87
CA VAL F 386 -11.90 19.75 -44.26
C VAL F 386 -11.49 19.41 -42.83
N VAL F 387 -12.40 18.78 -42.08
CA VAL F 387 -12.13 18.35 -40.71
C VAL F 387 -10.96 17.35 -40.66
N GLU F 388 -10.97 16.39 -41.58
CA GLU F 388 -9.87 15.43 -41.69
C GLU F 388 -8.57 16.10 -42.11
N GLY F 389 -8.68 17.16 -42.89
CA GLY F 389 -7.53 17.97 -43.28
C GLY F 389 -6.88 18.64 -42.09
N SER F 390 -7.70 19.18 -41.19
CA SER F 390 -7.22 19.86 -39.99
C SER F 390 -6.63 18.89 -38.96
N LEU F 391 -7.22 17.69 -38.90
CA LEU F 391 -6.72 16.64 -38.01
C LEU F 391 -5.33 16.15 -38.40
N MET F 392 -5.09 15.99 -39.70
CA MET F 392 -3.77 15.60 -40.21
C MET F 392 -2.75 16.71 -40.00
N ILE F 393 -3.22 17.96 -40.09
CA ILE F 393 -2.42 19.13 -39.74
C ILE F 393 -2.00 19.03 -38.27
N THR F 394 -2.96 18.71 -37.40
CA THR F 394 -2.73 18.54 -35.98
C THR F 394 -1.77 17.38 -35.72
N LEU F 395 -1.95 16.28 -36.45
CA LEU F 395 -1.06 15.12 -36.34
C LEU F 395 0.37 15.49 -36.75
N LEU F 396 0.50 16.33 -37.77
CA LEU F 396 1.82 16.74 -38.27
C LEU F 396 2.57 17.67 -37.31
N LYS F 397 1.86 18.63 -36.73
CA LYS F 397 2.49 19.56 -35.77
C LYS F 397 2.78 18.91 -34.41
N HIS F 398 2.34 17.67 -34.25
CA HIS F 398 2.59 16.89 -33.03
C HIS F 398 3.28 15.57 -33.35
N CYS F 399 3.95 15.51 -34.49
CA CYS F 399 4.63 14.29 -34.94
C CYS F 399 6.01 14.12 -34.28
N ASP F 400 6.27 14.91 -33.23
CA ASP F 400 7.42 14.66 -32.37
C ASP F 400 7.08 13.54 -31.38
N ARG F 401 5.83 13.51 -30.92
CA ARG F 401 5.34 12.45 -30.04
C ARG F 401 4.49 11.43 -30.80
N VAL F 402 3.64 11.91 -31.70
CA VAL F 402 2.80 11.03 -32.50
C VAL F 402 3.62 10.48 -33.67
N ARG F 403 4.16 9.28 -33.48
CA ARG F 403 5.08 8.68 -34.46
C ARG F 403 4.40 7.66 -35.37
N SER F 404 3.08 7.49 -35.19
CA SER F 404 2.27 6.62 -36.05
C SER F 404 0.81 7.03 -36.01
N ALA F 405 0.13 6.84 -37.15
CA ALA F 405 -1.30 7.11 -37.26
C ALA F 405 -1.92 6.17 -38.29
N SER F 406 -3.15 5.73 -38.03
CA SER F 406 -3.85 4.84 -38.95
C SER F 406 -5.29 5.31 -39.17
N ARG F 407 -5.52 5.92 -40.33
CA ARG F 407 -6.86 6.39 -40.69
C ARG F 407 -7.79 5.20 -40.85
N ALA F 408 -8.93 5.27 -40.16
CA ALA F 408 -9.91 4.20 -40.18
C ALA F 408 -11.13 4.61 -40.98
N GLN F 409 -11.48 3.87 -42.02
CA GLN F 409 -10.69 2.72 -42.51
C GLN F 409 -10.31 2.91 -43.98
N LEU F 410 -9.73 1.89 -44.59
CA LEU F 410 -9.16 2.02 -45.93
C LEU F 410 -10.18 1.94 -47.07
N VAL F 411 -11.08 0.97 -47.00
CA VAL F 411 -12.04 0.73 -48.10
C VAL F 411 -13.46 0.52 -47.57
N ASN F 412 -14.42 1.16 -48.25
CA ASN F 412 -15.87 1.03 -47.98
C ASN F 412 -16.33 1.46 -46.58
N VAL F 413 -15.65 0.96 -45.55
CA VAL F 413 -15.97 1.26 -44.16
C VAL F 413 -15.30 2.57 -43.74
N ILE F 414 -16.12 3.58 -43.46
CA ILE F 414 -15.66 4.95 -43.14
C ILE F 414 -14.35 5.32 -43.85
N ALA F 415 -14.40 5.34 -45.18
CA ALA F 415 -13.20 5.29 -46.01
C ALA F 415 -13.06 6.39 -47.06
N PRO F 416 -11.81 6.71 -47.47
CA PRO F 416 -11.55 7.57 -48.63
C PRO F 416 -11.67 6.81 -49.95
N ILE F 417 -11.61 5.48 -49.89
CA ILE F 417 -11.72 4.63 -51.08
C ILE F 417 -12.98 3.77 -50.99
N MET F 418 -13.81 3.82 -52.03
CA MET F 418 -15.03 3.03 -52.08
C MET F 418 -14.98 2.03 -53.24
N ALA F 419 -15.21 0.76 -52.92
CA ALA F 419 -15.21 -0.31 -53.92
C ALA F 419 -16.62 -0.88 -54.08
N GLU F 420 -17.28 -0.50 -55.17
CA GLU F 420 -18.64 -0.94 -55.45
C GLU F 420 -18.64 -2.37 -56.00
N GLU F 421 -19.66 -3.15 -55.61
CA GLU F 421 -19.78 -4.54 -56.04
C GLU F 421 -19.91 -4.64 -57.55
N HIS F 422 -18.91 -5.28 -58.17
CA HIS F 422 -18.77 -5.39 -59.62
C HIS F 422 -18.94 -4.02 -60.31
N GLY F 423 -18.34 -3.01 -59.69
CA GLY F 423 -18.45 -1.64 -60.18
C GLY F 423 -17.15 -0.88 -60.00
N PRO F 424 -17.11 0.38 -60.48
CA PRO F 424 -15.89 1.19 -60.40
C PRO F 424 -15.53 1.57 -58.97
N ALA F 425 -14.23 1.70 -58.72
CA ALA F 425 -13.74 2.23 -57.45
C ALA F 425 -13.54 3.73 -57.60
N TRP F 426 -13.99 4.50 -56.62
CA TRP F 426 -13.96 5.96 -56.67
C TRP F 426 -13.45 6.60 -55.39
N ARG F 427 -12.97 7.84 -55.51
CA ARG F 427 -12.39 8.58 -54.38
C ARG F 427 -13.43 9.44 -53.68
N GLN F 428 -13.50 9.34 -52.35
CA GLN F 428 -14.37 10.20 -51.54
C GLN F 428 -13.70 11.55 -51.30
N THR F 429 -14.44 12.48 -50.69
CA THR F 429 -13.91 13.81 -50.42
C THR F 429 -12.67 13.77 -49.51
N THR F 430 -12.67 12.84 -48.56
CA THR F 430 -11.58 12.69 -47.59
C THR F 430 -10.31 12.10 -48.21
N PHE F 431 -10.41 11.61 -49.44
CA PHE F 431 -9.27 11.04 -50.16
C PHE F 431 -8.22 12.10 -50.49
N TYR F 432 -8.68 13.29 -50.85
CA TYR F 432 -7.82 14.33 -51.41
C TYR F 432 -6.88 15.03 -50.41
N PRO F 433 -7.37 15.37 -49.20
CA PRO F 433 -6.44 15.93 -48.21
C PRO F 433 -5.35 14.95 -47.77
N PHE F 434 -5.70 13.69 -47.59
CA PHE F 434 -4.76 12.67 -47.13
C PHE F 434 -3.69 12.39 -48.20
N ALA F 435 -4.12 12.08 -49.42
CA ALA F 435 -3.21 11.75 -50.52
C ALA F 435 -2.15 12.82 -50.77
N GLU F 436 -2.54 14.08 -50.57
CA GLU F 436 -1.63 15.21 -50.71
C GLU F 436 -0.59 15.25 -49.59
N ALA F 437 -1.04 15.00 -48.36
CA ALA F 437 -0.16 15.00 -47.20
C ALA F 437 0.80 13.81 -47.21
N ALA F 438 0.31 12.67 -47.69
CA ALA F 438 1.08 11.42 -47.69
C ALA F 438 2.21 11.42 -48.71
N LEU F 439 2.07 12.22 -49.76
CA LEU F 439 3.05 12.24 -50.86
C LEU F 439 4.02 13.42 -50.82
N HIS F 440 3.65 14.49 -50.11
CA HIS F 440 4.44 15.72 -50.16
C HIS F 440 4.96 16.25 -48.82
N ALA F 441 4.45 15.73 -47.71
CA ALA F 441 4.94 16.11 -46.38
C ALA F 441 6.17 15.28 -46.02
N ARG F 442 7.35 15.86 -46.28
CA ARG F 442 8.62 15.19 -46.03
C ARG F 442 9.58 16.11 -45.26
N GLY F 443 10.69 15.55 -44.78
CA GLY F 443 11.71 16.34 -44.09
C GLY F 443 11.32 16.70 -42.67
N GLN F 444 11.37 17.99 -42.36
CA GLN F 444 11.08 18.49 -41.01
C GLN F 444 9.73 19.20 -40.94
N ALA F 445 8.93 18.82 -39.94
CA ALA F 445 7.64 19.45 -39.71
C ALA F 445 7.82 20.68 -38.83
N TYR F 446 7.05 21.72 -39.13
CA TYR F 446 7.14 22.98 -38.38
C TYR F 446 5.77 23.46 -37.93
N ALA F 447 5.70 23.88 -36.66
CA ALA F 447 4.50 24.52 -36.13
C ALA F 447 4.60 26.02 -36.37
N PRO F 448 3.80 26.55 -37.29
CA PRO F 448 3.93 27.95 -37.69
C PRO F 448 3.28 28.90 -36.71
N ALA F 449 3.86 30.08 -36.57
CA ALA F 449 3.25 31.18 -35.81
C ALA F 449 2.04 31.68 -36.57
N ILE F 450 0.85 31.42 -36.02
CA ILE F 450 -0.40 31.75 -36.70
C ILE F 450 -1.17 32.84 -35.96
N SER F 451 -1.32 33.98 -36.63
CA SER F 451 -2.24 35.02 -36.18
C SER F 451 -3.54 34.86 -36.95
N SER F 452 -4.64 34.72 -36.22
CA SER F 452 -5.94 34.43 -36.84
C SER F 452 -7.09 35.07 -36.07
N PRO F 453 -8.19 35.40 -36.77
CA PRO F 453 -9.44 35.76 -36.09
C PRO F 453 -10.00 34.58 -35.31
N THR F 454 -10.53 34.85 -34.12
CA THR F 454 -11.08 33.78 -33.27
C THR F 454 -12.59 33.65 -33.47
N ILE F 455 -13.09 32.41 -33.34
CA ILE F 455 -14.52 32.12 -33.47
C ILE F 455 -15.05 31.26 -32.32
N HIS F 456 -16.32 31.47 -31.97
CA HIS F 456 -16.95 30.79 -30.84
C HIS F 456 -17.48 29.40 -31.21
N THR F 457 -17.35 28.47 -30.27
CA THR F 457 -17.93 27.13 -30.37
C THR F 457 -18.60 26.75 -29.05
N GLU F 458 -19.62 25.90 -29.12
CA GLU F 458 -20.31 25.43 -27.92
C GLU F 458 -19.49 24.38 -27.16
N ALA F 459 -18.94 23.43 -27.90
CA ALA F 459 -18.19 22.31 -27.30
C ALA F 459 -16.81 22.73 -26.78
N TYR F 460 -16.23 23.76 -27.40
CA TYR F 460 -14.92 24.25 -27.01
C TYR F 460 -14.98 25.75 -26.72
N GLY F 461 -13.82 26.36 -26.47
CA GLY F 461 -13.78 27.81 -26.22
C GLY F 461 -13.88 28.63 -27.49
N ASP F 462 -13.21 29.77 -27.50
CA ASP F 462 -13.04 30.54 -28.72
C ASP F 462 -11.77 30.06 -29.41
N VAL F 463 -11.95 29.46 -30.58
CA VAL F 463 -10.90 28.72 -31.27
C VAL F 463 -10.43 29.48 -32.52
N PRO F 464 -9.10 29.49 -32.77
CA PRO F 464 -8.55 30.11 -33.99
C PRO F 464 -9.17 29.55 -35.28
N ALA F 465 -9.64 30.46 -36.14
CA ALA F 465 -10.31 30.08 -37.39
C ALA F 465 -9.37 29.39 -38.36
N ILE F 466 -8.11 29.81 -38.36
CA ILE F 466 -7.11 29.22 -39.24
C ILE F 466 -6.13 28.35 -38.46
N ASP F 467 -5.95 27.12 -38.92
CA ASP F 467 -4.85 26.27 -38.46
C ASP F 467 -4.06 25.78 -39.66
N ALA F 468 -2.74 25.72 -39.49
CA ALA F 468 -1.84 25.33 -40.56
C ALA F 468 -0.62 24.61 -40.01
N VAL F 469 -0.02 23.79 -40.87
CA VAL F 469 1.26 23.14 -40.59
C VAL F 469 2.13 23.24 -41.84
N VAL F 470 3.45 23.25 -41.66
CA VAL F 470 4.36 23.40 -42.79
C VAL F 470 5.51 22.39 -42.77
N THR F 471 5.63 21.66 -43.87
CA THR F 471 6.70 20.70 -44.10
C THR F 471 7.87 21.39 -44.81
N TRP F 472 9.09 20.94 -44.52
CA TRP F 472 10.29 21.53 -45.12
C TRP F 472 11.47 20.55 -45.20
N ASP F 473 11.83 20.19 -46.42
CA ASP F 473 13.02 19.39 -46.70
C ASP F 473 14.12 20.33 -47.19
N GLU F 474 15.04 20.69 -46.29
CA GLU F 474 16.09 21.66 -46.59
C GLU F 474 17.05 21.19 -47.69
N GLN F 475 17.50 19.94 -47.60
CA GLN F 475 18.51 19.39 -48.50
C GLN F 475 18.03 19.25 -49.95
N ALA F 476 16.72 19.08 -50.12
CA ALA F 476 16.09 19.04 -51.44
C ALA F 476 15.44 20.38 -51.80
N ARG F 477 15.48 21.32 -50.85
CA ARG F 477 14.92 22.66 -51.00
C ARG F 477 13.44 22.69 -51.41
N THR F 478 12.67 21.75 -50.87
CA THR F 478 11.23 21.63 -51.20
C THR F 478 10.40 21.53 -49.92
N GLY F 479 9.24 22.19 -49.94
CA GLY F 479 8.34 22.20 -48.78
C GLY F 479 6.86 22.16 -49.12
N LEU F 480 6.03 22.10 -48.08
CA LEU F 480 4.59 21.99 -48.23
C LEU F 480 3.83 22.70 -47.12
N LEU F 481 2.82 23.48 -47.49
CA LEU F 481 1.96 24.15 -46.53
C LEU F 481 0.54 23.61 -46.60
N LEU F 482 0.06 23.10 -45.47
CA LEU F 482 -1.32 22.65 -45.34
C LEU F 482 -2.05 23.58 -44.38
N ALA F 483 -3.22 24.06 -44.80
CA ALA F 483 -3.99 25.00 -44.00
C ALA F 483 -5.50 24.77 -44.10
N VAL F 484 -6.24 25.25 -43.10
CA VAL F 484 -7.68 25.04 -43.02
C VAL F 484 -8.40 26.32 -42.54
N ASN F 485 -9.58 26.56 -43.10
CA ASN F 485 -10.46 27.66 -42.66
C ASN F 485 -11.66 27.11 -41.90
N ARG F 486 -11.61 27.18 -40.58
CA ARG F 486 -12.61 26.57 -39.71
C ARG F 486 -13.85 27.43 -39.47
N ASP F 487 -13.82 28.68 -39.94
CA ASP F 487 -14.99 29.55 -39.87
C ASP F 487 -16.06 29.03 -40.82
N ALA F 488 -17.29 28.92 -40.31
CA ALA F 488 -18.38 28.34 -41.08
C ALA F 488 -19.10 29.36 -41.96
N ASN F 489 -18.83 30.65 -41.70
CA ASN F 489 -19.52 31.73 -42.41
C ASN F 489 -18.58 32.74 -43.07
N THR F 490 -17.65 33.27 -42.28
CA THR F 490 -16.74 34.32 -42.75
C THR F 490 -15.54 33.74 -43.51
N PRO F 491 -15.30 34.23 -44.74
CA PRO F 491 -14.06 33.90 -45.44
C PRO F 491 -12.90 34.73 -44.91
N HIS F 492 -11.68 34.22 -45.04
CA HIS F 492 -10.49 34.92 -44.51
C HIS F 492 -9.33 34.91 -45.50
N THR F 493 -8.52 35.97 -45.46
CA THR F 493 -7.35 36.07 -46.32
C THR F 493 -6.06 35.83 -45.53
N LEU F 494 -5.15 35.06 -46.11
CA LEU F 494 -3.92 34.66 -45.45
C LEU F 494 -2.70 35.39 -45.98
N THR F 495 -1.70 35.56 -45.10
CA THR F 495 -0.38 36.05 -45.48
C THR F 495 0.63 34.99 -45.08
N ILE F 496 1.41 34.52 -46.05
CA ILE F 496 2.35 33.43 -45.83
C ILE F 496 3.80 33.91 -45.94
N ASP F 497 4.53 33.79 -44.84
CA ASP F 497 5.94 34.17 -44.80
C ASP F 497 6.80 32.94 -44.53
N LEU F 498 7.37 32.38 -45.60
CA LEU F 498 8.23 31.21 -45.52
C LEU F 498 9.69 31.59 -45.30
N SER F 499 9.96 32.90 -45.33
CA SER F 499 11.30 33.46 -45.17
C SER F 499 12.14 32.81 -44.07
N GLY F 500 11.50 32.49 -42.95
CA GLY F 500 12.19 31.98 -41.77
C GLY F 500 12.72 30.55 -41.86
N LEU F 501 12.48 29.89 -42.99
CA LEU F 501 12.97 28.52 -43.20
C LEU F 501 14.47 28.49 -43.47
N PRO F 502 15.20 27.57 -42.81
CA PRO F 502 16.65 27.43 -43.03
C PRO F 502 16.95 26.96 -44.45
N GLY F 503 17.87 27.66 -45.12
CA GLY F 503 18.24 27.36 -46.50
C GLY F 503 17.14 27.71 -47.48
N THR F 509 15.52 32.73 -55.35
CA THR F 509 15.57 32.19 -53.99
C THR F 509 14.48 31.15 -53.77
N LEU F 510 13.23 31.55 -54.03
CA LEU F 510 12.06 30.71 -53.77
C LEU F 510 11.06 30.75 -54.92
N ALA F 511 10.43 29.62 -55.19
CA ALA F 511 9.41 29.49 -56.24
C ALA F 511 8.12 28.87 -55.69
N LEU F 512 7.14 28.67 -56.56
CA LEU F 512 5.85 28.14 -56.17
C LEU F 512 5.33 27.08 -57.15
N GLY F 513 4.78 25.99 -56.62
CA GLY F 513 4.27 24.89 -57.42
C GLY F 513 2.74 24.84 -57.43
N LYS F 514 2.20 23.63 -57.54
CA LYS F 514 0.75 23.42 -57.58
C LYS F 514 0.08 23.76 -56.25
N ALA F 515 -0.99 24.54 -56.34
CA ALA F 515 -1.74 24.97 -55.16
C ALA F 515 -3.19 24.55 -55.27
N GLN F 516 -3.68 23.84 -54.26
CA GLN F 516 -5.02 23.27 -54.28
C GLN F 516 -5.98 23.99 -53.33
N LEU F 517 -7.27 23.88 -53.62
CA LEU F 517 -8.32 24.44 -52.78
C LEU F 517 -9.53 23.51 -52.79
N LEU F 518 -9.83 22.92 -51.64
CA LEU F 518 -11.02 22.08 -51.50
C LEU F 518 -12.08 22.77 -50.66
N HIS F 519 -13.03 23.38 -51.34
CA HIS F 519 -14.16 24.06 -50.72
C HIS F 519 -15.39 23.88 -51.60
N GLU F 520 -16.56 23.91 -50.97
CA GLU F 520 -17.82 23.92 -51.69
C GLU F 520 -18.82 24.80 -50.95
N ASP F 521 -19.48 25.68 -51.69
CA ASP F 521 -20.41 26.66 -51.12
C ASP F 521 -21.50 26.02 -50.26
N ASP F 522 -22.00 24.88 -50.72
CA ASP F 522 -22.82 24.01 -49.87
C ASP F 522 -21.90 22.94 -49.28
N PRO F 523 -21.54 23.07 -48.00
CA PRO F 523 -20.57 22.18 -47.36
C PRO F 523 -21.09 20.75 -47.21
N TYR F 524 -22.35 20.53 -47.55
CA TYR F 524 -22.98 19.21 -47.45
C TYR F 524 -22.97 18.44 -48.78
N ARG F 525 -22.25 18.97 -49.76
CA ARG F 525 -22.11 18.32 -51.07
C ARG F 525 -21.14 17.14 -50.99
N THR F 526 -21.57 16.01 -51.54
CA THR F 526 -20.84 14.74 -51.42
C THR F 526 -20.44 14.18 -52.77
N ASN F 527 -19.64 13.11 -52.75
CA ASN F 527 -19.36 12.32 -53.96
C ASN F 527 -20.18 11.03 -53.94
N THR F 528 -20.79 10.72 -55.08
CA THR F 528 -21.63 9.53 -55.21
C THR F 528 -20.93 8.47 -56.06
N ALA F 529 -21.48 7.25 -56.07
CA ALA F 529 -20.89 6.13 -56.80
C ALA F 529 -20.93 6.31 -58.32
N GLU F 530 -22.12 6.63 -58.84
CA GLU F 530 -22.29 6.89 -60.27
C GLU F 530 -21.84 8.31 -60.61
N ALA F 531 -21.90 9.21 -59.63
CA ALA F 531 -21.49 10.60 -59.82
C ALA F 531 -20.32 11.02 -58.91
N PRO F 532 -19.13 10.43 -59.13
CA PRO F 532 -17.98 10.87 -58.34
C PRO F 532 -17.34 12.11 -58.97
N GLU F 533 -16.36 12.68 -58.26
CA GLU F 533 -15.67 13.91 -58.70
C GLU F 533 -16.59 15.13 -58.77
N ALA F 534 -17.67 15.11 -57.98
CA ALA F 534 -18.54 16.26 -57.82
C ALA F 534 -17.86 17.29 -56.92
N VAL F 535 -17.03 16.80 -56.00
CA VAL F 535 -16.25 17.63 -55.10
C VAL F 535 -14.78 17.25 -55.22
N THR F 536 -14.01 18.10 -55.89
CA THR F 536 -12.58 17.90 -56.07
C THR F 536 -11.83 19.20 -55.78
N PRO F 537 -10.57 19.11 -55.30
CA PRO F 537 -9.76 20.31 -55.10
C PRO F 537 -9.41 21.00 -56.42
N GLN F 538 -9.71 22.29 -56.49
CA GLN F 538 -9.47 23.09 -57.69
C GLN F 538 -8.27 24.01 -57.47
N PRO F 539 -7.58 24.41 -58.57
CA PRO F 539 -6.43 25.32 -58.48
C PRO F 539 -6.69 26.56 -57.61
N LEU F 540 -5.75 26.86 -56.72
CA LEU F 540 -5.90 27.93 -55.74
C LEU F 540 -5.47 29.29 -56.28
N ASP F 541 -6.21 30.33 -55.90
CA ASP F 541 -5.90 31.71 -56.25
C ASP F 541 -4.90 32.29 -55.25
N ILE F 542 -3.62 32.01 -55.48
CA ILE F 542 -2.54 32.48 -54.60
C ILE F 542 -1.53 33.33 -55.37
N ALA F 543 -1.15 34.46 -54.78
CA ALA F 543 -0.19 35.38 -55.39
C ALA F 543 0.99 35.67 -54.47
N MET F 544 2.17 35.85 -55.06
CA MET F 544 3.38 36.15 -54.30
C MET F 544 3.94 37.52 -54.68
N ASN F 545 4.23 38.33 -53.67
CA ASN F 545 4.77 39.68 -53.88
C ASN F 545 4.56 40.58 -52.67
N THR F 547 9.05 41.59 -50.99
CA THR F 547 8.52 40.58 -51.91
C THR F 547 9.06 39.19 -51.58
N GLY F 548 8.23 38.17 -51.84
CA GLY F 548 8.56 36.79 -51.50
C GLY F 548 7.47 36.20 -50.61
N THR F 549 6.76 37.06 -49.90
CA THR F 549 5.63 36.65 -49.06
C THR F 549 4.43 36.33 -49.95
N CYS F 550 3.66 35.32 -49.55
CA CYS F 550 2.49 34.89 -50.31
C CYS F 550 1.18 35.37 -49.68
N THR F 551 0.17 35.54 -50.53
CA THR F 551 -1.17 35.90 -50.07
C THR F 551 -2.24 35.11 -50.82
N ALA F 552 -3.25 34.67 -50.08
CA ALA F 552 -4.34 33.86 -50.63
C ALA F 552 -5.59 34.00 -49.77
N THR F 553 -6.75 33.90 -50.41
CA THR F 553 -8.04 33.99 -49.72
C THR F 553 -8.71 32.63 -49.67
N LEU F 554 -9.14 32.24 -48.46
CA LEU F 554 -9.83 30.96 -48.26
C LEU F 554 -11.26 31.19 -47.79
N PRO F 555 -12.25 30.67 -48.56
CA PRO F 555 -13.66 30.78 -48.20
C PRO F 555 -14.01 29.88 -47.01
N ALA F 556 -15.19 30.11 -46.42
CA ALA F 556 -15.69 29.29 -45.32
C ALA F 556 -15.73 27.81 -45.68
N ILE F 557 -15.31 26.96 -44.74
CA ILE F 557 -15.17 25.51 -44.96
C ILE F 557 -14.23 25.20 -46.13
N SER F 558 -12.93 25.35 -45.91
CA SER F 558 -11.95 25.10 -46.96
C SER F 558 -10.61 24.54 -46.48
N TRP F 559 -10.01 23.72 -47.33
CA TRP F 559 -8.68 23.17 -47.14
C TRP F 559 -7.79 23.63 -48.29
N ILE F 560 -6.53 23.93 -47.99
CA ILE F 560 -5.55 24.23 -49.04
C ILE F 560 -4.25 23.50 -48.86
N SER F 561 -3.58 23.25 -49.99
CA SER F 561 -2.22 22.74 -50.00
C SER F 561 -1.43 23.50 -51.05
N VAL F 562 -0.16 23.77 -50.76
CA VAL F 562 0.71 24.44 -51.72
C VAL F 562 2.14 23.92 -51.65
N GLU F 563 2.60 23.36 -52.77
CA GLU F 563 3.99 22.95 -52.92
C GLU F 563 4.86 24.14 -53.26
N PHE F 564 6.04 24.21 -52.65
CA PHE F 564 7.01 25.26 -52.97
C PHE F 564 8.43 24.72 -53.02
N HIS F 565 9.25 25.34 -53.86
CA HIS F 565 10.66 24.94 -54.06
C HIS F 565 11.55 26.14 -54.40
N GLY F 566 12.67 26.00 -54.91
#